data_1X0U
#
_entry.id   1X0U
#
_cell.length_a   99.610
_cell.length_b   181.471
_cell.length_c   112.700
_cell.angle_alpha   90.00
_cell.angle_beta   116.21
_cell.angle_gamma   90.00
#
_symmetry.space_group_name_H-M   'P 1 21 1'
#
loop_
_entity.id
_entity.type
_entity.pdbx_description
1 polymer 'hypothetical methylmalonyl-CoA decarboxylase alpha subunit'
2 water water
#
_entity_poly.entity_id   1
_entity_poly.type   'polypeptide(L)'
_entity_poly.pdbx_seq_one_letter_code
;AMYEKPPVEKLIEELRQLKEKAYKGGGDERIQFQHSKGKLTARERLALLFDDGKFNEIMTFATTRATEFGLDKQRFYGDG
VVTGWGKVDGRTVFAYAQDFTVLGGSLGETHANKIVRAYELALKVGAPVVGINDSGGARIQEGALSLEGYGAVFKMNVMA
SGVIPQITIMAGPAAGGAVYSPALTDFIIMIKGDAYYMFVTGPEITKVVLGEEVSFQDLGGAVVHATKSGVVHFMVDSEQ
EAINLTKRLLSYLPSNNMEEPPYIDTGDPADRDATGVEQIVPNDAAKPYNMREIIYKIVDNGEFLEVHKHWAQNIIVGFA
RIAGNVVGIVANNPEEFGGSIDIDAADKAARFIRFCDAFNIPLISLVDTPGYVPGTDQEYKGIIRHGAKMLYAFAEATVP
KITVIVRKSYGGAHIAMSIKSLGADLVYAWPTAEIAVTGPEGAVRILYRKEIQQASNPDDVLKQRIAEYRKLFANPYWAA
EKGLVDDVIEPKDTRRVIVAGLEMLKTKREYRYPKKHGNIPL
;
_entity_poly.pdbx_strand_id   A,B,C,D,E,F
#
# COMPACT_ATOMS: atom_id res chain seq x y z
N LYS A 5 -14.99 43.76 35.18
CA LYS A 5 -13.51 43.81 34.93
C LYS A 5 -13.29 44.34 33.51
N PRO A 6 -12.89 45.61 33.39
CA PRO A 6 -12.67 46.14 32.04
C PRO A 6 -11.27 46.31 31.37
N PRO A 7 -10.40 47.22 31.87
CA PRO A 7 -9.10 47.37 31.21
C PRO A 7 -8.25 46.13 30.91
N VAL A 8 -7.77 46.08 29.66
CA VAL A 8 -6.93 44.98 29.19
C VAL A 8 -5.57 45.03 29.89
N GLU A 9 -5.06 46.22 30.13
CA GLU A 9 -3.78 46.42 30.80
C GLU A 9 -3.80 45.68 32.14
N LYS A 10 -4.92 45.78 32.85
CA LYS A 10 -5.08 45.13 34.14
C LYS A 10 -5.23 43.63 33.92
N LEU A 11 -5.83 43.26 32.79
CA LEU A 11 -6.02 41.84 32.47
C LEU A 11 -4.71 41.11 32.30
N ILE A 12 -3.76 41.71 31.59
CA ILE A 12 -2.47 41.09 31.38
C ILE A 12 -1.71 41.01 32.70
N GLU A 13 -1.80 42.07 33.53
CA GLU A 13 -1.11 42.02 34.82
C GLU A 13 -1.67 40.86 35.64
N GLU A 14 -2.98 40.62 35.56
CA GLU A 14 -3.58 39.51 36.30
C GLU A 14 -3.00 38.18 35.81
N LEU A 15 -2.83 38.07 34.49
CA LEU A 15 -2.29 36.84 33.89
C LEU A 15 -0.89 36.57 34.44
N ARG A 16 -0.04 37.61 34.41
CA ARG A 16 1.33 37.47 34.89
C ARG A 16 1.35 36.95 36.32
N GLN A 17 0.49 37.49 37.18
CA GLN A 17 0.41 37.04 38.57
C GLN A 17 -0.04 35.59 38.66
N LEU A 18 -1.03 35.21 37.85
CA LEU A 18 -1.54 33.84 37.88
C LEU A 18 -0.47 32.84 37.47
N LYS A 19 0.27 33.16 36.40
CA LYS A 19 1.33 32.29 35.93
C LYS A 19 2.44 32.16 36.96
N GLU A 20 2.82 33.28 37.57
CA GLU A 20 3.85 33.27 38.60
C GLU A 20 3.36 32.40 39.76
N LYS A 21 2.05 32.35 39.96
CA LYS A 21 1.45 31.53 41.00
C LYS A 21 1.53 30.06 40.60
N ALA A 22 1.23 29.78 39.34
CA ALA A 22 1.26 28.42 38.82
C ALA A 22 2.67 27.86 38.85
N TYR A 23 3.65 28.70 38.54
CA TYR A 23 5.04 28.25 38.51
C TYR A 23 5.56 27.79 39.87
N LYS A 24 5.09 28.40 40.95
CA LYS A 24 5.53 28.03 42.30
C LYS A 24 5.13 26.62 42.71
N GLY A 25 4.18 26.02 41.99
CA GLY A 25 3.74 24.68 42.34
C GLY A 25 3.24 24.65 43.76
N GLY A 26 3.78 23.74 44.57
CA GLY A 26 3.37 23.63 45.95
C GLY A 26 3.85 24.74 46.88
N GLY A 27 4.58 25.72 46.36
CA GLY A 27 5.04 26.79 47.22
C GLY A 27 6.53 26.79 47.58
N ASP A 28 7.04 27.98 47.90
CA ASP A 28 8.44 28.16 48.26
C ASP A 28 8.92 27.22 49.37
N GLU A 29 8.07 26.98 50.35
CA GLU A 29 8.42 26.10 51.46
C GLU A 29 8.68 24.68 50.97
N ARG A 30 7.78 24.17 50.14
CA ARG A 30 7.96 22.83 49.62
C ARG A 30 9.14 22.72 48.64
N ILE A 31 9.36 23.73 47.82
CA ILE A 31 10.48 23.62 46.88
C ILE A 31 11.80 23.63 47.66
N GLN A 32 11.86 24.43 48.73
CA GLN A 32 13.08 24.48 49.54
C GLN A 32 13.28 23.10 50.16
N PHE A 33 12.16 22.46 50.48
CA PHE A 33 12.18 21.12 51.04
C PHE A 33 12.72 20.11 50.00
N GLN A 34 12.33 20.32 48.75
CA GLN A 34 12.78 19.46 47.65
C GLN A 34 14.29 19.66 47.55
N HIS A 35 14.69 20.92 47.56
CA HIS A 35 16.10 21.29 47.48
C HIS A 35 16.93 20.73 48.63
N SER A 36 16.37 20.69 49.82
CA SER A 36 17.10 20.21 50.99
C SER A 36 17.41 18.70 50.93
N LYS A 37 16.78 18.01 49.99
CA LYS A 37 17.01 16.57 49.80
C LYS A 37 18.09 16.35 48.75
N GLY A 38 18.42 17.41 48.02
CA GLY A 38 19.42 17.31 46.98
C GLY A 38 18.75 17.21 45.61
N LYS A 39 17.44 17.47 45.56
CA LYS A 39 16.72 17.40 44.30
C LYS A 39 16.41 18.77 43.70
N LEU A 40 16.19 18.80 42.39
CA LEU A 40 15.84 20.04 41.70
C LEU A 40 14.34 20.01 41.49
N THR A 41 13.73 21.16 41.18
CA THR A 41 12.28 21.21 40.95
C THR A 41 12.01 20.78 39.51
N ALA A 42 10.74 20.47 39.24
CA ALA A 42 10.33 20.03 37.92
C ALA A 42 10.76 21.03 36.86
N ARG A 43 10.53 22.31 37.13
CA ARG A 43 10.88 23.35 36.16
C ARG A 43 12.37 23.61 36.03
N GLU A 44 13.12 23.45 37.13
CA GLU A 44 14.57 23.65 37.09
C GLU A 44 15.20 22.54 36.23
N ARG A 45 14.67 21.33 36.32
CA ARG A 45 15.21 20.22 35.52
C ARG A 45 14.94 20.47 34.04
N LEU A 46 13.75 20.97 33.71
CA LEU A 46 13.41 21.26 32.31
C LEU A 46 14.29 22.37 31.73
N ALA A 47 14.51 23.44 32.49
CA ALA A 47 15.34 24.52 31.99
C ALA A 47 16.76 24.01 31.68
N LEU A 48 17.24 23.07 32.49
CA LEU A 48 18.57 22.49 32.28
C LEU A 48 18.58 21.70 30.96
N LEU A 49 17.57 20.83 30.78
CA LEU A 49 17.46 19.99 29.60
C LEU A 49 17.28 20.68 28.25
N PHE A 50 16.38 21.65 28.19
CA PHE A 50 16.12 22.30 26.91
C PHE A 50 17.02 23.48 26.65
N ASP A 51 17.37 23.68 25.39
CA ASP A 51 18.25 24.77 25.01
C ASP A 51 17.79 25.95 25.83
N ASP A 52 18.34 25.94 27.04
CA ASP A 52 18.06 26.89 28.11
C ASP A 52 17.45 28.16 27.65
N GLY A 53 16.41 28.54 28.37
CA GLY A 53 15.70 29.76 28.05
C GLY A 53 14.46 29.50 27.21
N LYS A 54 14.06 28.23 27.02
CA LYS A 54 12.87 27.97 26.20
C LYS A 54 12.14 26.62 26.38
N PHE A 55 10.86 26.68 26.78
CA PHE A 55 10.00 25.51 26.90
C PHE A 55 8.57 25.94 26.59
N ASN A 56 7.92 25.24 25.65
CA ASN A 56 6.56 25.56 25.27
C ASN A 56 5.61 24.65 26.02
N GLU A 57 4.97 25.22 27.03
CA GLU A 57 4.07 24.45 27.88
C GLU A 57 2.63 24.41 27.38
N ILE A 58 2.00 23.25 27.51
CA ILE A 58 0.61 23.08 27.11
C ILE A 58 -0.16 22.73 28.37
N MET A 59 -1.44 23.11 28.41
CA MET A 59 -2.30 22.85 29.56
C MET A 59 -1.66 23.22 30.87
N THR A 60 -1.06 24.40 30.92
CA THR A 60 -0.39 24.87 32.12
C THR A 60 -1.31 25.18 33.30
N PHE A 61 -2.54 25.63 33.04
CA PHE A 61 -3.46 25.95 34.12
C PHE A 61 -4.43 24.81 34.43
N ALA A 62 -4.43 23.77 33.60
CA ALA A 62 -5.33 22.64 33.80
C ALA A 62 -5.29 22.10 35.23
N THR A 63 -6.47 21.98 35.85
CA THR A 63 -6.55 21.50 37.23
C THR A 63 -7.33 20.19 37.36
N THR A 64 -7.36 19.66 38.58
CA THR A 64 -8.09 18.42 38.84
C THR A 64 -9.57 18.75 38.88
N ARG A 65 -10.39 17.75 38.58
CA ARG A 65 -11.84 17.91 38.59
C ARG A 65 -12.46 17.05 39.68
N ALA A 66 -11.61 16.31 40.39
CA ALA A 66 -12.09 15.45 41.47
C ALA A 66 -12.64 16.35 42.58
N THR A 67 -13.57 15.82 43.37
CA THR A 67 -14.17 16.60 44.44
C THR A 67 -14.01 15.91 45.79
N GLU A 68 -13.76 14.61 45.76
CA GLU A 68 -13.60 13.83 46.98
C GLU A 68 -12.28 14.04 47.70
N PHE A 69 -12.30 13.79 49.01
CA PHE A 69 -11.13 13.93 49.87
C PHE A 69 -10.52 15.33 49.85
N GLY A 70 -11.35 16.34 49.64
CA GLY A 70 -10.89 17.71 49.64
C GLY A 70 -10.27 18.23 48.36
N LEU A 71 -10.18 17.38 47.34
CA LEU A 71 -9.59 17.79 46.06
C LEU A 71 -10.29 19.01 45.47
N ASP A 72 -11.48 19.33 45.98
CA ASP A 72 -12.22 20.48 45.49
C ASP A 72 -11.59 21.78 46.02
N LYS A 73 -10.74 21.63 47.02
CA LYS A 73 -10.04 22.77 47.63
C LYS A 73 -8.61 22.86 47.10
N GLN A 74 -7.96 21.70 46.99
CA GLN A 74 -6.57 21.61 46.51
C GLN A 74 -6.43 21.68 44.98
N ARG A 75 -6.78 22.82 44.41
CA ARG A 75 -6.67 22.97 42.97
C ARG A 75 -5.38 23.66 42.55
N PHE A 76 -4.32 22.87 42.37
CA PHE A 76 -3.03 23.38 41.96
C PHE A 76 -3.00 23.48 40.44
N TYR A 77 -2.66 24.63 39.89
CA TYR A 77 -2.58 24.77 38.44
C TYR A 77 -1.58 23.77 37.86
N GLY A 78 -1.99 23.05 36.83
CA GLY A 78 -1.11 22.07 36.20
C GLY A 78 -1.29 20.66 36.75
N ASP A 79 -1.99 20.55 37.87
CA ASP A 79 -2.30 19.27 38.51
C ASP A 79 -1.10 18.36 38.82
N GLY A 80 0.09 18.95 38.96
CA GLY A 80 1.26 18.16 39.29
C GLY A 80 2.26 17.75 38.22
N VAL A 81 2.09 18.22 36.99
CA VAL A 81 3.03 17.86 35.93
C VAL A 81 3.17 18.97 34.90
N VAL A 82 4.41 19.21 34.45
CA VAL A 82 4.65 20.23 33.44
C VAL A 82 4.83 19.46 32.14
N THR A 83 4.08 19.88 31.11
CA THR A 83 4.14 19.22 29.83
C THR A 83 4.28 20.23 28.70
N GLY A 84 4.99 19.82 27.65
CA GLY A 84 5.22 20.66 26.51
C GLY A 84 6.39 20.16 25.70
N TRP A 85 6.98 21.04 24.91
CA TRP A 85 8.11 20.65 24.08
C TRP A 85 9.08 21.82 23.99
N GLY A 86 10.30 21.52 23.52
CA GLY A 86 11.32 22.52 23.33
C GLY A 86 12.40 21.96 22.41
N LYS A 87 13.57 22.59 22.43
CA LYS A 87 14.69 22.16 21.61
C LYS A 87 15.78 21.62 22.53
N VAL A 88 16.36 20.49 22.15
CA VAL A 88 17.47 19.91 22.89
C VAL A 88 18.52 19.81 21.78
N ASP A 89 19.52 20.68 21.84
CA ASP A 89 20.57 20.72 20.82
C ASP A 89 19.99 21.06 19.44
N GLY A 90 19.02 21.97 19.43
CA GLY A 90 18.39 22.38 18.19
C GLY A 90 17.38 21.42 17.61
N ARG A 91 17.16 20.31 18.30
CA ARG A 91 16.21 19.29 17.83
C ARG A 91 14.98 19.29 18.72
N THR A 92 13.81 19.11 18.11
CA THR A 92 12.57 19.11 18.87
C THR A 92 12.28 17.84 19.66
N VAL A 93 12.07 17.97 20.95
CA VAL A 93 11.73 16.82 21.78
C VAL A 93 10.64 17.25 22.77
N PHE A 94 9.82 16.30 23.15
CA PHE A 94 8.75 16.54 24.09
C PHE A 94 9.18 16.01 25.45
N ALA A 95 8.55 16.53 26.50
CA ALA A 95 8.88 16.08 27.84
C ALA A 95 7.81 16.46 28.83
N TYR A 96 7.80 15.76 29.95
CA TYR A 96 6.92 16.07 31.05
C TYR A 96 7.81 15.97 32.26
N ALA A 97 7.54 16.82 33.25
CA ALA A 97 8.31 16.85 34.47
C ALA A 97 7.30 16.93 35.59
N GLN A 98 7.20 15.86 36.38
CA GLN A 98 6.27 15.83 37.48
C GLN A 98 6.81 16.70 38.61
N ASP A 99 5.92 17.43 39.26
CA ASP A 99 6.30 18.32 40.35
C ASP A 99 5.93 17.64 41.67
N PHE A 100 6.94 17.12 42.37
CA PHE A 100 6.74 16.44 43.63
C PHE A 100 6.08 17.31 44.70
N THR A 101 6.18 18.63 44.56
CA THR A 101 5.59 19.53 45.54
C THR A 101 4.08 19.65 45.42
N VAL A 102 3.52 19.09 44.34
CA VAL A 102 2.09 19.13 44.15
C VAL A 102 1.52 17.76 44.47
N LEU A 103 1.07 17.58 45.71
CA LEU A 103 0.50 16.32 46.15
C LEU A 103 1.47 15.16 45.85
N GLY A 104 2.69 15.28 46.36
CA GLY A 104 3.70 14.26 46.14
C GLY A 104 3.83 13.82 44.69
N GLY A 105 3.57 14.72 43.76
CA GLY A 105 3.64 14.39 42.34
C GLY A 105 2.72 13.25 41.93
N SER A 106 1.74 12.93 42.76
CA SER A 106 0.80 11.85 42.49
C SER A 106 0.16 11.96 41.10
N LEU A 107 -0.23 10.82 40.54
CA LEU A 107 -0.81 10.78 39.20
C LEU A 107 -2.32 11.05 39.18
N GLY A 108 -2.71 12.30 38.95
CA GLY A 108 -4.12 12.63 38.90
C GLY A 108 -4.66 12.34 37.50
N GLU A 109 -5.99 12.28 37.38
CA GLU A 109 -6.62 12.02 36.08
C GLU A 109 -6.21 13.11 35.09
N THR A 110 -6.32 14.37 35.49
CA THR A 110 -5.96 15.49 34.63
C THR A 110 -4.44 15.46 34.42
N HIS A 111 -3.73 15.04 35.45
CA HIS A 111 -2.26 14.91 35.45
C HIS A 111 -1.88 13.92 34.34
N ALA A 112 -2.57 12.78 34.31
CA ALA A 112 -2.32 11.77 33.30
C ALA A 112 -2.62 12.26 31.88
N ASN A 113 -3.78 12.88 31.69
CA ASN A 113 -4.14 13.37 30.35
C ASN A 113 -3.16 14.39 29.78
N LYS A 114 -2.51 15.17 30.63
CA LYS A 114 -1.53 16.14 30.15
C LYS A 114 -0.34 15.38 29.57
N ILE A 115 0.06 14.31 30.26
CA ILE A 115 1.17 13.50 29.79
C ILE A 115 0.75 12.81 28.48
N VAL A 116 -0.45 12.25 28.46
CA VAL A 116 -0.99 11.56 27.29
C VAL A 116 -1.00 12.51 26.09
N ARG A 117 -1.44 13.74 26.33
CA ARG A 117 -1.51 14.76 25.28
C ARG A 117 -0.13 15.06 24.71
N ALA A 118 0.89 15.05 25.57
CA ALA A 118 2.26 15.31 25.13
C ALA A 118 2.67 14.17 24.20
N TYR A 119 2.41 12.94 24.63
CA TYR A 119 2.74 11.77 23.83
C TYR A 119 2.00 11.76 22.50
N GLU A 120 0.75 12.24 22.48
CA GLU A 120 -0.02 12.26 21.24
C GLU A 120 0.60 13.25 20.27
N LEU A 121 1.09 14.37 20.79
CA LEU A 121 1.70 15.37 19.93
C LEU A 121 3.04 14.86 19.41
N ALA A 122 3.85 14.30 20.31
CA ALA A 122 5.16 13.80 19.93
C ALA A 122 5.01 12.70 18.89
N LEU A 123 3.93 11.93 19.00
CA LEU A 123 3.69 10.86 18.06
C LEU A 123 3.24 11.41 16.70
N LYS A 124 2.46 12.49 16.72
CA LYS A 124 1.99 13.11 15.47
C LYS A 124 3.12 13.77 14.68
N VAL A 125 4.04 14.43 15.37
CA VAL A 125 5.13 15.13 14.69
C VAL A 125 6.45 14.35 14.62
N GLY A 126 6.49 13.18 15.25
CA GLY A 126 7.69 12.38 15.23
C GLY A 126 8.83 12.93 16.06
N ALA A 127 8.57 13.26 17.32
CA ALA A 127 9.63 13.77 18.18
C ALA A 127 9.78 12.91 19.42
N PRO A 128 11.02 12.80 19.94
CA PRO A 128 11.29 12.00 21.14
C PRO A 128 10.54 12.56 22.35
N VAL A 129 10.45 11.76 23.40
CA VAL A 129 9.80 12.18 24.63
C VAL A 129 10.61 11.73 25.84
N VAL A 130 10.96 12.67 26.70
CA VAL A 130 11.68 12.27 27.90
C VAL A 130 10.79 12.64 29.07
N GLY A 131 10.55 11.63 29.91
CA GLY A 131 9.72 11.85 31.08
C GLY A 131 10.56 11.95 32.34
N ILE A 132 10.60 13.14 32.93
CA ILE A 132 11.35 13.34 34.15
C ILE A 132 10.40 13.04 35.32
N ASN A 133 10.46 11.79 35.77
CA ASN A 133 9.61 11.30 36.85
C ASN A 133 9.99 11.75 38.25
N ASP A 134 8.98 12.02 39.08
CA ASP A 134 9.15 12.44 40.46
C ASP A 134 7.75 12.36 41.07
N SER A 135 7.24 11.15 41.15
CA SER A 135 5.89 10.89 41.65
C SER A 135 5.87 9.77 42.66
N GLY A 136 5.13 9.97 43.75
CA GLY A 136 5.02 8.94 44.76
C GLY A 136 4.13 7.82 44.24
N GLY A 137 3.30 8.13 43.26
CA GLY A 137 2.42 7.11 42.70
C GLY A 137 1.03 7.60 42.34
N ALA A 138 0.06 6.70 42.38
CA ALA A 138 -1.32 7.07 42.04
C ALA A 138 -1.87 8.07 43.05
N ARG A 139 -2.81 8.89 42.62
CA ARG A 139 -3.41 9.83 43.56
C ARG A 139 -4.55 9.02 44.17
N ILE A 140 -4.32 8.49 45.37
CA ILE A 140 -5.32 7.67 46.04
C ILE A 140 -6.66 8.40 46.11
N GLN A 141 -6.63 9.71 46.36
CA GLN A 141 -7.85 10.52 46.44
C GLN A 141 -8.79 10.42 45.23
N GLU A 142 -8.24 10.07 44.07
CA GLU A 142 -9.05 9.95 42.86
C GLU A 142 -9.44 8.53 42.51
N GLY A 143 -9.14 7.61 43.42
CA GLY A 143 -9.48 6.21 43.23
C GLY A 143 -9.20 5.57 41.89
N ALA A 144 -10.23 4.92 41.33
CA ALA A 144 -10.11 4.21 40.06
C ALA A 144 -9.76 5.09 38.85
N LEU A 145 -10.13 6.36 38.90
CA LEU A 145 -9.83 7.27 37.81
C LEU A 145 -8.31 7.50 37.72
N SER A 146 -7.62 7.31 38.83
CA SER A 146 -6.18 7.48 38.86
C SER A 146 -5.53 6.33 38.09
N LEU A 147 -6.04 5.11 38.31
CA LEU A 147 -5.52 3.94 37.61
C LEU A 147 -5.82 4.03 36.12
N GLU A 148 -7.01 4.51 35.79
CA GLU A 148 -7.42 4.67 34.39
C GLU A 148 -6.45 5.63 33.71
N GLY A 149 -6.01 6.63 34.46
CA GLY A 149 -5.06 7.58 33.94
C GLY A 149 -3.77 6.87 33.59
N TYR A 150 -3.33 6.00 34.48
CA TYR A 150 -2.11 5.23 34.26
C TYR A 150 -2.26 4.42 32.97
N GLY A 151 -3.41 3.76 32.85
CA GLY A 151 -3.70 2.95 31.67
C GLY A 151 -3.53 3.76 30.40
N ALA A 152 -4.10 4.96 30.38
CA ALA A 152 -4.01 5.82 29.20
C ALA A 152 -2.57 6.12 28.82
N VAL A 153 -1.72 6.45 29.80
CA VAL A 153 -0.34 6.75 29.48
C VAL A 153 0.39 5.50 28.98
N PHE A 154 0.16 4.36 29.64
CA PHE A 154 0.79 3.11 29.21
C PHE A 154 0.42 2.83 27.76
N LYS A 155 -0.81 3.17 27.41
CA LYS A 155 -1.29 2.96 26.06
C LYS A 155 -0.40 3.74 25.10
N MET A 156 -0.11 4.99 25.44
CA MET A 156 0.73 5.82 24.59
C MET A 156 2.16 5.29 24.51
N ASN A 157 2.66 4.69 25.58
CA ASN A 157 4.00 4.15 25.58
C ASN A 157 4.13 2.99 24.57
N VAL A 158 3.11 2.14 24.53
CA VAL A 158 3.09 1.00 23.61
C VAL A 158 2.93 1.44 22.16
N MET A 159 2.00 2.36 21.90
CA MET A 159 1.79 2.84 20.53
C MET A 159 3.05 3.52 20.00
N ALA A 160 3.78 4.19 20.90
CA ALA A 160 4.97 4.92 20.51
C ALA A 160 6.20 4.03 20.48
N SER A 161 6.08 2.85 21.07
CA SER A 161 7.19 1.92 21.14
C SER A 161 7.76 1.56 19.77
N GLY A 162 9.01 1.94 19.55
CA GLY A 162 9.68 1.66 18.30
C GLY A 162 9.33 2.67 17.22
N VAL A 163 8.66 3.76 17.61
CA VAL A 163 8.28 4.81 16.66
C VAL A 163 9.03 6.11 16.99
N ILE A 164 9.06 6.45 18.28
CA ILE A 164 9.76 7.63 18.76
C ILE A 164 10.53 7.22 20.02
N PRO A 165 11.80 7.63 20.12
CA PRO A 165 12.62 7.29 21.29
C PRO A 165 11.93 7.75 22.58
N GLN A 166 11.91 6.88 23.58
CA GLN A 166 11.30 7.21 24.86
C GLN A 166 12.28 7.00 26.00
N ILE A 167 12.70 8.11 26.60
CA ILE A 167 13.66 8.08 27.71
C ILE A 167 13.01 8.59 29.01
N THR A 168 13.23 7.89 30.11
CA THR A 168 12.67 8.32 31.38
C THR A 168 13.79 8.63 32.36
N ILE A 169 13.67 9.76 33.06
CA ILE A 169 14.65 10.10 34.09
C ILE A 169 13.86 9.82 35.36
N MET A 170 14.26 8.78 36.09
CA MET A 170 13.60 8.47 37.34
C MET A 170 14.27 9.34 38.40
N ALA A 171 13.62 10.45 38.74
CA ALA A 171 14.20 11.36 39.74
C ALA A 171 13.26 11.52 40.93
N GLY A 172 12.66 10.42 41.36
CA GLY A 172 11.73 10.45 42.48
C GLY A 172 11.53 9.10 43.16
N PRO A 173 10.58 8.99 44.09
CA PRO A 173 10.24 7.77 44.85
C PRO A 173 9.00 7.07 44.29
N ALA A 174 9.17 6.41 43.14
CA ALA A 174 8.06 5.72 42.49
C ALA A 174 7.62 4.40 43.13
N ALA A 175 6.30 4.27 43.33
CA ALA A 175 5.70 3.07 43.89
C ALA A 175 4.47 2.72 43.06
N GLY A 176 4.09 1.45 43.05
CA GLY A 176 2.93 1.03 42.29
C GLY A 176 2.97 1.40 40.81
N GLY A 177 1.83 1.80 40.28
CA GLY A 177 1.73 2.16 38.87
C GLY A 177 2.71 3.20 38.34
N ALA A 178 3.32 3.98 39.21
CA ALA A 178 4.27 5.02 38.80
C ALA A 178 5.53 4.38 38.18
N VAL A 179 5.63 3.07 38.40
CA VAL A 179 6.74 2.26 37.96
C VAL A 179 6.64 1.73 36.52
N TYR A 180 5.42 1.48 36.05
CA TYR A 180 5.22 0.90 34.74
C TYR A 180 5.45 1.69 33.46
N SER A 181 5.09 2.98 33.43
CA SER A 181 5.34 3.74 32.21
C SER A 181 6.87 3.73 31.93
N PRO A 182 7.70 3.93 32.97
CA PRO A 182 9.15 3.92 32.76
C PRO A 182 9.61 2.56 32.20
N ALA A 183 9.01 1.48 32.69
CA ALA A 183 9.37 0.15 32.24
C ALA A 183 9.10 0.03 30.75
N LEU A 184 8.00 0.65 30.31
CA LEU A 184 7.59 0.60 28.92
C LEU A 184 8.40 1.51 27.99
N THR A 185 9.17 2.45 28.52
CA THR A 185 9.97 3.32 27.66
C THR A 185 11.27 2.57 27.30
N ASP A 186 12.09 3.11 26.40
CA ASP A 186 13.32 2.42 25.97
C ASP A 186 14.50 2.44 26.94
N PHE A 187 14.71 3.55 27.62
CA PHE A 187 15.83 3.68 28.56
C PHE A 187 15.40 4.35 29.85
N ILE A 188 15.87 3.82 30.97
CA ILE A 188 15.59 4.40 32.25
C ILE A 188 16.90 4.90 32.87
N ILE A 189 17.00 6.20 33.03
CA ILE A 189 18.17 6.83 33.64
C ILE A 189 17.70 7.20 35.05
N MET A 190 18.36 6.67 36.05
CA MET A 190 17.99 6.90 37.43
C MET A 190 19.14 7.43 38.27
N ILE A 191 18.83 8.31 39.21
CA ILE A 191 19.84 8.89 40.10
C ILE A 191 19.89 8.05 41.38
N LYS A 192 21.08 7.80 41.89
CA LYS A 192 21.15 7.02 43.12
C LYS A 192 21.16 7.97 44.31
N GLY A 193 20.41 7.60 45.33
CA GLY A 193 20.32 8.42 46.52
C GLY A 193 19.10 8.03 47.32
N ASP A 194 19.04 8.52 48.55
CA ASP A 194 17.94 8.22 49.45
C ASP A 194 16.57 8.56 48.85
N ALA A 195 16.52 9.66 48.10
CA ALA A 195 15.29 10.16 47.48
C ALA A 195 14.83 9.48 46.18
N TYR A 196 15.61 8.53 45.68
CA TYR A 196 15.22 7.89 44.43
C TYR A 196 15.09 6.38 44.56
N TYR A 197 13.97 5.84 44.11
CA TYR A 197 13.75 4.41 44.15
C TYR A 197 12.50 4.08 43.38
N MET A 198 12.29 2.79 43.16
CA MET A 198 11.08 2.37 42.49
C MET A 198 10.80 0.91 42.74
N PHE A 199 9.53 0.62 43.03
CA PHE A 199 9.10 -0.74 43.30
C PHE A 199 7.59 -0.82 43.07
N VAL A 200 7.10 -2.00 42.70
CA VAL A 200 5.67 -2.20 42.44
C VAL A 200 4.89 -2.14 43.74
N THR A 201 5.37 -2.87 44.74
CA THR A 201 4.74 -2.91 46.05
C THR A 201 5.69 -2.38 47.11
N GLY A 202 5.21 -1.44 47.92
CA GLY A 202 6.04 -0.86 48.96
C GLY A 202 6.45 -1.82 50.05
N PRO A 203 7.42 -1.42 50.91
CA PRO A 203 7.92 -2.22 52.02
C PRO A 203 6.85 -2.51 53.08
N GLU A 204 6.01 -1.51 53.32
CA GLU A 204 4.93 -1.62 54.31
C GLU A 204 4.06 -2.85 54.08
N ILE A 205 3.70 -3.11 52.83
CA ILE A 205 2.86 -4.26 52.49
C ILE A 205 3.66 -5.56 52.54
N THR A 206 4.89 -5.53 52.03
CA THR A 206 5.73 -6.74 52.04
C THR A 206 5.86 -7.22 53.50
N LYS A 207 5.68 -6.30 54.44
CA LYS A 207 5.76 -6.63 55.85
C LYS A 207 4.55 -7.45 56.30
N VAL A 208 3.37 -6.84 56.24
CA VAL A 208 2.15 -7.52 56.64
C VAL A 208 1.93 -8.80 55.83
N VAL A 209 2.22 -8.73 54.53
CA VAL A 209 2.06 -9.89 53.65
C VAL A 209 3.22 -10.86 53.91
N LEU A 210 4.38 -10.60 53.29
CA LEU A 210 5.55 -11.47 53.45
C LEU A 210 5.96 -11.62 54.91
N GLY A 211 6.25 -10.49 55.56
CA GLY A 211 6.67 -10.51 56.94
C GLY A 211 8.10 -9.99 57.02
N GLU A 212 8.69 -9.81 55.84
CA GLU A 212 10.05 -9.32 55.73
C GLU A 212 10.08 -7.80 55.81
N GLU A 213 11.08 -7.26 56.51
CA GLU A 213 11.22 -5.82 56.66
C GLU A 213 12.44 -5.29 55.91
N VAL A 214 12.21 -4.34 55.00
CA VAL A 214 13.29 -3.79 54.21
C VAL A 214 13.14 -2.29 53.95
N SER A 215 14.28 -1.62 53.81
CA SER A 215 14.35 -0.19 53.54
C SER A 215 13.94 0.08 52.10
N PHE A 216 13.65 1.35 51.79
CA PHE A 216 13.26 1.71 50.43
C PHE A 216 14.40 1.44 49.43
N GLN A 217 15.62 1.84 49.82
CA GLN A 217 16.80 1.65 48.97
C GLN A 217 17.14 0.17 48.75
N ASP A 218 16.93 -0.66 49.76
CA ASP A 218 17.22 -2.08 49.64
C ASP A 218 16.15 -2.81 48.84
N LEU A 219 14.97 -2.20 48.73
CA LEU A 219 13.89 -2.83 47.97
C LEU A 219 13.93 -2.42 46.50
N GLY A 220 14.16 -1.13 46.24
CA GLY A 220 14.20 -0.66 44.87
C GLY A 220 15.03 0.58 44.61
N GLY A 221 16.18 0.69 45.25
CA GLY A 221 17.04 1.84 45.06
C GLY A 221 17.72 1.74 43.70
N ALA A 222 18.32 2.82 43.24
CA ALA A 222 18.99 2.82 41.95
C ALA A 222 19.95 1.65 41.77
N VAL A 223 20.69 1.32 42.83
CA VAL A 223 21.64 0.23 42.75
C VAL A 223 21.00 -1.13 42.47
N VAL A 224 19.90 -1.46 43.16
CA VAL A 224 19.26 -2.75 42.92
C VAL A 224 18.81 -2.90 41.46
N HIS A 225 18.26 -1.84 40.88
CA HIS A 225 17.77 -1.89 39.51
C HIS A 225 18.83 -1.79 38.42
N ALA A 226 19.93 -1.09 38.69
CA ALA A 226 20.98 -0.98 37.69
C ALA A 226 21.98 -2.13 37.78
N THR A 227 21.93 -2.90 38.87
CA THR A 227 22.89 -4.00 39.02
C THR A 227 22.29 -5.39 39.24
N LYS A 228 21.01 -5.48 39.54
CA LYS A 228 20.41 -6.79 39.77
C LYS A 228 19.17 -7.08 38.91
N SER A 229 18.19 -6.20 38.97
CA SER A 229 16.93 -6.36 38.24
C SER A 229 16.99 -6.07 36.74
N GLY A 230 17.93 -5.21 36.34
CA GLY A 230 18.04 -4.84 34.94
C GLY A 230 16.99 -3.81 34.55
N VAL A 231 16.23 -3.32 35.51
CA VAL A 231 15.18 -2.34 35.23
C VAL A 231 15.74 -0.99 34.80
N VAL A 232 16.86 -0.61 35.39
CA VAL A 232 17.49 0.66 35.07
C VAL A 232 18.60 0.44 34.06
N HIS A 233 18.70 1.35 33.08
CA HIS A 233 19.71 1.23 32.03
C HIS A 233 20.95 2.08 32.31
N PHE A 234 20.77 3.20 33.00
CA PHE A 234 21.89 4.07 33.37
C PHE A 234 21.70 4.54 34.78
N MET A 235 22.74 4.40 35.59
CA MET A 235 22.69 4.87 36.98
C MET A 235 23.65 6.03 37.08
N VAL A 236 23.19 7.12 37.68
CA VAL A 236 24.01 8.31 37.79
C VAL A 236 23.98 8.92 39.20
N ASP A 237 24.93 9.81 39.48
CA ASP A 237 25.05 10.43 40.79
C ASP A 237 24.19 11.66 41.03
N SER A 238 23.87 12.38 39.95
CA SER A 238 23.05 13.57 40.14
C SER A 238 22.05 13.82 39.03
N GLU A 239 21.19 14.80 39.26
CA GLU A 239 20.18 15.17 38.30
C GLU A 239 20.80 15.91 37.13
N GLN A 240 21.81 16.72 37.39
CA GLN A 240 22.49 17.43 36.31
C GLN A 240 23.10 16.38 35.39
N GLU A 241 23.68 15.33 35.99
CA GLU A 241 24.29 14.25 35.21
C GLU A 241 23.21 13.48 34.44
N ALA A 242 22.06 13.28 35.08
CA ALA A 242 20.95 12.57 34.43
C ALA A 242 20.55 13.30 33.15
N ILE A 243 20.42 14.63 33.22
CA ILE A 243 20.01 15.36 32.03
C ILE A 243 21.13 15.53 31.01
N ASN A 244 22.39 15.58 31.45
CA ASN A 244 23.48 15.69 30.48
C ASN A 244 23.54 14.35 29.76
N LEU A 245 23.27 13.28 30.50
CA LEU A 245 23.29 11.95 29.93
C LEU A 245 22.15 11.83 28.90
N THR A 246 20.96 12.31 29.25
CA THR A 246 19.85 12.23 28.30
C THR A 246 20.19 12.99 27.02
N LYS A 247 20.83 14.15 27.15
CA LYS A 247 21.24 14.91 25.96
C LYS A 247 22.21 14.10 25.12
N ARG A 248 23.11 13.38 25.79
CA ARG A 248 24.09 12.59 25.08
C ARG A 248 23.42 11.39 24.42
N LEU A 249 22.48 10.77 25.12
CA LEU A 249 21.75 9.63 24.59
C LEU A 249 20.99 10.08 23.34
N LEU A 250 20.24 11.17 23.46
CA LEU A 250 19.48 11.68 22.31
C LEU A 250 20.37 11.95 21.10
N SER A 251 21.58 12.44 21.35
CA SER A 251 22.50 12.74 20.25
C SER A 251 22.80 11.52 19.40
N TYR A 252 22.61 10.33 19.95
CA TYR A 252 22.87 9.10 19.18
C TYR A 252 21.63 8.57 18.45
N LEU A 253 20.46 9.09 18.81
CA LEU A 253 19.22 8.60 18.22
C LEU A 253 18.54 9.51 17.21
N PRO A 254 17.76 8.92 16.28
CA PRO A 254 17.05 9.69 15.27
C PRO A 254 15.86 10.27 16.04
N SER A 255 15.12 11.19 15.45
CA SER A 255 13.98 11.78 16.14
C SER A 255 12.82 10.81 16.16
N ASN A 256 12.81 9.90 15.19
CA ASN A 256 11.75 8.92 15.06
C ASN A 256 12.25 7.80 14.14
N ASN A 257 11.46 6.74 14.02
CA ASN A 257 11.85 5.60 13.20
C ASN A 257 11.85 5.81 11.70
N MET A 258 11.67 7.06 11.27
CA MET A 258 11.65 7.37 9.85
C MET A 258 12.89 8.17 9.51
N GLU A 259 13.81 8.25 10.47
CA GLU A 259 15.04 9.00 10.27
C GLU A 259 16.28 8.19 10.66
N GLU A 260 17.38 8.42 9.97
CA GLU A 260 18.59 7.70 10.27
C GLU A 260 19.32 8.43 11.40
N PRO A 261 20.01 7.68 12.27
CA PRO A 261 20.73 8.35 13.37
C PRO A 261 21.57 9.47 12.79
N PRO A 262 21.60 10.62 13.47
CA PRO A 262 22.37 11.77 13.00
C PRO A 262 23.88 11.61 12.89
N TYR A 263 24.43 12.10 11.78
CA TYR A 263 25.86 12.06 11.53
C TYR A 263 26.39 13.21 12.38
N ILE A 264 27.61 13.10 12.89
CA ILE A 264 28.10 14.16 13.76
C ILE A 264 29.58 14.51 13.71
N ASP A 265 30.00 15.25 14.75
CA ASP A 265 31.37 15.73 14.98
C ASP A 265 32.46 14.91 14.28
N THR A 266 33.19 15.57 13.38
CA THR A 266 34.26 14.91 12.66
C THR A 266 35.30 14.29 13.62
N GLY A 267 36.53 14.17 13.15
CA GLY A 267 37.63 13.70 13.99
C GLY A 267 37.98 12.25 13.72
N ASP A 268 37.53 11.74 12.57
CA ASP A 268 37.81 10.36 12.18
C ASP A 268 39.32 10.12 12.06
N PRO A 269 39.92 10.66 11.01
CA PRO A 269 40.07 9.92 9.76
C PRO A 269 39.61 8.48 9.88
N ALA A 270 39.43 7.81 8.76
CA ALA A 270 38.75 6.51 8.73
C ALA A 270 39.77 5.37 8.64
N ASP A 271 40.96 5.69 8.12
CA ASP A 271 42.06 4.73 8.10
C ASP A 271 42.44 4.29 9.51
N ARG A 272 42.08 3.06 9.87
CA ARG A 272 42.36 2.54 11.19
C ARG A 272 43.80 2.67 11.64
N ASP A 273 44.20 1.79 12.56
CA ASP A 273 45.56 1.81 13.08
C ASP A 273 46.53 0.86 12.37
N ALA A 274 47.37 0.22 13.18
CA ALA A 274 48.35 -0.72 12.70
C ALA A 274 48.83 -1.55 13.89
N THR A 275 48.87 -0.91 15.06
CA THR A 275 49.30 -1.59 16.27
C THR A 275 48.36 -1.43 17.45
N GLY A 276 48.67 -2.20 18.49
CA GLY A 276 47.88 -2.17 19.68
C GLY A 276 46.83 -3.25 19.68
N VAL A 277 45.73 -3.00 18.98
CA VAL A 277 44.63 -3.94 18.98
C VAL A 277 44.99 -5.41 19.00
N GLU A 278 45.92 -5.85 18.15
CA GLU A 278 46.27 -7.27 18.12
C GLU A 278 47.08 -7.72 19.33
N GLN A 279 47.54 -6.77 20.12
CA GLN A 279 48.32 -7.09 21.31
C GLN A 279 47.46 -7.45 22.52
N ILE A 280 46.20 -7.05 22.49
CA ILE A 280 45.28 -7.29 23.60
C ILE A 280 44.87 -8.76 23.81
N VAL A 281 44.51 -9.44 22.73
CA VAL A 281 44.06 -10.83 22.85
C VAL A 281 45.16 -11.79 23.28
N PRO A 282 44.99 -12.42 24.45
CA PRO A 282 45.95 -13.38 25.00
C PRO A 282 46.26 -14.54 24.05
N ASN A 283 47.30 -15.29 24.39
CA ASN A 283 47.72 -16.44 23.61
C ASN A 283 46.71 -17.56 23.85
N ASP A 284 46.34 -17.72 25.11
CA ASP A 284 45.38 -18.75 25.52
C ASP A 284 44.02 -18.45 24.91
N ALA A 285 43.11 -19.42 24.99
CA ALA A 285 41.77 -19.23 24.45
C ALA A 285 40.81 -18.91 25.61
N ALA A 286 41.28 -19.10 26.83
CA ALA A 286 40.46 -18.88 28.02
C ALA A 286 40.87 -17.68 28.89
N LYS A 287 42.10 -17.20 28.79
CA LYS A 287 42.54 -16.06 29.61
C LYS A 287 41.78 -14.77 29.25
N PRO A 288 41.30 -14.04 30.28
CA PRO A 288 40.55 -12.80 30.07
C PRO A 288 41.40 -11.59 29.69
N TYR A 289 40.75 -10.58 29.12
CA TYR A 289 41.43 -9.35 28.72
C TYR A 289 40.34 -8.30 28.71
N ASN A 290 40.69 -7.08 28.31
CA ASN A 290 39.72 -6.00 28.29
C ASN A 290 39.07 -5.77 26.93
N MET A 291 37.86 -6.32 26.75
CA MET A 291 37.13 -6.18 25.48
C MET A 291 36.79 -4.71 25.21
N ARG A 292 36.61 -3.94 26.28
CA ARG A 292 36.27 -2.53 26.12
C ARG A 292 37.43 -1.79 25.46
N GLU A 293 38.64 -2.30 25.64
CA GLU A 293 39.80 -1.64 25.06
C GLU A 293 39.77 -1.80 23.56
N ILE A 294 39.23 -2.91 23.09
CA ILE A 294 39.12 -3.15 21.67
C ILE A 294 38.08 -2.20 21.08
N ILE A 295 36.96 -2.00 21.79
CA ILE A 295 35.94 -1.10 21.26
C ILE A 295 36.51 0.33 21.19
N TYR A 296 37.14 0.82 22.26
CA TYR A 296 37.67 2.19 22.23
C TYR A 296 38.62 2.36 21.06
N LYS A 297 39.40 1.33 20.77
CA LYS A 297 40.36 1.38 19.66
C LYS A 297 39.66 1.43 18.31
N ILE A 298 38.47 0.86 18.21
CA ILE A 298 37.78 0.85 16.92
C ILE A 298 36.97 2.09 16.61
N VAL A 299 36.27 2.61 17.62
CA VAL A 299 35.38 3.75 17.41
C VAL A 299 35.99 5.14 17.46
N ASP A 300 35.25 6.11 16.92
CA ASP A 300 35.66 7.50 16.86
C ASP A 300 36.08 8.02 18.25
N ASN A 301 37.30 8.56 18.32
CA ASN A 301 37.84 9.12 19.56
C ASN A 301 37.63 8.24 20.80
N GLY A 302 37.48 6.93 20.58
CA GLY A 302 37.28 6.01 21.69
C GLY A 302 36.04 6.20 22.56
N GLU A 303 35.10 7.04 22.12
CA GLU A 303 33.89 7.27 22.92
C GLU A 303 32.84 6.16 22.82
N PHE A 304 32.29 5.78 23.96
CA PHE A 304 31.30 4.71 24.03
C PHE A 304 30.30 4.98 25.14
N LEU A 305 29.03 5.12 24.77
CA LEU A 305 27.97 5.35 25.75
C LEU A 305 27.43 3.96 26.06
N GLU A 306 27.84 3.42 27.20
CA GLU A 306 27.45 2.07 27.55
C GLU A 306 26.10 1.93 28.25
N VAL A 307 25.26 1.09 27.65
CA VAL A 307 23.91 0.81 28.14
C VAL A 307 24.00 -0.38 29.11
N HIS A 308 23.25 -0.32 30.22
CA HIS A 308 23.25 -1.39 31.22
C HIS A 308 24.67 -1.72 31.68
N LYS A 309 25.52 -0.70 31.80
CA LYS A 309 26.91 -0.89 32.20
C LYS A 309 27.09 -1.78 33.42
N HIS A 310 26.30 -1.56 34.45
CA HIS A 310 26.43 -2.32 35.70
C HIS A 310 25.58 -3.58 35.84
N TRP A 311 24.81 -3.91 34.81
CA TRP A 311 23.98 -5.12 34.86
C TRP A 311 24.53 -6.13 33.84
N ALA A 312 24.67 -7.38 34.26
CA ALA A 312 25.18 -8.42 33.37
C ALA A 312 26.40 -7.90 32.56
N GLN A 313 27.53 -7.74 33.24
CA GLN A 313 28.75 -7.26 32.59
C GLN A 313 29.22 -8.40 31.70
N ASN A 314 28.45 -9.47 31.80
CA ASN A 314 28.55 -10.73 31.08
C ASN A 314 28.76 -10.36 29.58
N ILE A 315 28.05 -9.35 29.09
CA ILE A 315 28.20 -8.87 27.72
C ILE A 315 28.14 -7.35 27.72
N ILE A 316 28.71 -6.74 26.70
CA ILE A 316 28.72 -5.28 26.61
C ILE A 316 27.92 -4.78 25.42
N VAL A 317 27.14 -3.73 25.65
CA VAL A 317 26.33 -3.13 24.60
C VAL A 317 26.33 -1.63 24.79
N GLY A 318 26.36 -0.90 23.69
CA GLY A 318 26.34 0.54 23.78
C GLY A 318 26.40 1.21 22.43
N PHE A 319 26.42 2.53 22.46
CA PHE A 319 26.46 3.34 21.26
C PHE A 319 27.83 3.98 21.07
N ALA A 320 28.14 4.28 19.81
CA ALA A 320 29.40 4.91 19.46
C ALA A 320 29.27 5.36 18.03
N ARG A 321 30.29 6.04 17.55
CA ARG A 321 30.27 6.47 16.17
C ARG A 321 31.47 5.88 15.48
N ILE A 322 31.30 5.52 14.22
CA ILE A 322 32.39 4.99 13.41
C ILE A 322 32.43 5.84 12.15
N ALA A 323 33.42 6.72 12.09
CA ALA A 323 33.57 7.63 10.96
C ALA A 323 32.34 8.54 10.92
N GLY A 324 31.94 9.01 12.10
CA GLY A 324 30.80 9.91 12.18
C GLY A 324 29.41 9.31 12.28
N ASN A 325 29.25 8.04 11.88
CA ASN A 325 27.94 7.39 11.94
C ASN A 325 27.73 6.52 13.17
N VAL A 326 26.51 6.57 13.67
CA VAL A 326 26.11 5.84 14.86
C VAL A 326 26.05 4.33 14.64
N VAL A 327 26.53 3.60 15.62
CA VAL A 327 26.49 2.15 15.57
C VAL A 327 26.18 1.69 16.98
N GLY A 328 25.60 0.49 17.07
CA GLY A 328 25.29 -0.10 18.35
C GLY A 328 26.28 -1.25 18.39
N ILE A 329 26.82 -1.54 19.56
CA ILE A 329 27.79 -2.60 19.65
C ILE A 329 27.39 -3.63 20.68
N VAL A 330 27.57 -4.90 20.32
CA VAL A 330 27.27 -6.01 21.20
C VAL A 330 28.58 -6.78 21.23
N ALA A 331 29.17 -6.90 22.42
CA ALA A 331 30.45 -7.58 22.53
C ALA A 331 30.58 -8.37 23.83
N ASN A 332 30.97 -9.64 23.71
CA ASN A 332 31.13 -10.49 24.88
C ASN A 332 32.27 -9.99 25.74
N ASN A 333 32.08 -10.07 27.06
CA ASN A 333 33.09 -9.59 28.00
C ASN A 333 33.77 -10.76 28.67
N PRO A 334 35.04 -11.01 28.35
CA PRO A 334 35.84 -12.10 28.91
C PRO A 334 36.01 -11.99 30.43
N GLU A 335 36.05 -10.75 30.91
CA GLU A 335 36.24 -10.46 32.33
C GLU A 335 35.10 -10.87 33.26
N GLU A 336 33.94 -11.23 32.71
CA GLU A 336 32.81 -11.65 33.55
C GLU A 336 32.24 -12.94 32.98
N PHE A 337 32.18 -13.99 33.80
CA PHE A 337 31.67 -15.29 33.35
C PHE A 337 32.46 -15.82 32.13
N GLY A 338 33.68 -15.30 31.96
CA GLY A 338 34.51 -15.74 30.85
C GLY A 338 33.87 -15.43 29.52
N GLY A 339 32.90 -14.52 29.50
CA GLY A 339 32.23 -14.16 28.26
C GLY A 339 31.06 -15.07 27.95
N SER A 340 30.82 -16.04 28.83
CA SER A 340 29.71 -16.96 28.65
C SER A 340 28.43 -16.14 28.70
N ILE A 341 27.49 -16.47 27.83
CA ILE A 341 26.23 -15.75 27.80
C ILE A 341 25.35 -16.29 28.91
N ASP A 342 24.50 -15.41 29.43
CA ASP A 342 23.63 -15.72 30.56
C ASP A 342 22.20 -15.21 30.36
N ILE A 343 21.29 -15.57 31.27
CA ILE A 343 19.89 -15.11 31.20
C ILE A 343 19.79 -13.59 31.19
N ASP A 344 20.43 -12.95 32.17
CA ASP A 344 20.43 -11.50 32.26
C ASP A 344 21.04 -10.86 31.02
N ALA A 345 22.17 -11.41 30.58
CA ALA A 345 22.88 -10.90 29.43
C ALA A 345 22.07 -11.08 28.15
N ALA A 346 21.43 -12.22 28.03
CA ALA A 346 20.60 -12.48 26.85
C ALA A 346 19.50 -11.40 26.81
N ASP A 347 18.94 -11.06 27.98
CA ASP A 347 17.90 -10.04 28.04
C ASP A 347 18.45 -8.66 27.66
N LYS A 348 19.58 -8.33 28.26
CA LYS A 348 20.23 -7.07 28.00
C LYS A 348 20.52 -6.92 26.49
N ALA A 349 21.21 -7.90 25.93
CA ALA A 349 21.56 -7.87 24.50
C ALA A 349 20.33 -7.84 23.58
N ALA A 350 19.43 -8.79 23.79
CA ALA A 350 18.23 -8.89 22.95
C ALA A 350 17.42 -7.60 22.87
N ARG A 351 17.15 -6.99 24.02
CA ARG A 351 16.37 -5.75 24.06
C ARG A 351 17.14 -4.64 23.35
N PHE A 352 18.45 -4.62 23.54
CA PHE A 352 19.30 -3.62 22.91
C PHE A 352 19.27 -3.72 21.37
N ILE A 353 19.45 -4.90 20.81
CA ILE A 353 19.45 -4.96 19.36
C ILE A 353 18.10 -4.58 18.73
N ARG A 354 17.00 -5.00 19.36
CA ARG A 354 15.67 -4.67 18.85
C ARG A 354 15.49 -3.16 18.79
N PHE A 355 15.93 -2.47 19.85
CA PHE A 355 15.82 -1.02 19.88
C PHE A 355 16.61 -0.40 18.73
N CYS A 356 17.87 -0.82 18.58
CA CYS A 356 18.70 -0.30 17.50
C CYS A 356 18.02 -0.56 16.17
N ASP A 357 17.49 -1.78 16.02
CA ASP A 357 16.82 -2.10 14.77
C ASP A 357 15.63 -1.19 14.51
N ALA A 358 14.78 -1.03 15.52
CA ALA A 358 13.59 -0.19 15.37
C ALA A 358 13.98 1.22 14.96
N PHE A 359 15.10 1.70 15.47
CA PHE A 359 15.50 3.05 15.14
C PHE A 359 16.65 3.22 14.14
N ASN A 360 16.80 2.23 13.27
CA ASN A 360 17.79 2.25 12.20
C ASN A 360 19.26 2.42 12.56
N ILE A 361 19.64 1.84 13.68
CA ILE A 361 21.02 1.90 14.12
C ILE A 361 21.76 0.62 13.72
N PRO A 362 22.80 0.74 12.88
CA PRO A 362 23.56 -0.45 12.46
C PRO A 362 24.14 -1.16 13.69
N LEU A 363 24.28 -2.49 13.63
CA LEU A 363 24.83 -3.25 14.74
C LEU A 363 26.13 -3.97 14.48
N ILE A 364 27.09 -3.81 15.40
CA ILE A 364 28.37 -4.48 15.27
C ILE A 364 28.55 -5.50 16.39
N SER A 365 28.85 -6.74 16.01
CA SER A 365 29.11 -7.78 17.00
C SER A 365 30.61 -8.06 17.06
N LEU A 366 31.14 -8.15 18.28
CA LEU A 366 32.54 -8.46 18.52
C LEU A 366 32.41 -9.71 19.37
N VAL A 367 32.89 -10.83 18.84
CA VAL A 367 32.71 -12.11 19.51
C VAL A 367 33.88 -12.77 20.21
N ASP A 368 33.58 -13.35 21.37
CA ASP A 368 34.51 -14.11 22.19
C ASP A 368 33.71 -14.71 23.32
N THR A 369 32.93 -15.72 22.98
CA THR A 369 32.08 -16.40 23.96
C THR A 369 32.19 -17.90 23.78
N PRO A 370 32.40 -18.63 24.89
CA PRO A 370 32.52 -20.09 24.91
C PRO A 370 31.19 -20.83 25.03
N GLY A 371 30.10 -20.08 25.25
CA GLY A 371 28.82 -20.70 25.40
C GLY A 371 27.99 -20.03 26.48
N TYR A 372 27.14 -20.79 27.17
CA TYR A 372 26.28 -20.24 28.21
C TYR A 372 26.70 -20.68 29.61
N VAL A 373 26.25 -19.93 30.63
CA VAL A 373 26.54 -20.26 32.02
C VAL A 373 25.72 -21.49 32.39
N PRO A 374 26.38 -22.57 32.81
CA PRO A 374 25.67 -23.80 33.17
C PRO A 374 25.07 -23.80 34.58
N GLY A 375 24.40 -24.90 34.93
CA GLY A 375 23.80 -25.01 36.26
C GLY A 375 22.29 -25.05 36.33
N THR A 376 21.79 -25.75 37.34
CA THR A 376 20.35 -25.88 37.55
C THR A 376 19.69 -24.52 37.78
N ASP A 377 20.45 -23.55 38.25
CA ASP A 377 19.88 -22.23 38.47
C ASP A 377 19.43 -21.64 37.13
N GLN A 378 20.36 -21.61 36.18
CA GLN A 378 20.07 -21.08 34.86
C GLN A 378 18.98 -21.85 34.13
N GLU A 379 18.99 -23.18 34.24
CA GLU A 379 17.97 -23.98 33.58
C GLU A 379 16.60 -23.77 34.24
N TYR A 380 16.58 -23.69 35.56
CA TYR A 380 15.32 -23.51 36.29
C TYR A 380 14.68 -22.15 36.01
N LYS A 381 15.48 -21.15 35.69
CA LYS A 381 14.93 -19.83 35.40
C LYS A 381 14.71 -19.70 33.89
N GLY A 382 14.91 -20.79 33.16
CA GLY A 382 14.69 -20.78 31.72
C GLY A 382 15.68 -20.06 30.81
N ILE A 383 16.96 -20.42 30.86
CA ILE A 383 17.92 -19.79 29.96
C ILE A 383 17.53 -20.19 28.53
N ILE A 384 16.78 -21.29 28.41
CA ILE A 384 16.35 -21.76 27.09
C ILE A 384 15.50 -20.70 26.38
N ARG A 385 14.52 -20.14 27.08
CA ARG A 385 13.68 -19.13 26.48
C ARG A 385 14.35 -17.78 26.45
N HIS A 386 15.13 -17.45 27.47
CA HIS A 386 15.79 -16.15 27.47
C HIS A 386 16.86 -16.06 26.39
N GLY A 387 17.73 -17.07 26.35
CA GLY A 387 18.77 -17.07 25.33
C GLY A 387 18.21 -16.97 23.93
N ALA A 388 17.04 -17.55 23.71
CA ALA A 388 16.43 -17.50 22.38
C ALA A 388 16.11 -16.07 21.95
N LYS A 389 15.95 -15.17 22.91
CA LYS A 389 15.63 -13.78 22.60
C LYS A 389 16.67 -13.11 21.70
N MET A 390 17.94 -13.42 21.91
CA MET A 390 19.00 -12.85 21.10
C MET A 390 18.89 -13.35 19.66
N LEU A 391 18.60 -14.64 19.52
CA LEU A 391 18.45 -15.26 18.20
C LEU A 391 17.32 -14.58 17.43
N TYR A 392 16.20 -14.38 18.11
CA TYR A 392 15.03 -13.76 17.53
C TYR A 392 15.37 -12.32 17.16
N ALA A 393 15.91 -11.58 18.12
CA ALA A 393 16.25 -10.19 17.88
C ALA A 393 17.16 -9.95 16.68
N PHE A 394 18.21 -10.74 16.52
CA PHE A 394 19.11 -10.57 15.36
C PHE A 394 18.40 -11.01 14.07
N ALA A 395 17.75 -12.17 14.11
CA ALA A 395 17.05 -12.67 12.94
C ALA A 395 15.96 -11.70 12.50
N GLU A 396 15.42 -10.94 13.44
CA GLU A 396 14.38 -9.96 13.17
C GLU A 396 14.91 -8.68 12.54
N ALA A 397 16.03 -8.20 13.07
CA ALA A 397 16.64 -6.97 12.62
C ALA A 397 16.96 -6.89 11.12
N THR A 398 16.65 -5.74 10.54
CA THR A 398 16.92 -5.49 9.15
C THR A 398 17.99 -4.43 8.94
N VAL A 399 18.44 -3.78 10.02
CA VAL A 399 19.50 -2.78 9.87
C VAL A 399 20.77 -3.51 9.50
N PRO A 400 21.80 -2.78 9.04
CA PRO A 400 23.04 -3.46 8.68
C PRO A 400 23.59 -4.23 9.88
N LYS A 401 24.11 -5.42 9.63
CA LYS A 401 24.68 -6.23 10.69
C LYS A 401 26.02 -6.82 10.26
N ILE A 402 27.06 -6.56 11.04
CA ILE A 402 28.40 -7.06 10.76
C ILE A 402 28.97 -7.69 12.02
N THR A 403 29.54 -8.87 11.86
CA THR A 403 30.14 -9.58 12.97
C THR A 403 31.65 -9.68 12.79
N VAL A 404 32.37 -9.39 13.88
CA VAL A 404 33.82 -9.48 13.89
C VAL A 404 34.16 -10.40 15.05
N ILE A 405 34.59 -11.60 14.72
CA ILE A 405 34.95 -12.59 15.72
C ILE A 405 36.40 -12.35 16.16
N VAL A 406 36.56 -11.93 17.41
CA VAL A 406 37.85 -11.62 17.98
C VAL A 406 38.57 -12.89 18.42
N ARG A 407 37.87 -13.74 19.16
CA ARG A 407 38.48 -14.98 19.64
C ARG A 407 37.49 -16.14 19.59
N LYS A 408 37.13 -16.67 20.77
CA LYS A 408 36.20 -17.79 20.82
C LYS A 408 34.82 -17.47 20.29
N SER A 409 34.17 -18.49 19.73
CA SER A 409 32.82 -18.37 19.20
C SER A 409 32.33 -19.82 19.13
N TYR A 410 31.79 -20.29 20.23
CA TYR A 410 31.34 -21.67 20.36
C TYR A 410 29.83 -21.90 20.44
N GLY A 411 29.41 -23.07 19.96
CA GLY A 411 28.04 -23.52 19.99
C GLY A 411 26.92 -22.53 19.72
N GLY A 412 25.87 -22.61 20.54
CA GLY A 412 24.74 -21.73 20.38
C GLY A 412 25.10 -20.26 20.52
N ALA A 413 26.02 -19.97 21.42
CA ALA A 413 26.45 -18.60 21.66
C ALA A 413 27.09 -18.03 20.39
N HIS A 414 27.65 -18.91 19.58
CA HIS A 414 28.27 -18.49 18.32
C HIS A 414 27.16 -17.97 17.43
N ILE A 415 26.09 -18.76 17.36
CA ILE A 415 24.92 -18.45 16.56
C ILE A 415 24.24 -17.20 17.10
N ALA A 416 24.14 -17.11 18.42
CA ALA A 416 23.49 -15.98 19.06
C ALA A 416 24.21 -14.65 18.92
N MET A 417 25.44 -14.66 18.42
CA MET A 417 26.15 -13.40 18.26
C MET A 417 25.96 -12.84 16.86
N SER A 418 25.21 -13.58 16.04
CA SER A 418 24.86 -13.23 14.65
C SER A 418 25.76 -13.85 13.59
N ILE A 419 25.23 -14.87 12.91
CA ILE A 419 25.95 -15.55 11.85
C ILE A 419 25.18 -15.37 10.54
N LYS A 420 25.84 -15.58 9.41
CA LYS A 420 25.18 -15.40 8.13
C LYS A 420 23.79 -16.03 8.02
N SER A 421 23.67 -17.29 8.40
CA SER A 421 22.36 -17.95 8.30
C SER A 421 21.30 -17.31 9.18
N LEU A 422 21.73 -16.52 10.17
CA LEU A 422 20.82 -15.85 11.09
C LEU A 422 20.50 -14.42 10.62
N GLY A 423 21.25 -13.94 9.63
CA GLY A 423 21.03 -12.60 9.11
C GLY A 423 22.24 -11.65 9.06
N ALA A 424 23.41 -12.09 9.51
CA ALA A 424 24.59 -11.22 9.46
C ALA A 424 24.93 -10.93 8.00
N ASP A 425 25.06 -9.65 7.64
CA ASP A 425 25.37 -9.25 6.27
C ASP A 425 26.81 -9.56 5.90
N LEU A 426 27.73 -9.28 6.82
CA LEU A 426 29.15 -9.53 6.63
C LEU A 426 29.72 -10.13 7.93
N VAL A 427 30.61 -11.11 7.78
CA VAL A 427 31.25 -11.76 8.92
C VAL A 427 32.77 -11.80 8.69
N TYR A 428 33.52 -11.22 9.63
CA TYR A 428 34.96 -11.20 9.55
C TYR A 428 35.53 -11.85 10.79
N ALA A 429 36.79 -12.29 10.72
CA ALA A 429 37.44 -12.92 11.86
C ALA A 429 38.93 -12.59 11.96
N TRP A 430 39.39 -12.44 13.19
CA TRP A 430 40.79 -12.15 13.46
C TRP A 430 41.53 -13.48 13.41
N PRO A 431 42.87 -13.42 13.23
CA PRO A 431 43.65 -14.65 13.17
C PRO A 431 43.49 -15.48 14.45
N THR A 432 43.12 -14.80 15.54
CA THR A 432 42.95 -15.43 16.84
C THR A 432 41.58 -16.07 17.08
N ALA A 433 40.68 -15.93 16.12
CA ALA A 433 39.34 -16.47 16.26
C ALA A 433 39.30 -17.98 16.13
N GLU A 434 38.54 -18.63 17.01
CA GLU A 434 38.36 -20.07 16.94
C GLU A 434 36.86 -20.34 16.96
N ILE A 435 36.38 -20.88 15.86
CA ILE A 435 34.96 -21.19 15.69
C ILE A 435 34.80 -22.70 15.87
N ALA A 436 33.99 -23.10 16.84
CA ALA A 436 33.81 -24.51 17.08
C ALA A 436 32.38 -24.87 17.41
N VAL A 437 31.97 -26.04 16.93
CA VAL A 437 30.61 -26.56 17.14
C VAL A 437 30.36 -26.61 18.63
N THR A 438 31.43 -26.76 19.40
CA THR A 438 31.40 -26.78 20.86
C THR A 438 32.84 -26.54 21.33
N GLY A 439 33.03 -26.36 22.63
CA GLY A 439 34.38 -26.17 23.13
C GLY A 439 35.14 -27.40 22.70
N PRO A 440 36.38 -27.23 22.19
CA PRO A 440 37.19 -28.38 21.74
C PRO A 440 37.21 -29.59 22.66
N GLU A 441 37.49 -29.38 23.95
CA GLU A 441 37.54 -30.48 24.90
C GLU A 441 36.26 -31.29 24.82
N GLY A 442 35.12 -30.59 24.82
CA GLY A 442 33.84 -31.26 24.74
C GLY A 442 33.67 -32.01 23.43
N ALA A 443 34.13 -31.41 22.35
CA ALA A 443 34.04 -32.00 21.02
C ALA A 443 34.85 -33.30 20.92
N VAL A 444 36.10 -33.25 21.36
CA VAL A 444 36.94 -34.43 21.32
C VAL A 444 36.53 -35.43 22.38
N ARG A 445 35.85 -34.95 23.42
CA ARG A 445 35.41 -35.82 24.51
C ARG A 445 34.13 -36.56 24.14
N ILE A 446 33.70 -36.44 22.89
CA ILE A 446 32.53 -37.15 22.41
C ILE A 446 32.89 -37.85 21.11
N LEU A 447 33.83 -37.27 20.37
CA LEU A 447 34.27 -37.84 19.09
C LEU A 447 35.05 -39.13 19.31
N TYR A 448 35.84 -39.18 20.38
CA TYR A 448 36.65 -40.35 20.70
C TYR A 448 36.20 -41.00 22.01
N ARG A 449 35.02 -41.63 22.02
CA ARG A 449 34.49 -42.28 23.23
C ARG A 449 35.42 -43.34 23.81
N LYS A 450 35.80 -44.28 22.95
CA LYS A 450 36.76 -45.32 23.34
C LYS A 450 37.97 -44.76 22.62
N GLU A 451 38.99 -45.56 22.34
CA GLU A 451 40.18 -45.02 21.67
C GLU A 451 40.74 -43.96 22.61
N ILE A 452 39.96 -43.66 23.65
CA ILE A 452 40.32 -42.71 24.69
C ILE A 452 40.29 -43.63 25.91
N GLN A 453 40.35 -44.93 25.62
CA GLN A 453 40.34 -45.98 26.63
C GLN A 453 41.10 -47.14 25.99
N GLN A 454 40.60 -47.62 24.85
CA GLN A 454 41.26 -48.70 24.12
C GLN A 454 41.93 -48.17 22.86
N ALA A 455 43.13 -47.61 23.04
CA ALA A 455 43.90 -47.07 21.93
C ALA A 455 45.21 -47.86 21.87
N SER A 456 46.24 -47.30 21.24
CA SER A 456 47.52 -47.99 21.15
C SER A 456 48.63 -47.14 21.75
N ASN A 457 48.44 -46.75 23.01
CA ASN A 457 49.40 -45.93 23.75
C ASN A 457 48.75 -45.50 25.08
N PRO A 458 49.30 -46.00 26.21
CA PRO A 458 48.84 -45.72 27.58
C PRO A 458 48.05 -44.43 27.79
N ASP A 459 48.76 -43.32 28.01
CA ASP A 459 48.10 -42.02 28.20
C ASP A 459 48.55 -40.99 27.18
N ASP A 460 49.02 -41.48 26.04
CA ASP A 460 49.47 -40.63 24.95
C ASP A 460 48.27 -40.37 24.02
N VAL A 461 47.07 -40.52 24.58
CA VAL A 461 45.82 -40.32 23.83
C VAL A 461 44.64 -39.73 24.60
N LEU A 462 44.75 -38.47 25.02
CA LEU A 462 43.65 -37.81 25.74
C LEU A 462 43.67 -36.28 25.61
N LYS A 463 44.83 -35.66 25.82
CA LYS A 463 44.95 -34.21 25.69
C LYS A 463 45.48 -34.00 24.28
N GLN A 464 46.02 -35.08 23.71
CA GLN A 464 46.56 -35.03 22.36
C GLN A 464 45.46 -34.88 21.33
N ARG A 465 44.24 -35.28 21.70
CA ARG A 465 43.11 -35.15 20.79
C ARG A 465 42.64 -33.70 20.76
N ILE A 466 42.45 -33.09 21.94
CA ILE A 466 42.00 -31.71 21.99
C ILE A 466 43.09 -30.87 21.31
N ALA A 467 44.34 -31.30 21.51
CA ALA A 467 45.49 -30.64 20.92
C ALA A 467 45.42 -30.71 19.40
N GLU A 468 45.00 -31.87 18.89
CA GLU A 468 44.89 -32.06 17.45
C GLU A 468 43.65 -31.40 16.84
N TYR A 469 42.54 -31.45 17.58
CA TYR A 469 41.30 -30.85 17.11
C TYR A 469 41.49 -29.34 16.96
N ARG A 470 42.27 -28.74 17.86
CA ARG A 470 42.47 -27.29 17.82
C ARG A 470 43.23 -26.74 16.62
N LYS A 471 44.31 -27.38 16.19
CA LYS A 471 45.01 -26.83 15.02
C LYS A 471 44.19 -27.16 13.78
N LEU A 472 43.34 -28.17 13.90
CA LEU A 472 42.48 -28.60 12.81
C LEU A 472 41.29 -27.63 12.63
N PHE A 473 40.64 -27.27 13.75
CA PHE A 473 39.47 -26.38 13.69
C PHE A 473 39.45 -25.16 14.62
N ALA A 474 40.28 -25.15 15.66
CA ALA A 474 40.30 -24.00 16.56
C ALA A 474 40.99 -22.85 15.85
N ASN A 475 40.38 -22.43 14.73
CA ASN A 475 40.89 -21.35 13.91
C ASN A 475 39.73 -20.78 13.11
N PRO A 476 39.99 -19.76 12.28
CA PRO A 476 38.89 -19.19 11.50
C PRO A 476 38.94 -19.57 10.03
N TYR A 477 39.99 -20.28 9.63
CA TYR A 477 40.16 -20.66 8.24
C TYR A 477 39.25 -21.78 7.75
N TRP A 478 38.84 -22.68 8.64
CA TRP A 478 37.95 -23.75 8.24
C TRP A 478 36.61 -23.14 7.85
N ALA A 479 36.09 -22.27 8.72
CA ALA A 479 34.83 -21.59 8.47
C ALA A 479 34.95 -20.73 7.23
N ALA A 480 36.09 -20.05 7.07
CA ALA A 480 36.29 -19.20 5.89
C ALA A 480 36.34 -20.06 4.63
N GLU A 481 36.81 -21.30 4.76
CA GLU A 481 36.86 -22.18 3.59
C GLU A 481 35.46 -22.65 3.23
N LYS A 482 34.56 -22.63 4.22
CA LYS A 482 33.17 -23.04 3.99
C LYS A 482 32.31 -21.81 3.67
N GLY A 483 32.97 -20.67 3.46
CA GLY A 483 32.27 -19.45 3.13
C GLY A 483 31.50 -18.82 4.29
N LEU A 484 31.56 -19.44 5.46
CA LEU A 484 30.84 -18.93 6.62
C LEU A 484 31.31 -17.56 7.08
N VAL A 485 32.57 -17.24 6.84
CA VAL A 485 33.10 -15.94 7.20
C VAL A 485 33.67 -15.37 5.91
N ASP A 486 33.37 -14.12 5.65
CA ASP A 486 33.81 -13.49 4.43
C ASP A 486 35.30 -13.30 4.28
N ASP A 487 35.99 -12.98 5.37
CA ASP A 487 37.42 -12.78 5.28
C ASP A 487 38.10 -12.80 6.62
N VAL A 488 39.40 -13.09 6.60
CA VAL A 488 40.20 -13.10 7.81
C VAL A 488 41.08 -11.86 7.68
N ILE A 489 41.14 -11.06 8.74
CA ILE A 489 41.93 -9.84 8.66
C ILE A 489 42.81 -9.61 9.87
N GLU A 490 43.79 -8.73 9.68
CA GLU A 490 44.71 -8.35 10.73
C GLU A 490 43.88 -7.43 11.60
N PRO A 491 43.87 -7.70 12.91
CA PRO A 491 43.12 -6.91 13.89
C PRO A 491 43.18 -5.40 13.68
N LYS A 492 44.35 -4.90 13.30
CA LYS A 492 44.54 -3.46 13.09
C LYS A 492 43.62 -2.85 12.03
N ASP A 493 43.16 -3.68 11.09
CA ASP A 493 42.29 -3.19 10.01
C ASP A 493 40.80 -3.23 10.32
N THR A 494 40.43 -3.67 11.52
CA THR A 494 39.03 -3.78 11.92
C THR A 494 38.17 -2.55 11.66
N ARG A 495 38.71 -1.37 11.94
CA ARG A 495 37.95 -0.14 11.75
C ARG A 495 37.64 0.17 10.28
N ARG A 496 38.63 0.00 9.39
CA ARG A 496 38.37 0.27 7.99
C ARG A 496 37.39 -0.72 7.39
N VAL A 497 37.54 -2.01 7.68
CA VAL A 497 36.61 -2.95 7.06
C VAL A 497 35.22 -2.73 7.64
N ILE A 498 35.16 -2.23 8.87
CA ILE A 498 33.86 -1.98 9.46
C ILE A 498 33.26 -0.73 8.82
N VAL A 499 34.09 0.29 8.56
CA VAL A 499 33.56 1.49 7.91
C VAL A 499 33.17 1.20 6.46
N ALA A 500 33.99 0.44 5.74
CA ALA A 500 33.66 0.12 4.35
C ALA A 500 32.36 -0.69 4.29
N GLY A 501 32.19 -1.58 5.26
CA GLY A 501 30.97 -2.40 5.30
C GLY A 501 29.73 -1.56 5.53
N LEU A 502 29.77 -0.71 6.55
CA LEU A 502 28.63 0.16 6.86
C LEU A 502 28.31 1.07 5.69
N GLU A 503 29.34 1.68 5.10
CA GLU A 503 29.19 2.57 3.95
C GLU A 503 28.36 1.90 2.86
N MET A 504 28.67 0.64 2.59
CA MET A 504 27.99 -0.14 1.58
C MET A 504 26.58 -0.53 2.04
N LEU A 505 26.44 -0.84 3.33
CA LEU A 505 25.16 -1.25 3.89
C LEU A 505 24.17 -0.16 4.29
N LYS A 506 24.57 1.11 4.27
CA LYS A 506 23.68 2.19 4.68
C LYS A 506 22.33 2.20 3.98
N THR A 507 22.32 1.84 2.70
CA THR A 507 21.08 1.85 1.93
C THR A 507 20.41 0.47 1.90
N LYS A 508 20.76 -0.38 2.86
CA LYS A 508 20.20 -1.73 2.95
C LYS A 508 18.69 -1.75 3.17
N ARG A 509 18.00 -2.60 2.42
CA ARG A 509 16.54 -2.76 2.51
C ARG A 509 16.24 -4.26 2.41
N GLU A 510 15.39 -4.78 3.29
CA GLU A 510 15.09 -6.21 3.26
C GLU A 510 13.60 -6.53 3.50
N TYR A 511 13.18 -7.70 3.02
CA TYR A 511 11.78 -8.14 3.16
C TYR A 511 11.46 -8.87 4.46
N ARG A 512 10.20 -8.75 4.87
CA ARG A 512 9.69 -9.40 6.08
C ARG A 512 8.22 -9.72 5.78
N TYR A 513 7.70 -10.80 6.34
CA TYR A 513 6.32 -11.18 6.09
C TYR A 513 5.32 -10.34 6.89
N PRO A 514 4.14 -10.05 6.28
CA PRO A 514 3.12 -9.26 6.96
C PRO A 514 2.60 -10.02 8.19
N LYS A 515 2.47 -9.31 9.30
CA LYS A 515 2.01 -9.92 10.54
C LYS A 515 1.72 -8.75 11.49
N LYS A 516 0.78 -8.94 12.41
CA LYS A 516 0.51 -7.87 13.35
C LYS A 516 1.80 -7.62 14.11
N HIS A 517 2.49 -8.72 14.40
CA HIS A 517 3.75 -8.71 15.13
C HIS A 517 4.14 -10.17 15.30
N GLY A 518 5.31 -10.42 15.89
CA GLY A 518 5.75 -11.79 16.10
C GLY A 518 5.44 -12.28 17.51
N ASN A 519 5.97 -13.43 17.87
CA ASN A 519 5.74 -13.99 19.20
C ASN A 519 7.05 -14.35 19.92
N ILE A 520 7.94 -13.37 20.02
CA ILE A 520 9.23 -13.58 20.66
C ILE A 520 9.09 -14.23 22.04
N PRO A 521 10.05 -15.09 22.41
CA PRO A 521 10.02 -15.74 23.72
C PRO A 521 10.08 -14.65 24.79
N LEU A 522 9.40 -14.84 25.91
CA LEU A 522 9.42 -13.85 26.98
C LEU A 522 9.92 -14.44 28.28
N LYS B 5 51.46 -22.06 15.23
CA LYS B 5 52.22 -21.18 16.17
C LYS B 5 51.26 -20.28 16.96
N PRO B 6 51.57 -20.03 18.24
CA PRO B 6 50.73 -19.21 19.11
C PRO B 6 50.78 -17.67 19.04
N PRO B 7 51.99 -17.06 19.03
CA PRO B 7 52.03 -15.59 18.97
C PRO B 7 51.18 -14.96 17.88
N VAL B 8 50.57 -13.81 18.19
CA VAL B 8 49.72 -13.13 17.23
C VAL B 8 50.52 -12.62 16.03
N GLU B 9 51.77 -12.24 16.25
CA GLU B 9 52.58 -11.76 15.13
C GLU B 9 52.76 -12.82 14.05
N LYS B 10 52.88 -14.08 14.46
CA LYS B 10 53.04 -15.16 13.50
C LYS B 10 51.72 -15.44 12.82
N LEU B 11 50.65 -15.48 13.61
CA LEU B 11 49.31 -15.72 13.08
C LEU B 11 49.02 -14.71 11.98
N ILE B 12 49.40 -13.44 12.17
CA ILE B 12 49.11 -12.46 11.13
C ILE B 12 50.15 -12.62 10.01
N GLU B 13 51.29 -13.20 10.33
CA GLU B 13 52.32 -13.40 9.32
C GLU B 13 51.78 -14.51 8.43
N GLU B 14 51.19 -15.52 9.07
CA GLU B 14 50.61 -16.64 8.36
C GLU B 14 49.46 -16.16 7.50
N LEU B 15 48.65 -15.26 8.05
CA LEU B 15 47.51 -14.72 7.30
C LEU B 15 48.00 -14.01 6.05
N ARG B 16 49.07 -13.25 6.18
CA ARG B 16 49.60 -12.54 5.02
C ARG B 16 50.04 -13.53 3.94
N GLN B 17 50.62 -14.65 4.38
CA GLN B 17 51.09 -15.69 3.47
C GLN B 17 49.94 -16.43 2.77
N LEU B 18 48.85 -16.69 3.48
CA LEU B 18 47.73 -17.36 2.86
C LEU B 18 47.10 -16.42 1.83
N LYS B 19 46.95 -15.15 2.19
CA LYS B 19 46.37 -14.15 1.29
C LYS B 19 47.12 -14.11 -0.05
N GLU B 20 48.44 -13.95 0.01
CA GLU B 20 49.26 -13.90 -1.20
C GLU B 20 49.12 -15.21 -1.97
N LYS B 21 48.88 -16.28 -1.22
CA LYS B 21 48.67 -17.60 -1.78
C LYS B 21 47.33 -17.66 -2.53
N ALA B 22 46.27 -17.12 -1.93
CA ALA B 22 44.94 -17.11 -2.53
C ALA B 22 44.82 -16.13 -3.70
N TYR B 23 45.52 -15.00 -3.61
CA TYR B 23 45.50 -14.00 -4.66
C TYR B 23 45.87 -14.61 -6.01
N LYS B 24 46.79 -15.57 -5.99
CA LYS B 24 47.29 -16.25 -7.19
C LYS B 24 46.32 -17.15 -7.95
N GLY B 25 45.20 -17.50 -7.31
CA GLY B 25 44.23 -18.36 -7.96
C GLY B 25 44.83 -19.72 -8.26
N GLY B 26 44.86 -20.11 -9.53
CA GLY B 26 45.42 -21.40 -9.89
C GLY B 26 46.94 -21.47 -9.83
N GLY B 27 47.61 -20.33 -9.66
CA GLY B 27 49.06 -20.33 -9.59
C GLY B 27 49.73 -19.38 -10.56
N ASP B 28 50.98 -19.01 -10.28
CA ASP B 28 51.70 -18.09 -11.14
C ASP B 28 51.93 -18.63 -12.55
N GLU B 29 52.12 -19.94 -12.67
CA GLU B 29 52.33 -20.55 -13.98
C GLU B 29 51.04 -20.47 -14.78
N ARG B 30 49.91 -20.71 -14.12
CA ARG B 30 48.62 -20.63 -14.81
C ARG B 30 48.35 -19.18 -15.20
N ILE B 31 48.60 -18.22 -14.32
CA ILE B 31 48.33 -16.84 -14.69
C ILE B 31 49.25 -16.46 -15.85
N GLN B 32 50.40 -17.11 -15.91
CA GLN B 32 51.36 -16.87 -16.98
C GLN B 32 50.67 -17.32 -18.28
N PHE B 33 50.05 -18.49 -18.25
CA PHE B 33 49.35 -19.00 -19.42
C PHE B 33 48.23 -18.04 -19.79
N GLN B 34 47.48 -17.57 -18.80
CA GLN B 34 46.38 -16.64 -19.05
C GLN B 34 46.93 -15.44 -19.79
N HIS B 35 48.09 -14.98 -19.36
CA HIS B 35 48.76 -13.82 -19.97
C HIS B 35 49.28 -14.06 -21.37
N SER B 36 49.66 -15.29 -21.68
CA SER B 36 50.18 -15.60 -23.02
C SER B 36 49.05 -15.42 -24.04
N LYS B 37 47.82 -15.66 -23.60
CA LYS B 37 46.65 -15.53 -24.46
C LYS B 37 46.29 -14.06 -24.72
N GLY B 38 46.95 -13.16 -24.00
CA GLY B 38 46.67 -11.74 -24.16
C GLY B 38 45.57 -11.28 -23.22
N LYS B 39 45.32 -12.06 -22.17
CA LYS B 39 44.28 -11.75 -21.19
C LYS B 39 44.79 -11.38 -19.80
N LEU B 40 44.13 -10.42 -19.17
CA LEU B 40 44.47 -10.01 -17.81
C LEU B 40 43.83 -11.04 -16.86
N THR B 41 44.21 -11.01 -15.60
CA THR B 41 43.64 -11.90 -14.60
C THR B 41 42.39 -11.21 -14.05
N ALA B 42 41.57 -11.96 -13.34
CA ALA B 42 40.35 -11.43 -12.75
C ALA B 42 40.68 -10.21 -11.88
N ARG B 43 41.67 -10.35 -11.00
CA ARG B 43 42.05 -9.23 -10.13
C ARG B 43 42.62 -8.05 -10.90
N GLU B 44 43.35 -8.31 -11.99
CA GLU B 44 43.90 -7.21 -12.77
C GLU B 44 42.75 -6.44 -13.44
N ARG B 45 41.73 -7.16 -13.89
CA ARG B 45 40.59 -6.52 -14.52
C ARG B 45 39.83 -5.66 -13.49
N LEU B 46 39.61 -6.22 -12.31
CA LEU B 46 38.94 -5.50 -11.23
C LEU B 46 39.74 -4.25 -10.84
N ALA B 47 41.04 -4.40 -10.74
CA ALA B 47 41.89 -3.29 -10.35
C ALA B 47 41.72 -2.09 -11.27
N LEU B 48 41.53 -2.36 -12.56
CA LEU B 48 41.34 -1.30 -13.55
C LEU B 48 39.94 -0.70 -13.40
N LEU B 49 38.94 -1.55 -13.19
CA LEU B 49 37.57 -1.09 -13.07
C LEU B 49 37.35 -0.17 -11.87
N PHE B 50 37.77 -0.61 -10.69
CA PHE B 50 37.55 0.17 -9.49
C PHE B 50 38.52 1.29 -9.17
N ASP B 51 38.03 2.29 -8.43
CA ASP B 51 38.84 3.44 -8.04
C ASP B 51 40.04 3.01 -7.22
N ASP B 52 41.21 3.52 -7.58
CA ASP B 52 42.45 3.21 -6.88
C ASP B 52 42.64 1.71 -6.69
N GLY B 53 42.00 0.92 -7.56
CA GLY B 53 42.09 -0.52 -7.49
C GLY B 53 41.59 -1.16 -6.22
N LYS B 54 40.87 -0.41 -5.39
CA LYS B 54 40.34 -0.95 -4.12
C LYS B 54 39.10 -1.83 -4.32
N PHE B 55 39.11 -3.02 -3.75
CA PHE B 55 37.97 -3.92 -3.86
C PHE B 55 37.70 -4.66 -2.53
N ASN B 56 36.47 -4.58 -2.04
CA ASN B 56 36.12 -5.27 -0.79
C ASN B 56 35.53 -6.62 -1.14
N GLU B 57 36.27 -7.66 -0.78
CA GLU B 57 35.91 -9.03 -1.09
C GLU B 57 35.09 -9.72 -0.03
N ILE B 58 34.27 -10.68 -0.48
CA ILE B 58 33.45 -11.49 0.41
C ILE B 58 33.77 -12.93 0.08
N MET B 59 33.68 -13.82 1.07
CA MET B 59 33.97 -15.24 0.87
C MET B 59 35.23 -15.35 0.02
N THR B 60 36.30 -14.69 0.47
CA THR B 60 37.55 -14.70 -0.28
C THR B 60 38.28 -16.04 -0.20
N PHE B 61 38.01 -16.82 0.84
CA PHE B 61 38.66 -18.11 0.99
C PHE B 61 37.76 -19.30 0.71
N ALA B 62 36.49 -19.05 0.45
CA ALA B 62 35.55 -20.15 0.20
C ALA B 62 36.05 -21.10 -0.88
N THR B 63 36.07 -22.39 -0.57
CA THR B 63 36.53 -23.40 -1.51
C THR B 63 35.44 -24.42 -1.82
N THR B 64 35.67 -25.20 -2.87
CA THR B 64 34.71 -26.22 -3.25
C THR B 64 34.64 -27.24 -2.13
N ARG B 65 33.48 -27.87 -2.01
CA ARG B 65 33.22 -28.87 -1.00
C ARG B 65 33.03 -30.20 -1.69
N ALA B 66 33.11 -30.19 -3.02
CA ALA B 66 32.94 -31.40 -3.81
C ALA B 66 34.10 -32.34 -3.50
N THR B 67 33.84 -33.63 -3.61
CA THR B 67 34.83 -34.64 -3.30
C THR B 67 35.08 -35.61 -4.44
N GLU B 68 34.50 -35.36 -5.60
CA GLU B 68 34.66 -36.27 -6.74
C GLU B 68 35.62 -35.73 -7.81
N PHE B 69 36.31 -36.66 -8.48
CA PHE B 69 37.25 -36.34 -9.53
C PHE B 69 38.48 -35.55 -9.11
N GLY B 70 38.94 -35.80 -7.89
CA GLY B 70 40.12 -35.10 -7.38
C GLY B 70 39.89 -33.77 -6.67
N LEU B 71 38.65 -33.28 -6.70
CA LEU B 71 38.35 -32.01 -6.06
C LEU B 71 38.40 -32.08 -4.53
N ASP B 72 38.55 -33.30 -4.00
CA ASP B 72 38.61 -33.49 -2.55
C ASP B 72 39.99 -33.18 -1.99
N LYS B 73 40.98 -33.07 -2.88
CA LYS B 73 42.34 -32.77 -2.46
C LYS B 73 42.85 -31.50 -3.11
N GLN B 74 42.56 -31.33 -4.39
CA GLN B 74 42.97 -30.12 -5.11
C GLN B 74 41.89 -29.06 -4.96
N ARG B 75 42.15 -28.05 -4.12
CA ARG B 75 41.17 -26.98 -3.90
C ARG B 75 41.81 -25.59 -3.95
N PHE B 76 41.11 -24.65 -4.57
CA PHE B 76 41.61 -23.29 -4.70
C PHE B 76 40.76 -22.30 -3.89
N TYR B 77 41.43 -21.51 -3.06
CA TYR B 77 40.73 -20.52 -2.26
C TYR B 77 39.95 -19.61 -3.21
N GLY B 78 38.69 -19.36 -2.89
CA GLY B 78 37.88 -18.50 -3.74
C GLY B 78 37.06 -19.25 -4.77
N ASP B 79 37.46 -20.49 -5.02
CA ASP B 79 36.77 -21.39 -5.96
C ASP B 79 36.60 -20.89 -7.41
N GLY B 80 37.43 -19.97 -7.84
CA GLY B 80 37.35 -19.50 -9.20
C GLY B 80 36.70 -18.16 -9.47
N VAL B 81 36.25 -17.47 -8.42
CA VAL B 81 35.62 -16.17 -8.62
C VAL B 81 35.91 -15.16 -7.51
N VAL B 82 36.07 -13.91 -7.91
CA VAL B 82 36.32 -12.83 -6.98
C VAL B 82 35.06 -11.98 -6.93
N THR B 83 34.43 -11.94 -5.77
CA THR B 83 33.20 -11.19 -5.59
C THR B 83 33.30 -10.18 -4.46
N GLY B 84 32.64 -9.05 -4.66
CA GLY B 84 32.65 -8.01 -3.65
C GLY B 84 32.12 -6.73 -4.25
N TRP B 85 32.54 -5.60 -3.68
CA TRP B 85 32.09 -4.30 -4.16
C TRP B 85 33.21 -3.29 -4.00
N GLY B 86 33.09 -2.19 -4.73
CA GLY B 86 34.06 -1.13 -4.65
C GLY B 86 33.39 0.10 -5.21
N LYS B 87 34.15 1.15 -5.48
CA LYS B 87 33.56 2.34 -6.05
C LYS B 87 34.06 2.54 -7.46
N VAL B 88 33.18 3.01 -8.34
CA VAL B 88 33.53 3.31 -9.72
C VAL B 88 33.18 4.78 -9.90
N ASP B 89 34.20 5.64 -9.98
CA ASP B 89 33.98 7.07 -10.12
C ASP B 89 33.16 7.60 -8.93
N GLY B 90 33.52 7.14 -7.73
CA GLY B 90 32.83 7.57 -6.51
C GLY B 90 31.53 6.85 -6.19
N ARG B 91 31.04 6.03 -7.10
CA ARG B 91 29.80 5.32 -6.90
C ARG B 91 29.97 3.85 -6.55
N THR B 92 29.18 3.37 -5.61
CA THR B 92 29.26 1.98 -5.18
C THR B 92 28.70 1.01 -6.21
N VAL B 93 29.48 -0.03 -6.53
CA VAL B 93 29.01 -1.04 -7.47
C VAL B 93 29.61 -2.41 -7.13
N PHE B 94 28.79 -3.43 -7.28
CA PHE B 94 29.22 -4.77 -7.01
C PHE B 94 29.71 -5.39 -8.30
N ALA B 95 30.48 -6.46 -8.19
CA ALA B 95 31.01 -7.11 -9.36
C ALA B 95 31.61 -8.44 -9.02
N TYR B 96 31.66 -9.32 -10.01
CA TYR B 96 32.32 -10.59 -9.85
C TYR B 96 33.26 -10.71 -11.05
N ALA B 97 34.35 -11.43 -10.87
CA ALA B 97 35.33 -11.65 -11.92
C ALA B 97 35.81 -13.07 -11.77
N GLN B 98 35.48 -13.89 -12.75
CA GLN B 98 35.86 -15.29 -12.75
C GLN B 98 37.34 -15.39 -13.08
N ASP B 99 38.01 -16.38 -12.49
CA ASP B 99 39.44 -16.59 -12.69
C ASP B 99 39.64 -17.89 -13.48
N PHE B 100 40.00 -17.77 -14.74
CA PHE B 100 40.19 -18.93 -15.60
C PHE B 100 41.29 -19.88 -15.12
N THR B 101 42.26 -19.37 -14.37
CA THR B 101 43.35 -20.22 -13.87
C THR B 101 42.85 -21.26 -12.88
N VAL B 102 41.61 -21.09 -12.42
CA VAL B 102 41.00 -22.03 -11.47
C VAL B 102 39.97 -22.92 -12.19
N LEU B 103 40.39 -24.13 -12.56
CA LEU B 103 39.53 -25.07 -13.25
C LEU B 103 38.77 -24.46 -14.44
N GLY B 104 39.48 -23.75 -15.29
CA GLY B 104 38.87 -23.15 -16.46
C GLY B 104 37.78 -22.16 -16.12
N GLY B 105 37.87 -21.57 -14.94
CA GLY B 105 36.87 -20.61 -14.51
C GLY B 105 35.47 -21.22 -14.49
N SER B 106 35.42 -22.55 -14.50
CA SER B 106 34.15 -23.27 -14.49
C SER B 106 33.31 -22.89 -13.27
N LEU B 107 32.00 -22.87 -13.46
CA LEU B 107 31.08 -22.49 -12.38
C LEU B 107 30.84 -23.60 -11.37
N GLY B 108 31.59 -23.56 -10.28
CA GLY B 108 31.41 -24.54 -9.21
C GLY B 108 30.27 -24.13 -8.30
N GLU B 109 29.81 -25.03 -7.45
CA GLU B 109 28.71 -24.75 -6.53
C GLU B 109 29.04 -23.56 -5.61
N THR B 110 30.21 -23.59 -4.98
CA THR B 110 30.59 -22.49 -4.09
C THR B 110 30.79 -21.20 -4.86
N HIS B 111 31.43 -21.33 -6.03
CA HIS B 111 31.70 -20.23 -6.95
C HIS B 111 30.38 -19.54 -7.33
N ALA B 112 29.33 -20.35 -7.49
CA ALA B 112 28.02 -19.80 -7.85
C ALA B 112 27.44 -19.07 -6.63
N ASN B 113 27.49 -19.71 -5.47
CA ASN B 113 26.95 -19.10 -4.26
C ASN B 113 27.64 -17.79 -3.89
N LYS B 114 28.85 -17.57 -4.42
CA LYS B 114 29.58 -16.34 -4.13
C LYS B 114 29.01 -15.25 -5.03
N ILE B 115 28.69 -15.62 -6.26
CA ILE B 115 28.12 -14.66 -7.19
C ILE B 115 26.71 -14.32 -6.73
N VAL B 116 25.98 -15.32 -6.24
CA VAL B 116 24.64 -15.12 -5.75
C VAL B 116 24.67 -14.11 -4.60
N ARG B 117 25.51 -14.37 -3.59
CA ARG B 117 25.63 -13.48 -2.45
C ARG B 117 25.94 -12.06 -2.90
N ALA B 118 26.79 -11.93 -3.90
CA ALA B 118 27.14 -10.59 -4.37
C ALA B 118 25.87 -9.93 -4.87
N TYR B 119 25.06 -10.69 -5.60
CA TYR B 119 23.80 -10.19 -6.14
C TYR B 119 22.80 -9.88 -5.04
N GLU B 120 22.77 -10.70 -4.00
CA GLU B 120 21.86 -10.48 -2.87
C GLU B 120 22.21 -9.14 -2.22
N LEU B 121 23.48 -8.93 -1.93
CA LEU B 121 23.90 -7.66 -1.31
C LEU B 121 23.62 -6.47 -2.22
N ALA B 122 23.97 -6.57 -3.51
CA ALA B 122 23.75 -5.45 -4.43
C ALA B 122 22.26 -5.11 -4.55
N LEU B 123 21.42 -6.14 -4.51
CA LEU B 123 19.97 -5.98 -4.61
C LEU B 123 19.45 -5.26 -3.36
N LYS B 124 19.92 -5.70 -2.20
CA LYS B 124 19.52 -5.08 -0.94
C LYS B 124 19.90 -3.61 -0.83
N VAL B 125 21.07 -3.24 -1.34
CA VAL B 125 21.53 -1.85 -1.21
C VAL B 125 21.32 -0.95 -2.44
N GLY B 126 20.76 -1.50 -3.51
CA GLY B 126 20.53 -0.68 -4.70
C GLY B 126 21.80 -0.26 -5.43
N ALA B 127 22.65 -1.23 -5.76
CA ALA B 127 23.89 -0.96 -6.48
C ALA B 127 24.02 -1.83 -7.72
N PRO B 128 24.58 -1.27 -8.81
CA PRO B 128 24.73 -2.07 -10.04
C PRO B 128 25.66 -3.27 -9.81
N VAL B 129 25.61 -4.20 -10.75
CA VAL B 129 26.47 -5.38 -10.70
C VAL B 129 27.22 -5.50 -12.03
N VAL B 130 28.54 -5.68 -11.97
CA VAL B 130 29.31 -5.83 -13.20
C VAL B 130 29.93 -7.21 -13.19
N GLY B 131 29.51 -8.05 -14.12
CA GLY B 131 30.04 -9.41 -14.19
C GLY B 131 31.10 -9.60 -15.25
N ILE B 132 32.35 -9.71 -14.82
CA ILE B 132 33.46 -9.91 -15.73
C ILE B 132 33.60 -11.41 -15.92
N ASN B 133 33.01 -11.92 -16.99
CA ASN B 133 33.00 -13.35 -17.28
C ASN B 133 34.23 -13.89 -17.99
N ASP B 134 34.74 -15.02 -17.49
CA ASP B 134 35.90 -15.70 -18.05
C ASP B 134 35.77 -17.14 -17.55
N SER B 135 34.82 -17.86 -18.12
CA SER B 135 34.53 -19.23 -17.75
C SER B 135 34.21 -20.06 -18.97
N GLY B 136 34.62 -21.33 -18.95
CA GLY B 136 34.33 -22.20 -20.08
C GLY B 136 32.95 -22.79 -19.90
N GLY B 137 32.40 -22.66 -18.69
CA GLY B 137 31.07 -23.20 -18.43
C GLY B 137 30.94 -23.98 -17.15
N ALA B 138 30.00 -24.92 -17.14
CA ALA B 138 29.76 -25.73 -15.95
C ALA B 138 30.99 -26.53 -15.54
N ARG B 139 31.13 -26.74 -14.24
CA ARG B 139 32.25 -27.51 -13.74
C ARG B 139 31.83 -28.98 -13.82
N ILE B 140 32.26 -29.65 -14.88
CA ILE B 140 31.92 -31.06 -15.10
C ILE B 140 32.11 -31.93 -13.85
N GLN B 141 33.19 -31.68 -13.12
CA GLN B 141 33.51 -32.47 -11.95
C GLN B 141 32.45 -32.44 -10.86
N GLU B 142 31.65 -31.38 -10.82
CA GLU B 142 30.60 -31.27 -9.81
C GLU B 142 29.19 -31.65 -10.28
N GLY B 143 29.11 -32.22 -11.47
CA GLY B 143 27.83 -32.67 -12.01
C GLY B 143 26.66 -31.70 -11.94
N ALA B 144 25.51 -32.24 -11.56
CA ALA B 144 24.25 -31.50 -11.46
C ALA B 144 24.29 -30.34 -10.47
N LEU B 145 25.20 -30.39 -9.50
CA LEU B 145 25.33 -29.34 -8.51
C LEU B 145 25.80 -28.06 -9.20
N SER B 146 26.58 -28.21 -10.26
CA SER B 146 27.06 -27.03 -10.97
C SER B 146 25.90 -26.38 -11.74
N LEU B 147 24.99 -27.20 -12.27
CA LEU B 147 23.86 -26.66 -12.99
C LEU B 147 22.94 -25.95 -11.98
N GLU B 148 22.78 -26.55 -10.79
CA GLU B 148 21.96 -25.95 -9.74
C GLU B 148 22.54 -24.57 -9.44
N GLY B 149 23.87 -24.48 -9.44
CA GLY B 149 24.53 -23.22 -9.18
C GLY B 149 24.15 -22.17 -10.21
N TYR B 150 24.05 -22.60 -11.47
CA TYR B 150 23.66 -21.71 -12.57
C TYR B 150 22.22 -21.21 -12.38
N GLY B 151 21.33 -22.11 -11.93
CA GLY B 151 19.95 -21.72 -11.70
C GLY B 151 19.89 -20.60 -10.67
N ALA B 152 20.71 -20.71 -9.61
CA ALA B 152 20.73 -19.70 -8.57
C ALA B 152 21.18 -18.33 -9.09
N VAL B 153 22.24 -18.29 -9.90
CA VAL B 153 22.69 -17.02 -10.44
C VAL B 153 21.61 -16.44 -11.34
N PHE B 154 21.08 -17.27 -12.23
CA PHE B 154 20.03 -16.86 -13.16
C PHE B 154 18.85 -16.24 -12.42
N LYS B 155 18.42 -16.87 -11.34
CA LYS B 155 17.29 -16.33 -10.59
C LYS B 155 17.63 -14.96 -10.04
N MET B 156 18.86 -14.79 -9.56
CA MET B 156 19.23 -13.47 -9.07
C MET B 156 19.22 -12.48 -10.25
N ASN B 157 19.64 -12.91 -11.44
CA ASN B 157 19.61 -12.02 -12.61
C ASN B 157 18.18 -11.56 -12.90
N VAL B 158 17.24 -12.50 -12.81
CA VAL B 158 15.83 -12.18 -13.10
C VAL B 158 15.26 -11.24 -12.05
N MET B 159 15.50 -11.55 -10.78
CA MET B 159 15.01 -10.71 -9.71
C MET B 159 15.60 -9.31 -9.76
N ALA B 160 16.82 -9.20 -10.26
CA ALA B 160 17.49 -7.91 -10.34
C ALA B 160 17.11 -7.15 -11.62
N SER B 161 16.51 -7.85 -12.58
CA SER B 161 16.12 -7.26 -13.84
C SER B 161 15.20 -6.05 -13.68
N GLY B 162 15.68 -4.90 -14.13
CA GLY B 162 14.92 -3.67 -14.03
C GLY B 162 14.94 -3.07 -12.62
N VAL B 163 15.74 -3.66 -11.74
CA VAL B 163 15.87 -3.15 -10.37
C VAL B 163 17.24 -2.47 -10.25
N ILE B 164 18.30 -3.21 -10.59
CA ILE B 164 19.65 -2.65 -10.58
C ILE B 164 20.30 -2.95 -11.94
N PRO B 165 20.98 -1.95 -12.53
CA PRO B 165 21.62 -2.16 -13.82
C PRO B 165 22.58 -3.35 -13.76
N GLN B 166 22.56 -4.17 -14.81
CA GLN B 166 23.42 -5.34 -14.84
C GLN B 166 24.26 -5.30 -16.11
N ILE B 167 25.57 -5.26 -15.95
CA ILE B 167 26.48 -5.21 -17.07
C ILE B 167 27.48 -6.34 -17.00
N THR B 168 27.63 -7.04 -18.11
CA THR B 168 28.58 -8.14 -18.17
C THR B 168 29.68 -7.84 -19.16
N ILE B 169 30.91 -8.23 -18.80
CA ILE B 169 32.03 -8.06 -19.69
C ILE B 169 32.36 -9.50 -20.08
N MET B 170 32.27 -9.80 -21.37
CA MET B 170 32.57 -11.15 -21.85
C MET B 170 34.05 -11.16 -22.22
N ALA B 171 34.85 -11.69 -21.30
CA ALA B 171 36.29 -11.77 -21.48
C ALA B 171 36.80 -13.18 -21.35
N GLY B 172 35.99 -14.14 -21.79
CA GLY B 172 36.41 -15.53 -21.70
C GLY B 172 35.80 -16.40 -22.78
N PRO B 173 36.13 -17.70 -22.80
CA PRO B 173 35.63 -18.68 -23.77
C PRO B 173 34.32 -19.31 -23.29
N ALA B 174 33.25 -18.52 -23.23
CA ALA B 174 31.94 -18.99 -22.76
C ALA B 174 31.22 -20.02 -23.64
N ALA B 175 30.81 -21.13 -23.02
CA ALA B 175 30.08 -22.22 -23.67
C ALA B 175 29.04 -22.82 -22.73
N GLY B 176 27.93 -23.28 -23.29
CA GLY B 176 26.87 -23.86 -22.49
C GLY B 176 26.27 -22.89 -21.50
N GLY B 177 26.16 -23.33 -20.24
CA GLY B 177 25.58 -22.52 -19.21
C GLY B 177 26.21 -21.16 -18.95
N ALA B 178 27.48 -21.01 -19.29
CA ALA B 178 28.20 -19.76 -19.06
C ALA B 178 27.70 -18.60 -19.89
N VAL B 179 26.80 -18.86 -20.82
CA VAL B 179 26.34 -17.78 -21.67
C VAL B 179 25.00 -17.16 -21.26
N TYR B 180 24.21 -17.88 -20.47
CA TYR B 180 22.89 -17.40 -20.12
C TYR B 180 22.74 -16.26 -19.11
N SER B 181 23.66 -16.15 -18.16
CA SER B 181 23.58 -15.06 -17.21
C SER B 181 23.83 -13.77 -18.02
N PRO B 182 24.88 -13.75 -18.86
CA PRO B 182 25.13 -12.54 -19.65
C PRO B 182 23.89 -12.16 -20.46
N ALA B 183 23.25 -13.16 -21.06
CA ALA B 183 22.05 -12.91 -21.86
C ALA B 183 20.98 -12.24 -21.01
N LEU B 184 20.90 -12.64 -19.74
CA LEU B 184 19.90 -12.08 -18.81
C LEU B 184 20.22 -10.69 -18.27
N THR B 185 21.47 -10.24 -18.39
CA THR B 185 21.83 -8.91 -17.91
C THR B 185 21.38 -7.91 -18.96
N ASP B 186 21.54 -6.62 -18.71
CA ASP B 186 21.07 -5.61 -19.67
C ASP B 186 22.01 -5.27 -20.81
N PHE B 187 23.30 -5.42 -20.59
CA PHE B 187 24.27 -5.06 -21.62
C PHE B 187 25.46 -6.00 -21.66
N ILE B 188 25.85 -6.39 -22.86
CA ILE B 188 27.03 -7.24 -23.00
C ILE B 188 28.09 -6.48 -23.79
N ILE B 189 29.25 -6.34 -23.16
CA ILE B 189 30.40 -5.68 -23.78
C ILE B 189 31.34 -6.87 -24.02
N MET B 190 31.81 -7.02 -25.24
CA MET B 190 32.69 -8.16 -25.54
C MET B 190 33.92 -7.74 -26.33
N ILE B 191 35.08 -8.31 -25.97
CA ILE B 191 36.31 -7.99 -26.67
C ILE B 191 36.37 -8.87 -27.92
N LYS B 192 36.60 -8.24 -29.05
CA LYS B 192 36.65 -8.93 -30.33
C LYS B 192 37.84 -9.87 -30.51
N GLY B 193 38.96 -9.55 -29.90
CA GLY B 193 40.13 -10.40 -30.05
C GLY B 193 39.87 -11.89 -30.23
N ASP B 194 40.83 -12.57 -30.83
CA ASP B 194 40.75 -14.01 -31.04
C ASP B 194 40.61 -14.57 -29.64
N ALA B 195 40.80 -13.65 -28.69
CA ALA B 195 40.69 -13.90 -27.27
C ALA B 195 39.61 -14.95 -27.05
N TYR B 196 38.35 -14.54 -27.09
CA TYR B 196 37.29 -15.50 -26.85
C TYR B 196 35.91 -15.44 -27.54
N TYR B 197 34.97 -16.20 -26.97
CA TYR B 197 33.68 -16.37 -27.60
C TYR B 197 32.50 -16.76 -26.71
N MET B 198 31.36 -16.98 -27.36
CA MET B 198 30.11 -17.39 -26.71
C MET B 198 29.25 -18.24 -27.64
N PHE B 199 28.79 -19.38 -27.12
CA PHE B 199 27.88 -20.24 -27.83
C PHE B 199 27.31 -21.28 -26.87
N VAL B 200 26.02 -21.54 -27.00
CA VAL B 200 25.31 -22.49 -26.15
C VAL B 200 25.88 -23.90 -26.34
N THR B 201 26.07 -24.29 -27.59
CA THR B 201 26.60 -25.60 -27.92
C THR B 201 27.87 -25.42 -28.76
N GLY B 202 28.93 -26.13 -28.38
CA GLY B 202 30.19 -26.02 -29.10
C GLY B 202 30.21 -26.69 -30.47
N PRO B 203 31.34 -26.58 -31.19
CA PRO B 203 31.56 -27.15 -32.53
C PRO B 203 31.75 -28.67 -32.51
N GLU B 204 32.28 -29.15 -31.38
CA GLU B 204 32.57 -30.57 -31.18
C GLU B 204 31.55 -31.54 -31.77
N ILE B 205 30.31 -31.46 -31.27
CA ILE B 205 29.26 -32.36 -31.71
C ILE B 205 28.98 -32.30 -33.22
N THR B 206 29.41 -31.24 -33.88
CA THR B 206 29.20 -31.10 -35.32
C THR B 206 29.93 -32.18 -36.10
N LYS B 207 31.24 -31.99 -36.33
CA LYS B 207 32.03 -32.96 -37.07
C LYS B 207 31.82 -34.38 -36.55
N VAL B 208 31.52 -34.52 -35.26
CA VAL B 208 31.29 -35.84 -34.67
C VAL B 208 30.06 -36.43 -35.35
N VAL B 209 29.02 -35.62 -35.40
CA VAL B 209 27.74 -35.97 -36.00
C VAL B 209 27.78 -35.85 -37.53
N LEU B 210 28.09 -34.65 -38.01
CA LEU B 210 28.20 -34.39 -39.44
C LEU B 210 29.68 -34.35 -39.79
N GLY B 211 30.04 -33.51 -40.75
CA GLY B 211 31.42 -33.38 -41.15
C GLY B 211 31.70 -31.94 -41.58
N GLU B 212 31.52 -31.00 -40.65
CA GLU B 212 31.75 -29.61 -40.96
C GLU B 212 32.45 -28.85 -39.80
N GLU B 213 33.78 -28.93 -39.77
CA GLU B 213 34.56 -28.26 -38.74
C GLU B 213 34.29 -26.75 -38.75
N VAL B 214 33.91 -26.21 -37.59
CA VAL B 214 33.64 -24.78 -37.49
C VAL B 214 34.48 -24.14 -36.39
N SER B 215 35.16 -23.04 -36.73
CA SER B 215 36.01 -22.33 -35.78
C SER B 215 35.18 -21.70 -34.67
N PHE B 216 35.79 -21.59 -33.49
CA PHE B 216 35.15 -20.98 -32.33
C PHE B 216 34.65 -19.59 -32.68
N GLN B 217 35.50 -18.82 -33.36
CA GLN B 217 35.18 -17.46 -33.76
C GLN B 217 34.05 -17.39 -34.76
N ASP B 218 33.99 -18.35 -35.69
CA ASP B 218 32.93 -18.34 -36.67
C ASP B 218 31.60 -18.76 -36.03
N LEU B 219 31.68 -19.55 -34.96
CA LEU B 219 30.46 -20.00 -34.29
C LEU B 219 29.95 -18.96 -33.30
N GLY B 220 30.84 -18.38 -32.51
CA GLY B 220 30.43 -17.40 -31.52
C GLY B 220 31.45 -16.33 -31.19
N GLY B 221 32.18 -15.87 -32.21
CA GLY B 221 33.16 -14.82 -31.99
C GLY B 221 32.40 -13.53 -31.74
N ALA B 222 33.09 -12.52 -31.22
CA ALA B 222 32.45 -11.24 -30.94
C ALA B 222 31.83 -10.61 -32.17
N VAL B 223 32.36 -10.94 -33.35
CA VAL B 223 31.83 -10.36 -34.58
C VAL B 223 30.44 -10.88 -34.93
N VAL B 224 30.25 -12.20 -34.87
CA VAL B 224 28.93 -12.73 -35.19
C VAL B 224 27.88 -12.22 -34.20
N HIS B 225 28.19 -12.25 -32.90
CA HIS B 225 27.21 -11.80 -31.91
C HIS B 225 26.88 -10.31 -31.96
N ALA B 226 27.84 -9.46 -32.28
CA ALA B 226 27.59 -8.02 -32.35
C ALA B 226 27.02 -7.59 -33.70
N THR B 227 27.27 -8.37 -34.75
CA THR B 227 26.77 -8.01 -36.08
C THR B 227 25.63 -8.89 -36.59
N LYS B 228 25.57 -10.14 -36.16
CA LYS B 228 24.53 -11.04 -36.64
C LYS B 228 23.44 -11.49 -35.66
N SER B 229 23.83 -11.95 -34.46
CA SER B 229 22.85 -12.46 -33.50
C SER B 229 22.24 -11.42 -32.56
N GLY B 230 22.92 -10.28 -32.40
CA GLY B 230 22.43 -9.24 -31.53
C GLY B 230 22.62 -9.53 -30.04
N VAL B 231 23.32 -10.62 -29.73
CA VAL B 231 23.55 -10.99 -28.34
C VAL B 231 24.52 -10.05 -27.63
N VAL B 232 25.43 -9.44 -28.39
CA VAL B 232 26.40 -8.51 -27.82
C VAL B 232 26.03 -7.06 -28.15
N HIS B 233 26.02 -6.20 -27.14
CA HIS B 233 25.67 -4.79 -27.33
C HIS B 233 26.85 -3.91 -27.66
N PHE B 234 28.02 -4.27 -27.16
CA PHE B 234 29.22 -3.48 -27.43
C PHE B 234 30.38 -4.40 -27.75
N MET B 235 30.99 -4.15 -28.91
CA MET B 235 32.15 -4.94 -29.34
C MET B 235 33.37 -4.05 -29.19
N VAL B 236 34.36 -4.53 -28.47
CA VAL B 236 35.54 -3.74 -28.26
C VAL B 236 36.82 -4.52 -28.61
N ASP B 237 37.90 -3.79 -28.84
CA ASP B 237 39.17 -4.41 -29.22
C ASP B 237 40.09 -4.88 -28.10
N SER B 238 39.94 -4.32 -26.90
CA SER B 238 40.79 -4.75 -25.80
C SER B 238 40.04 -4.79 -24.47
N GLU B 239 40.60 -5.54 -23.54
CA GLU B 239 40.01 -5.64 -22.21
C GLU B 239 40.05 -4.27 -21.52
N GLN B 240 41.06 -3.46 -21.86
CA GLN B 240 41.16 -2.13 -21.28
C GLN B 240 40.00 -1.27 -21.76
N GLU B 241 39.68 -1.36 -23.05
CA GLU B 241 38.57 -0.59 -23.61
C GLU B 241 37.27 -1.13 -23.03
N ALA B 242 37.24 -2.43 -22.74
CA ALA B 242 36.05 -3.06 -22.20
C ALA B 242 35.70 -2.49 -20.82
N ILE B 243 36.68 -2.36 -19.92
CA ILE B 243 36.35 -1.80 -18.61
C ILE B 243 36.19 -0.27 -18.66
N ASN B 244 36.78 0.38 -19.66
CA ASN B 244 36.64 1.83 -19.80
C ASN B 244 35.23 2.11 -20.30
N LEU B 245 34.77 1.29 -21.24
CA LEU B 245 33.43 1.46 -21.77
C LEU B 245 32.44 1.15 -20.64
N THR B 246 32.78 0.19 -19.78
CA THR B 246 31.93 -0.19 -18.66
C THR B 246 31.72 1.00 -17.73
N LYS B 247 32.79 1.71 -17.43
CA LYS B 247 32.71 2.89 -16.58
C LYS B 247 31.90 3.98 -17.27
N ARG B 248 32.08 4.10 -18.58
CA ARG B 248 31.31 5.10 -19.31
C ARG B 248 29.82 4.75 -19.31
N LEU B 249 29.49 3.47 -19.45
CA LEU B 249 28.09 3.04 -19.46
C LEU B 249 27.48 3.37 -18.11
N LEU B 250 28.16 2.98 -17.04
CA LEU B 250 27.70 3.24 -15.69
C LEU B 250 27.44 4.74 -15.46
N SER B 251 28.20 5.60 -16.13
CA SER B 251 28.02 7.03 -15.97
C SER B 251 26.66 7.54 -16.47
N TYR B 252 26.03 6.80 -17.38
CA TYR B 252 24.73 7.23 -17.90
C TYR B 252 23.59 6.60 -17.12
N LEU B 253 23.91 5.60 -16.30
CA LEU B 253 22.90 4.88 -15.54
C LEU B 253 22.78 5.23 -14.05
N PRO B 254 21.58 5.07 -13.48
CA PRO B 254 21.40 5.35 -12.06
C PRO B 254 21.85 4.08 -11.35
N SER B 255 22.03 4.13 -10.03
CA SER B 255 22.47 2.96 -9.27
C SER B 255 21.38 1.88 -9.15
N ASN B 256 20.12 2.31 -9.20
CA ASN B 256 18.99 1.40 -9.08
C ASN B 256 17.75 2.06 -9.67
N ASN B 257 16.65 1.32 -9.75
CA ASN B 257 15.43 1.85 -10.35
C ASN B 257 14.74 2.95 -9.56
N MET B 258 15.18 3.16 -8.32
CA MET B 258 14.57 4.19 -7.47
C MET B 258 15.28 5.53 -7.58
N GLU B 259 16.28 5.63 -8.45
CA GLU B 259 16.99 6.89 -8.59
C GLU B 259 16.93 7.43 -10.01
N GLU B 260 17.11 8.74 -10.10
CA GLU B 260 17.12 9.48 -11.35
C GLU B 260 18.52 9.28 -11.91
N PRO B 261 18.68 9.27 -13.24
CA PRO B 261 20.05 9.11 -13.75
C PRO B 261 20.85 10.37 -13.42
N PRO B 262 22.19 10.26 -13.29
CA PRO B 262 23.09 11.36 -12.96
C PRO B 262 23.26 12.53 -13.95
N TYR B 263 23.46 13.74 -13.40
CA TYR B 263 23.62 14.99 -14.16
C TYR B 263 24.98 15.24 -14.82
N ILE B 264 26.01 14.59 -14.28
CA ILE B 264 27.39 14.67 -14.78
C ILE B 264 27.84 15.77 -15.77
N ASP B 265 28.40 16.85 -15.23
CA ASP B 265 28.98 17.99 -15.98
C ASP B 265 28.16 19.18 -16.52
N THR B 266 28.19 20.28 -15.78
CA THR B 266 27.50 21.53 -16.12
C THR B 266 27.06 21.62 -17.59
N GLY B 267 25.75 21.70 -17.79
CA GLY B 267 25.20 21.77 -19.14
C GLY B 267 24.08 22.78 -19.30
N ASP B 268 24.45 24.05 -19.47
CA ASP B 268 23.46 25.11 -19.63
C ASP B 268 23.25 25.57 -21.10
N PRO B 269 24.15 25.16 -22.03
CA PRO B 269 24.01 25.57 -23.42
C PRO B 269 22.74 25.08 -24.13
N ALA B 270 21.60 25.18 -23.46
CA ALA B 270 20.34 24.77 -24.05
C ALA B 270 19.92 25.81 -25.10
N ASP B 271 20.21 25.54 -26.38
CA ASP B 271 19.87 26.45 -27.48
C ASP B 271 19.92 25.87 -28.91
N ARG B 272 20.22 26.72 -29.89
CA ARG B 272 20.25 26.33 -31.31
C ARG B 272 21.26 25.28 -31.79
N ASP B 273 21.15 24.96 -33.08
CA ASP B 273 22.03 23.98 -33.74
C ASP B 273 23.02 24.60 -34.74
N ALA B 274 23.72 25.63 -34.28
CA ALA B 274 24.71 26.35 -35.09
C ALA B 274 24.36 26.33 -36.57
N THR B 275 23.43 27.21 -36.96
CA THR B 275 22.97 27.30 -38.35
C THR B 275 23.34 26.08 -39.21
N GLY B 276 22.52 25.03 -39.17
CA GLY B 276 22.84 23.87 -39.98
C GLY B 276 22.12 22.55 -39.81
N VAL B 277 21.28 22.40 -38.79
CA VAL B 277 20.61 21.12 -38.62
C VAL B 277 19.61 20.82 -39.73
N GLU B 278 19.00 21.86 -40.31
CA GLU B 278 18.04 21.64 -41.37
C GLU B 278 18.72 21.37 -42.71
N GLN B 279 20.04 21.45 -42.73
CA GLN B 279 20.82 21.23 -43.95
C GLN B 279 21.03 19.75 -44.18
N ILE B 280 21.15 18.99 -43.09
CA ILE B 280 21.38 17.55 -43.19
C ILE B 280 20.32 16.80 -43.98
N VAL B 281 19.10 17.32 -43.99
CA VAL B 281 18.03 16.66 -44.74
C VAL B 281 18.00 17.17 -46.16
N PRO B 282 18.25 16.27 -47.14
CA PRO B 282 18.26 16.60 -48.56
C PRO B 282 16.91 17.14 -49.02
N ASN B 283 16.93 18.01 -50.03
CA ASN B 283 15.70 18.56 -50.57
C ASN B 283 15.05 17.42 -51.33
N ASP B 284 15.90 16.55 -51.88
CA ASP B 284 15.45 15.38 -52.61
C ASP B 284 14.94 14.35 -51.61
N ALA B 285 13.61 14.25 -51.49
CA ALA B 285 12.98 13.33 -50.54
C ALA B 285 13.42 11.87 -50.68
N ALA B 286 14.17 11.56 -51.75
CA ALA B 286 14.62 10.20 -51.98
C ALA B 286 16.10 10.00 -51.66
N LYS B 287 16.78 11.08 -51.26
CA LYS B 287 18.19 11.02 -50.93
C LYS B 287 18.41 10.80 -49.42
N PRO B 288 19.33 9.89 -49.06
CA PRO B 288 19.61 9.61 -47.65
C PRO B 288 20.49 10.69 -46.99
N TYR B 289 20.72 10.50 -45.70
CA TYR B 289 21.56 11.40 -44.89
C TYR B 289 21.83 10.63 -43.61
N ASN B 290 22.87 11.03 -42.87
CA ASN B 290 23.20 10.35 -41.63
C ASN B 290 22.42 10.95 -40.47
N MET B 291 21.52 10.15 -39.91
CA MET B 291 20.68 10.58 -38.79
C MET B 291 21.52 10.96 -37.57
N ARG B 292 22.67 10.30 -37.41
CA ARG B 292 23.55 10.59 -36.28
C ARG B 292 23.98 12.06 -36.25
N GLU B 293 24.07 12.68 -37.42
CA GLU B 293 24.46 14.09 -37.48
C GLU B 293 23.40 14.98 -36.86
N ILE B 294 22.14 14.62 -37.05
CA ILE B 294 21.04 15.41 -36.49
C ILE B 294 21.12 15.29 -34.97
N ILE B 295 21.28 14.07 -34.46
CA ILE B 295 21.37 13.88 -33.03
C ILE B 295 22.60 14.58 -32.44
N TYR B 296 23.75 14.44 -33.11
CA TYR B 296 24.98 15.08 -32.62
C TYR B 296 24.69 16.55 -32.31
N LYS B 297 23.97 17.20 -33.21
CA LYS B 297 23.63 18.61 -33.07
C LYS B 297 22.59 18.89 -31.99
N ILE B 298 21.77 17.88 -31.68
CA ILE B 298 20.74 18.05 -30.67
C ILE B 298 21.28 17.91 -29.25
N VAL B 299 22.03 16.85 -29.01
CA VAL B 299 22.56 16.56 -27.68
C VAL B 299 23.81 17.33 -27.24
N ASP B 300 24.10 17.27 -25.93
CA ASP B 300 25.24 17.98 -25.36
C ASP B 300 26.59 17.56 -25.97
N ASN B 301 27.32 18.55 -26.45
CA ASN B 301 28.65 18.34 -27.04
C ASN B 301 28.69 17.26 -28.13
N GLY B 302 27.51 16.94 -28.69
CA GLY B 302 27.43 15.92 -29.73
C GLY B 302 27.74 14.52 -29.24
N GLU B 303 27.90 14.38 -27.93
CA GLU B 303 28.22 13.10 -27.29
C GLU B 303 27.10 12.08 -27.43
N PHE B 304 27.47 10.86 -27.85
CA PHE B 304 26.47 9.81 -28.02
C PHE B 304 27.07 8.41 -27.87
N LEU B 305 26.55 7.63 -26.93
CA LEU B 305 27.03 6.26 -26.71
C LEU B 305 26.01 5.32 -27.34
N GLU B 306 26.31 4.84 -28.54
CA GLU B 306 25.41 3.96 -29.28
C GLU B 306 25.44 2.52 -28.79
N VAL B 307 24.25 1.95 -28.60
CA VAL B 307 24.11 0.58 -28.16
C VAL B 307 23.79 -0.27 -29.38
N HIS B 308 24.18 -1.54 -29.38
CA HIS B 308 23.93 -2.41 -30.53
C HIS B 308 24.36 -1.74 -31.85
N LYS B 309 25.44 -0.96 -31.78
CA LYS B 309 25.99 -0.23 -32.93
C LYS B 309 26.11 -0.96 -34.28
N HIS B 310 26.61 -2.19 -34.28
CA HIS B 310 26.76 -2.93 -35.54
C HIS B 310 25.71 -3.97 -35.86
N TRP B 311 24.62 -3.96 -35.11
CA TRP B 311 23.52 -4.90 -35.33
C TRP B 311 22.24 -4.11 -35.62
N ALA B 312 21.44 -4.58 -36.58
CA ALA B 312 20.19 -3.92 -36.94
C ALA B 312 20.42 -2.41 -37.07
N GLN B 313 21.34 -2.06 -37.96
CA GLN B 313 21.70 -0.67 -38.17
C GLN B 313 20.62 0.19 -38.83
N ASN B 314 19.49 -0.41 -39.16
CA ASN B 314 18.42 0.38 -39.76
C ASN B 314 17.79 1.31 -38.72
N ILE B 315 18.05 1.06 -37.43
CA ILE B 315 17.58 1.94 -36.35
C ILE B 315 18.77 2.25 -35.45
N ILE B 316 18.71 3.36 -34.75
CA ILE B 316 19.81 3.67 -33.86
C ILE B 316 19.31 4.01 -32.45
N VAL B 317 19.91 3.35 -31.47
CA VAL B 317 19.56 3.60 -30.08
C VAL B 317 20.85 3.80 -29.32
N GLY B 318 20.78 4.63 -28.28
CA GLY B 318 21.95 4.91 -27.47
C GLY B 318 21.64 5.98 -26.45
N PHE B 319 22.62 6.28 -25.60
CA PHE B 319 22.44 7.29 -24.58
C PHE B 319 23.15 8.59 -24.91
N ALA B 320 22.63 9.67 -24.35
CA ALA B 320 23.21 10.99 -24.55
C ALA B 320 22.70 11.84 -23.41
N ARG B 321 23.01 13.14 -23.47
CA ARG B 321 22.58 14.07 -22.46
C ARG B 321 22.03 15.31 -23.14
N ILE B 322 20.97 15.85 -22.55
CA ILE B 322 20.31 17.05 -23.05
C ILE B 322 20.28 17.97 -21.83
N ALA B 323 20.89 19.14 -21.95
CA ALA B 323 20.92 20.06 -20.82
C ALA B 323 21.37 19.34 -19.55
N GLY B 324 22.39 18.51 -19.66
CA GLY B 324 22.91 17.82 -18.50
C GLY B 324 22.23 16.53 -18.09
N ASN B 325 21.01 16.30 -18.58
CA ASN B 325 20.28 15.07 -18.23
C ASN B 325 20.35 13.98 -19.30
N VAL B 326 20.56 12.75 -18.86
CA VAL B 326 20.65 11.64 -19.78
C VAL B 326 19.31 11.32 -20.44
N VAL B 327 19.40 10.96 -21.71
CA VAL B 327 18.23 10.61 -22.51
C VAL B 327 18.52 9.39 -23.33
N GLY B 328 17.45 8.69 -23.72
CA GLY B 328 17.59 7.51 -24.54
C GLY B 328 17.05 7.91 -25.90
N ILE B 329 17.76 7.54 -26.96
CA ILE B 329 17.29 7.90 -28.29
C ILE B 329 16.96 6.68 -29.15
N VAL B 330 15.90 6.82 -29.94
CA VAL B 330 15.49 5.79 -30.87
C VAL B 330 15.23 6.59 -32.14
N ALA B 331 16.06 6.37 -33.16
CA ALA B 331 15.95 7.08 -34.41
C ALA B 331 16.15 6.14 -35.59
N ASN B 332 15.32 6.28 -36.61
CA ASN B 332 15.43 5.44 -37.79
C ASN B 332 16.69 5.90 -38.52
N ASN B 333 17.32 4.99 -39.25
CA ASN B 333 18.55 5.29 -39.98
C ASN B 333 18.32 5.18 -41.49
N PRO B 334 18.23 6.31 -42.20
CA PRO B 334 18.02 6.39 -43.65
C PRO B 334 19.09 5.72 -44.52
N GLU B 335 20.20 5.30 -43.90
CA GLU B 335 21.29 4.66 -44.65
C GLU B 335 21.23 3.14 -44.67
N GLU B 336 20.30 2.56 -43.94
CA GLU B 336 20.19 1.10 -43.91
C GLU B 336 18.76 0.69 -44.15
N PHE B 337 18.57 -0.04 -45.25
CA PHE B 337 17.26 -0.51 -45.65
C PHE B 337 16.26 0.64 -45.73
N GLY B 338 16.78 1.85 -45.94
CA GLY B 338 15.93 3.03 -46.05
C GLY B 338 15.20 3.47 -44.79
N GLY B 339 15.70 3.07 -43.62
CA GLY B 339 15.03 3.45 -42.39
C GLY B 339 13.86 2.54 -42.08
N SER B 340 13.59 1.59 -42.97
CA SER B 340 12.50 0.65 -42.74
C SER B 340 12.88 -0.21 -41.54
N ILE B 341 11.91 -0.54 -40.69
CA ILE B 341 12.23 -1.36 -39.55
C ILE B 341 11.92 -2.82 -39.88
N ASP B 342 12.62 -3.73 -39.21
CA ASP B 342 12.42 -5.16 -39.41
C ASP B 342 12.51 -5.85 -38.06
N ILE B 343 12.58 -7.17 -38.10
CA ILE B 343 12.66 -7.99 -36.89
C ILE B 343 13.80 -7.60 -35.93
N ASP B 344 15.03 -7.59 -36.45
CA ASP B 344 16.18 -7.26 -35.63
C ASP B 344 16.09 -5.84 -35.08
N ALA B 345 15.68 -4.89 -35.93
CA ALA B 345 15.55 -3.51 -35.50
C ALA B 345 14.50 -3.41 -34.39
N ALA B 346 13.39 -4.10 -34.58
CA ALA B 346 12.32 -4.06 -33.58
C ALA B 346 12.83 -4.62 -32.25
N ASP B 347 13.62 -5.70 -32.31
CA ASP B 347 14.15 -6.29 -31.08
C ASP B 347 15.10 -5.32 -30.40
N LYS B 348 16.00 -4.75 -31.19
CA LYS B 348 16.97 -3.79 -30.69
C LYS B 348 16.31 -2.60 -30.01
N ALA B 349 15.38 -1.95 -30.71
CA ALA B 349 14.71 -0.78 -30.14
C ALA B 349 13.83 -1.10 -28.92
N ALA B 350 13.05 -2.16 -29.01
CA ALA B 350 12.15 -2.51 -27.91
C ALA B 350 12.88 -2.79 -26.61
N ARG B 351 13.97 -3.56 -26.69
CA ARG B 351 14.76 -3.90 -25.53
C ARG B 351 15.29 -2.60 -24.94
N PHE B 352 15.88 -1.75 -25.78
CA PHE B 352 16.43 -0.48 -25.35
C PHE B 352 15.38 0.39 -24.66
N ILE B 353 14.19 0.42 -25.25
CA ILE B 353 13.09 1.20 -24.70
C ILE B 353 12.67 0.71 -23.31
N ARG B 354 12.59 -0.61 -23.13
CA ARG B 354 12.17 -1.15 -21.85
C ARG B 354 13.21 -0.93 -20.75
N PHE B 355 14.48 -0.91 -21.13
CA PHE B 355 15.56 -0.70 -20.18
C PHE B 355 15.54 0.75 -19.70
N CYS B 356 15.39 1.67 -20.64
CA CYS B 356 15.35 3.08 -20.30
C CYS B 356 14.21 3.39 -19.34
N ASP B 357 13.03 2.85 -19.63
CA ASP B 357 11.86 3.05 -18.80
C ASP B 357 12.05 2.53 -17.37
N ALA B 358 12.56 1.30 -17.26
CA ALA B 358 12.79 0.68 -15.96
C ALA B 358 13.73 1.51 -15.11
N PHE B 359 14.69 2.14 -15.77
CA PHE B 359 15.66 2.94 -15.04
C PHE B 359 15.52 4.44 -15.14
N ASN B 360 14.27 4.87 -15.36
CA ASN B 360 13.87 6.26 -15.40
C ASN B 360 14.56 7.20 -16.39
N ILE B 361 14.97 6.68 -17.53
CA ILE B 361 15.63 7.48 -18.56
C ILE B 361 14.59 7.92 -19.60
N PRO B 362 14.42 9.24 -19.80
CA PRO B 362 13.45 9.77 -20.78
C PRO B 362 13.78 9.24 -22.19
N LEU B 363 12.77 9.21 -23.06
CA LEU B 363 12.98 8.70 -24.41
C LEU B 363 12.57 9.68 -25.53
N ILE B 364 13.50 9.97 -26.44
CA ILE B 364 13.14 10.81 -27.56
C ILE B 364 13.28 9.99 -28.85
N SER B 365 12.23 10.08 -29.67
CA SER B 365 12.15 9.37 -30.94
C SER B 365 12.43 10.33 -32.08
N LEU B 366 13.30 9.95 -33.01
CA LEU B 366 13.61 10.78 -34.17
C LEU B 366 13.09 9.94 -35.30
N VAL B 367 12.11 10.46 -36.03
CA VAL B 367 11.45 9.68 -37.07
C VAL B 367 11.61 9.98 -38.55
N ASP B 368 11.93 8.92 -39.28
CA ASP B 368 12.06 8.95 -40.74
C ASP B 368 12.08 7.50 -41.23
N THR B 369 10.90 6.89 -41.28
CA THR B 369 10.77 5.51 -41.72
C THR B 369 9.57 5.31 -42.65
N PRO B 370 9.77 4.55 -43.74
CA PRO B 370 8.71 4.30 -44.71
C PRO B 370 7.82 3.10 -44.34
N GLY B 371 8.18 2.37 -43.30
CA GLY B 371 7.41 1.21 -42.89
C GLY B 371 8.34 0.06 -42.58
N TYR B 372 7.88 -1.16 -42.80
CA TYR B 372 8.68 -2.36 -42.53
C TYR B 372 9.27 -2.96 -43.81
N VAL B 373 10.28 -3.79 -43.65
CA VAL B 373 10.89 -4.44 -44.78
C VAL B 373 9.96 -5.61 -45.11
N PRO B 374 9.54 -5.73 -46.38
CA PRO B 374 8.64 -6.80 -46.83
C PRO B 374 9.36 -8.10 -47.15
N GLY B 375 8.61 -9.09 -47.60
CA GLY B 375 9.20 -10.37 -47.96
C GLY B 375 8.81 -11.53 -47.06
N THR B 376 8.78 -12.72 -47.65
CA THR B 376 8.43 -13.91 -46.90
C THR B 376 9.42 -14.13 -45.75
N ASP B 377 10.67 -13.75 -45.96
CA ASP B 377 11.69 -13.91 -44.94
C ASP B 377 11.36 -13.21 -43.63
N GLN B 378 10.73 -12.06 -43.72
CA GLN B 378 10.35 -11.32 -42.53
C GLN B 378 9.07 -11.89 -41.94
N GLU B 379 8.09 -12.20 -42.80
CA GLU B 379 6.82 -12.77 -42.34
C GLU B 379 7.07 -14.15 -41.72
N TYR B 380 7.85 -14.97 -42.42
CA TYR B 380 8.16 -16.31 -41.94
C TYR B 380 8.89 -16.29 -40.61
N LYS B 381 9.68 -15.26 -40.37
CA LYS B 381 10.42 -15.15 -39.12
C LYS B 381 9.64 -14.39 -38.04
N GLY B 382 8.36 -14.14 -38.30
CA GLY B 382 7.52 -13.47 -37.34
C GLY B 382 7.62 -11.97 -37.15
N ILE B 383 7.73 -11.21 -38.23
CA ILE B 383 7.80 -9.75 -38.09
C ILE B 383 6.54 -9.26 -37.38
N ILE B 384 5.45 -10.03 -37.46
CA ILE B 384 4.19 -9.65 -36.79
C ILE B 384 4.42 -9.51 -35.28
N ARG B 385 4.94 -10.56 -34.65
CA ARG B 385 5.18 -10.55 -33.22
C ARG B 385 6.41 -9.75 -32.79
N HIS B 386 7.42 -9.65 -33.64
CA HIS B 386 8.62 -8.91 -33.30
C HIS B 386 8.33 -7.42 -33.37
N GLY B 387 7.68 -7.01 -34.45
CA GLY B 387 7.35 -5.60 -34.61
C GLY B 387 6.45 -5.10 -33.50
N ALA B 388 5.60 -5.97 -32.95
CA ALA B 388 4.69 -5.55 -31.88
C ALA B 388 5.47 -5.23 -30.61
N LYS B 389 6.65 -5.82 -30.44
CA LYS B 389 7.44 -5.54 -29.25
C LYS B 389 7.69 -4.03 -29.02
N MET B 390 7.93 -3.27 -30.08
CA MET B 390 8.16 -1.84 -29.93
C MET B 390 6.88 -1.17 -29.48
N LEU B 391 5.76 -1.59 -30.07
CA LEU B 391 4.47 -1.03 -29.73
C LEU B 391 4.25 -1.22 -28.24
N TYR B 392 4.45 -2.44 -27.78
CA TYR B 392 4.28 -2.78 -26.38
C TYR B 392 5.24 -1.92 -25.55
N ALA B 393 6.51 -1.94 -25.93
CA ALA B 393 7.54 -1.18 -25.21
C ALA B 393 7.18 0.29 -24.97
N PHE B 394 6.83 1.00 -26.03
CA PHE B 394 6.46 2.41 -25.87
C PHE B 394 5.16 2.55 -25.06
N ALA B 395 4.16 1.72 -25.36
CA ALA B 395 2.88 1.81 -24.66
C ALA B 395 3.06 1.61 -23.16
N GLU B 396 3.90 0.66 -22.80
CA GLU B 396 4.20 0.32 -21.41
C GLU B 396 4.96 1.43 -20.67
N ALA B 397 5.92 2.04 -21.36
CA ALA B 397 6.76 3.09 -20.78
C ALA B 397 6.02 4.28 -20.16
N THR B 398 6.47 4.68 -18.97
CA THR B 398 5.89 5.81 -18.28
C THR B 398 6.89 6.96 -18.15
N VAL B 399 8.16 6.75 -18.52
CA VAL B 399 9.11 7.84 -18.44
C VAL B 399 8.69 8.86 -19.49
N PRO B 400 9.28 10.04 -19.48
CA PRO B 400 8.93 11.04 -20.48
C PRO B 400 9.17 10.50 -21.89
N LYS B 401 8.33 10.87 -22.85
CA LYS B 401 8.48 10.40 -24.23
C LYS B 401 8.10 11.49 -25.20
N ILE B 402 9.09 11.95 -25.97
CA ILE B 402 8.86 13.00 -26.94
C ILE B 402 9.26 12.54 -28.34
N THR B 403 8.37 12.71 -29.30
CA THR B 403 8.68 12.31 -30.67
C THR B 403 8.94 13.55 -31.52
N VAL B 404 10.04 13.52 -32.27
CA VAL B 404 10.37 14.59 -33.18
C VAL B 404 10.37 13.90 -34.55
N ILE B 405 9.45 14.30 -35.42
CA ILE B 405 9.38 13.69 -36.73
C ILE B 405 10.18 14.48 -37.76
N VAL B 406 11.31 13.92 -38.18
CA VAL B 406 12.19 14.56 -39.15
C VAL B 406 11.62 14.52 -40.55
N ARG B 407 11.28 13.34 -41.05
CA ARG B 407 10.75 13.23 -42.40
C ARG B 407 9.57 12.24 -42.51
N LYS B 408 9.82 11.09 -43.14
CA LYS B 408 8.81 10.05 -43.34
C LYS B 408 8.34 9.38 -42.05
N SER B 409 7.04 9.14 -41.97
CA SER B 409 6.43 8.49 -40.82
C SER B 409 5.16 7.80 -41.33
N TYR B 410 5.34 6.64 -41.95
CA TYR B 410 4.23 5.89 -42.54
C TYR B 410 3.73 4.64 -41.83
N GLY B 411 2.44 4.40 -42.01
CA GLY B 411 1.78 3.22 -41.46
C GLY B 411 2.16 2.76 -40.07
N GLY B 412 2.35 1.45 -39.93
CA GLY B 412 2.71 0.88 -38.64
C GLY B 412 4.01 1.42 -38.07
N ALA B 413 4.98 1.70 -38.93
CA ALA B 413 6.27 2.24 -38.48
C ALA B 413 6.02 3.55 -37.73
N HIS B 414 5.16 4.38 -38.30
CA HIS B 414 4.77 5.66 -37.73
C HIS B 414 4.29 5.45 -36.29
N ILE B 415 3.38 4.48 -36.11
CA ILE B 415 2.84 4.16 -34.81
C ILE B 415 3.90 3.55 -33.88
N ALA B 416 4.71 2.66 -34.42
CA ALA B 416 5.76 2.01 -33.63
C ALA B 416 6.86 2.95 -33.12
N MET B 417 6.91 4.16 -33.65
CA MET B 417 7.94 5.12 -33.23
C MET B 417 7.44 6.02 -32.11
N SER B 418 6.18 5.79 -31.72
CA SER B 418 5.49 6.50 -30.64
C SER B 418 4.68 7.74 -31.02
N ILE B 419 3.36 7.56 -31.03
CA ILE B 419 2.40 8.62 -31.36
C ILE B 419 1.54 8.82 -30.10
N LYS B 420 0.78 9.90 -30.05
CA LYS B 420 -0.05 10.20 -28.89
C LYS B 420 -0.97 9.10 -28.37
N SER B 421 -1.70 8.45 -29.27
CA SER B 421 -2.60 7.38 -28.83
C SER B 421 -1.84 6.22 -28.19
N LEU B 422 -0.56 6.08 -28.54
CA LEU B 422 0.28 5.02 -27.96
C LEU B 422 1.01 5.52 -26.70
N GLY B 423 0.76 6.77 -26.33
CA GLY B 423 1.38 7.28 -25.12
C GLY B 423 2.39 8.41 -25.24
N ALA B 424 2.65 8.90 -26.45
CA ALA B 424 3.61 9.99 -26.58
C ALA B 424 3.11 11.19 -25.79
N ASP B 425 3.98 11.79 -24.98
CA ASP B 425 3.60 12.96 -24.19
C ASP B 425 3.55 14.18 -25.10
N LEU B 426 4.57 14.32 -25.93
CA LEU B 426 4.67 15.43 -26.87
C LEU B 426 5.10 14.95 -28.25
N VAL B 427 4.48 15.48 -29.29
CA VAL B 427 4.83 15.13 -30.65
C VAL B 427 5.13 16.42 -31.40
N TYR B 428 6.29 16.45 -32.06
CA TYR B 428 6.68 17.62 -32.84
C TYR B 428 7.15 17.16 -34.21
N ALA B 429 6.99 18.03 -35.20
CA ALA B 429 7.39 17.69 -36.56
C ALA B 429 8.08 18.83 -37.26
N TRP B 430 9.12 18.52 -38.02
CA TRP B 430 9.83 19.54 -38.78
C TRP B 430 8.95 19.81 -40.00
N PRO B 431 9.15 20.95 -40.66
CA PRO B 431 8.36 21.31 -41.85
C PRO B 431 8.56 20.27 -42.95
N THR B 432 9.55 19.40 -42.78
CA THR B 432 9.89 18.38 -43.76
C THR B 432 9.23 17.03 -43.50
N ALA B 433 8.49 16.94 -42.40
CA ALA B 433 7.81 15.69 -42.04
C ALA B 433 6.72 15.30 -43.05
N GLU B 434 6.46 14.00 -43.12
CA GLU B 434 5.44 13.43 -44.00
C GLU B 434 4.79 12.26 -43.29
N ILE B 435 3.64 12.47 -42.68
CA ILE B 435 2.97 11.38 -41.99
C ILE B 435 1.78 10.91 -42.83
N ALA B 436 1.82 9.63 -43.24
CA ALA B 436 0.76 9.07 -44.06
C ALA B 436 0.37 7.67 -43.60
N VAL B 437 -0.88 7.31 -43.87
CA VAL B 437 -1.42 6.00 -43.51
C VAL B 437 -0.54 4.90 -44.08
N THR B 438 0.00 5.12 -45.28
CA THR B 438 0.94 4.18 -45.92
C THR B 438 1.64 5.00 -46.99
N GLY B 439 2.71 4.46 -47.59
CA GLY B 439 3.41 5.19 -48.62
C GLY B 439 2.39 5.78 -49.59
N PRO B 440 2.52 7.06 -49.99
CA PRO B 440 1.57 7.68 -50.91
C PRO B 440 1.23 6.84 -52.15
N GLU B 441 2.23 6.19 -52.74
CA GLU B 441 1.96 5.36 -53.90
C GLU B 441 0.96 4.28 -53.53
N GLY B 442 1.29 3.52 -52.50
CA GLY B 442 0.41 2.46 -52.05
C GLY B 442 -0.97 2.97 -51.69
N ALA B 443 -1.04 4.21 -51.19
CA ALA B 443 -2.31 4.81 -50.79
C ALA B 443 -3.25 5.02 -51.98
N VAL B 444 -2.79 5.78 -52.98
CA VAL B 444 -3.59 6.08 -54.16
C VAL B 444 -3.75 4.86 -55.06
N ARG B 445 -2.76 4.00 -55.05
CA ARG B 445 -2.82 2.82 -55.90
C ARG B 445 -3.94 1.89 -55.47
N ILE B 446 -4.75 2.32 -54.51
CA ILE B 446 -5.88 1.52 -54.07
C ILE B 446 -7.06 2.43 -53.70
N LEU B 447 -6.84 3.73 -53.78
CA LEU B 447 -7.87 4.73 -53.49
C LEU B 447 -8.49 5.03 -54.84
N TYR B 448 -7.66 5.01 -55.87
CA TYR B 448 -8.07 5.30 -57.23
C TYR B 448 -7.86 4.12 -58.15
N ARG B 449 -7.97 2.92 -57.59
CA ARG B 449 -7.83 1.70 -58.36
C ARG B 449 -8.89 1.79 -59.47
N LYS B 450 -9.93 2.58 -59.22
CA LYS B 450 -11.01 2.76 -60.18
C LYS B 450 -11.12 4.18 -60.73
N GLU B 451 -9.98 4.71 -61.15
CA GLU B 451 -9.90 6.04 -61.73
C GLU B 451 -8.62 6.10 -62.53
N ILE B 452 -8.03 4.93 -62.75
CA ILE B 452 -6.78 4.84 -63.50
C ILE B 452 -7.02 4.92 -65.01
N GLN B 453 -7.78 3.97 -65.55
CA GLN B 453 -8.02 3.95 -66.99
C GLN B 453 -9.31 4.63 -67.43
N GLN B 454 -10.36 4.50 -66.62
CA GLN B 454 -11.66 5.10 -66.95
C GLN B 454 -11.51 6.59 -67.23
N ALA B 455 -10.73 7.27 -66.39
CA ALA B 455 -10.48 8.69 -66.58
C ALA B 455 -9.79 8.80 -67.94
N SER B 456 -9.92 9.94 -68.59
CA SER B 456 -9.30 10.13 -69.91
C SER B 456 -7.78 10.16 -69.82
N ASN B 457 -7.22 9.19 -69.09
CA ASN B 457 -5.77 9.08 -68.90
C ASN B 457 -5.36 7.62 -68.68
N PRO B 458 -4.37 7.12 -69.45
CA PRO B 458 -3.89 5.73 -69.30
C PRO B 458 -2.55 5.52 -68.59
N ASP B 459 -2.61 5.23 -67.29
CA ASP B 459 -1.44 4.94 -66.43
C ASP B 459 -0.40 6.06 -66.22
N ASP B 460 -0.68 7.26 -66.71
CA ASP B 460 0.26 8.37 -66.51
C ASP B 460 -0.49 9.47 -65.76
N VAL B 461 -0.61 10.63 -66.43
CA VAL B 461 -1.30 11.80 -65.89
C VAL B 461 -1.31 11.78 -64.37
N LEU B 462 -0.11 11.74 -63.82
CA LEU B 462 0.07 11.68 -62.37
C LEU B 462 -0.43 12.92 -61.61
N LYS B 463 -0.34 14.09 -62.23
CA LYS B 463 -0.76 15.37 -61.61
C LYS B 463 -2.08 15.37 -60.81
N GLN B 464 -2.62 14.19 -60.50
CA GLN B 464 -3.87 14.10 -59.74
C GLN B 464 -3.90 13.03 -58.63
N ARG B 465 -2.90 12.15 -58.59
CA ARG B 465 -2.86 11.08 -57.57
C ARG B 465 -1.72 11.14 -56.54
N ILE B 466 -0.59 10.46 -56.78
CA ILE B 466 0.50 10.46 -55.80
C ILE B 466 1.20 11.80 -55.59
N ALA B 467 1.21 12.65 -56.62
CA ALA B 467 1.83 13.96 -56.52
C ALA B 467 0.82 14.84 -55.81
N GLU B 468 -0.45 14.54 -56.05
CA GLU B 468 -1.53 15.30 -55.44
C GLU B 468 -1.67 14.87 -53.98
N TYR B 469 -1.65 13.56 -53.75
CA TYR B 469 -1.78 13.03 -52.38
C TYR B 469 -0.66 13.57 -51.51
N ARG B 470 0.53 13.70 -52.09
CA ARG B 470 1.68 14.20 -51.37
C ARG B 470 1.47 15.67 -50.99
N LYS B 471 1.07 16.47 -51.97
CA LYS B 471 0.84 17.89 -51.73
C LYS B 471 -0.38 18.08 -50.84
N LEU B 472 -1.17 17.03 -50.68
CA LEU B 472 -2.39 17.09 -49.88
C LEU B 472 -2.27 16.42 -48.52
N PHE B 473 -1.37 15.45 -48.39
CA PHE B 473 -1.21 14.73 -47.13
C PHE B 473 0.23 14.52 -46.66
N ALA B 474 1.17 14.43 -47.60
CA ALA B 474 2.57 14.22 -47.27
C ALA B 474 3.17 15.49 -46.65
N ASN B 475 2.67 15.81 -45.46
CA ASN B 475 3.11 16.98 -44.72
C ASN B 475 2.70 16.78 -43.26
N PRO B 476 3.17 17.64 -42.36
CA PRO B 476 2.80 17.49 -40.95
C PRO B 476 1.58 18.32 -40.56
N TYR B 477 1.13 19.17 -41.46
CA TYR B 477 0.00 20.05 -41.19
C TYR B 477 -1.38 19.38 -41.13
N TRP B 478 -1.61 18.38 -41.96
CA TRP B 478 -2.90 17.70 -41.94
C TRP B 478 -3.07 17.07 -40.54
N ALA B 479 -2.00 16.47 -40.04
CA ALA B 479 -2.02 15.84 -38.73
C ALA B 479 -2.09 16.87 -37.62
N ALA B 480 -1.41 18.00 -37.81
CA ALA B 480 -1.42 19.06 -36.81
C ALA B 480 -2.84 19.59 -36.65
N GLU B 481 -3.61 19.62 -37.75
CA GLU B 481 -4.98 20.10 -37.70
C GLU B 481 -5.88 19.13 -36.95
N LYS B 482 -5.51 17.86 -36.96
CA LYS B 482 -6.28 16.84 -36.27
C LYS B 482 -5.79 16.76 -34.82
N GLY B 483 -4.77 17.55 -34.50
CA GLY B 483 -4.24 17.57 -33.14
C GLY B 483 -3.35 16.39 -32.81
N LEU B 484 -2.97 15.65 -33.84
CA LEU B 484 -2.12 14.48 -33.67
C LEU B 484 -0.66 14.86 -33.39
N VAL B 485 -0.27 16.07 -33.77
CA VAL B 485 1.08 16.54 -33.47
C VAL B 485 0.89 17.87 -32.73
N ASP B 486 1.55 18.02 -31.60
CA ASP B 486 1.43 19.24 -30.82
C ASP B 486 1.84 20.51 -31.57
N ASP B 487 2.88 20.42 -32.39
CA ASP B 487 3.33 21.61 -33.11
C ASP B 487 4.35 21.31 -34.21
N VAL B 488 4.43 22.20 -35.19
CA VAL B 488 5.41 22.05 -36.27
C VAL B 488 6.49 23.06 -35.96
N ILE B 489 7.72 22.58 -35.83
CA ILE B 489 8.84 23.43 -35.47
C ILE B 489 9.94 23.58 -36.50
N GLU B 490 10.73 24.63 -36.34
CA GLU B 490 11.86 24.86 -37.22
C GLU B 490 12.94 23.90 -36.71
N PRO B 491 13.57 23.12 -37.60
CA PRO B 491 14.63 22.16 -37.23
C PRO B 491 15.63 22.65 -36.18
N LYS B 492 16.08 23.88 -36.33
CA LYS B 492 17.06 24.46 -35.40
C LYS B 492 16.55 24.60 -33.97
N ASP B 493 15.23 24.54 -33.77
CA ASP B 493 14.68 24.69 -32.43
C ASP B 493 14.56 23.35 -31.71
N THR B 494 14.80 22.26 -32.42
CA THR B 494 14.70 20.92 -31.87
C THR B 494 15.31 20.76 -30.47
N ARG B 495 16.51 21.30 -30.24
CA ARG B 495 17.13 21.18 -28.94
C ARG B 495 16.32 21.91 -27.87
N ARG B 496 15.86 23.12 -28.19
CA ARG B 496 15.05 23.92 -27.25
C ARG B 496 13.77 23.21 -26.86
N VAL B 497 13.01 22.78 -27.86
CA VAL B 497 11.76 22.09 -27.61
C VAL B 497 11.97 20.86 -26.73
N ILE B 498 13.01 20.08 -27.01
CA ILE B 498 13.27 18.89 -26.21
C ILE B 498 13.57 19.29 -24.77
N VAL B 499 14.43 20.29 -24.58
CA VAL B 499 14.79 20.76 -23.24
C VAL B 499 13.54 21.18 -22.44
N ALA B 500 12.72 22.05 -23.02
CA ALA B 500 11.50 22.51 -22.35
C ALA B 500 10.58 21.34 -22.02
N GLY B 501 10.26 20.53 -23.03
CA GLY B 501 9.38 19.39 -22.81
C GLY B 501 9.89 18.43 -21.76
N LEU B 502 11.19 18.13 -21.80
CA LEU B 502 11.80 17.23 -20.83
C LEU B 502 11.79 17.82 -19.43
N GLU B 503 11.94 19.14 -19.34
CA GLU B 503 11.97 19.83 -18.05
C GLU B 503 10.59 19.81 -17.37
N MET B 504 9.52 19.93 -18.16
CA MET B 504 8.19 19.92 -17.59
C MET B 504 7.72 18.48 -17.33
N LEU B 505 8.28 17.53 -18.08
CA LEU B 505 7.91 16.12 -17.88
C LEU B 505 8.74 15.42 -16.80
N LYS B 506 9.72 16.11 -16.23
CA LYS B 506 10.58 15.55 -15.18
C LYS B 506 9.81 14.89 -14.02
N THR B 507 8.73 15.52 -13.60
CA THR B 507 7.94 14.99 -12.48
C THR B 507 6.75 14.15 -12.95
N LYS B 508 6.80 13.68 -14.18
CA LYS B 508 5.71 12.88 -14.73
C LYS B 508 5.45 11.58 -13.98
N ARG B 509 4.17 11.28 -13.76
CA ARG B 509 3.73 10.06 -13.09
C ARG B 509 2.50 9.56 -13.85
N GLU B 510 2.33 8.25 -13.94
CA GLU B 510 1.19 7.71 -14.68
C GLU B 510 0.69 6.36 -14.16
N TYR B 511 -0.62 6.17 -14.23
CA TYR B 511 -1.24 4.94 -13.76
C TYR B 511 -1.10 3.74 -14.70
N ARG B 512 -0.80 2.59 -14.12
CA ARG B 512 -0.66 1.34 -14.87
C ARG B 512 -1.44 0.29 -14.08
N TYR B 513 -2.13 -0.59 -14.78
CA TYR B 513 -2.90 -1.63 -14.12
C TYR B 513 -2.03 -2.61 -13.35
N PRO B 514 -2.51 -3.07 -12.17
CA PRO B 514 -1.75 -4.01 -11.36
C PRO B 514 -1.73 -5.36 -12.06
N LYS B 515 -0.65 -6.09 -11.87
CA LYS B 515 -0.51 -7.38 -12.51
C LYS B 515 0.85 -7.90 -12.07
N LYS B 516 1.06 -9.20 -12.18
CA LYS B 516 2.36 -9.73 -11.81
C LYS B 516 3.29 -9.12 -12.85
N HIS B 517 2.81 -9.12 -14.09
CA HIS B 517 3.55 -8.58 -15.23
C HIS B 517 2.68 -8.71 -16.47
N GLY B 518 3.17 -8.21 -17.60
CA GLY B 518 2.42 -8.28 -18.83
C GLY B 518 2.79 -9.54 -19.60
N ASN B 519 2.40 -9.61 -20.86
CA ASN B 519 2.71 -10.78 -21.66
C ASN B 519 3.16 -10.34 -23.04
N ILE B 520 4.23 -9.53 -23.07
CA ILE B 520 4.77 -9.03 -24.32
C ILE B 520 5.08 -10.12 -25.34
N PRO B 521 4.91 -9.84 -26.64
CA PRO B 521 5.23 -10.88 -27.62
C PRO B 521 6.73 -11.24 -27.51
N LEU B 522 7.06 -12.53 -27.61
CA LEU B 522 8.45 -12.95 -27.53
C LEU B 522 9.04 -13.41 -28.88
N LYS C 5 7.29 20.39 -54.48
CA LYS C 5 7.82 21.15 -53.30
C LYS C 5 9.12 20.54 -52.80
N PRO C 6 10.26 20.91 -53.42
CA PRO C 6 11.55 20.36 -52.98
C PRO C 6 12.43 21.13 -51.96
N PRO C 7 12.47 22.47 -52.02
CA PRO C 7 13.33 23.17 -51.05
C PRO C 7 12.88 23.12 -49.60
N VAL C 8 13.84 22.90 -48.72
CA VAL C 8 13.60 22.83 -47.28
C VAL C 8 13.61 24.24 -46.70
N GLU C 9 14.56 25.06 -47.16
CA GLU C 9 14.69 26.43 -46.70
C GLU C 9 13.39 27.19 -46.97
N LYS C 10 12.65 26.71 -47.97
CA LYS C 10 11.37 27.32 -48.36
C LYS C 10 10.26 26.85 -47.45
N LEU C 11 10.37 25.61 -46.97
CA LEU C 11 9.37 25.05 -46.08
C LEU C 11 9.40 25.76 -44.73
N ILE C 12 10.60 26.03 -44.22
CA ILE C 12 10.70 26.72 -42.93
C ILE C 12 10.09 28.12 -43.06
N GLU C 13 10.15 28.68 -44.26
CA GLU C 13 9.60 30.01 -44.52
C GLU C 13 8.06 29.95 -44.48
N GLU C 14 7.49 28.93 -45.13
CA GLU C 14 6.04 28.76 -45.14
C GLU C 14 5.51 28.48 -43.74
N LEU C 15 6.32 27.83 -42.92
CA LEU C 15 5.90 27.51 -41.55
C LEU C 15 5.71 28.80 -40.79
N ARG C 16 6.60 29.75 -41.03
CA ARG C 16 6.55 31.05 -40.38
C ARG C 16 5.31 31.82 -40.82
N GLN C 17 4.95 31.67 -42.08
CA GLN C 17 3.78 32.36 -42.61
C GLN C 17 2.53 31.79 -41.94
N LEU C 18 2.44 30.46 -41.89
CA LEU C 18 1.30 29.81 -41.28
C LEU C 18 1.13 30.17 -39.82
N LYS C 19 2.20 30.10 -39.04
CA LYS C 19 2.09 30.44 -37.62
C LYS C 19 1.71 31.90 -37.41
N GLU C 20 2.17 32.76 -38.31
CA GLU C 20 1.86 34.18 -38.21
C GLU C 20 0.35 34.36 -38.41
N LYS C 21 -0.21 33.53 -39.28
CA LYS C 21 -1.64 33.56 -39.56
C LYS C 21 -2.44 32.98 -38.40
N ALA C 22 -1.89 31.93 -37.78
CA ALA C 22 -2.56 31.29 -36.66
C ALA C 22 -2.57 32.19 -35.42
N TYR C 23 -1.52 33.00 -35.25
CA TYR C 23 -1.42 33.89 -34.11
C TYR C 23 -2.49 34.99 -34.14
N LYS C 24 -2.95 35.35 -35.33
CA LYS C 24 -3.95 36.39 -35.48
C LYS C 24 -5.32 35.92 -35.00
N GLY C 25 -5.44 34.63 -34.73
CA GLY C 25 -6.72 34.10 -34.29
C GLY C 25 -7.85 34.60 -35.16
N GLY C 26 -7.60 34.67 -36.45
CA GLY C 26 -8.60 35.12 -37.38
C GLY C 26 -9.17 36.49 -37.04
N GLY C 27 -8.69 37.51 -37.74
CA GLY C 27 -9.18 38.85 -37.50
C GLY C 27 -8.09 39.84 -37.22
N ASP C 28 -7.24 40.13 -38.21
CA ASP C 28 -6.18 41.12 -38.02
C ASP C 28 -6.93 42.40 -37.76
N GLU C 29 -8.26 42.29 -37.81
CA GLU C 29 -9.16 43.38 -37.54
C GLU C 29 -9.37 43.21 -36.05
N ARG C 30 -9.85 42.02 -35.67
CA ARG C 30 -10.13 41.66 -34.29
C ARG C 30 -8.97 41.74 -33.33
N ILE C 31 -7.91 40.96 -33.55
CA ILE C 31 -6.81 41.05 -32.62
C ILE C 31 -6.20 42.44 -32.67
N GLN C 32 -5.98 42.99 -33.87
CA GLN C 32 -5.41 44.35 -33.96
C GLN C 32 -6.28 45.25 -33.09
N PHE C 33 -7.54 44.86 -32.98
CA PHE C 33 -8.55 45.50 -32.15
C PHE C 33 -8.25 44.82 -30.80
N GLN C 34 -7.05 45.09 -30.27
CA GLN C 34 -6.55 44.50 -29.03
C GLN C 34 -6.10 45.44 -27.92
N HIS C 35 -5.39 46.51 -28.29
CA HIS C 35 -4.84 47.44 -27.30
C HIS C 35 -5.63 48.69 -26.92
N SER C 36 -6.91 48.72 -27.30
CA SER C 36 -7.79 49.84 -26.99
C SER C 36 -9.24 49.46 -27.30
N LYS C 37 -9.58 48.19 -27.06
CA LYS C 37 -10.92 47.69 -27.32
C LYS C 37 -11.62 47.31 -26.02
N GLY C 38 -10.87 47.39 -24.92
CA GLY C 38 -11.38 47.07 -23.60
C GLY C 38 -10.63 45.87 -23.02
N LYS C 39 -10.64 44.76 -23.76
CA LYS C 39 -10.00 43.53 -23.34
C LYS C 39 -8.69 43.32 -24.09
N LEU C 40 -7.86 42.43 -23.58
CA LEU C 40 -6.60 42.07 -24.23
C LEU C 40 -6.90 40.77 -24.97
N THR C 41 -6.03 40.37 -25.91
CA THR C 41 -6.23 39.12 -26.65
C THR C 41 -5.75 37.97 -25.77
N ALA C 42 -6.13 36.76 -26.15
CA ALA C 42 -5.73 35.58 -25.41
C ALA C 42 -4.22 35.52 -25.26
N ARG C 43 -3.50 35.75 -26.36
CA ARG C 43 -2.05 35.71 -26.35
C ARG C 43 -1.39 36.83 -25.55
N GLU C 44 -1.97 38.03 -25.59
CA GLU C 44 -1.44 39.16 -24.84
C GLU C 44 -1.58 38.87 -23.33
N ARG C 45 -2.67 38.23 -22.93
CA ARG C 45 -2.89 37.89 -21.53
C ARG C 45 -1.82 36.88 -21.11
N LEU C 46 -1.53 35.93 -21.99
CA LEU C 46 -0.52 34.90 -21.73
C LEU C 46 0.89 35.51 -21.67
N ALA C 47 1.14 36.56 -22.45
CA ALA C 47 2.44 37.21 -22.47
C ALA C 47 2.70 37.88 -21.12
N LEU C 48 1.65 38.47 -20.55
CA LEU C 48 1.76 39.14 -19.27
C LEU C 48 1.93 38.18 -18.11
N LEU C 49 1.25 37.04 -18.21
CA LEU C 49 1.28 36.02 -17.17
C LEU C 49 2.56 35.21 -17.05
N PHE C 50 3.25 34.97 -18.15
CA PHE C 50 4.46 34.14 -18.10
C PHE C 50 5.78 34.88 -18.27
N ASP C 51 6.82 34.38 -17.59
CA ASP C 51 8.17 34.95 -17.70
C ASP C 51 8.42 34.97 -19.21
N ASP C 52 8.09 33.82 -19.81
CA ASP C 52 8.09 33.55 -21.26
C ASP C 52 9.23 33.03 -22.14
N GLY C 53 10.48 33.11 -21.70
CA GLY C 53 11.58 32.66 -22.54
C GLY C 53 12.02 31.20 -22.42
N LYS C 54 11.08 30.31 -22.09
CA LYS C 54 11.35 28.87 -21.92
C LYS C 54 10.04 28.07 -21.74
N PHE C 55 9.45 27.55 -22.82
CA PHE C 55 8.19 26.79 -22.69
C PHE C 55 7.70 26.17 -23.99
N ASN C 56 6.37 26.08 -24.12
CA ASN C 56 5.75 25.51 -25.32
C ASN C 56 4.22 25.57 -25.36
N GLU C 57 3.70 25.70 -26.58
CA GLU C 57 2.26 25.72 -26.83
C GLU C 57 1.93 24.37 -27.45
N ILE C 58 0.83 23.74 -27.04
CA ILE C 58 0.48 22.45 -27.62
C ILE C 58 -0.76 22.50 -28.52
N MET C 59 -0.74 21.72 -29.59
CA MET C 59 -1.85 21.67 -30.55
C MET C 59 -2.16 23.04 -31.15
N THR C 60 -1.11 23.71 -31.59
CA THR C 60 -1.21 25.04 -32.18
C THR C 60 -2.10 25.13 -33.40
N PHE C 61 -2.05 24.12 -34.27
CA PHE C 61 -2.85 24.14 -35.48
C PHE C 61 -4.14 23.34 -35.45
N ALA C 62 -4.38 22.63 -34.35
CA ALA C 62 -5.60 21.82 -34.24
C ALA C 62 -6.83 22.66 -34.57
N THR C 63 -7.64 22.16 -35.52
CA THR C 63 -8.85 22.82 -35.97
C THR C 63 -10.09 21.95 -35.76
N THR C 64 -11.27 22.55 -35.84
CA THR C 64 -12.51 21.82 -35.66
C THR C 64 -12.67 20.80 -36.78
N ARG C 65 -13.33 19.69 -36.49
CA ARG C 65 -13.53 18.67 -37.50
C ARG C 65 -14.98 18.65 -37.95
N ALA C 66 -15.78 19.56 -37.39
CA ALA C 66 -17.19 19.66 -37.73
C ALA C 66 -17.34 20.33 -39.09
N THR C 67 -18.40 19.95 -39.80
CA THR C 67 -18.68 20.51 -41.10
C THR C 67 -19.96 21.36 -41.09
N GLU C 68 -21.00 20.85 -40.43
CA GLU C 68 -22.29 21.55 -40.33
C GLU C 68 -22.23 23.02 -39.96
N PHE C 69 -23.19 23.78 -40.47
CA PHE C 69 -23.31 25.20 -40.23
C PHE C 69 -22.10 26.03 -40.60
N GLY C 70 -21.55 25.76 -41.79
CA GLY C 70 -20.41 26.50 -42.27
C GLY C 70 -19.12 26.35 -41.46
N LEU C 71 -19.06 25.35 -40.59
CA LEU C 71 -17.85 25.15 -39.79
C LEU C 71 -16.73 24.62 -40.67
N ASP C 72 -17.10 24.19 -41.88
CA ASP C 72 -16.12 23.70 -42.83
C ASP C 72 -15.58 24.91 -43.57
N LYS C 73 -16.36 25.98 -43.54
CA LYS C 73 -15.96 27.23 -44.19
C LYS C 73 -14.70 27.79 -43.54
N GLN C 74 -14.75 27.97 -42.22
CA GLN C 74 -13.63 28.54 -41.50
C GLN C 74 -12.55 27.56 -41.09
N ARG C 75 -11.36 28.10 -40.88
CA ARG C 75 -10.24 27.28 -40.45
C ARG C 75 -9.95 27.58 -38.99
N PHE C 76 -9.35 28.74 -38.75
CA PHE C 76 -9.00 29.16 -37.40
C PHE C 76 -8.15 28.08 -36.71
N TYR C 77 -6.85 28.16 -36.92
CA TYR C 77 -5.94 27.23 -36.29
C TYR C 77 -6.06 27.39 -34.78
N GLY C 78 -6.07 26.28 -34.05
CA GLY C 78 -6.19 26.37 -32.60
C GLY C 78 -7.62 26.20 -32.12
N ASP C 79 -8.56 26.45 -33.03
CA ASP C 79 -9.99 26.32 -32.75
C ASP C 79 -10.52 27.15 -31.58
N GLY C 80 -9.96 28.33 -31.38
CA GLY C 80 -10.44 29.21 -30.33
C GLY C 80 -9.81 29.23 -28.94
N VAL C 81 -8.78 28.42 -28.70
CA VAL C 81 -8.13 28.41 -27.39
C VAL C 81 -6.63 28.08 -27.47
N VAL C 82 -5.81 28.82 -26.73
CA VAL C 82 -4.35 28.60 -26.70
C VAL C 82 -3.99 27.85 -25.41
N THR C 83 -3.48 26.63 -25.56
CA THR C 83 -3.12 25.82 -24.42
C THR C 83 -1.65 25.45 -24.43
N GLY C 84 -1.10 25.24 -23.23
CA GLY C 84 0.29 24.89 -23.08
C GLY C 84 0.78 25.19 -21.67
N TRP C 85 2.10 25.32 -21.53
CA TRP C 85 2.66 25.59 -20.22
C TRP C 85 3.79 26.61 -20.27
N GLY C 86 4.17 27.10 -19.09
CA GLY C 86 5.25 28.07 -19.03
C GLY C 86 5.77 28.24 -17.63
N LYS C 87 6.51 29.31 -17.43
CA LYS C 87 7.08 29.62 -16.14
C LYS C 87 6.45 30.88 -15.56
N VAL C 88 6.14 30.84 -14.27
CA VAL C 88 5.58 31.98 -13.58
C VAL C 88 6.42 32.14 -12.33
N ASP C 89 7.27 33.16 -12.34
CA ASP C 89 8.17 33.41 -11.22
C ASP C 89 9.05 32.17 -11.08
N GLY C 90 9.40 31.60 -12.23
CA GLY C 90 10.27 30.44 -12.27
C GLY C 90 9.68 29.08 -11.96
N ARG C 91 8.35 28.99 -11.87
CA ARG C 91 7.74 27.71 -11.56
C ARG C 91 6.87 27.29 -12.74
N THR C 92 6.84 26.00 -13.03
CA THR C 92 6.04 25.51 -14.15
C THR C 92 4.55 25.61 -13.85
N VAL C 93 3.82 26.25 -14.76
CA VAL C 93 2.38 26.45 -14.65
C VAL C 93 1.71 26.23 -16.02
N PHE C 94 0.66 25.44 -16.05
CA PHE C 94 -0.06 25.22 -17.30
C PHE C 94 -1.16 26.25 -17.41
N ALA C 95 -1.69 26.42 -18.62
CA ALA C 95 -2.74 27.39 -18.82
C ALA C 95 -3.39 27.29 -20.20
N TYR C 96 -4.60 27.83 -20.29
CA TYR C 96 -5.29 27.92 -21.55
C TYR C 96 -5.86 29.34 -21.53
N ALA C 97 -6.07 29.89 -22.72
CA ALA C 97 -6.61 31.24 -22.85
C ALA C 97 -7.50 31.18 -24.08
N GLN C 98 -8.80 31.31 -23.87
CA GLN C 98 -9.74 31.26 -24.96
C GLN C 98 -9.65 32.55 -25.76
N ASP C 99 -9.77 32.42 -27.08
CA ASP C 99 -9.69 33.58 -27.98
C ASP C 99 -11.09 33.94 -28.42
N PHE C 100 -11.62 35.04 -27.90
CA PHE C 100 -12.97 35.48 -28.25
C PHE C 100 -13.09 35.83 -29.75
N THR C 101 -11.98 36.19 -30.39
CA THR C 101 -12.01 36.57 -31.80
C THR C 101 -12.29 35.39 -32.71
N VAL C 102 -12.25 34.19 -32.14
CA VAL C 102 -12.54 32.98 -32.88
C VAL C 102 -13.90 32.42 -32.44
N LEU C 103 -14.93 32.69 -33.23
CA LEU C 103 -16.27 32.19 -32.94
C LEU C 103 -16.75 32.49 -31.51
N GLY C 104 -16.55 33.73 -31.07
CA GLY C 104 -16.96 34.11 -29.73
C GLY C 104 -16.31 33.28 -28.61
N GLY C 105 -15.09 32.80 -28.85
CA GLY C 105 -14.40 31.99 -27.86
C GLY C 105 -15.25 30.77 -27.54
N SER C 106 -16.07 30.40 -28.51
CA SER C 106 -16.96 29.24 -28.42
C SER C 106 -16.21 27.93 -28.11
N LEU C 107 -16.83 27.07 -27.30
CA LEU C 107 -16.24 25.81 -26.92
C LEU C 107 -16.51 24.67 -27.92
N GLY C 108 -15.60 24.51 -28.88
CA GLY C 108 -15.74 23.45 -29.86
C GLY C 108 -15.15 22.17 -29.27
N GLU C 109 -15.48 21.05 -29.88
CA GLU C 109 -14.98 19.76 -29.44
C GLU C 109 -13.45 19.75 -29.37
N THR C 110 -12.79 20.23 -30.43
CA THR C 110 -11.32 20.28 -30.48
C THR C 110 -10.81 21.24 -29.41
N HIS C 111 -11.46 22.40 -29.34
CA HIS C 111 -11.15 23.42 -28.36
C HIS C 111 -11.20 22.78 -26.97
N ALA C 112 -12.23 21.97 -26.73
CA ALA C 112 -12.36 21.31 -25.44
C ALA C 112 -11.24 20.29 -25.25
N ASN C 113 -10.95 19.52 -26.28
CA ASN C 113 -9.89 18.51 -26.18
C ASN C 113 -8.50 19.10 -25.93
N LYS C 114 -8.27 20.36 -26.33
CA LYS C 114 -6.98 21.00 -26.09
C LYS C 114 -6.87 21.35 -24.59
N ILE C 115 -7.98 21.85 -24.05
CA ILE C 115 -8.03 22.19 -22.62
C ILE C 115 -7.83 20.92 -21.78
N VAL C 116 -8.43 19.83 -22.23
CA VAL C 116 -8.32 18.56 -21.53
C VAL C 116 -6.88 18.04 -21.57
N ARG C 117 -6.26 18.06 -22.74
CA ARG C 117 -4.89 17.61 -22.88
C ARG C 117 -4.03 18.41 -21.92
N ALA C 118 -4.31 19.70 -21.83
CA ALA C 118 -3.57 20.60 -20.95
C ALA C 118 -3.70 20.12 -19.51
N TYR C 119 -4.93 19.86 -19.10
CA TYR C 119 -5.20 19.39 -17.75
C TYR C 119 -4.56 18.04 -17.49
N GLU C 120 -4.51 17.19 -18.52
CA GLU C 120 -3.91 15.87 -18.36
C GLU C 120 -2.41 15.99 -18.13
N LEU C 121 -1.76 16.88 -18.88
CA LEU C 121 -0.33 17.06 -18.73
C LEU C 121 -0.05 17.64 -17.36
N ALA C 122 -0.83 18.64 -16.96
CA ALA C 122 -0.67 19.27 -15.66
C ALA C 122 -0.84 18.25 -14.54
N LEU C 123 -1.85 17.38 -14.66
CA LEU C 123 -2.08 16.37 -13.64
C LEU C 123 -0.93 15.37 -13.58
N LYS C 124 -0.42 14.95 -14.74
CA LYS C 124 0.69 14.01 -14.77
C LYS C 124 1.95 14.52 -14.07
N VAL C 125 2.30 15.80 -14.28
CA VAL C 125 3.51 16.35 -13.67
C VAL C 125 3.34 17.22 -12.43
N GLY C 126 2.12 17.35 -11.95
CA GLY C 126 1.87 18.15 -10.76
C GLY C 126 2.11 19.64 -10.87
N ALA C 127 1.51 20.27 -11.88
CA ALA C 127 1.65 21.70 -12.07
C ALA C 127 0.27 22.34 -12.00
N PRO C 128 0.21 23.61 -11.52
CA PRO C 128 -1.07 24.31 -11.43
C PRO C 128 -1.62 24.60 -12.83
N VAL C 129 -2.91 24.90 -12.88
CA VAL C 129 -3.57 25.23 -14.13
C VAL C 129 -4.31 26.56 -13.98
N VAL C 130 -4.02 27.49 -14.88
CA VAL C 130 -4.67 28.79 -14.88
C VAL C 130 -5.55 28.86 -16.13
N GLY C 131 -6.84 29.02 -15.93
CA GLY C 131 -7.76 29.13 -17.04
C GLY C 131 -8.22 30.57 -17.25
N ILE C 132 -7.75 31.18 -18.33
CA ILE C 132 -8.14 32.55 -18.64
C ILE C 132 -9.35 32.47 -19.54
N ASN C 133 -10.52 32.43 -18.92
CA ASN C 133 -11.78 32.30 -19.64
C ASN C 133 -12.23 33.57 -20.36
N ASP C 134 -12.72 33.39 -21.58
CA ASP C 134 -13.22 34.48 -22.41
C ASP C 134 -14.01 33.78 -23.49
N SER C 135 -15.14 33.22 -23.07
CA SER C 135 -16.01 32.44 -23.93
C SER C 135 -17.48 32.76 -23.69
N GLY C 136 -18.27 32.74 -24.76
CA GLY C 136 -19.69 33.02 -24.61
C GLY C 136 -20.50 31.77 -24.28
N GLY C 137 -19.86 30.61 -24.39
CA GLY C 137 -20.54 29.36 -24.08
C GLY C 137 -20.34 28.28 -25.13
N ALA C 138 -21.30 27.35 -25.18
CA ALA C 138 -21.27 26.23 -26.12
C ALA C 138 -21.24 26.70 -27.57
N ARG C 139 -20.56 25.94 -28.42
CA ARG C 139 -20.53 26.28 -29.84
C ARG C 139 -21.76 25.60 -30.42
N ILE C 140 -22.82 26.40 -30.57
CA ILE C 140 -24.10 25.91 -31.07
C ILE C 140 -23.97 25.05 -32.32
N GLN C 141 -23.13 25.49 -33.25
CA GLN C 141 -22.91 24.77 -34.50
C GLN C 141 -22.45 23.33 -34.33
N GLU C 142 -21.88 22.99 -33.17
CA GLU C 142 -21.39 21.63 -32.95
C GLU C 142 -22.31 20.75 -32.12
N GLY C 143 -23.50 21.27 -31.80
CA GLY C 143 -24.47 20.51 -31.05
C GLY C 143 -24.01 19.81 -29.78
N ALA C 144 -24.54 18.61 -29.55
CA ALA C 144 -24.21 17.82 -28.37
C ALA C 144 -22.73 17.51 -28.20
N LEU C 145 -21.94 17.61 -29.27
CA LEU C 145 -20.51 17.36 -29.19
C LEU C 145 -19.83 18.44 -28.36
N SER C 146 -20.43 19.63 -28.32
CA SER C 146 -19.89 20.73 -27.53
C SER C 146 -20.16 20.44 -26.07
N LEU C 147 -21.31 19.84 -25.80
CA LEU C 147 -21.67 19.53 -24.43
C LEU C 147 -20.74 18.41 -23.93
N GLU C 148 -20.39 17.47 -24.82
CA GLU C 148 -19.48 16.38 -24.46
C GLU C 148 -18.15 17.00 -24.07
N GLY C 149 -17.75 18.01 -24.84
CA GLY C 149 -16.49 18.69 -24.60
C GLY C 149 -16.45 19.26 -23.20
N TYR C 150 -17.50 19.98 -22.82
CA TYR C 150 -17.59 20.57 -21.50
C TYR C 150 -17.45 19.46 -20.47
N GLY C 151 -18.22 18.41 -20.68
CA GLY C 151 -18.18 17.27 -19.77
C GLY C 151 -16.78 16.74 -19.55
N ALA C 152 -15.96 16.74 -20.61
CA ALA C 152 -14.61 16.24 -20.47
C ALA C 152 -13.75 17.20 -19.64
N VAL C 153 -13.96 18.50 -19.84
CA VAL C 153 -13.20 19.50 -19.08
C VAL C 153 -13.58 19.37 -17.61
N PHE C 154 -14.89 19.34 -17.33
CA PHE C 154 -15.38 19.23 -15.97
C PHE C 154 -14.77 18.03 -15.27
N LYS C 155 -14.74 16.88 -15.95
CA LYS C 155 -14.19 15.68 -15.34
C LYS C 155 -12.74 15.89 -14.93
N MET C 156 -12.01 16.64 -15.74
CA MET C 156 -10.62 16.91 -15.41
C MET C 156 -10.59 17.82 -14.17
N ASN C 157 -11.45 18.84 -14.15
CA ASN C 157 -11.50 19.75 -13.00
C ASN C 157 -11.68 18.94 -11.71
N VAL C 158 -12.58 17.96 -11.74
CA VAL C 158 -12.83 17.16 -10.54
C VAL C 158 -11.64 16.26 -10.21
N MET C 159 -11.02 15.68 -11.23
CA MET C 159 -9.86 14.83 -11.01
C MET C 159 -8.72 15.64 -10.39
N ALA C 160 -8.53 16.86 -10.89
CA ALA C 160 -7.48 17.74 -10.42
C ALA C 160 -7.79 18.43 -9.09
N SER C 161 -9.05 18.37 -8.67
CA SER C 161 -9.49 19.00 -7.43
C SER C 161 -8.71 18.48 -6.23
N GLY C 162 -8.00 19.38 -5.54
CA GLY C 162 -7.22 18.97 -4.40
C GLY C 162 -5.93 18.22 -4.76
N VAL C 163 -5.55 18.23 -6.03
CA VAL C 163 -4.32 17.56 -6.45
C VAL C 163 -3.41 18.65 -7.01
N ILE C 164 -4.01 19.56 -7.75
CA ILE C 164 -3.30 20.67 -8.33
C ILE C 164 -4.14 21.95 -8.22
N PRO C 165 -3.50 23.05 -7.83
CA PRO C 165 -4.24 24.31 -7.71
C PRO C 165 -4.85 24.71 -9.05
N GLN C 166 -6.13 25.10 -9.05
CA GLN C 166 -6.81 25.53 -10.28
C GLN C 166 -7.34 26.94 -10.10
N ILE C 167 -6.81 27.86 -10.90
CA ILE C 167 -7.21 29.26 -10.84
C ILE C 167 -7.82 29.68 -12.19
N THR C 168 -8.96 30.35 -12.12
CA THR C 168 -9.59 30.82 -13.33
C THR C 168 -9.69 32.33 -13.34
N ILE C 169 -9.34 32.92 -14.47
CA ILE C 169 -9.47 34.36 -14.63
C ILE C 169 -10.66 34.53 -15.54
N MET C 170 -11.76 35.04 -15.01
CA MET C 170 -12.94 35.24 -15.82
C MET C 170 -12.76 36.57 -16.55
N ALA C 171 -12.33 36.51 -17.81
CA ALA C 171 -12.10 37.71 -18.61
C ALA C 171 -12.98 37.75 -19.86
N GLY C 172 -14.23 37.31 -19.73
CA GLY C 172 -15.13 37.31 -20.87
C GLY C 172 -16.59 37.21 -20.50
N PRO C 173 -17.48 37.09 -21.51
CA PRO C 173 -18.95 36.99 -21.36
C PRO C 173 -19.48 35.55 -21.28
N ALA C 174 -19.19 34.88 -20.16
CA ALA C 174 -19.60 33.50 -19.93
C ALA C 174 -21.10 33.22 -19.71
N ALA C 175 -21.65 32.29 -20.48
CA ALA C 175 -23.06 31.92 -20.34
C ALA C 175 -23.20 30.41 -20.46
N GLY C 176 -24.18 29.85 -19.77
CA GLY C 176 -24.40 28.42 -19.82
C GLY C 176 -23.21 27.58 -19.38
N GLY C 177 -22.89 26.57 -20.17
CA GLY C 177 -21.79 25.68 -19.85
C GLY C 177 -20.47 26.36 -19.47
N ALA C 178 -20.20 27.53 -20.04
CA ALA C 178 -18.98 28.28 -19.76
C ALA C 178 -18.75 28.61 -18.27
N VAL C 179 -19.80 28.61 -17.46
CA VAL C 179 -19.67 28.95 -16.05
C VAL C 179 -19.27 27.79 -15.13
N TYR C 180 -19.53 26.55 -15.54
CA TYR C 180 -19.25 25.41 -14.67
C TYR C 180 -17.82 24.95 -14.43
N SER C 181 -16.94 25.08 -15.42
CA SER C 181 -15.56 24.69 -15.20
C SER C 181 -14.98 25.67 -14.16
N PRO C 182 -15.19 26.99 -14.35
CA PRO C 182 -14.67 27.95 -13.38
C PRO C 182 -15.19 27.67 -11.95
N ALA C 183 -16.45 27.25 -11.86
CA ALA C 183 -17.05 26.96 -10.57
C ALA C 183 -16.35 25.77 -9.91
N LEU C 184 -15.88 24.83 -10.73
CA LEU C 184 -15.19 23.65 -10.20
C LEU C 184 -13.75 23.94 -9.79
N THR C 185 -13.21 25.09 -10.17
CA THR C 185 -11.84 25.42 -9.79
C THR C 185 -11.82 25.94 -8.36
N ASP C 186 -10.63 26.26 -7.85
CA ASP C 186 -10.46 26.69 -6.47
C ASP C 186 -10.64 28.17 -6.23
N PHE C 187 -10.34 28.98 -7.24
CA PHE C 187 -10.48 30.43 -7.10
C PHE C 187 -10.87 31.06 -8.43
N ILE C 188 -11.77 32.03 -8.37
CA ILE C 188 -12.15 32.73 -9.57
C ILE C 188 -11.77 34.20 -9.38
N ILE C 189 -10.95 34.71 -10.30
CA ILE C 189 -10.53 36.10 -10.29
C ILE C 189 -11.28 36.69 -11.48
N MET C 190 -12.13 37.68 -11.22
CA MET C 190 -12.93 38.27 -12.28
C MET C 190 -12.74 39.78 -12.37
N ILE C 191 -12.66 40.30 -13.60
CA ILE C 191 -12.49 41.73 -13.77
C ILE C 191 -13.87 42.41 -13.80
N LYS C 192 -13.95 43.62 -13.26
CA LYS C 192 -15.20 44.37 -13.23
C LYS C 192 -15.24 45.28 -14.46
N GLY C 193 -14.14 46.01 -14.67
CA GLY C 193 -14.03 46.90 -15.81
C GLY C 193 -12.88 46.54 -16.75
N ASP C 194 -13.04 45.41 -17.45
CA ASP C 194 -12.05 44.87 -18.41
C ASP C 194 -12.41 43.43 -18.79
N ALA C 195 -13.30 42.83 -18.02
CA ALA C 195 -13.82 41.47 -18.25
C ALA C 195 -15.26 41.76 -17.90
N TYR C 196 -16.18 40.81 -17.99
CA TYR C 196 -17.55 41.19 -17.70
C TYR C 196 -18.60 40.37 -16.96
N TYR C 197 -18.95 39.18 -17.42
CA TYR C 197 -20.00 38.48 -16.68
C TYR C 197 -20.07 36.98 -16.80
N MET C 198 -20.95 36.39 -15.99
CA MET C 198 -21.17 34.96 -16.00
C MET C 198 -22.52 34.59 -15.37
N PHE C 199 -23.31 33.81 -16.10
CA PHE C 199 -24.61 33.35 -15.61
C PHE C 199 -24.98 32.05 -16.32
N VAL C 200 -25.72 31.19 -15.62
CA VAL C 200 -26.13 29.91 -16.18
C VAL C 200 -27.11 30.14 -17.33
N THR C 201 -28.15 30.92 -17.05
CA THR C 201 -29.15 31.20 -18.08
C THR C 201 -29.18 32.68 -18.40
N GLY C 202 -29.21 32.98 -19.68
CA GLY C 202 -29.21 34.37 -20.12
C GLY C 202 -30.52 35.10 -19.93
N PRO C 203 -30.49 36.44 -20.01
CA PRO C 203 -31.63 37.34 -19.86
C PRO C 203 -32.77 37.07 -20.85
N GLU C 204 -32.45 36.42 -21.96
CA GLU C 204 -33.43 36.11 -23.00
C GLU C 204 -34.59 35.20 -22.59
N ILE C 205 -34.31 34.13 -21.87
CA ILE C 205 -35.40 33.23 -21.48
C ILE C 205 -36.19 33.79 -20.29
N THR C 206 -35.68 34.87 -19.69
CA THR C 206 -36.34 35.51 -18.56
C THR C 206 -36.89 36.89 -18.90
N LYS C 207 -36.35 37.54 -19.94
CA LYS C 207 -36.81 38.88 -20.31
C LYS C 207 -38.23 38.94 -20.84
N VAL C 208 -38.87 37.79 -20.91
CA VAL C 208 -40.26 37.73 -21.35
C VAL C 208 -41.03 37.22 -20.13
N VAL C 209 -40.37 37.29 -18.97
CA VAL C 209 -40.94 36.87 -17.69
C VAL C 209 -40.90 38.02 -16.69
N LEU C 210 -40.51 39.21 -17.19
CA LEU C 210 -40.43 40.42 -16.39
C LEU C 210 -40.48 41.66 -17.31
N GLY C 211 -39.35 42.33 -17.53
CA GLY C 211 -39.39 43.49 -18.42
C GLY C 211 -38.29 44.55 -18.38
N GLU C 212 -37.06 44.19 -18.00
CA GLU C 212 -35.97 45.17 -17.97
C GLU C 212 -34.79 44.68 -18.82
N GLU C 213 -34.45 45.48 -19.83
CA GLU C 213 -33.37 45.16 -20.77
C GLU C 213 -32.03 45.75 -20.30
N VAL C 214 -31.12 44.87 -19.87
CA VAL C 214 -29.80 45.28 -19.38
C VAL C 214 -28.72 45.25 -20.49
N SER C 215 -28.52 46.40 -21.13
CA SER C 215 -27.56 46.58 -22.24
C SER C 215 -26.49 45.50 -22.44
N PHE C 216 -25.30 45.71 -21.86
CA PHE C 216 -24.21 44.73 -22.00
C PHE C 216 -23.31 44.45 -20.77
N GLN C 217 -22.34 45.32 -20.55
CA GLN C 217 -21.38 45.17 -19.47
C GLN C 217 -21.91 44.95 -18.04
N ASP C 218 -21.25 44.03 -17.32
CA ASP C 218 -21.62 43.66 -15.95
C ASP C 218 -23.13 43.74 -15.69
N LEU C 219 -23.82 42.71 -16.16
CA LEU C 219 -25.25 42.56 -15.97
C LEU C 219 -25.29 41.75 -14.70
N GLY C 220 -25.14 40.43 -14.87
CA GLY C 220 -25.07 39.52 -13.73
C GLY C 220 -23.54 39.44 -13.55
N GLY C 221 -22.93 40.62 -13.52
CA GLY C 221 -21.49 40.76 -13.42
C GLY C 221 -20.73 40.47 -12.14
N ALA C 222 -19.45 40.81 -12.20
CA ALA C 222 -18.52 40.62 -11.11
C ALA C 222 -19.07 41.07 -9.75
N VAL C 223 -19.61 42.28 -9.69
CA VAL C 223 -20.14 42.80 -8.43
C VAL C 223 -21.15 41.85 -7.79
N VAL C 224 -22.00 41.25 -8.60
CA VAL C 224 -23.01 40.31 -8.11
C VAL C 224 -22.41 39.04 -7.50
N HIS C 225 -21.44 38.47 -8.18
CA HIS C 225 -20.81 37.24 -7.73
C HIS C 225 -19.77 37.44 -6.63
N ALA C 226 -19.13 38.60 -6.60
CA ALA C 226 -18.15 38.89 -5.56
C ALA C 226 -18.79 39.42 -4.27
N THR C 227 -19.99 40.01 -4.35
CA THR C 227 -20.63 40.53 -3.13
C THR C 227 -21.90 39.82 -2.70
N LYS C 228 -22.58 39.15 -3.64
CA LYS C 228 -23.81 38.46 -3.30
C LYS C 228 -23.84 36.94 -3.44
N SER C 229 -23.40 36.42 -4.59
CA SER C 229 -23.45 34.99 -4.83
C SER C 229 -22.25 34.22 -4.28
N GLY C 230 -21.13 34.92 -4.10
CA GLY C 230 -19.93 34.28 -3.59
C GLY C 230 -19.26 33.39 -4.61
N VAL C 231 -19.62 33.53 -5.88
CA VAL C 231 -19.03 32.70 -6.92
C VAL C 231 -17.63 33.20 -7.26
N VAL C 232 -17.43 34.51 -7.16
CA VAL C 232 -16.12 35.09 -7.45
C VAL C 232 -15.36 35.31 -6.14
N HIS C 233 -14.09 34.89 -6.10
CA HIS C 233 -13.28 35.05 -4.90
C HIS C 233 -12.49 36.36 -4.85
N PHE C 234 -12.11 36.87 -6.02
CA PHE C 234 -11.38 38.13 -6.10
C PHE C 234 -11.94 38.97 -7.23
N MET C 235 -12.20 40.24 -6.96
CA MET C 235 -12.71 41.13 -7.99
C MET C 235 -11.71 42.24 -8.21
N VAL C 236 -11.25 42.39 -9.45
CA VAL C 236 -10.29 43.43 -9.79
C VAL C 236 -10.87 44.35 -10.86
N ASP C 237 -10.31 45.55 -10.98
CA ASP C 237 -10.80 46.52 -11.95
C ASP C 237 -10.01 46.53 -13.25
N SER C 238 -9.15 45.53 -13.43
CA SER C 238 -8.35 45.49 -14.65
C SER C 238 -7.81 44.11 -14.99
N GLU C 239 -7.51 43.88 -16.27
CA GLU C 239 -6.97 42.60 -16.68
C GLU C 239 -5.51 42.46 -16.25
N GLN C 240 -4.79 43.59 -16.22
CA GLN C 240 -3.40 43.56 -15.79
C GLN C 240 -3.36 43.17 -14.31
N GLU C 241 -4.29 43.75 -13.52
CA GLU C 241 -4.40 43.45 -12.10
C GLU C 241 -4.88 42.03 -11.89
N ALA C 242 -5.63 41.51 -12.87
CA ALA C 242 -6.13 40.14 -12.82
C ALA C 242 -4.97 39.14 -12.96
N ILE C 243 -4.03 39.44 -13.86
CA ILE C 243 -2.87 38.56 -14.04
C ILE C 243 -1.87 38.73 -12.90
N ASN C 244 -1.66 39.98 -12.47
CA ASN C 244 -0.74 40.25 -11.37
C ASN C 244 -1.20 39.51 -10.12
N LEU C 245 -2.50 39.53 -9.87
CA LEU C 245 -3.05 38.86 -8.70
C LEU C 245 -2.90 37.34 -8.83
N THR C 246 -3.01 36.83 -10.06
CA THR C 246 -2.86 35.39 -10.28
C THR C 246 -1.47 34.98 -9.82
N LYS C 247 -0.45 35.71 -10.27
CA LYS C 247 0.93 35.43 -9.88
C LYS C 247 1.02 35.42 -8.36
N ARG C 248 0.51 36.46 -7.74
CA ARG C 248 0.57 36.56 -6.29
C ARG C 248 -0.17 35.40 -5.62
N LEU C 249 -1.25 34.93 -6.22
CA LEU C 249 -1.99 33.82 -5.63
C LEU C 249 -1.17 32.55 -5.75
N LEU C 250 -0.53 32.38 -6.91
CA LEU C 250 0.31 31.21 -7.12
C LEU C 250 1.46 31.16 -6.13
N SER C 251 2.01 32.33 -5.77
CA SER C 251 3.15 32.37 -4.85
C SER C 251 2.89 31.88 -3.43
N TYR C 252 1.62 31.76 -3.03
CA TYR C 252 1.29 31.26 -1.70
C TYR C 252 0.94 29.77 -1.77
N LEU C 253 0.82 29.27 -2.98
CA LEU C 253 0.42 27.88 -3.17
C LEU C 253 1.54 26.96 -3.66
N PRO C 254 1.47 25.67 -3.30
CA PRO C 254 2.48 24.71 -3.74
C PRO C 254 2.10 24.39 -5.17
N SER C 255 2.90 23.59 -5.86
CA SER C 255 2.59 23.23 -7.23
C SER C 255 1.55 22.11 -7.29
N ASN C 256 1.53 21.28 -6.24
CA ASN C 256 0.60 20.16 -6.13
C ASN C 256 0.44 19.76 -4.67
N ASN C 257 -0.44 18.80 -4.41
CA ASN C 257 -0.72 18.34 -3.06
C ASN C 257 0.36 17.47 -2.46
N MET C 258 1.43 17.24 -3.20
CA MET C 258 2.53 16.42 -2.70
C MET C 258 3.68 17.30 -2.21
N GLU C 259 3.55 18.60 -2.40
CA GLU C 259 4.58 19.53 -2.00
C GLU C 259 4.08 20.53 -0.96
N GLU C 260 5.00 20.98 -0.11
CA GLU C 260 4.66 21.96 0.93
C GLU C 260 4.57 23.34 0.30
N PRO C 261 3.68 24.20 0.81
CA PRO C 261 3.59 25.53 0.20
C PRO C 261 4.97 26.17 0.11
N PRO C 262 5.17 27.05 -0.88
CA PRO C 262 6.44 27.74 -1.08
C PRO C 262 6.83 28.68 0.05
N TYR C 263 8.12 28.72 0.32
CA TYR C 263 8.65 29.60 1.36
C TYR C 263 9.40 30.68 0.60
N ILE C 264 8.72 31.78 0.29
CA ILE C 264 9.35 32.87 -0.46
C ILE C 264 9.66 34.08 0.42
N ASP C 265 10.65 33.89 1.28
CA ASP C 265 11.15 34.91 2.19
C ASP C 265 12.00 34.11 3.13
N THR C 266 11.41 33.00 3.57
CA THR C 266 12.03 32.05 4.49
C THR C 266 12.86 32.76 5.56
N GLY C 267 12.62 34.07 5.67
CA GLY C 267 13.29 34.89 6.67
C GLY C 267 12.55 34.58 7.96
N ASP C 268 13.24 34.63 9.09
CA ASP C 268 12.59 34.31 10.35
C ASP C 268 12.58 35.43 11.38
N PRO C 269 11.97 36.59 11.04
CA PRO C 269 11.91 37.72 11.97
C PRO C 269 10.86 37.31 13.00
N ALA C 270 10.74 36.00 13.16
CA ALA C 270 9.79 35.40 14.07
C ALA C 270 10.26 35.64 15.49
N ASP C 271 11.53 35.98 15.61
CA ASP C 271 12.17 36.21 16.92
C ASP C 271 11.24 36.79 17.96
N ARG C 272 10.49 37.84 17.61
CA ARG C 272 9.57 38.43 18.59
C ARG C 272 8.73 39.64 18.15
N ASP C 273 7.70 39.94 18.95
CA ASP C 273 6.78 41.05 18.72
C ASP C 273 6.76 42.04 19.89
N ALA C 274 6.55 43.30 19.54
CA ALA C 274 6.50 44.39 20.52
C ALA C 274 5.72 45.55 19.90
N THR C 275 4.62 45.20 19.22
CA THR C 275 3.80 46.23 18.60
C THR C 275 2.41 46.20 19.19
N GLY C 276 2.37 46.16 20.53
CA GLY C 276 1.14 46.15 21.29
C GLY C 276 -0.16 45.91 20.55
N VAL C 277 -0.38 44.66 20.14
CA VAL C 277 -1.58 44.29 19.43
C VAL C 277 -2.78 44.32 20.36
N GLU C 278 -2.52 44.36 21.67
CA GLU C 278 -3.59 44.38 22.65
C GLU C 278 -4.37 45.68 22.68
N GLN C 279 -3.81 46.75 22.12
CA GLN C 279 -4.50 48.03 22.09
C GLN C 279 -5.66 48.03 21.10
N ILE C 280 -5.65 47.07 20.18
CA ILE C 280 -6.69 46.96 19.16
C ILE C 280 -8.07 46.71 19.75
N VAL C 281 -8.16 45.71 20.62
CA VAL C 281 -9.43 45.35 21.26
C VAL C 281 -9.86 46.37 22.32
N PRO C 282 -11.00 47.05 22.08
CA PRO C 282 -11.56 48.05 22.99
C PRO C 282 -11.79 47.55 24.43
N ASN C 283 -11.56 48.43 25.41
CA ASN C 283 -11.77 48.07 26.80
C ASN C 283 -13.23 47.71 27.01
N ASP C 284 -14.10 48.35 26.23
CA ASP C 284 -15.53 48.11 26.29
C ASP C 284 -15.84 46.86 25.44
N ALA C 285 -16.42 45.84 26.09
CA ALA C 285 -16.74 44.58 25.42
C ALA C 285 -17.79 44.65 24.31
N ALA C 286 -18.52 45.75 24.24
CA ALA C 286 -19.56 45.89 23.22
C ALA C 286 -19.08 46.62 21.96
N LYS C 287 -17.88 47.19 22.01
CA LYS C 287 -17.34 47.91 20.88
C LYS C 287 -16.53 47.07 19.91
N PRO C 288 -16.68 47.34 18.60
CA PRO C 288 -15.96 46.61 17.57
C PRO C 288 -14.53 47.15 17.36
N TYR C 289 -13.82 46.52 16.44
CA TYR C 289 -12.45 46.88 16.08
C TYR C 289 -12.17 46.11 14.79
N ASN C 290 -11.18 46.55 14.04
CA ASN C 290 -10.82 45.88 12.80
C ASN C 290 -9.92 44.69 13.09
N MET C 291 -10.46 43.48 12.96
CA MET C 291 -9.69 42.25 13.21
C MET C 291 -8.50 42.13 12.25
N ARG C 292 -8.56 42.81 11.11
CA ARG C 292 -7.46 42.75 10.15
C ARG C 292 -6.19 43.35 10.75
N GLU C 293 -6.36 44.36 11.60
CA GLU C 293 -5.21 45.00 12.23
C GLU C 293 -4.48 44.01 13.13
N ILE C 294 -5.20 43.06 13.69
CA ILE C 294 -4.57 42.06 14.52
C ILE C 294 -3.78 41.09 13.64
N ILE C 295 -4.34 40.69 12.50
CA ILE C 295 -3.59 39.76 11.68
C ILE C 295 -2.38 40.49 11.09
N TYR C 296 -2.49 41.81 10.88
CA TYR C 296 -1.35 42.56 10.34
C TYR C 296 -0.12 42.53 11.26
N LYS C 297 -0.34 42.64 12.56
CA LYS C 297 0.79 42.64 13.50
C LYS C 297 1.26 41.22 13.79
N ILE C 298 0.52 40.21 13.33
CA ILE C 298 0.93 38.84 13.59
C ILE C 298 1.77 38.28 12.44
N VAL C 299 1.42 38.67 11.22
CA VAL C 299 2.08 38.13 10.04
C VAL C 299 3.25 38.94 9.49
N ASP C 300 4.13 38.25 8.76
CA ASP C 300 5.29 38.89 8.17
C ASP C 300 4.89 40.17 7.42
N ASN C 301 5.60 41.25 7.74
CA ASN C 301 5.40 42.56 7.13
C ASN C 301 3.94 43.00 7.05
N GLY C 302 3.08 42.34 7.81
CA GLY C 302 1.67 42.70 7.78
C GLY C 302 0.94 42.32 6.49
N GLU C 303 1.58 41.53 5.63
CA GLU C 303 0.97 41.10 4.37
C GLU C 303 -0.19 40.12 4.51
N PHE C 304 -1.21 40.29 3.68
CA PHE C 304 -2.36 39.42 3.73
C PHE C 304 -3.16 39.46 2.44
N LEU C 305 -3.31 38.30 1.80
CA LEU C 305 -4.09 38.21 0.57
C LEU C 305 -5.47 37.69 0.99
N GLU C 306 -6.44 38.59 1.07
CA GLU C 306 -7.78 38.20 1.51
C GLU C 306 -8.60 37.58 0.38
N VAL C 307 -9.27 36.47 0.70
CA VAL C 307 -10.11 35.74 -0.23
C VAL C 307 -11.56 36.10 0.10
N HIS C 308 -12.42 36.19 -0.91
CA HIS C 308 -13.82 36.54 -0.68
C HIS C 308 -13.92 37.82 0.17
N LYS C 309 -13.05 38.78 -0.13
CA LYS C 309 -13.02 40.05 0.61
C LYS C 309 -14.37 40.79 0.67
N HIS C 310 -15.12 40.78 -0.43
CA HIS C 310 -16.38 41.50 -0.42
C HIS C 310 -17.65 40.65 -0.28
N TRP C 311 -17.47 39.38 0.07
CA TRP C 311 -18.60 38.47 0.27
C TRP C 311 -18.56 37.97 1.70
N ALA C 312 -19.74 37.80 2.31
CA ALA C 312 -19.84 37.30 3.69
C ALA C 312 -18.71 37.87 4.53
N GLN C 313 -18.75 39.19 4.72
CA GLN C 313 -17.72 39.91 5.46
C GLN C 313 -17.72 39.68 6.96
N ASN C 314 -18.65 38.88 7.47
CA ASN C 314 -18.69 38.61 8.89
C ASN C 314 -17.57 37.66 9.34
N ILE C 315 -16.83 37.11 8.38
CA ILE C 315 -15.66 36.27 8.67
C ILE C 315 -14.57 36.61 7.67
N ILE C 316 -13.32 36.57 8.12
CA ILE C 316 -12.19 36.89 7.27
C ILE C 316 -11.39 35.65 6.93
N VAL C 317 -11.07 35.52 5.66
CA VAL C 317 -10.33 34.38 5.18
C VAL C 317 -9.24 34.83 4.20
N GLY C 318 -8.04 34.24 4.32
CA GLY C 318 -6.97 34.63 3.41
C GLY C 318 -5.60 34.04 3.70
N PHE C 319 -4.63 34.39 2.85
CA PHE C 319 -3.27 33.88 3.00
C PHE C 319 -2.28 34.92 3.51
N ALA C 320 -1.31 34.45 4.29
CA ALA C 320 -0.25 35.30 4.83
C ALA C 320 0.97 34.43 5.08
N ARG C 321 1.97 34.99 5.75
CA ARG C 321 3.19 34.26 6.07
C ARG C 321 3.66 34.57 7.47
N ILE C 322 4.09 33.51 8.17
CA ILE C 322 4.60 33.63 9.51
C ILE C 322 5.97 32.93 9.48
N ALA C 323 7.02 33.66 9.84
CA ALA C 323 8.38 33.13 9.81
C ALA C 323 8.66 32.60 8.41
N GLY C 324 8.13 33.28 7.40
CA GLY C 324 8.36 32.88 6.03
C GLY C 324 7.50 31.76 5.48
N ASN C 325 6.80 31.04 6.35
CA ASN C 325 5.94 29.93 5.92
C ASN C 325 4.51 30.39 5.71
N VAL C 326 3.88 29.95 4.63
CA VAL C 326 2.52 30.38 4.37
C VAL C 326 1.50 29.76 5.33
N VAL C 327 0.50 30.55 5.70
CA VAL C 327 -0.54 30.08 6.59
C VAL C 327 -1.89 30.52 6.04
N GLY C 328 -2.95 29.85 6.49
CA GLY C 328 -4.28 30.21 6.07
C GLY C 328 -4.90 30.75 7.34
N ILE C 329 -5.68 31.82 7.23
CA ILE C 329 -6.30 32.42 8.40
C ILE C 329 -7.81 32.49 8.26
N VAL C 330 -8.51 32.15 9.35
CA VAL C 330 -9.96 32.21 9.39
C VAL C 330 -10.23 33.03 10.65
N ALA C 331 -10.79 34.23 10.49
CA ALA C 331 -11.05 35.12 11.62
C ALA C 331 -12.41 35.84 11.56
N ASN C 332 -13.14 35.81 12.68
CA ASN C 332 -14.44 36.47 12.75
C ASN C 332 -14.21 37.97 12.61
N ASN C 333 -15.14 38.65 11.95
CA ASN C 333 -15.04 40.08 11.71
C ASN C 333 -16.07 40.86 12.52
N PRO C 334 -15.63 41.51 13.61
CA PRO C 334 -16.47 42.30 14.52
C PRO C 334 -17.21 43.47 13.86
N GLU C 335 -16.70 43.93 12.72
CA GLU C 335 -17.33 45.04 12.01
C GLU C 335 -18.52 44.67 11.13
N GLU C 336 -18.85 43.38 11.05
CA GLU C 336 -19.96 42.93 10.22
C GLU C 336 -20.80 41.86 10.90
N PHE C 337 -22.06 42.18 11.17
CA PHE C 337 -22.97 41.26 11.84
C PHE C 337 -22.36 40.87 13.18
N GLY C 338 -21.76 41.84 13.85
CA GLY C 338 -21.16 41.61 15.15
C GLY C 338 -20.27 40.38 15.22
N GLY C 339 -19.69 39.99 14.08
CA GLY C 339 -18.82 38.83 14.07
C GLY C 339 -19.57 37.51 14.03
N SER C 340 -20.88 37.57 13.87
CA SER C 340 -21.68 36.36 13.82
C SER C 340 -21.40 35.62 12.52
N ILE C 341 -21.38 34.30 12.59
CA ILE C 341 -21.14 33.50 11.41
C ILE C 341 -22.46 33.36 10.65
N ASP C 342 -22.36 33.31 9.33
CA ASP C 342 -23.52 33.26 8.43
C ASP C 342 -23.56 32.03 7.52
N ILE C 343 -24.60 31.93 6.69
CA ILE C 343 -24.69 30.80 5.75
C ILE C 343 -23.59 31.05 4.71
N ASP C 344 -23.47 32.29 4.29
CA ASP C 344 -22.47 32.68 3.31
C ASP C 344 -21.10 32.56 3.97
N ALA C 345 -20.97 33.09 5.18
CA ALA C 345 -19.71 33.03 5.91
C ALA C 345 -19.27 31.57 6.08
N ALA C 346 -20.17 30.73 6.57
CA ALA C 346 -19.86 29.31 6.77
C ALA C 346 -19.38 28.66 5.47
N ASP C 347 -19.96 29.05 4.35
CA ASP C 347 -19.59 28.51 3.05
C ASP C 347 -18.21 29.03 2.68
N LYS C 348 -18.00 30.31 2.97
CA LYS C 348 -16.74 30.99 2.70
C LYS C 348 -15.58 30.35 3.44
N ALA C 349 -15.78 30.09 4.73
CA ALA C 349 -14.73 29.52 5.55
C ALA C 349 -14.53 28.04 5.29
N ALA C 350 -15.63 27.31 5.14
CA ALA C 350 -15.55 25.87 4.92
C ALA C 350 -14.72 25.50 3.70
N ARG C 351 -14.92 26.17 2.58
CA ARG C 351 -14.18 25.87 1.36
C ARG C 351 -12.72 26.30 1.42
N PHE C 352 -12.46 27.38 2.13
CA PHE C 352 -11.10 27.89 2.28
C PHE C 352 -10.34 26.88 3.14
N ILE C 353 -11.00 26.39 4.18
CA ILE C 353 -10.40 25.41 5.08
C ILE C 353 -10.02 24.12 4.36
N ARG C 354 -10.97 23.57 3.61
CA ARG C 354 -10.72 22.34 2.86
C ARG C 354 -9.61 22.55 1.84
N PHE C 355 -9.64 23.70 1.17
CA PHE C 355 -8.61 24.00 0.18
C PHE C 355 -7.25 24.03 0.86
N CYS C 356 -7.14 24.77 1.95
CA CYS C 356 -5.86 24.86 2.64
C CYS C 356 -5.35 23.49 3.02
N ASP C 357 -6.23 22.68 3.59
CA ASP C 357 -5.86 21.34 4.03
C ASP C 357 -5.41 20.46 2.87
N ALA C 358 -6.10 20.55 1.74
CA ALA C 358 -5.78 19.72 0.58
C ALA C 358 -4.39 20.05 0.06
N PHE C 359 -4.01 21.32 0.18
CA PHE C 359 -2.70 21.73 -0.30
C PHE C 359 -1.69 22.03 0.82
N ASN C 360 -1.83 21.30 1.92
CA ASN C 360 -0.96 21.38 3.10
C ASN C 360 -0.59 22.77 3.62
N ILE C 361 -1.58 23.62 3.78
CA ILE C 361 -1.38 24.96 4.29
C ILE C 361 -1.93 25.00 5.71
N PRO C 362 -1.07 25.29 6.71
CA PRO C 362 -1.48 25.35 8.12
C PRO C 362 -2.64 26.33 8.29
N LEU C 363 -3.51 26.04 9.25
CA LEU C 363 -4.66 26.89 9.53
C LEU C 363 -4.63 27.57 10.89
N ILE C 364 -4.74 28.90 10.88
CA ILE C 364 -4.75 29.68 12.11
C ILE C 364 -6.14 30.31 12.29
N SER C 365 -6.78 30.04 13.42
CA SER C 365 -8.09 30.62 13.69
C SER C 365 -7.97 31.78 14.69
N LEU C 366 -8.55 32.94 14.36
CA LEU C 366 -8.55 34.11 15.25
C LEU C 366 -10.03 34.26 15.60
N VAL C 367 -10.37 34.07 16.88
CA VAL C 367 -11.75 34.05 17.31
C VAL C 367 -12.37 35.18 18.13
N ASP C 368 -13.54 35.63 17.68
CA ASP C 368 -14.34 36.66 18.37
C ASP C 368 -15.73 36.56 17.74
N THR C 369 -16.50 35.58 18.17
CA THR C 369 -17.84 35.37 17.64
C THR C 369 -18.89 35.05 18.72
N PRO C 370 -20.04 35.77 18.68
CA PRO C 370 -21.13 35.58 19.64
C PRO C 370 -22.05 34.41 19.28
N GLY C 371 -21.96 33.96 18.03
CA GLY C 371 -22.79 32.87 17.55
C GLY C 371 -23.21 33.05 16.11
N TYR C 372 -24.42 32.61 15.78
CA TYR C 372 -24.95 32.72 14.41
C TYR C 372 -26.01 33.80 14.21
N VAL C 373 -26.20 34.19 12.95
CA VAL C 373 -27.20 35.19 12.62
C VAL C 373 -28.58 34.58 12.79
N PRO C 374 -29.39 35.14 13.70
CA PRO C 374 -30.74 34.64 13.96
C PRO C 374 -31.68 34.98 12.81
N GLY C 375 -32.85 34.38 12.81
CA GLY C 375 -33.78 34.70 11.75
C GLY C 375 -34.33 33.51 11.02
N THR C 376 -35.61 33.63 10.67
CA THR C 376 -36.32 32.59 9.95
C THR C 376 -35.74 32.50 8.54
N ASP C 377 -35.14 33.59 8.07
CA ASP C 377 -34.52 33.66 6.75
C ASP C 377 -33.32 32.68 6.71
N GLN C 378 -32.47 32.76 7.73
CA GLN C 378 -31.31 31.90 7.82
C GLN C 378 -31.71 30.43 7.95
N GLU C 379 -32.65 30.16 8.85
CA GLU C 379 -33.12 28.80 9.06
C GLU C 379 -33.76 28.24 7.79
N TYR C 380 -34.57 29.06 7.13
CA TYR C 380 -35.25 28.64 5.90
C TYR C 380 -34.27 28.34 4.79
N LYS C 381 -33.14 29.04 4.79
CA LYS C 381 -32.12 28.83 3.77
C LYS C 381 -31.13 27.75 4.24
N GLY C 382 -31.48 27.10 5.35
CA GLY C 382 -30.66 26.02 5.89
C GLY C 382 -29.35 26.29 6.58
N ILE C 383 -29.30 27.26 7.49
CA ILE C 383 -28.06 27.52 8.21
C ILE C 383 -27.59 26.26 8.92
N ILE C 384 -28.52 25.36 9.24
CA ILE C 384 -28.18 24.11 9.93
C ILE C 384 -27.20 23.24 9.12
N ARG C 385 -27.40 23.17 7.81
CA ARG C 385 -26.51 22.36 7.00
C ARG C 385 -25.31 23.15 6.50
N HIS C 386 -25.49 24.44 6.25
CA HIS C 386 -24.38 25.27 5.79
C HIS C 386 -23.37 25.46 6.92
N GLY C 387 -23.86 25.65 8.15
CA GLY C 387 -22.98 25.84 9.27
C GLY C 387 -22.19 24.59 9.60
N ALA C 388 -22.78 23.43 9.31
CA ALA C 388 -22.10 22.16 9.59
C ALA C 388 -20.85 21.97 8.73
N LYS C 389 -20.80 22.64 7.58
CA LYS C 389 -19.66 22.54 6.68
C LYS C 389 -18.34 22.93 7.37
N MET C 390 -18.38 23.99 8.16
CA MET C 390 -17.19 24.43 8.89
C MET C 390 -16.74 23.37 9.88
N LEU C 391 -17.70 22.78 10.58
CA LEU C 391 -17.39 21.74 11.56
C LEU C 391 -16.75 20.56 10.84
N TYR C 392 -17.28 20.28 9.64
CA TYR C 392 -16.78 19.18 8.84
C TYR C 392 -15.37 19.51 8.33
N ALA C 393 -15.21 20.70 7.76
CA ALA C 393 -13.92 21.13 7.22
C ALA C 393 -12.78 21.07 8.22
N PHE C 394 -13.01 21.61 9.43
CA PHE C 394 -11.98 21.57 10.45
C PHE C 394 -11.70 20.12 10.91
N ALA C 395 -12.75 19.39 11.26
CA ALA C 395 -12.60 17.99 11.71
C ALA C 395 -11.89 17.12 10.67
N GLU C 396 -12.23 17.32 9.41
CA GLU C 396 -11.63 16.59 8.29
C GLU C 396 -10.13 16.87 8.14
N ALA C 397 -9.78 18.15 8.13
CA ALA C 397 -8.41 18.64 7.96
C ALA C 397 -7.37 17.99 8.87
N THR C 398 -6.21 17.70 8.28
CA THR C 398 -5.10 17.09 8.98
C THR C 398 -3.90 18.05 9.04
N VAL C 399 -3.98 19.19 8.36
CA VAL C 399 -2.89 20.15 8.39
C VAL C 399 -2.80 20.67 9.81
N PRO C 400 -1.70 21.36 10.13
CA PRO C 400 -1.52 21.91 11.48
C PRO C 400 -2.62 22.94 11.73
N LYS C 401 -3.28 22.86 12.88
CA LYS C 401 -4.35 23.81 13.21
C LYS C 401 -4.16 24.43 14.59
N ILE C 402 -4.14 25.76 14.65
CA ILE C 402 -3.98 26.46 15.91
C ILE C 402 -5.02 27.53 16.08
N THR C 403 -5.64 27.56 17.25
CA THR C 403 -6.67 28.56 17.52
C THR C 403 -6.22 29.56 18.56
N VAL C 404 -6.49 30.83 18.27
CA VAL C 404 -6.17 31.92 19.19
C VAL C 404 -7.49 32.67 19.44
N ILE C 405 -8.04 32.52 20.64
CA ILE C 405 -9.28 33.21 20.98
C ILE C 405 -8.90 34.61 21.45
N VAL C 406 -9.25 35.61 20.66
CA VAL C 406 -8.92 36.97 21.05
C VAL C 406 -9.99 37.60 21.94
N ARG C 407 -11.24 37.23 21.71
CA ARG C 407 -12.33 37.78 22.50
C ARG C 407 -13.46 36.78 22.74
N LYS C 408 -14.62 37.03 22.14
CA LYS C 408 -15.78 36.14 22.28
C LYS C 408 -15.66 34.80 21.54
N SER C 409 -16.29 33.78 22.11
CA SER C 409 -16.31 32.45 21.51
C SER C 409 -17.45 31.74 22.22
N TYR C 410 -18.67 31.90 21.70
CA TYR C 410 -19.86 31.29 22.34
C TYR C 410 -20.54 30.19 21.53
N GLY C 411 -21.13 29.25 22.27
CA GLY C 411 -21.89 28.16 21.66
C GLY C 411 -21.34 27.47 20.43
N GLY C 412 -22.24 27.06 19.55
CA GLY C 412 -21.85 26.36 18.33
C GLY C 412 -20.76 27.01 17.51
N ALA C 413 -20.75 28.34 17.45
CA ALA C 413 -19.75 29.08 16.68
C ALA C 413 -18.38 28.92 17.30
N HIS C 414 -18.36 28.72 18.62
CA HIS C 414 -17.11 28.51 19.33
C HIS C 414 -16.49 27.24 18.77
N ILE C 415 -17.32 26.22 18.61
CA ILE C 415 -16.85 24.93 18.10
C ILE C 415 -16.44 25.02 16.63
N ALA C 416 -17.23 25.73 15.83
CA ALA C 416 -16.97 25.87 14.41
C ALA C 416 -15.66 26.58 14.09
N MET C 417 -15.10 27.29 15.07
CA MET C 417 -13.84 28.01 14.84
C MET C 417 -12.63 27.13 15.10
N SER C 418 -12.91 25.90 15.52
CA SER C 418 -11.91 24.88 15.80
C SER C 418 -11.45 24.79 17.25
N ILE C 419 -11.87 23.72 17.92
CA ILE C 419 -11.52 23.47 19.31
C ILE C 419 -10.87 22.08 19.37
N LYS C 420 -10.21 21.78 20.49
CA LYS C 420 -9.52 20.49 20.66
C LYS C 420 -10.32 19.25 20.29
N SER C 421 -11.50 19.09 20.88
CA SER C 421 -12.31 17.90 20.57
C SER C 421 -12.61 17.81 19.08
N LEU C 422 -12.58 18.94 18.38
CA LEU C 422 -12.86 18.94 16.94
C LEU C 422 -11.57 18.68 16.16
N GLY C 423 -10.45 18.71 16.86
CA GLY C 423 -9.18 18.44 16.22
C GLY C 423 -8.18 19.58 16.21
N ALA C 424 -8.37 20.57 17.07
CA ALA C 424 -7.42 21.68 17.13
C ALA C 424 -6.16 21.13 17.81
N ASP C 425 -4.99 21.36 17.22
CA ASP C 425 -3.74 20.88 17.81
C ASP C 425 -3.36 21.72 19.03
N LEU C 426 -3.49 23.02 18.88
CA LEU C 426 -3.15 23.94 19.95
C LEU C 426 -4.21 25.03 20.06
N VAL C 427 -4.59 25.38 21.28
CA VAL C 427 -5.58 26.43 21.51
C VAL C 427 -5.03 27.42 22.52
N TYR C 428 -4.99 28.69 22.13
CA TYR C 428 -4.51 29.75 23.03
C TYR C 428 -5.58 30.79 23.18
N ALA C 429 -5.52 31.53 24.28
CA ALA C 429 -6.50 32.58 24.55
C ALA C 429 -5.85 33.80 25.16
N TRP C 430 -6.27 34.96 24.69
CA TRP C 430 -5.79 36.23 25.21
C TRP C 430 -6.54 36.42 26.53
N PRO C 431 -6.01 37.29 27.41
CA PRO C 431 -6.67 37.52 28.69
C PRO C 431 -8.10 38.03 28.47
N THR C 432 -8.32 38.63 27.30
CA THR C 432 -9.63 39.16 26.94
C THR C 432 -10.59 38.11 26.38
N ALA C 433 -10.11 36.89 26.22
CA ALA C 433 -10.93 35.81 25.67
C ALA C 433 -12.14 35.58 26.56
N GLU C 434 -13.25 35.17 25.96
CA GLU C 434 -14.48 34.93 26.70
C GLU C 434 -15.20 33.72 26.12
N ILE C 435 -14.97 32.55 26.69
CA ILE C 435 -15.62 31.34 26.18
C ILE C 435 -16.87 31.04 27.01
N ALA C 436 -17.96 30.70 26.33
CA ALA C 436 -19.21 30.43 27.02
C ALA C 436 -20.12 29.48 26.27
N VAL C 437 -20.79 28.62 27.03
CA VAL C 437 -21.72 27.63 26.51
C VAL C 437 -22.75 28.34 25.63
N THR C 438 -22.96 29.61 25.92
CA THR C 438 -23.89 30.45 25.16
C THR C 438 -23.74 31.88 25.66
N GLY C 439 -24.36 32.83 24.97
CA GLY C 439 -24.27 34.21 25.40
C GLY C 439 -24.55 34.32 26.88
N PRO C 440 -23.73 35.06 27.63
CA PRO C 440 -23.97 35.18 29.08
C PRO C 440 -25.43 35.47 29.42
N GLU C 441 -25.99 36.52 28.82
CA GLU C 441 -27.39 36.88 29.06
C GLU C 441 -28.31 35.68 28.82
N GLY C 442 -28.17 35.04 27.66
CA GLY C 442 -29.00 33.90 27.36
C GLY C 442 -28.82 32.78 28.36
N ALA C 443 -27.59 32.64 28.87
CA ALA C 443 -27.29 31.61 29.85
C ALA C 443 -27.89 31.93 31.22
N VAL C 444 -27.72 33.17 31.67
CA VAL C 444 -28.24 33.56 32.97
C VAL C 444 -29.75 33.38 33.07
N ARG C 445 -30.48 33.88 32.09
CA ARG C 445 -31.93 33.75 32.09
C ARG C 445 -32.36 32.34 32.41
N ILE C 446 -32.03 31.40 31.52
CA ILE C 446 -32.39 30.00 31.71
C ILE C 446 -31.83 29.44 33.01
N LEU C 447 -30.61 29.85 33.36
CA LEU C 447 -29.94 29.37 34.57
C LEU C 447 -30.63 29.83 35.86
N TYR C 448 -31.52 30.82 35.77
CA TYR C 448 -32.24 31.33 36.94
C TYR C 448 -33.71 31.61 36.58
N ARG C 449 -34.21 30.89 35.57
CA ARG C 449 -35.59 31.03 35.09
C ARG C 449 -36.63 31.43 36.13
N LYS C 450 -36.80 30.61 37.17
CA LYS C 450 -37.80 30.89 38.20
C LYS C 450 -37.57 32.15 39.04
N GLU C 451 -36.31 32.46 39.35
CA GLU C 451 -36.00 33.68 40.11
C GLU C 451 -36.22 34.81 39.12
N ILE C 452 -35.42 35.88 39.24
CA ILE C 452 -35.56 36.99 38.31
C ILE C 452 -36.95 37.63 38.42
N GLN C 453 -37.87 36.90 39.04
CA GLN C 453 -39.24 37.38 39.23
C GLN C 453 -39.64 37.27 40.68
N GLN C 454 -38.80 36.62 41.49
CA GLN C 454 -39.07 36.46 42.92
C GLN C 454 -38.08 37.24 43.77
N ALA C 455 -37.70 38.42 43.30
CA ALA C 455 -36.76 39.27 44.02
C ALA C 455 -37.29 40.67 44.29
N SER C 456 -36.59 41.67 43.77
CA SER C 456 -36.97 43.06 43.98
C SER C 456 -37.03 43.86 42.68
N ASN C 457 -36.81 43.18 41.55
CA ASN C 457 -36.84 43.81 40.24
C ASN C 457 -36.50 42.81 39.13
N PRO C 458 -37.43 42.59 38.20
CA PRO C 458 -37.17 41.63 37.11
C PRO C 458 -35.91 41.99 36.32
N ASP C 459 -35.37 43.18 36.58
CA ASP C 459 -34.16 43.67 35.91
C ASP C 459 -32.97 43.76 36.85
N ASP C 460 -33.21 43.63 38.16
CA ASP C 460 -32.12 43.70 39.13
C ASP C 460 -31.13 42.55 38.93
N VAL C 461 -31.63 41.33 39.12
CA VAL C 461 -30.85 40.10 38.97
C VAL C 461 -29.98 40.04 37.71
N LEU C 462 -30.46 40.60 36.60
CA LEU C 462 -29.66 40.62 35.37
C LEU C 462 -28.51 41.61 35.56
N LYS C 463 -27.61 41.21 36.46
CA LYS C 463 -26.42 41.97 36.83
C LYS C 463 -25.77 41.08 37.89
N GLN C 464 -26.50 40.88 38.98
CA GLN C 464 -26.02 40.03 40.08
C GLN C 464 -25.96 38.60 39.53
N ARG C 465 -26.43 38.44 38.31
CA ARG C 465 -26.44 37.14 37.65
C ARG C 465 -25.74 37.22 36.29
N ILE C 466 -26.03 38.28 35.53
CA ILE C 466 -25.44 38.45 34.22
C ILE C 466 -23.98 38.92 34.31
N ALA C 467 -23.71 39.83 35.23
CA ALA C 467 -22.36 40.37 35.40
C ALA C 467 -21.47 39.40 36.20
N GLU C 468 -22.09 38.66 37.12
CA GLU C 468 -21.35 37.70 37.94
C GLU C 468 -20.95 36.47 37.15
N TYR C 469 -21.83 36.04 36.24
CA TYR C 469 -21.58 34.87 35.40
C TYR C 469 -20.34 35.14 34.55
N ARG C 470 -20.25 36.37 34.04
CA ARG C 470 -19.13 36.76 33.21
C ARG C 470 -17.82 36.81 33.98
N LYS C 471 -17.89 37.19 35.25
CA LYS C 471 -16.70 37.27 36.08
C LYS C 471 -16.21 35.88 36.44
N LEU C 472 -17.14 34.97 36.63
CA LEU C 472 -16.77 33.60 36.99
C LEU C 472 -16.67 32.63 35.80
N PHE C 473 -17.10 33.05 34.62
CA PHE C 473 -17.03 32.18 33.44
C PHE C 473 -16.68 32.86 32.12
N ALA C 474 -16.99 34.15 32.00
CA ALA C 474 -16.66 34.87 30.78
C ALA C 474 -15.18 35.24 30.87
N ASN C 475 -14.35 34.21 30.99
CA ASN C 475 -12.90 34.37 31.11
C ASN C 475 -12.20 33.18 30.45
N PRO C 476 -10.88 33.30 30.22
CA PRO C 476 -10.15 32.20 29.60
C PRO C 476 -9.74 31.14 30.63
N TYR C 477 -9.69 31.55 31.88
CA TYR C 477 -9.25 30.66 32.95
C TYR C 477 -10.15 29.50 33.33
N TRP C 478 -11.44 29.56 33.04
CA TRP C 478 -12.29 28.43 33.38
C TRP C 478 -11.99 27.29 32.40
N ALA C 479 -11.91 27.62 31.12
CA ALA C 479 -11.63 26.59 30.11
C ALA C 479 -10.20 26.10 30.29
N ALA C 480 -9.31 26.99 30.71
CA ALA C 480 -7.92 26.65 30.93
C ALA C 480 -7.79 25.64 32.06
N GLU C 481 -8.58 25.82 33.12
CA GLU C 481 -8.53 24.89 34.25
C GLU C 481 -9.06 23.52 33.87
N LYS C 482 -9.94 23.47 32.87
CA LYS C 482 -10.48 22.19 32.43
C LYS C 482 -9.65 21.55 31.31
N GLY C 483 -8.55 22.21 30.94
CA GLY C 483 -7.69 21.65 29.91
C GLY C 483 -8.18 21.85 28.49
N LEU C 484 -9.19 22.69 28.31
CA LEU C 484 -9.75 22.97 26.99
C LEU C 484 -8.88 23.93 26.17
N VAL C 485 -8.11 24.77 26.86
CA VAL C 485 -7.22 25.69 26.19
C VAL C 485 -5.85 25.34 26.74
N ASP C 486 -4.83 25.35 25.89
CA ASP C 486 -3.50 24.99 26.34
C ASP C 486 -2.88 26.06 27.21
N ASP C 487 -3.18 27.31 26.93
CA ASP C 487 -2.62 28.38 27.73
C ASP C 487 -3.29 29.72 27.45
N VAL C 488 -3.15 30.64 28.40
CA VAL C 488 -3.67 31.98 28.27
C VAL C 488 -2.37 32.74 28.05
N ILE C 489 -2.37 33.68 27.12
CA ILE C 489 -1.13 34.40 26.82
C ILE C 489 -1.30 35.87 26.55
N GLU C 490 -0.20 36.61 26.66
CA GLU C 490 -0.20 38.05 26.43
C GLU C 490 -0.32 38.27 24.92
N PRO C 491 -1.23 39.15 24.50
CA PRO C 491 -1.44 39.45 23.09
C PRO C 491 -0.16 39.62 22.24
N LYS C 492 0.82 40.34 22.76
CA LYS C 492 2.05 40.54 22.00
C LYS C 492 2.84 39.26 21.75
N ASP C 493 2.50 38.18 22.46
CA ASP C 493 3.18 36.89 22.32
C ASP C 493 2.61 36.01 21.19
N THR C 494 1.44 36.38 20.67
CA THR C 494 0.77 35.59 19.64
C THR C 494 1.62 35.13 18.47
N ARG C 495 2.44 36.01 17.93
CA ARG C 495 3.28 35.65 16.79
C ARG C 495 4.32 34.61 17.21
N ARG C 496 5.04 34.90 18.28
CA ARG C 496 6.08 34.00 18.77
C ARG C 496 5.45 32.66 19.14
N VAL C 497 4.23 32.72 19.63
CA VAL C 497 3.52 31.50 20.01
C VAL C 497 3.09 30.73 18.76
N ILE C 498 2.60 31.42 17.75
CA ILE C 498 2.17 30.74 16.54
C ILE C 498 3.40 30.18 15.83
N VAL C 499 4.49 30.95 15.84
CA VAL C 499 5.74 30.53 15.21
C VAL C 499 6.22 29.18 15.78
N ALA C 500 6.32 29.09 17.11
CA ALA C 500 6.76 27.87 17.76
C ALA C 500 5.76 26.74 17.55
N GLY C 501 4.48 27.06 17.57
CA GLY C 501 3.48 26.02 17.36
C GLY C 501 3.59 25.40 15.97
N LEU C 502 3.69 26.23 14.95
CA LEU C 502 3.80 25.75 13.58
C LEU C 502 5.08 24.98 13.33
N GLU C 503 6.17 25.47 13.91
CA GLU C 503 7.47 24.83 13.76
C GLU C 503 7.38 23.40 14.26
N MET C 504 6.85 23.21 15.46
CA MET C 504 6.71 21.87 16.01
C MET C 504 5.72 21.02 15.21
N LEU C 505 4.64 21.64 14.72
CA LEU C 505 3.61 20.93 13.96
C LEU C 505 4.00 20.62 12.52
N LYS C 506 5.06 21.27 12.05
CA LYS C 506 5.61 21.11 10.70
C LYS C 506 5.55 19.69 10.14
N THR C 507 5.94 18.71 10.95
CA THR C 507 5.94 17.33 10.49
C THR C 507 4.74 16.53 10.99
N LYS C 508 3.61 17.20 11.15
CA LYS C 508 2.39 16.55 11.63
C LYS C 508 1.80 15.53 10.68
N ARG C 509 1.50 14.35 11.22
CA ARG C 509 0.88 13.28 10.46
C ARG C 509 -0.21 12.72 11.38
N GLU C 510 -1.40 12.52 10.84
CA GLU C 510 -2.51 12.00 11.64
C GLU C 510 -3.04 10.72 11.01
N TYR C 511 -4.29 10.38 11.31
CA TYR C 511 -4.94 9.18 10.78
C TYR C 511 -6.34 9.51 10.24
N ARG C 512 -6.80 8.72 9.28
CA ARG C 512 -8.13 8.90 8.69
C ARG C 512 -8.64 7.55 8.17
N TYR C 513 -9.93 7.29 8.38
CA TYR C 513 -10.53 6.04 7.92
C TYR C 513 -10.67 5.98 6.41
N PRO C 514 -10.29 4.83 5.80
CA PRO C 514 -10.35 4.63 4.35
C PRO C 514 -11.77 4.79 3.80
N LYS C 515 -11.89 5.59 2.75
CA LYS C 515 -13.19 5.83 2.15
C LYS C 515 -12.92 6.47 0.80
N LYS C 516 -13.85 6.32 -0.15
CA LYS C 516 -13.65 6.94 -1.44
C LYS C 516 -13.67 8.43 -1.18
N HIS C 517 -14.50 8.83 -0.22
CA HIS C 517 -14.67 10.21 0.20
C HIS C 517 -15.73 10.23 1.28
N GLY C 518 -16.02 11.41 1.82
CA GLY C 518 -17.02 11.51 2.85
C GLY C 518 -18.30 12.02 2.25
N ASN C 519 -19.22 12.49 3.10
CA ASN C 519 -20.49 13.01 2.64
C ASN C 519 -20.81 14.32 3.35
N ILE C 520 -19.96 15.32 3.15
CA ILE C 520 -20.16 16.62 3.79
C ILE C 520 -21.51 17.23 3.38
N PRO C 521 -22.16 17.96 4.30
CA PRO C 521 -23.46 18.59 3.99
C PRO C 521 -23.29 19.58 2.83
N LEU C 522 -24.25 19.62 1.92
CA LEU C 522 -24.13 20.54 0.80
C LEU C 522 -25.21 21.62 0.81
N LYS D 5 20.65 -51.44 -14.90
CA LYS D 5 19.92 -52.41 -15.78
C LYS D 5 18.72 -51.72 -16.42
N PRO D 6 18.72 -51.59 -17.76
CA PRO D 6 17.65 -50.94 -18.52
C PRO D 6 16.19 -51.29 -18.21
N PRO D 7 15.85 -52.58 -18.07
CA PRO D 7 14.44 -52.93 -17.79
C PRO D 7 13.78 -52.07 -16.71
N VAL D 8 12.77 -51.31 -17.12
CA VAL D 8 12.06 -50.41 -16.20
C VAL D 8 11.54 -51.16 -14.98
N GLU D 9 11.10 -52.39 -15.17
CA GLU D 9 10.59 -53.19 -14.05
C GLU D 9 11.66 -53.33 -12.97
N LYS D 10 12.90 -53.55 -13.39
CA LYS D 10 13.99 -53.70 -12.45
C LYS D 10 14.25 -52.40 -11.73
N LEU D 11 14.30 -51.32 -12.49
CA LEU D 11 14.53 -50.00 -11.92
C LEU D 11 13.50 -49.67 -10.84
N ILE D 12 12.21 -49.96 -11.09
CA ILE D 12 11.21 -49.67 -10.05
C ILE D 12 11.39 -50.64 -8.87
N GLU D 13 11.86 -51.85 -9.14
CA GLU D 13 12.08 -52.80 -8.06
C GLU D 13 13.25 -52.28 -7.24
N GLU D 14 14.23 -51.70 -7.92
CA GLU D 14 15.39 -51.16 -7.23
C GLU D 14 14.89 -50.01 -6.37
N LEU D 15 14.12 -49.11 -6.98
CA LEU D 15 13.57 -47.98 -6.28
C LEU D 15 12.86 -48.43 -5.01
N ARG D 16 12.05 -49.47 -5.12
CA ARG D 16 11.33 -49.95 -3.96
C ARG D 16 12.31 -50.48 -2.92
N GLN D 17 13.39 -51.09 -3.37
CA GLN D 17 14.41 -51.62 -2.47
C GLN D 17 15.21 -50.50 -1.80
N LEU D 18 15.41 -49.39 -2.51
CA LEU D 18 16.14 -48.25 -1.97
C LEU D 18 15.31 -47.53 -0.90
N LYS D 19 14.04 -47.26 -1.21
CA LYS D 19 13.16 -46.58 -0.28
C LYS D 19 12.91 -47.36 1.00
N GLU D 20 12.77 -48.69 0.90
CA GLU D 20 12.54 -49.49 2.10
C GLU D 20 13.81 -49.42 2.95
N LYS D 21 14.94 -49.19 2.29
CA LYS D 21 16.21 -49.06 2.99
C LYS D 21 16.30 -47.69 3.65
N ALA D 22 15.85 -46.66 2.95
CA ALA D 22 15.89 -45.29 3.46
C ALA D 22 14.90 -45.08 4.60
N TYR D 23 13.82 -45.84 4.61
CA TYR D 23 12.83 -45.71 5.67
C TYR D 23 13.37 -46.10 7.03
N LYS D 24 14.35 -46.99 7.06
CA LYS D 24 14.95 -47.46 8.32
C LYS D 24 15.95 -46.56 9.01
N GLY D 25 16.23 -45.40 8.42
CA GLY D 25 17.19 -44.50 9.03
C GLY D 25 18.48 -45.22 9.34
N GLY D 26 18.85 -45.23 10.62
CA GLY D 26 20.07 -45.89 11.05
C GLY D 26 20.03 -47.41 10.98
N GLY D 27 18.85 -47.96 10.72
CA GLY D 27 18.73 -49.41 10.66
C GLY D 27 17.81 -50.02 11.71
N ASP D 28 17.33 -51.22 11.44
CA ASP D 28 16.43 -51.93 12.34
C ASP D 28 16.95 -52.17 13.74
N GLU D 29 18.26 -52.38 13.88
CA GLU D 29 18.86 -52.62 15.19
C GLU D 29 18.87 -51.32 15.96
N ARG D 30 19.07 -50.21 15.26
CA ARG D 30 19.06 -48.90 15.90
C ARG D 30 17.61 -48.56 16.30
N ILE D 31 16.64 -48.79 15.41
CA ILE D 31 15.28 -48.46 15.80
C ILE D 31 14.90 -49.37 16.97
N GLN D 32 15.42 -50.59 16.96
CA GLN D 32 15.17 -51.54 18.03
C GLN D 32 15.64 -50.89 19.33
N PHE D 33 16.79 -50.22 19.27
CA PHE D 33 17.33 -49.55 20.44
C PHE D 33 16.44 -48.36 20.79
N GLN D 34 15.93 -47.67 19.78
CA GLN D 34 15.05 -46.52 20.02
C GLN D 34 13.81 -47.00 20.75
N HIS D 35 13.32 -48.19 20.36
CA HIS D 35 12.14 -48.78 20.98
C HIS D 35 12.42 -49.27 22.39
N SER D 36 13.66 -49.69 22.64
CA SER D 36 14.04 -50.19 23.96
C SER D 36 13.92 -49.07 24.99
N LYS D 37 14.03 -47.83 24.52
CA LYS D 37 13.93 -46.66 25.38
C LYS D 37 12.47 -46.25 25.55
N GLY D 38 11.56 -46.98 24.90
CA GLY D 38 10.15 -46.65 25.01
C GLY D 38 9.75 -45.54 24.04
N LYS D 39 10.57 -45.35 23.00
CA LYS D 39 10.30 -44.30 22.02
C LYS D 39 9.91 -44.83 20.65
N LEU D 40 9.07 -44.07 19.95
CA LEU D 40 8.64 -44.41 18.61
C LEU D 40 9.66 -43.80 17.64
N THR D 41 9.63 -44.22 16.38
CA THR D 41 10.53 -43.66 15.36
C THR D 41 9.84 -42.43 14.79
N ALA D 42 10.62 -41.57 14.14
CA ALA D 42 10.10 -40.35 13.55
C ALA D 42 8.88 -40.67 12.67
N ARG D 43 9.00 -41.74 11.87
CA ARG D 43 7.92 -42.15 10.98
C ARG D 43 6.71 -42.71 11.72
N GLU D 44 6.91 -43.42 12.82
CA GLU D 44 5.78 -43.95 13.57
C GLU D 44 5.06 -42.75 14.18
N ARG D 45 5.83 -41.77 14.62
CA ARG D 45 5.26 -40.56 15.21
C ARG D 45 4.44 -39.81 14.17
N LEU D 46 5.01 -39.64 12.98
CA LEU D 46 4.31 -38.96 11.88
C LEU D 46 3.05 -39.74 11.49
N ALA D 47 3.17 -41.06 11.44
CA ALA D 47 2.04 -41.92 11.08
C ALA D 47 0.84 -41.67 12.00
N LEU D 48 1.12 -41.41 13.27
CA LEU D 48 0.03 -41.16 14.22
C LEU D 48 -0.51 -39.76 14.01
N LEU D 49 0.37 -38.81 13.73
CA LEU D 49 -0.04 -37.43 13.56
C LEU D 49 -0.95 -37.16 12.39
N PHE D 50 -0.54 -37.61 11.22
CA PHE D 50 -1.32 -37.37 10.02
C PHE D 50 -2.43 -38.33 9.70
N ASP D 51 -3.41 -37.83 8.95
CA ASP D 51 -4.56 -38.63 8.56
C ASP D 51 -4.13 -39.81 7.70
N ASP D 52 -4.62 -40.99 8.08
CA ASP D 52 -4.32 -42.23 7.36
C ASP D 52 -2.83 -42.50 7.26
N GLY D 53 -2.06 -41.83 8.10
CA GLY D 53 -0.61 -42.01 8.10
C GLY D 53 0.06 -41.54 6.82
N LYS D 54 -0.66 -40.80 5.98
CA LYS D 54 -0.11 -40.29 4.72
C LYS D 54 0.76 -39.06 4.94
N PHE D 55 1.97 -39.09 4.38
CA PHE D 55 2.91 -37.97 4.49
C PHE D 55 3.67 -37.75 3.19
N ASN D 56 3.66 -36.53 2.67
CA ASN D 56 4.36 -36.23 1.43
C ASN D 56 5.74 -35.68 1.78
N GLU D 57 6.78 -36.48 1.62
CA GLU D 57 8.13 -36.02 1.94
C GLU D 57 8.73 -35.22 0.82
N ILE D 58 9.74 -34.45 1.19
CA ILE D 58 10.53 -33.65 0.26
C ILE D 58 11.96 -34.05 0.61
N MET D 59 12.88 -33.97 -0.37
CA MET D 59 14.28 -34.33 -0.14
C MET D 59 14.37 -35.60 0.71
N THR D 60 13.67 -36.65 0.30
CA THR D 60 13.67 -37.88 1.07
C THR D 60 14.98 -38.66 1.05
N PHE D 61 15.78 -38.44 0.01
CA PHE D 61 17.04 -39.15 -0.13
C PHE D 61 18.27 -38.31 0.19
N ALA D 62 18.08 -37.02 0.42
CA ALA D 62 19.18 -36.11 0.69
C ALA D 62 20.16 -36.60 1.76
N THR D 63 21.45 -36.52 1.47
CA THR D 63 22.46 -36.96 2.44
C THR D 63 23.48 -35.88 2.73
N THR D 64 24.26 -36.08 3.80
CA THR D 64 25.29 -35.13 4.16
C THR D 64 26.33 -35.03 3.04
N ARG D 65 26.90 -33.83 2.87
CA ARG D 65 27.94 -33.58 1.87
C ARG D 65 29.29 -33.69 2.59
N ALA D 66 29.24 -33.83 3.91
CA ALA D 66 30.44 -33.89 4.74
C ALA D 66 31.34 -35.09 4.48
N THR D 67 32.64 -34.84 4.59
CA THR D 67 33.64 -35.87 4.35
C THR D 67 34.48 -36.19 5.59
N GLU D 68 34.41 -35.35 6.61
CA GLU D 68 35.19 -35.55 7.83
C GLU D 68 34.58 -36.49 8.89
N PHE D 69 35.46 -37.15 9.63
CA PHE D 69 35.08 -38.08 10.70
C PHE D 69 34.20 -39.26 10.30
N GLY D 70 34.38 -39.78 9.09
CA GLY D 70 33.58 -40.92 8.66
C GLY D 70 32.36 -40.61 7.80
N LEU D 71 31.87 -39.38 7.88
CA LEU D 71 30.69 -38.98 7.10
C LEU D 71 30.93 -39.13 5.60
N ASP D 72 32.20 -39.22 5.21
CA ASP D 72 32.55 -39.37 3.80
C ASP D 72 32.16 -40.75 3.28
N LYS D 73 32.08 -41.72 4.18
CA LYS D 73 31.72 -43.08 3.81
C LYS D 73 30.40 -43.51 4.39
N GLN D 74 30.20 -43.28 5.69
CA GLN D 74 28.93 -43.65 6.31
C GLN D 74 27.89 -42.55 6.09
N ARG D 75 26.87 -42.85 5.28
CA ARG D 75 25.82 -41.87 5.00
C ARG D 75 24.42 -42.47 5.09
N PHE D 76 23.46 -41.63 5.49
CA PHE D 76 22.09 -42.08 5.64
C PHE D 76 21.10 -41.25 4.83
N TYR D 77 20.36 -41.92 3.96
CA TYR D 77 19.37 -41.25 3.14
C TYR D 77 18.46 -40.46 4.08
N GLY D 78 18.23 -39.19 3.77
CA GLY D 78 17.36 -38.37 4.62
C GLY D 78 18.11 -37.57 5.65
N ASP D 79 19.35 -38.00 5.92
CA ASP D 79 20.24 -37.31 6.87
C ASP D 79 19.70 -37.06 8.29
N GLY D 80 18.83 -37.93 8.77
CA GLY D 80 18.32 -37.78 10.13
C GLY D 80 16.98 -37.11 10.38
N VAL D 81 16.32 -36.62 9.33
CA VAL D 81 15.03 -35.99 9.53
C VAL D 81 14.07 -36.20 8.35
N VAL D 82 12.81 -36.45 8.68
CA VAL D 82 11.76 -36.63 7.69
C VAL D 82 10.95 -35.35 7.68
N THR D 83 10.93 -34.68 6.55
CA THR D 83 10.20 -33.42 6.39
C THR D 83 9.20 -33.50 5.24
N GLY D 84 8.14 -32.72 5.34
CA GLY D 84 7.12 -32.74 4.31
C GLY D 84 5.81 -32.21 4.86
N TRP D 85 4.70 -32.62 4.25
CA TRP D 85 3.40 -32.16 4.70
C TRP D 85 2.33 -33.25 4.59
N GLY D 86 1.21 -33.01 5.25
CA GLY D 86 0.11 -33.96 5.23
C GLY D 86 -1.14 -33.27 5.73
N LYS D 87 -2.18 -34.04 6.03
CA LYS D 87 -3.41 -33.46 6.53
C LYS D 87 -3.64 -33.94 7.95
N VAL D 88 -4.04 -33.02 8.81
CA VAL D 88 -4.35 -33.34 10.19
C VAL D 88 -5.82 -32.95 10.31
N ASP D 89 -6.68 -33.93 10.50
CA ASP D 89 -8.13 -33.68 10.57
C ASP D 89 -8.56 -32.89 9.32
N GLY D 90 -8.07 -33.32 8.16
CA GLY D 90 -8.41 -32.67 6.90
C GLY D 90 -7.71 -31.36 6.60
N ARG D 91 -6.92 -30.87 7.54
CA ARG D 91 -6.22 -29.62 7.35
C ARG D 91 -4.75 -29.83 7.00
N THR D 92 -4.26 -29.04 6.06
CA THR D 92 -2.87 -29.15 5.64
C THR D 92 -1.89 -28.56 6.65
N VAL D 93 -0.94 -29.39 7.07
CA VAL D 93 0.10 -28.94 8.00
C VAL D 93 1.43 -29.60 7.69
N PHE D 94 2.49 -28.80 7.76
CA PHE D 94 3.83 -29.30 7.52
C PHE D 94 4.42 -29.77 8.83
N ALA D 95 5.44 -30.61 8.74
CA ALA D 95 6.08 -31.11 9.93
C ALA D 95 7.42 -31.74 9.62
N TYR D 96 8.24 -31.84 10.65
CA TYR D 96 9.53 -32.51 10.51
C TYR D 96 9.65 -33.40 11.72
N ALA D 97 10.27 -34.56 11.53
CA ALA D 97 10.48 -35.51 12.60
C ALA D 97 11.92 -35.99 12.49
N GLN D 98 12.71 -35.70 13.51
CA GLN D 98 14.09 -36.10 13.50
C GLN D 98 14.18 -37.58 13.87
N ASP D 99 15.10 -38.29 13.22
CA ASP D 99 15.29 -39.71 13.47
C ASP D 99 16.57 -39.91 14.27
N PHE D 100 16.41 -40.20 15.56
CA PHE D 100 17.54 -40.40 16.47
C PHE D 100 18.47 -41.53 16.03
N THR D 101 17.94 -42.50 15.28
CA THR D 101 18.77 -43.61 14.83
C THR D 101 19.84 -43.17 13.83
N VAL D 102 19.74 -41.93 13.36
CA VAL D 102 20.72 -41.38 12.41
C VAL D 102 21.63 -40.37 13.10
N LEU D 103 22.79 -40.83 13.55
CA LEU D 103 23.77 -39.98 14.24
C LEU D 103 23.13 -39.17 15.39
N GLY D 104 22.42 -39.88 16.26
CA GLY D 104 21.79 -39.25 17.40
C GLY D 104 20.85 -38.10 17.05
N GLY D 105 20.24 -38.19 15.86
CA GLY D 105 19.32 -37.13 15.45
C GLY D 105 20.00 -35.79 15.35
N SER D 106 21.33 -35.79 15.40
CA SER D 106 22.13 -34.58 15.32
C SER D 106 21.77 -33.74 14.10
N LEU D 107 21.84 -32.43 14.26
CA LEU D 107 21.50 -31.51 13.18
C LEU D 107 22.58 -31.32 12.12
N GLY D 108 22.60 -32.21 11.13
CA GLY D 108 23.57 -32.05 10.06
C GLY D 108 23.18 -30.84 9.23
N GLU D 109 24.08 -30.42 8.35
CA GLU D 109 23.84 -29.27 7.48
C GLU D 109 22.67 -29.53 6.52
N THR D 110 22.63 -30.73 5.93
CA THR D 110 21.55 -31.07 5.00
C THR D 110 20.25 -31.27 5.76
N HIS D 111 20.37 -31.92 6.92
CA HIS D 111 19.26 -32.20 7.85
C HIS D 111 18.62 -30.85 8.18
N ALA D 112 19.45 -29.82 8.32
CA ALA D 112 18.94 -28.50 8.65
C ALA D 112 18.24 -27.87 7.44
N ASN D 113 18.85 -27.98 6.27
CA ASN D 113 18.25 -27.41 5.06
C ASN D 113 16.91 -28.06 4.70
N LYS D 114 16.68 -29.29 5.14
CA LYS D 114 15.42 -29.97 4.87
C LYS D 114 14.33 -29.29 5.70
N ILE D 115 14.63 -29.07 6.97
CA ILE D 115 13.70 -28.42 7.89
C ILE D 115 13.44 -27.00 7.38
N VAL D 116 14.48 -26.35 6.90
CA VAL D 116 14.33 -24.99 6.37
C VAL D 116 13.42 -24.98 5.14
N ARG D 117 13.53 -26.01 4.29
CA ARG D 117 12.70 -26.09 3.10
C ARG D 117 11.25 -26.26 3.52
N ALA D 118 11.03 -27.11 4.51
CA ALA D 118 9.69 -27.36 5.01
C ALA D 118 9.07 -26.04 5.46
N TYR D 119 9.86 -25.25 6.20
CA TYR D 119 9.41 -23.96 6.71
C TYR D 119 9.17 -22.96 5.60
N GLU D 120 9.97 -23.01 4.53
CA GLU D 120 9.76 -22.08 3.41
C GLU D 120 8.43 -22.42 2.72
N LEU D 121 8.18 -23.71 2.50
CA LEU D 121 6.93 -24.10 1.85
C LEU D 121 5.74 -23.72 2.72
N ALA D 122 5.73 -24.17 3.97
CA ALA D 122 4.64 -23.88 4.90
C ALA D 122 4.36 -22.39 4.98
N LEU D 123 5.43 -21.60 4.97
CA LEU D 123 5.35 -20.15 5.05
C LEU D 123 4.72 -19.57 3.78
N LYS D 124 4.99 -20.20 2.65
CA LYS D 124 4.44 -19.73 1.40
C LYS D 124 2.95 -20.05 1.25
N VAL D 125 2.52 -21.21 1.73
CA VAL D 125 1.12 -21.60 1.60
C VAL D 125 0.27 -21.35 2.83
N GLY D 126 0.88 -20.77 3.87
CA GLY D 126 0.13 -20.48 5.09
C GLY D 126 -0.37 -21.70 5.84
N ALA D 127 0.55 -22.60 6.18
CA ALA D 127 0.21 -23.81 6.93
C ALA D 127 1.07 -23.92 8.19
N PRO D 128 0.50 -24.47 9.27
CA PRO D 128 1.26 -24.61 10.51
C PRO D 128 2.43 -25.58 10.31
N VAL D 129 3.38 -25.55 11.23
CA VAL D 129 4.52 -26.47 11.17
C VAL D 129 4.63 -27.19 12.50
N VAL D 130 4.70 -28.51 12.47
CA VAL D 130 4.85 -29.25 13.72
C VAL D 130 6.21 -29.93 13.74
N GLY D 131 7.05 -29.53 14.69
CA GLY D 131 8.38 -30.10 14.78
C GLY D 131 8.47 -31.18 15.85
N ILE D 132 8.67 -32.42 15.41
CA ILE D 132 8.77 -33.52 16.36
C ILE D 132 10.26 -33.73 16.61
N ASN D 133 10.78 -33.06 17.64
CA ASN D 133 12.19 -33.11 17.97
C ASN D 133 12.68 -34.37 18.69
N ASP D 134 13.85 -34.84 18.27
CA ASP D 134 14.50 -36.01 18.84
C ASP D 134 15.93 -35.96 18.35
N SER D 135 16.67 -34.99 18.89
CA SER D 135 18.05 -34.74 18.52
C SER D 135 18.89 -34.49 19.76
N GLY D 136 20.15 -34.92 19.73
CA GLY D 136 21.02 -34.69 20.86
C GLY D 136 21.65 -33.33 20.74
N GLY D 137 21.51 -32.71 19.58
CA GLY D 137 22.09 -31.40 19.36
C GLY D 137 22.89 -31.30 18.08
N ALA D 138 23.91 -30.45 18.08
CA ALA D 138 24.71 -30.26 16.89
C ALA D 138 25.46 -31.53 16.45
N ARG D 139 25.73 -31.62 15.17
CA ARG D 139 26.46 -32.77 14.65
C ARG D 139 27.94 -32.37 14.74
N ILE D 140 28.59 -32.85 15.80
CA ILE D 140 29.99 -32.54 16.04
C ILE D 140 30.83 -32.73 14.77
N GLN D 141 30.62 -33.85 14.09
CA GLN D 141 31.37 -34.17 12.88
C GLN D 141 31.38 -33.06 11.84
N GLU D 142 30.31 -32.29 11.75
CA GLU D 142 30.24 -31.22 10.75
C GLU D 142 30.68 -29.84 11.21
N GLY D 143 31.36 -29.78 12.35
CA GLY D 143 31.86 -28.52 12.85
C GLY D 143 30.91 -27.33 12.78
N ALA D 144 31.45 -26.21 12.36
CA ALA D 144 30.70 -24.96 12.25
C ALA D 144 29.53 -24.97 11.25
N LEU D 145 29.54 -25.87 10.28
CA LEU D 145 28.45 -25.90 9.34
C LEU D 145 27.17 -26.42 10.00
N SER D 146 27.31 -27.17 11.09
CA SER D 146 26.14 -27.68 11.78
C SER D 146 25.49 -26.50 12.52
N LEU D 147 26.30 -25.57 12.99
CA LEU D 147 25.75 -24.41 13.70
C LEU D 147 25.11 -23.48 12.69
N GLU D 148 25.75 -23.33 11.53
CA GLU D 148 25.20 -22.48 10.48
C GLU D 148 23.79 -23.00 10.17
N GLY D 149 23.62 -24.32 10.19
CA GLY D 149 22.32 -24.91 9.93
C GLY D 149 21.30 -24.45 10.96
N TYR D 150 21.71 -24.47 12.23
CA TYR D 150 20.86 -24.03 13.33
C TYR D 150 20.42 -22.58 13.08
N GLY D 151 21.35 -21.75 12.64
CA GLY D 151 21.02 -20.37 12.36
C GLY D 151 19.95 -20.25 11.28
N ALA D 152 19.99 -21.14 10.30
CA ALA D 152 19.01 -21.11 9.22
C ALA D 152 17.62 -21.52 9.72
N VAL D 153 17.55 -22.55 10.54
CA VAL D 153 16.25 -22.97 11.08
C VAL D 153 15.71 -21.82 11.92
N PHE D 154 16.51 -21.35 12.88
CA PHE D 154 16.12 -20.25 13.78
C PHE D 154 15.53 -19.08 13.00
N LYS D 155 16.20 -18.69 11.92
CA LYS D 155 15.73 -17.58 11.10
C LYS D 155 14.35 -17.89 10.56
N MET D 156 14.10 -19.14 10.18
CA MET D 156 12.76 -19.49 9.70
C MET D 156 11.76 -19.40 10.86
N ASN D 157 12.15 -19.87 12.04
CA ASN D 157 11.24 -19.79 13.21
C ASN D 157 10.81 -18.33 13.42
N VAL D 158 11.78 -17.42 13.35
CA VAL D 158 11.50 -16.01 13.56
C VAL D 158 10.66 -15.40 12.46
N MET D 159 10.95 -15.73 11.20
CA MET D 159 10.19 -15.21 10.08
C MET D 159 8.75 -15.70 10.20
N ALA D 160 8.61 -16.92 10.71
CA ALA D 160 7.30 -17.54 10.84
C ALA D 160 6.53 -17.12 12.09
N SER D 161 7.22 -16.51 13.05
CA SER D 161 6.58 -16.10 14.29
C SER D 161 5.39 -15.17 14.07
N GLY D 162 4.21 -15.62 14.47
CA GLY D 162 3.00 -14.82 14.32
C GLY D 162 2.45 -14.81 12.90
N VAL D 163 2.97 -15.68 12.04
CA VAL D 163 2.49 -15.78 10.67
C VAL D 163 1.79 -17.13 10.55
N ILE D 164 2.48 -18.19 10.94
CA ILE D 164 1.90 -19.53 10.94
C ILE D 164 2.16 -20.13 12.32
N PRO D 165 1.18 -20.86 12.86
CA PRO D 165 1.34 -21.48 14.18
C PRO D 165 2.52 -22.44 14.19
N GLN D 166 3.30 -22.39 15.27
CA GLN D 166 4.46 -23.27 15.40
C GLN D 166 4.36 -24.08 16.69
N ILE D 167 4.33 -25.40 16.53
CA ILE D 167 4.23 -26.29 17.66
C ILE D 167 5.34 -27.32 17.64
N THR D 168 6.00 -27.51 18.76
CA THR D 168 7.03 -28.53 18.80
C THR D 168 6.69 -29.60 19.79
N ILE D 169 7.05 -30.82 19.45
CA ILE D 169 6.85 -31.95 20.34
C ILE D 169 8.28 -32.32 20.74
N MET D 170 8.62 -32.12 22.00
CA MET D 170 9.96 -32.47 22.47
C MET D 170 9.95 -33.92 22.90
N ALA D 171 10.46 -34.79 22.04
CA ALA D 171 10.50 -36.21 22.29
C ALA D 171 11.92 -36.76 22.17
N GLY D 172 12.86 -36.07 22.78
CA GLY D 172 14.24 -36.51 22.72
C GLY D 172 15.15 -35.89 23.76
N PRO D 173 16.43 -36.27 23.77
CA PRO D 173 17.48 -35.82 24.68
C PRO D 173 18.13 -34.54 24.14
N ALA D 174 17.35 -33.47 24.03
CA ALA D 174 17.85 -32.20 23.51
C ALA D 174 18.88 -31.45 24.38
N ALA D 175 20.00 -31.06 23.76
CA ALA D 175 21.06 -30.33 24.43
C ALA D 175 21.69 -29.31 23.47
N GLY D 176 22.20 -28.22 24.01
CA GLY D 176 22.83 -27.19 23.20
C GLY D 176 21.87 -26.52 22.23
N GLY D 177 22.28 -26.44 20.98
CA GLY D 177 21.45 -25.80 19.96
C GLY D 177 20.09 -26.43 19.70
N ALA D 178 19.93 -27.67 20.13
CA ALA D 178 18.67 -28.38 19.94
C ALA D 178 17.51 -27.84 20.77
N VAL D 179 17.78 -26.94 21.72
CA VAL D 179 16.70 -26.41 22.55
C VAL D 179 16.09 -25.10 22.03
N TYR D 180 16.88 -24.34 21.27
CA TYR D 180 16.43 -23.04 20.79
C TYR D 180 15.34 -22.95 19.73
N SER D 181 15.28 -23.89 18.80
CA SER D 181 14.23 -23.82 17.80
C SER D 181 12.91 -23.98 18.56
N PRO D 182 12.82 -25.00 19.44
CA PRO D 182 11.58 -25.20 20.20
C PRO D 182 11.21 -23.95 21.00
N ALA D 183 12.21 -23.29 21.58
CA ALA D 183 11.96 -22.08 22.37
C ALA D 183 11.33 -21.03 21.48
N LEU D 184 11.83 -20.94 20.25
CA LEU D 184 11.32 -19.96 19.30
C LEU D 184 9.91 -20.25 18.80
N THR D 185 9.47 -21.50 18.83
CA THR D 185 8.12 -21.79 18.36
C THR D 185 7.10 -21.33 19.42
N ASP D 186 5.81 -21.43 19.11
CA ASP D 186 4.78 -20.97 20.03
C ASP D 186 4.46 -21.87 21.22
N PHE D 187 4.44 -23.17 21.01
CA PHE D 187 4.10 -24.11 22.08
C PHE D 187 5.01 -25.33 22.10
N ILE D 188 5.39 -25.76 23.31
CA ILE D 188 6.18 -26.97 23.44
C ILE D 188 5.41 -27.98 24.27
N ILE D 189 5.18 -29.14 23.67
CA ILE D 189 4.51 -30.25 24.32
C ILE D 189 5.65 -31.22 24.63
N MET D 190 5.78 -31.64 25.88
CA MET D 190 6.86 -32.53 26.24
C MET D 190 6.40 -33.77 27.00
N ILE D 191 6.96 -34.92 26.64
CA ILE D 191 6.61 -36.17 27.30
C ILE D 191 7.51 -36.31 28.52
N LYS D 192 6.91 -36.67 29.65
CA LYS D 192 7.63 -36.86 30.89
C LYS D 192 8.23 -38.27 30.89
N GLY D 193 9.54 -38.37 31.05
CA GLY D 193 10.20 -39.67 31.06
C GLY D 193 11.72 -39.53 30.97
N ASP D 194 12.42 -40.60 31.34
CA ASP D 194 13.88 -40.62 31.34
C ASP D 194 14.57 -40.36 30.02
N ALA D 195 13.86 -40.56 28.90
CA ALA D 195 14.47 -40.29 27.60
C ALA D 195 14.67 -38.77 27.55
N TYR D 196 15.26 -38.25 28.64
CA TYR D 196 15.54 -36.84 28.91
C TYR D 196 14.66 -35.82 28.19
N TYR D 197 15.15 -34.59 28.15
CA TYR D 197 14.42 -33.52 27.50
C TYR D 197 15.34 -32.43 27.01
N MET D 198 15.55 -31.39 27.83
CA MET D 198 16.34 -30.28 27.36
C MET D 198 17.10 -29.37 28.35
N PHE D 199 18.22 -28.86 27.85
CA PHE D 199 19.05 -27.92 28.59
C PHE D 199 20.12 -27.39 27.66
N VAL D 200 20.41 -26.09 27.78
CA VAL D 200 21.42 -25.43 26.96
C VAL D 200 22.79 -26.07 27.16
N THR D 201 23.15 -26.34 28.41
CA THR D 201 24.43 -26.94 28.74
C THR D 201 24.24 -28.15 29.64
N GLY D 202 24.77 -29.29 29.21
CA GLY D 202 24.65 -30.51 29.98
C GLY D 202 25.34 -30.43 31.33
N PRO D 203 25.27 -31.50 32.14
CA PRO D 203 25.89 -31.56 33.47
C PRO D 203 27.40 -31.84 33.45
N GLU D 204 27.85 -32.49 32.38
CA GLU D 204 29.25 -32.86 32.22
C GLU D 204 30.23 -31.78 32.69
N ILE D 205 30.03 -30.56 32.23
CA ILE D 205 30.90 -29.44 32.57
C ILE D 205 30.91 -29.19 34.08
N THR D 206 29.76 -29.41 34.72
CA THR D 206 29.63 -29.20 36.17
C THR D 206 30.40 -30.27 36.94
N LYS D 207 30.69 -31.38 36.29
CA LYS D 207 31.43 -32.46 36.93
C LYS D 207 32.93 -32.19 36.84
N VAL D 208 33.37 -31.73 35.66
CA VAL D 208 34.77 -31.42 35.43
C VAL D 208 35.25 -30.30 36.37
N VAL D 209 34.72 -29.10 36.17
CA VAL D 209 35.10 -27.94 36.98
C VAL D 209 34.83 -28.15 38.47
N LEU D 210 33.54 -28.28 38.83
CA LEU D 210 33.17 -28.51 40.23
C LEU D 210 32.99 -30.01 40.46
N GLY D 211 32.05 -30.37 41.32
CA GLY D 211 31.79 -31.78 41.58
C GLY D 211 30.36 -31.99 42.05
N GLU D 212 29.40 -31.41 41.33
CA GLU D 212 27.98 -31.52 41.68
C GLU D 212 27.16 -32.31 40.65
N GLU D 213 27.40 -33.63 40.58
CA GLU D 213 26.67 -34.49 39.66
C GLU D 213 25.17 -34.27 39.70
N VAL D 214 24.62 -33.91 38.54
CA VAL D 214 23.18 -33.67 38.41
C VAL D 214 22.64 -34.53 37.28
N SER D 215 21.59 -35.29 37.58
CA SER D 215 20.99 -36.16 36.57
C SER D 215 20.30 -35.34 35.48
N PHE D 216 20.10 -35.96 34.33
CA PHE D 216 19.46 -35.34 33.19
C PHE D 216 18.08 -34.80 33.55
N GLN D 217 17.31 -35.61 34.26
CA GLN D 217 15.96 -35.23 34.67
C GLN D 217 15.96 -34.01 35.58
N ASP D 218 16.85 -34.00 36.57
CA ASP D 218 16.94 -32.88 37.50
C ASP D 218 17.34 -31.57 36.81
N LEU D 219 18.15 -31.65 35.77
CA LEU D 219 18.61 -30.46 35.07
C LEU D 219 17.62 -29.93 34.05
N GLY D 220 17.06 -30.82 33.23
CA GLY D 220 16.12 -30.39 32.21
C GLY D 220 14.98 -31.35 31.97
N GLY D 221 14.51 -31.98 33.05
CA GLY D 221 13.40 -32.90 32.92
C GLY D 221 12.12 -32.16 32.55
N ALA D 222 11.15 -32.84 31.99
CA ALA D 222 9.89 -32.19 31.63
C ALA D 222 9.28 -31.51 32.85
N VAL D 223 9.43 -32.15 34.01
CA VAL D 223 8.88 -31.60 35.24
C VAL D 223 9.49 -30.23 35.55
N VAL D 224 10.81 -30.13 35.49
CA VAL D 224 11.45 -28.86 35.79
C VAL D 224 11.01 -27.76 34.80
N HIS D 225 10.85 -28.12 33.54
CA HIS D 225 10.46 -27.12 32.54
C HIS D 225 8.98 -26.76 32.53
N ALA D 226 8.12 -27.67 32.96
CA ALA D 226 6.70 -27.38 32.99
C ALA D 226 6.29 -26.74 34.32
N THR D 227 7.05 -27.01 35.38
CA THR D 227 6.72 -26.46 36.70
C THR D 227 7.64 -25.37 37.22
N LYS D 228 8.81 -25.21 36.62
CA LYS D 228 9.75 -24.21 37.12
C LYS D 228 10.26 -23.16 36.13
N SER D 229 10.81 -23.59 35.00
CA SER D 229 11.35 -22.67 34.02
C SER D 229 10.31 -22.03 33.09
N GLY D 230 9.22 -22.75 32.86
CA GLY D 230 8.18 -22.24 31.99
C GLY D 230 8.49 -22.45 30.52
N VAL D 231 9.55 -23.19 30.23
CA VAL D 231 9.92 -23.44 28.85
C VAL D 231 8.91 -24.36 28.16
N VAL D 232 8.38 -25.31 28.92
CA VAL D 232 7.40 -26.26 28.40
C VAL D 232 5.96 -25.83 28.68
N HIS D 233 5.13 -25.80 27.64
CA HIS D 233 3.74 -25.39 27.77
C HIS D 233 2.80 -26.51 28.12
N PHE D 234 3.16 -27.75 27.75
CA PHE D 234 2.32 -28.90 28.06
C PHE D 234 3.18 -30.10 28.38
N MET D 235 2.83 -30.79 29.46
CA MET D 235 3.54 -31.99 29.89
C MET D 235 2.60 -33.18 29.80
N VAL D 236 3.02 -34.21 29.07
CA VAL D 236 2.21 -35.42 28.89
C VAL D 236 3.00 -36.65 29.33
N ASP D 237 2.30 -37.77 29.49
CA ASP D 237 2.93 -39.01 29.93
C ASP D 237 3.33 -40.01 28.85
N SER D 238 3.00 -39.76 27.59
CA SER D 238 3.37 -40.67 26.51
C SER D 238 3.40 -39.94 25.19
N GLU D 239 4.07 -40.55 24.22
CA GLU D 239 4.17 -39.95 22.90
C GLU D 239 2.81 -39.93 22.20
N GLN D 240 1.99 -40.94 22.46
CA GLN D 240 0.65 -40.98 21.88
C GLN D 240 -0.16 -39.78 22.39
N GLU D 241 0.10 -39.40 23.64
CA GLU D 241 -0.58 -38.26 24.24
C GLU D 241 -0.08 -36.95 23.64
N ALA D 242 1.22 -36.87 23.38
CA ALA D 242 1.80 -35.66 22.80
C ALA D 242 1.20 -35.40 21.43
N ILE D 243 1.08 -36.47 20.63
CA ILE D 243 0.50 -36.36 19.29
C ILE D 243 -0.99 -36.01 19.34
N ASN D 244 -1.75 -36.63 20.23
CA ASN D 244 -3.18 -36.35 20.35
C ASN D 244 -3.38 -34.89 20.78
N LEU D 245 -2.62 -34.45 21.77
CA LEU D 245 -2.73 -33.08 22.26
C LEU D 245 -2.36 -32.13 21.13
N THR D 246 -1.37 -32.51 20.31
CA THR D 246 -0.96 -31.64 19.19
C THR D 246 -2.13 -31.41 18.25
N LYS D 247 -2.88 -32.47 17.96
CA LYS D 247 -4.03 -32.36 17.09
C LYS D 247 -5.11 -31.51 17.76
N ARG D 248 -5.27 -31.68 19.07
CA ARG D 248 -6.26 -30.86 19.77
C ARG D 248 -5.85 -29.39 19.74
N LEU D 249 -4.57 -29.11 19.99
CA LEU D 249 -4.10 -27.71 19.98
C LEU D 249 -4.36 -27.13 18.61
N LEU D 250 -4.00 -27.90 17.58
CA LEU D 250 -4.19 -27.50 16.20
C LEU D 250 -5.66 -27.15 15.93
N SER D 251 -6.59 -27.89 16.56
CA SER D 251 -8.01 -27.64 16.36
C SER D 251 -8.49 -26.26 16.82
N TYR D 252 -7.75 -25.62 17.72
CA TYR D 252 -8.14 -24.30 18.19
C TYR D 252 -7.42 -23.23 17.40
N LEU D 253 -6.56 -23.63 16.48
CA LEU D 253 -5.78 -22.66 15.73
C LEU D 253 -6.06 -22.53 14.25
N PRO D 254 -5.93 -21.31 13.71
CA PRO D 254 -6.16 -21.10 12.29
C PRO D 254 -4.90 -21.61 11.62
N SER D 255 -4.96 -21.84 10.32
CA SER D 255 -3.80 -22.34 9.59
C SER D 255 -2.70 -21.28 9.51
N ASN D 256 -3.11 -20.02 9.52
CA ASN D 256 -2.17 -18.92 9.42
C ASN D 256 -2.71 -17.57 9.86
N ASN D 257 -1.92 -16.55 9.54
CA ASN D 257 -2.17 -15.15 9.83
C ASN D 257 -3.49 -14.57 9.35
N MET D 258 -3.83 -14.85 8.10
CA MET D 258 -5.02 -14.32 7.46
C MET D 258 -6.28 -15.14 7.69
N GLU D 259 -6.18 -16.18 8.50
CA GLU D 259 -7.32 -17.03 8.77
C GLU D 259 -7.92 -16.74 10.14
N GLU D 260 -9.22 -16.95 10.24
CA GLU D 260 -9.93 -16.77 11.50
C GLU D 260 -9.88 -18.14 12.14
N PRO D 261 -9.84 -18.21 13.49
CA PRO D 261 -9.80 -19.53 14.13
C PRO D 261 -11.02 -20.35 13.71
N PRO D 262 -10.87 -21.68 13.59
CA PRO D 262 -11.95 -22.58 13.20
C PRO D 262 -13.15 -22.67 14.15
N TYR D 263 -14.34 -22.55 13.57
CA TYR D 263 -15.61 -22.62 14.29
C TYR D 263 -15.99 -24.09 14.35
N ILE D 264 -16.77 -24.50 15.36
CA ILE D 264 -17.16 -25.92 15.44
C ILE D 264 -18.60 -26.31 15.83
N ASP D 265 -18.74 -27.06 16.93
CA ASP D 265 -20.01 -27.62 17.44
C ASP D 265 -21.26 -26.76 17.45
N THR D 266 -21.85 -26.57 16.26
CA THR D 266 -23.08 -25.78 16.10
C THR D 266 -23.52 -25.15 17.42
N GLY D 267 -22.85 -24.05 17.77
CA GLY D 267 -23.10 -23.33 19.01
C GLY D 267 -24.49 -22.80 19.25
N ASP D 268 -25.42 -23.70 19.58
CA ASP D 268 -26.80 -23.32 19.85
C ASP D 268 -26.98 -22.80 21.28
N PRO D 269 -26.41 -23.50 22.28
CA PRO D 269 -26.52 -23.09 23.67
C PRO D 269 -25.96 -21.70 23.96
N ALA D 270 -26.04 -20.81 22.98
CA ALA D 270 -25.54 -19.46 23.15
C ALA D 270 -26.39 -18.68 24.15
N ASP D 271 -27.68 -18.99 24.23
CA ASP D 271 -28.56 -18.26 25.13
C ASP D 271 -28.51 -18.70 26.60
N ARG D 272 -28.17 -17.74 27.45
CA ARG D 272 -28.01 -17.86 28.90
C ARG D 272 -27.22 -19.02 29.48
N ASP D 273 -26.34 -18.65 30.39
CA ASP D 273 -25.44 -19.57 31.11
C ASP D 273 -26.21 -20.25 32.22
N ALA D 274 -25.83 -21.50 32.50
CA ALA D 274 -26.44 -22.30 33.56
C ALA D 274 -26.08 -21.65 34.89
N THR D 275 -27.10 -21.35 35.71
CA THR D 275 -26.88 -20.70 36.99
C THR D 275 -25.86 -21.45 37.84
N GLY D 276 -25.81 -21.09 39.12
CA GLY D 276 -24.87 -21.71 40.02
C GLY D 276 -23.54 -21.02 39.91
N VAL D 277 -23.38 -20.21 38.87
CA VAL D 277 -22.13 -19.51 38.66
C VAL D 277 -21.87 -18.51 39.80
N GLU D 278 -22.90 -17.80 40.24
CA GLU D 278 -22.71 -16.85 41.32
C GLU D 278 -22.50 -17.59 42.64
N GLN D 279 -22.68 -18.90 42.60
CA GLN D 279 -22.51 -19.74 43.78
C GLN D 279 -21.04 -20.05 44.04
N ILE D 280 -20.20 -19.89 43.01
CA ILE D 280 -18.79 -20.18 43.15
C ILE D 280 -18.04 -19.18 44.05
N VAL D 281 -18.45 -17.92 44.01
CA VAL D 281 -17.78 -16.89 44.81
C VAL D 281 -18.31 -16.83 46.24
N PRO D 282 -17.45 -17.14 47.23
CA PRO D 282 -17.70 -17.17 48.67
C PRO D 282 -18.25 -15.91 49.31
N ASN D 283 -18.58 -16.02 50.60
CA ASN D 283 -19.12 -14.92 51.40
C ASN D 283 -18.27 -13.66 51.39
N ASP D 284 -17.04 -13.76 51.89
CA ASP D 284 -16.12 -12.61 51.93
C ASP D 284 -14.92 -12.88 51.03
N ALA D 285 -14.31 -11.81 50.52
CA ALA D 285 -13.15 -11.91 49.64
C ALA D 285 -11.95 -12.54 50.32
N ALA D 286 -12.17 -13.10 51.50
CA ALA D 286 -11.10 -13.74 52.24
C ALA D 286 -11.08 -15.23 51.89
N LYS D 287 -12.22 -15.72 51.42
CA LYS D 287 -12.37 -17.11 51.02
C LYS D 287 -12.09 -17.31 49.53
N PRO D 288 -11.22 -18.27 49.18
CA PRO D 288 -10.87 -18.56 47.79
C PRO D 288 -11.90 -19.48 47.11
N TYR D 289 -11.72 -19.67 45.81
CA TYR D 289 -12.60 -20.53 45.01
C TYR D 289 -11.84 -20.89 43.74
N ASN D 290 -12.24 -21.97 43.06
CA ASN D 290 -11.58 -22.39 41.83
C ASN D 290 -12.12 -21.57 40.66
N MET D 291 -11.28 -20.70 40.11
CA MET D 291 -11.70 -19.86 38.98
C MET D 291 -12.08 -20.67 37.74
N ARG D 292 -11.54 -21.88 37.60
CA ARG D 292 -11.86 -22.73 36.45
C ARG D 292 -13.33 -23.13 36.50
N GLU D 293 -13.87 -23.21 37.71
CA GLU D 293 -15.27 -23.57 37.90
C GLU D 293 -16.13 -22.52 37.20
N ILE D 294 -15.69 -21.25 37.29
CA ILE D 294 -16.42 -20.17 36.65
C ILE D 294 -16.30 -20.24 35.13
N ILE D 295 -15.08 -20.49 34.62
CA ILE D 295 -14.92 -20.55 33.18
C ILE D 295 -15.63 -21.78 32.59
N TYR D 296 -15.58 -22.91 33.30
CA TYR D 296 -16.25 -24.11 32.80
C TYR D 296 -17.72 -23.79 32.50
N LYS D 297 -18.35 -23.06 33.42
CA LYS D 297 -19.74 -22.68 33.28
C LYS D 297 -19.97 -21.64 32.20
N ILE D 298 -18.95 -20.87 31.86
CA ILE D 298 -19.09 -19.85 30.85
C ILE D 298 -18.93 -20.35 29.41
N VAL D 299 -17.93 -21.20 29.18
CA VAL D 299 -17.65 -21.71 27.85
C VAL D 299 -18.41 -22.96 27.39
N ASP D 300 -18.36 -23.22 26.09
CA ASP D 300 -19.03 -24.36 25.49
C ASP D 300 -18.66 -25.69 26.14
N ASN D 301 -19.67 -26.44 26.59
CA ASN D 301 -19.50 -27.74 27.21
C ASN D 301 -18.46 -27.82 28.32
N GLY D 302 -18.02 -26.65 28.80
CA GLY D 302 -17.03 -26.61 29.87
C GLY D 302 -15.64 -27.02 29.42
N GLU D 303 -15.45 -27.16 28.09
CA GLU D 303 -14.16 -27.55 27.54
C GLU D 303 -13.15 -26.42 27.64
N PHE D 304 -11.96 -26.74 28.12
CA PHE D 304 -10.90 -25.75 28.29
C PHE D 304 -9.52 -26.41 28.15
N LEU D 305 -8.72 -25.92 27.21
CA LEU D 305 -7.38 -26.46 27.00
C LEU D 305 -6.41 -25.49 27.67
N GLU D 306 -5.99 -25.85 28.88
CA GLU D 306 -5.10 -25.00 29.66
C GLU D 306 -3.64 -25.07 29.25
N VAL D 307 -3.08 -23.91 28.94
CA VAL D 307 -1.69 -23.74 28.52
C VAL D 307 -0.86 -23.42 29.78
N HIS D 308 0.40 -23.88 29.83
CA HIS D 308 1.26 -23.61 30.99
C HIS D 308 0.54 -23.97 32.28
N LYS D 309 -0.23 -25.05 32.24
CA LYS D 309 -1.01 -25.51 33.39
C LYS D 309 -0.27 -25.63 34.73
N HIS D 310 0.93 -26.21 34.72
CA HIS D 310 1.65 -26.37 35.98
C HIS D 310 2.69 -25.30 36.31
N TRP D 311 2.73 -24.22 35.55
CA TRP D 311 3.69 -23.13 35.78
C TRP D 311 2.92 -21.82 36.07
N ALA D 312 3.44 -21.02 36.99
CA ALA D 312 2.81 -19.74 37.37
C ALA D 312 1.29 -19.92 37.52
N GLN D 313 0.91 -20.85 38.39
CA GLN D 313 -0.48 -21.17 38.62
C GLN D 313 -1.35 -20.07 39.21
N ASN D 314 -0.75 -18.94 39.56
CA ASN D 314 -1.54 -17.84 40.10
C ASN D 314 -2.38 -17.19 39.01
N ILE D 315 -2.11 -17.54 37.74
CA ILE D 315 -2.91 -17.05 36.63
C ILE D 315 -3.29 -18.23 35.74
N ILE D 316 -4.49 -18.16 35.19
CA ILE D 316 -5.02 -19.23 34.34
C ILE D 316 -5.08 -18.72 32.91
N VAL D 317 -4.53 -19.49 31.99
CA VAL D 317 -4.50 -19.10 30.60
C VAL D 317 -4.79 -20.33 29.72
N GLY D 318 -5.62 -20.16 28.70
CA GLY D 318 -5.94 -21.28 27.85
C GLY D 318 -6.99 -20.98 26.79
N PHE D 319 -7.34 -22.01 26.03
CA PHE D 319 -8.32 -21.91 24.95
C PHE D 319 -9.66 -22.56 25.25
N ALA D 320 -10.71 -22.02 24.64
CA ALA D 320 -12.06 -22.53 24.81
C ALA D 320 -12.90 -22.02 23.65
N ARG D 321 -14.16 -22.42 23.62
CA ARG D 321 -15.05 -21.96 22.58
C ARG D 321 -16.29 -21.38 23.23
N ILE D 322 -16.77 -20.29 22.65
CA ILE D 322 -17.97 -19.62 23.14
C ILE D 322 -18.89 -19.45 21.93
N ALA D 323 -20.01 -20.17 21.94
CA ALA D 323 -20.95 -20.10 20.83
C ALA D 323 -20.27 -20.65 19.58
N GLY D 324 -19.36 -21.60 19.77
CA GLY D 324 -18.68 -22.21 18.64
C GLY D 324 -17.37 -21.54 18.20
N ASN D 325 -17.14 -20.32 18.64
CA ASN D 325 -15.91 -19.59 18.28
C ASN D 325 -14.82 -19.66 19.33
N VAL D 326 -13.58 -19.84 18.87
CA VAL D 326 -12.44 -19.93 19.77
C VAL D 326 -12.19 -18.62 20.51
N VAL D 327 -11.81 -18.75 21.77
CA VAL D 327 -11.50 -17.61 22.62
C VAL D 327 -10.27 -17.94 23.46
N GLY D 328 -9.56 -16.89 23.88
CA GLY D 328 -8.39 -17.07 24.72
C GLY D 328 -8.77 -16.48 26.05
N ILE D 329 -8.44 -17.15 27.14
CA ILE D 329 -8.80 -16.64 28.45
C ILE D 329 -7.62 -16.34 29.37
N VAL D 330 -7.72 -15.23 30.09
CA VAL D 330 -6.69 -14.84 31.04
C VAL D 330 -7.48 -14.59 32.32
N ALA D 331 -7.29 -15.47 33.30
CA ALA D 331 -8.02 -15.36 34.56
C ALA D 331 -7.15 -15.50 35.78
N ASN D 332 -7.35 -14.63 36.77
CA ASN D 332 -6.58 -14.70 38.00
C ASN D 332 -7.08 -15.94 38.72
N ASN D 333 -6.18 -16.58 39.47
CA ASN D 333 -6.51 -17.81 40.20
C ASN D 333 -6.43 -17.56 41.70
N PRO D 334 -7.58 -17.46 42.38
CA PRO D 334 -7.63 -17.22 43.82
C PRO D 334 -6.96 -18.30 44.68
N GLU D 335 -6.63 -19.44 44.08
CA GLU D 335 -6.01 -20.53 44.84
C GLU D 335 -4.49 -20.51 44.90
N GLU D 336 -3.85 -19.55 44.23
CA GLU D 336 -2.39 -19.51 44.25
C GLU D 336 -1.91 -18.08 44.42
N PHE D 337 -1.18 -17.85 45.50
CA PHE D 337 -0.67 -16.52 45.81
C PHE D 337 -1.82 -15.52 45.87
N GLY D 338 -3.02 -16.03 46.16
CA GLY D 338 -4.20 -15.19 46.24
C GLY D 338 -4.59 -14.43 44.98
N GLY D 339 -4.21 -14.98 43.83
CA GLY D 339 -4.54 -14.31 42.58
C GLY D 339 -3.61 -13.15 42.28
N SER D 340 -2.64 -12.90 43.15
CA SER D 340 -1.69 -11.81 42.91
C SER D 340 -0.82 -12.20 41.71
N ILE D 341 -0.46 -11.23 40.89
CA ILE D 341 0.39 -11.55 39.76
C ILE D 341 1.87 -11.50 40.14
N ASP D 342 2.61 -12.43 39.55
CA ASP D 342 4.04 -12.67 39.79
C ASP D 342 4.80 -12.35 38.50
N ILE D 343 6.12 -12.52 38.54
CA ILE D 343 6.96 -12.33 37.36
C ILE D 343 6.65 -13.45 36.35
N ASP D 344 6.59 -14.68 36.84
CA ASP D 344 6.31 -15.83 35.99
C ASP D 344 4.90 -15.74 35.41
N ALA D 345 3.96 -15.29 36.23
CA ALA D 345 2.58 -15.16 35.78
C ALA D 345 2.47 -14.12 34.66
N ALA D 346 3.18 -13.01 34.81
CA ALA D 346 3.16 -11.97 33.80
C ALA D 346 3.76 -12.47 32.49
N ASP D 347 4.83 -13.26 32.58
CA ASP D 347 5.45 -13.82 31.39
C ASP D 347 4.44 -14.76 30.72
N LYS D 348 3.87 -15.64 31.53
CA LYS D 348 2.89 -16.60 31.05
C LYS D 348 1.69 -15.97 30.36
N ALA D 349 1.08 -14.98 31.02
CA ALA D 349 -0.08 -14.31 30.47
C ALA D 349 0.23 -13.41 29.28
N ALA D 350 1.35 -12.70 29.35
CA ALA D 350 1.71 -11.79 28.26
C ALA D 350 2.01 -12.51 26.95
N ARG D 351 2.75 -13.62 27.04
CA ARG D 351 3.11 -14.42 25.87
C ARG D 351 1.83 -14.97 25.22
N PHE D 352 0.94 -15.54 26.05
CA PHE D 352 -0.31 -16.11 25.56
C PHE D 352 -1.19 -15.04 24.92
N ILE D 353 -1.08 -13.82 25.40
CA ILE D 353 -1.86 -12.71 24.87
C ILE D 353 -1.35 -12.30 23.48
N ARG D 354 -0.03 -12.18 23.34
CA ARG D 354 0.53 -11.76 22.05
C ARG D 354 0.23 -12.82 20.99
N PHE D 355 0.27 -14.09 21.40
CA PHE D 355 0.00 -15.19 20.49
C PHE D 355 -1.44 -15.13 19.97
N CYS D 356 -2.39 -15.03 20.88
CA CYS D 356 -3.81 -14.97 20.50
C CYS D 356 -4.08 -13.81 19.55
N ASP D 357 -3.47 -12.67 19.84
CA ASP D 357 -3.66 -11.49 19.00
C ASP D 357 -3.12 -11.71 17.59
N ALA D 358 -1.92 -12.29 17.50
CA ALA D 358 -1.31 -12.54 16.20
C ALA D 358 -2.15 -13.48 15.37
N PHE D 359 -2.87 -14.39 16.04
CA PHE D 359 -3.68 -15.34 15.32
C PHE D 359 -5.19 -15.16 15.42
N ASN D 360 -5.60 -13.90 15.51
CA ASN D 360 -7.00 -13.46 15.56
C ASN D 360 -7.93 -14.18 16.56
N ILE D 361 -7.39 -14.54 17.71
CA ILE D 361 -8.19 -15.21 18.74
C ILE D 361 -8.60 -14.18 19.78
N PRO D 362 -9.92 -13.94 19.94
CA PRO D 362 -10.45 -12.97 20.92
C PRO D 362 -10.00 -13.29 22.34
N LEU D 363 -9.86 -12.25 23.16
CA LEU D 363 -9.41 -12.40 24.54
C LEU D 363 -10.45 -12.05 25.62
N ILE D 364 -10.68 -12.98 26.54
CA ILE D 364 -11.60 -12.76 27.65
C ILE D 364 -10.78 -12.72 28.93
N SER D 365 -10.93 -11.64 29.70
CA SER D 365 -10.22 -11.48 30.97
C SER D 365 -11.19 -11.66 32.13
N LEU D 366 -10.88 -12.58 33.04
CA LEU D 366 -11.71 -12.84 34.23
C LEU D 366 -10.88 -12.32 35.40
N VAL D 367 -11.35 -11.26 36.04
CA VAL D 367 -10.59 -10.61 37.11
C VAL D 367 -10.93 -10.80 38.59
N ASP D 368 -9.90 -11.12 39.35
CA ASP D 368 -9.97 -11.28 40.81
C ASP D 368 -8.51 -11.32 41.31
N THR D 369 -7.91 -10.14 41.38
CA THR D 369 -6.51 -10.02 41.80
C THR D 369 -6.29 -8.82 42.73
N PRO D 370 -5.59 -9.04 43.86
CA PRO D 370 -5.28 -8.02 44.86
C PRO D 370 -4.06 -7.16 44.51
N GLY D 371 -3.32 -7.54 43.48
CA GLY D 371 -2.14 -6.79 43.09
C GLY D 371 -1.01 -7.74 42.73
N TYR D 372 0.24 -7.32 43.00
CA TYR D 372 1.40 -8.13 42.71
C TYR D 372 2.06 -8.70 43.97
N VAL D 373 2.80 -9.79 43.80
CA VAL D 373 3.51 -10.41 44.92
C VAL D 373 4.66 -9.47 45.32
N PRO D 374 4.76 -9.15 46.62
CA PRO D 374 5.80 -8.24 47.13
C PRO D 374 7.11 -8.93 47.53
N GLY D 375 8.10 -8.11 47.90
CA GLY D 375 9.38 -8.65 48.32
C GLY D 375 10.55 -8.35 47.40
N THR D 376 11.74 -8.27 47.99
CA THR D 376 12.94 -8.00 47.20
C THR D 376 13.08 -9.08 46.12
N ASP D 377 12.69 -10.30 46.48
CA ASP D 377 12.76 -11.41 45.55
C ASP D 377 12.13 -11.06 44.21
N GLN D 378 10.99 -10.37 44.23
CA GLN D 378 10.32 -9.99 42.99
C GLN D 378 10.93 -8.74 42.35
N GLU D 379 11.31 -7.76 43.18
CA GLU D 379 11.92 -6.54 42.65
C GLU D 379 13.29 -6.81 42.04
N TYR D 380 14.10 -7.61 42.75
CA TYR D 380 15.44 -7.96 42.30
C TYR D 380 15.46 -8.65 40.97
N LYS D 381 14.44 -9.45 40.70
CA LYS D 381 14.37 -10.18 39.43
C LYS D 381 13.59 -9.42 38.37
N GLY D 382 13.35 -8.13 38.64
CA GLY D 382 12.66 -7.28 37.68
C GLY D 382 11.16 -7.37 37.49
N ILE D 383 10.37 -7.51 38.54
CA ILE D 383 8.93 -7.57 38.36
C ILE D 383 8.46 -6.31 37.62
N ILE D 384 9.20 -5.23 37.77
CA ILE D 384 8.84 -3.98 37.10
C ILE D 384 8.82 -4.15 35.58
N ARG D 385 9.75 -4.91 35.02
CA ARG D 385 9.78 -5.09 33.58
C ARG D 385 8.95 -6.29 33.11
N HIS D 386 8.83 -7.33 33.94
CA HIS D 386 8.05 -8.49 33.53
C HIS D 386 6.57 -8.10 33.58
N GLY D 387 6.19 -7.40 34.63
CA GLY D 387 4.81 -6.97 34.77
C GLY D 387 4.38 -6.08 33.63
N ALA D 388 5.28 -5.22 33.14
CA ALA D 388 4.93 -4.34 32.03
C ALA D 388 4.62 -5.12 30.75
N LYS D 389 5.10 -6.35 30.66
CA LYS D 389 4.85 -7.16 29.46
C LYS D 389 3.35 -7.40 29.24
N MET D 390 2.60 -7.61 30.32
CA MET D 390 1.16 -7.82 30.21
C MET D 390 0.52 -6.54 29.72
N LEU D 391 0.96 -5.41 30.27
CA LEU D 391 0.43 -4.12 29.88
C LEU D 391 0.69 -3.89 28.40
N TYR D 392 1.87 -4.29 27.94
CA TYR D 392 2.25 -4.11 26.57
C TYR D 392 1.41 -5.02 25.67
N ALA D 393 1.29 -6.28 26.06
CA ALA D 393 0.55 -7.26 25.28
C ALA D 393 -0.89 -6.82 25.01
N PHE D 394 -1.63 -6.46 26.05
CA PHE D 394 -3.01 -6.03 25.88
C PHE D 394 -3.13 -4.73 25.08
N ALA D 395 -2.30 -3.75 25.40
CA ALA D 395 -2.36 -2.47 24.70
C ALA D 395 -2.05 -2.69 23.22
N GLU D 396 -1.21 -3.70 22.95
CA GLU D 396 -0.81 -4.03 21.59
C GLU D 396 -1.91 -4.74 20.79
N ALA D 397 -2.53 -5.72 21.44
CA ALA D 397 -3.60 -6.51 20.84
C ALA D 397 -4.74 -5.69 20.24
N THR D 398 -5.20 -6.13 19.07
CA THR D 398 -6.30 -5.47 18.38
C THR D 398 -7.46 -6.44 18.14
N VAL D 399 -7.33 -7.69 18.59
CA VAL D 399 -8.43 -8.63 18.46
C VAL D 399 -9.45 -8.17 19.51
N PRO D 400 -10.66 -8.75 19.49
CA PRO D 400 -11.69 -8.38 20.46
C PRO D 400 -11.23 -8.62 21.90
N LYS D 401 -11.54 -7.69 22.81
CA LYS D 401 -11.12 -7.85 24.21
C LYS D 401 -12.20 -7.44 25.18
N ILE D 402 -12.65 -8.38 26.00
CA ILE D 402 -13.70 -8.10 26.97
C ILE D 402 -13.24 -8.51 28.36
N THR D 403 -13.41 -7.62 29.33
CA THR D 403 -13.03 -7.93 30.70
C THR D 403 -14.27 -8.14 31.56
N VAL D 404 -14.27 -9.25 32.30
CA VAL D 404 -15.36 -9.54 33.20
C VAL D 404 -14.71 -9.57 34.58
N ILE D 405 -15.01 -8.57 35.39
CA ILE D 405 -14.45 -8.48 36.73
C ILE D 405 -15.33 -9.25 37.71
N VAL D 406 -14.84 -10.39 38.18
CA VAL D 406 -15.58 -11.23 39.11
C VAL D 406 -15.50 -10.69 40.54
N ARG D 407 -14.31 -10.31 40.99
CA ARG D 407 -14.16 -9.80 42.35
C ARG D 407 -13.14 -8.66 42.48
N LYS D 408 -12.00 -8.93 43.12
CA LYS D 408 -10.98 -7.90 43.31
C LYS D 408 -10.25 -7.50 42.03
N SER D 409 -9.93 -6.22 41.93
CA SER D 409 -9.22 -5.67 40.79
C SER D 409 -8.53 -4.43 41.34
N TYR D 410 -7.41 -4.62 42.02
CA TYR D 410 -6.67 -3.52 42.63
C TYR D 410 -5.39 -3.06 41.94
N GLY D 411 -5.12 -1.76 42.07
CA GLY D 411 -3.92 -1.14 41.52
C GLY D 411 -3.46 -1.52 40.13
N GLY D 412 -2.15 -1.73 39.99
CA GLY D 412 -1.58 -2.08 38.70
C GLY D 412 -2.15 -3.37 38.16
N ALA D 413 -2.36 -4.34 39.04
CA ALA D 413 -2.93 -5.62 38.64
C ALA D 413 -4.22 -5.36 37.85
N HIS D 414 -5.05 -4.46 38.37
CA HIS D 414 -6.32 -4.04 37.77
C HIS D 414 -6.12 -3.62 36.32
N ILE D 415 -5.14 -2.73 36.12
CA ILE D 415 -4.81 -2.21 34.80
C ILE D 415 -4.20 -3.30 33.90
N ALA D 416 -3.41 -4.18 34.50
CA ALA D 416 -2.74 -5.24 33.75
C ALA D 416 -3.70 -6.32 33.25
N MET D 417 -4.94 -6.33 33.73
CA MET D 417 -5.91 -7.33 33.31
C MET D 417 -6.74 -6.84 32.12
N SER D 418 -6.54 -5.57 31.77
CA SER D 418 -7.19 -4.88 30.66
C SER D 418 -8.41 -4.06 31.02
N ILE D 419 -8.22 -2.74 30.98
CA ILE D 419 -9.26 -1.77 31.27
C ILE D 419 -9.43 -0.93 30.01
N LYS D 420 -10.41 -0.03 30.00
CA LYS D 420 -10.68 0.79 28.82
C LYS D 420 -9.54 1.65 28.30
N SER D 421 -8.88 2.38 29.18
CA SER D 421 -7.78 3.24 28.77
C SER D 421 -6.65 2.44 28.14
N LEU D 422 -6.55 1.15 28.49
CA LEU D 422 -5.51 0.29 27.94
C LEU D 422 -5.99 -0.44 26.69
N GLY D 423 -7.26 -0.24 26.31
CA GLY D 423 -7.77 -0.85 25.09
C GLY D 423 -8.86 -1.89 25.19
N ALA D 424 -9.43 -2.09 26.37
CA ALA D 424 -10.50 -3.08 26.51
C ALA D 424 -11.70 -2.54 25.73
N ASP D 425 -12.30 -3.37 24.89
CA ASP D 425 -13.44 -2.93 24.10
C ASP D 425 -14.69 -2.84 24.98
N LEU D 426 -14.91 -3.86 25.80
CA LEU D 426 -16.05 -3.90 26.70
C LEU D 426 -15.59 -4.32 28.10
N VAL D 427 -16.13 -3.66 29.12
CA VAL D 427 -15.79 -4.03 30.50
C VAL D 427 -17.08 -4.25 31.29
N TYR D 428 -17.19 -5.44 31.88
CA TYR D 428 -18.35 -5.81 32.67
C TYR D 428 -17.90 -6.22 34.06
N ALA D 429 -18.79 -6.04 35.03
CA ALA D 429 -18.49 -6.40 36.42
C ALA D 429 -19.67 -7.06 37.12
N TRP D 430 -19.37 -8.11 37.88
CA TRP D 430 -20.39 -8.81 38.64
C TRP D 430 -20.69 -7.89 39.83
N PRO D 431 -21.79 -8.13 40.53
CA PRO D 431 -22.12 -7.27 41.68
C PRO D 431 -21.10 -7.45 42.81
N THR D 432 -20.29 -8.50 42.68
CA THR D 432 -19.28 -8.83 43.67
C THR D 432 -17.90 -8.24 43.38
N ALA D 433 -17.78 -7.45 42.33
CA ALA D 433 -16.49 -6.85 41.99
C ALA D 433 -16.11 -5.71 42.93
N GLU D 434 -14.80 -5.50 43.09
CA GLU D 434 -14.26 -4.44 43.93
C GLU D 434 -13.07 -3.82 43.19
N ILE D 435 -13.29 -2.70 42.53
CA ILE D 435 -12.20 -2.06 41.81
C ILE D 435 -11.68 -0.91 42.67
N ALA D 436 -10.46 -1.08 43.20
CA ALA D 436 -9.82 -0.07 44.05
C ALA D 436 -8.44 0.35 43.55
N VAL D 437 -8.12 1.63 43.73
CA VAL D 437 -6.83 2.18 43.30
C VAL D 437 -5.70 1.43 44.01
N THR D 438 -6.02 0.90 45.19
CA THR D 438 -5.08 0.12 46.00
C THR D 438 -5.94 -0.73 46.93
N GLY D 439 -5.32 -1.71 47.59
CA GLY D 439 -6.07 -2.54 48.52
C GLY D 439 -6.73 -1.62 49.55
N PRO D 440 -7.99 -1.88 49.93
CA PRO D 440 -8.73 -1.08 50.91
C PRO D 440 -8.20 -1.24 52.35
N GLU D 441 -7.05 -0.63 52.58
CA GLU D 441 -6.33 -0.62 53.85
C GLU D 441 -5.07 0.15 53.54
N GLY D 442 -4.37 -0.30 52.49
CA GLY D 442 -3.16 0.39 52.09
C GLY D 442 -3.57 1.77 51.63
N ALA D 443 -4.84 1.92 51.26
CA ALA D 443 -5.37 3.19 50.81
C ALA D 443 -5.70 4.08 52.00
N VAL D 444 -6.33 3.49 53.02
CA VAL D 444 -6.71 4.25 54.21
C VAL D 444 -5.51 4.57 55.10
N ARG D 445 -4.44 3.80 54.99
CA ARG D 445 -3.27 4.03 55.81
C ARG D 445 -2.33 5.09 55.27
N ILE D 446 -2.62 5.58 54.07
CA ILE D 446 -1.80 6.63 53.50
C ILE D 446 -2.73 7.84 53.46
N LEU D 447 -4.01 7.55 53.39
CA LEU D 447 -5.06 8.55 53.30
C LEU D 447 -5.49 9.13 54.65
N TYR D 448 -5.75 8.26 55.62
CA TYR D 448 -6.20 8.70 56.93
C TYR D 448 -5.20 8.64 58.07
N ARG D 449 -4.95 9.82 58.65
CA ARG D 449 -4.01 9.96 59.74
C ARG D 449 -4.22 11.34 60.36
N LYS D 450 -3.78 12.39 59.65
CA LYS D 450 -3.93 13.75 60.14
C LYS D 450 -5.39 13.99 60.52
N GLU D 451 -6.29 13.40 59.73
CA GLU D 451 -7.72 13.52 59.99
C GLU D 451 -7.97 12.61 61.20
N ILE D 452 -7.94 11.30 60.98
CA ILE D 452 -8.15 10.35 62.05
C ILE D 452 -6.83 9.73 62.55
N GLN D 453 -6.53 10.11 63.79
CA GLN D 453 -5.36 9.71 64.59
C GLN D 453 -5.76 10.47 65.85
N GLN D 454 -6.67 11.41 65.61
CA GLN D 454 -7.28 12.28 66.61
C GLN D 454 -8.77 12.26 66.27
N ALA D 455 -9.50 11.38 66.94
CA ALA D 455 -10.94 11.23 66.73
C ALA D 455 -11.53 10.57 67.98
N SER D 456 -12.86 10.65 68.12
CA SER D 456 -13.54 10.07 69.28
C SER D 456 -12.72 8.95 69.93
N ASN D 457 -12.74 7.78 69.31
CA ASN D 457 -12.01 6.63 69.84
C ASN D 457 -10.64 6.46 69.18
N PRO D 458 -9.67 5.90 69.92
CA PRO D 458 -8.30 5.67 69.42
C PRO D 458 -8.15 4.34 68.66
N ASP D 459 -9.04 3.38 68.93
CA ASP D 459 -8.97 2.08 68.27
C ASP D 459 -10.08 1.87 67.22
N ASP D 460 -11.31 2.25 67.58
CA ASP D 460 -12.45 2.13 66.68
C ASP D 460 -12.09 2.74 65.33
N VAL D 461 -11.80 4.03 65.35
CA VAL D 461 -11.44 4.79 64.14
C VAL D 461 -10.13 4.29 63.51
N LEU D 462 -9.62 3.16 64.00
CA LEU D 462 -8.37 2.58 63.51
C LEU D 462 -8.61 1.57 62.38
N LYS D 463 -9.76 0.89 62.43
CA LYS D 463 -10.14 -0.08 61.40
C LYS D 463 -11.59 0.14 60.98
N GLN D 464 -12.17 1.23 61.48
CA GLN D 464 -13.54 1.59 61.18
C GLN D 464 -13.61 2.19 59.77
N ARG D 465 -12.61 3.00 59.44
CA ARG D 465 -12.57 3.64 58.12
C ARG D 465 -12.13 2.66 57.04
N ILE D 466 -11.64 1.50 57.46
CA ILE D 466 -11.22 0.50 56.50
C ILE D 466 -12.53 -0.10 55.99
N ALA D 467 -13.56 0.01 56.82
CA ALA D 467 -14.90 -0.48 56.48
C ALA D 467 -15.57 0.63 55.69
N GLU D 468 -15.16 1.86 55.99
CA GLU D 468 -15.69 3.04 55.31
C GLU D 468 -15.42 2.92 53.81
N TYR D 469 -14.13 2.82 53.48
CA TYR D 469 -13.71 2.72 52.09
C TYR D 469 -14.53 1.68 51.35
N ARG D 470 -14.46 0.44 51.83
CA ARG D 470 -15.18 -0.66 51.21
C ARG D 470 -16.64 -0.31 50.91
N LYS D 471 -17.33 0.26 51.89
CA LYS D 471 -18.72 0.64 51.69
C LYS D 471 -18.83 1.70 50.60
N LEU D 472 -17.85 2.59 50.56
CA LEU D 472 -17.84 3.68 49.59
C LEU D 472 -17.14 3.40 48.25
N PHE D 473 -16.26 2.41 48.22
CA PHE D 473 -15.51 2.12 47.00
C PHE D 473 -15.34 0.65 46.62
N ALA D 474 -15.40 -0.24 47.60
CA ALA D 474 -15.24 -1.67 47.32
C ALA D 474 -16.46 -2.20 46.61
N ASN D 475 -16.79 -1.57 45.49
CA ASN D 475 -17.95 -1.94 44.68
C ASN D 475 -17.64 -1.56 43.24
N PRO D 476 -18.48 -1.99 42.28
CA PRO D 476 -18.25 -1.66 40.87
C PRO D 476 -19.00 -0.42 40.43
N TYR D 477 -19.95 0.03 41.25
CA TYR D 477 -20.78 1.18 40.92
C TYR D 477 -20.06 2.51 40.85
N TRP D 478 -19.03 2.69 41.67
CA TRP D 478 -18.28 3.94 41.61
C TRP D 478 -17.67 4.03 40.20
N ALA D 479 -17.08 2.93 39.75
CA ALA D 479 -16.45 2.85 38.44
C ALA D 479 -17.49 2.99 37.33
N ALA D 480 -18.64 2.33 37.49
CA ALA D 480 -19.68 2.40 36.48
C ALA D 480 -20.13 3.85 36.31
N GLU D 481 -20.22 4.58 37.41
CA GLU D 481 -20.64 5.99 37.35
C GLU D 481 -19.58 6.83 36.65
N LYS D 482 -18.33 6.38 36.70
CA LYS D 482 -17.26 7.11 36.06
C LYS D 482 -17.16 6.70 34.60
N GLY D 483 -17.97 5.70 34.21
CA GLY D 483 -17.99 5.21 32.85
C GLY D 483 -16.86 4.25 32.54
N LEU D 484 -16.12 3.86 33.57
CA LEU D 484 -14.99 2.95 33.44
C LEU D 484 -15.43 1.52 33.22
N VAL D 485 -16.65 1.23 33.63
CA VAL D 485 -17.22 -0.10 33.46
C VAL D 485 -18.49 0.10 32.63
N ASP D 486 -18.64 -0.69 31.57
CA ASP D 486 -19.81 -0.54 30.72
C ASP D 486 -21.12 -0.92 31.41
N ASP D 487 -21.07 -1.94 32.26
CA ASP D 487 -22.29 -2.35 32.94
C ASP D 487 -22.03 -3.37 34.04
N VAL D 488 -22.94 -3.41 35.00
CA VAL D 488 -22.85 -4.36 36.10
C VAL D 488 -23.90 -5.41 35.74
N ILE D 489 -23.46 -6.66 35.64
CA ILE D 489 -24.34 -7.77 35.25
C ILE D 489 -24.45 -8.84 36.32
N GLU D 490 -25.49 -9.67 36.21
CA GLU D 490 -25.69 -10.76 37.14
C GLU D 490 -24.80 -11.89 36.60
N PRO D 491 -24.00 -12.52 37.47
CA PRO D 491 -23.10 -13.61 37.05
C PRO D 491 -23.70 -14.54 35.99
N LYS D 492 -24.95 -14.94 36.23
CA LYS D 492 -25.72 -15.82 35.36
C LYS D 492 -25.67 -15.37 33.89
N ASP D 493 -25.61 -14.07 33.68
CA ASP D 493 -25.61 -13.48 32.35
C ASP D 493 -24.28 -13.45 31.60
N THR D 494 -23.19 -13.69 32.32
CA THR D 494 -21.85 -13.66 31.75
C THR D 494 -21.67 -14.29 30.35
N ARG D 495 -22.14 -15.51 30.16
CA ARG D 495 -22.01 -16.16 28.86
C ARG D 495 -22.71 -15.37 27.76
N ARG D 496 -23.96 -14.97 28.00
CA ARG D 496 -24.70 -14.21 27.00
C ARG D 496 -24.04 -12.88 26.71
N VAL D 497 -23.58 -12.20 27.77
CA VAL D 497 -22.91 -10.92 27.59
C VAL D 497 -21.67 -11.10 26.69
N ILE D 498 -20.90 -12.16 26.93
CA ILE D 498 -19.71 -12.42 26.15
C ILE D 498 -20.09 -12.70 24.70
N VAL D 499 -21.03 -13.62 24.51
CA VAL D 499 -21.49 -13.98 23.18
C VAL D 499 -21.92 -12.73 22.41
N ALA D 500 -22.71 -11.87 23.04
CA ALA D 500 -23.17 -10.67 22.35
C ALA D 500 -21.99 -9.79 21.99
N GLY D 501 -21.13 -9.52 22.98
CA GLY D 501 -19.97 -8.68 22.74
C GLY D 501 -19.04 -9.21 21.67
N LEU D 502 -18.73 -10.51 21.74
CA LEU D 502 -17.83 -11.11 20.75
C LEU D 502 -18.42 -11.11 19.34
N GLU D 503 -19.73 -11.30 19.24
CA GLU D 503 -20.39 -11.31 17.94
C GLU D 503 -20.34 -9.90 17.32
N MET D 504 -20.42 -8.89 18.18
CA MET D 504 -20.41 -7.51 17.73
C MET D 504 -18.98 -7.08 17.36
N LEU D 505 -17.99 -7.61 18.07
CA LEU D 505 -16.60 -7.27 17.77
C LEU D 505 -15.94 -8.11 16.67
N LYS D 506 -16.63 -9.15 16.19
CA LYS D 506 -16.05 -10.01 15.14
C LYS D 506 -15.38 -9.26 13.99
N THR D 507 -15.94 -8.11 13.60
CA THR D 507 -15.38 -7.36 12.50
C THR D 507 -14.53 -6.17 12.94
N LYS D 508 -14.10 -6.18 14.20
CA LYS D 508 -13.30 -5.08 14.74
C LYS D 508 -11.98 -4.89 13.99
N ARG D 509 -11.66 -3.63 13.73
CA ARG D 509 -10.41 -3.26 13.05
C ARG D 509 -9.87 -2.02 13.76
N GLU D 510 -8.57 -2.01 14.09
CA GLU D 510 -7.97 -0.88 14.80
C GLU D 510 -6.62 -0.40 14.25
N TYR D 511 -6.40 0.91 14.29
CA TYR D 511 -5.16 1.51 13.80
C TYR D 511 -3.96 1.32 14.71
N ARG D 512 -2.81 1.03 14.11
CA ARG D 512 -1.54 0.86 14.81
C ARG D 512 -0.46 1.63 14.02
N TYR D 513 0.40 2.36 14.73
CA TYR D 513 1.44 3.14 14.07
C TYR D 513 2.50 2.29 13.37
N PRO D 514 2.90 2.69 12.14
CA PRO D 514 3.90 1.96 11.35
C PRO D 514 5.24 1.92 12.06
N LYS D 515 5.84 0.75 12.06
CA LYS D 515 7.12 0.54 12.73
C LYS D 515 7.63 -0.81 12.27
N LYS D 516 8.92 -1.08 12.47
CA LYS D 516 9.43 -2.38 12.10
C LYS D 516 8.82 -3.30 13.14
N HIS D 517 8.73 -2.78 14.35
CA HIS D 517 8.18 -3.51 15.47
C HIS D 517 8.31 -2.61 16.69
N GLY D 518 7.83 -3.08 17.83
CA GLY D 518 7.90 -2.29 19.05
C GLY D 518 9.12 -2.69 19.83
N ASN D 519 9.25 -2.21 21.05
CA ASN D 519 10.38 -2.55 21.90
C ASN D 519 9.91 -3.07 23.24
N ILE D 520 9.08 -4.10 23.19
CA ILE D 520 8.52 -4.72 24.38
C ILE D 520 9.60 -5.03 25.43
N PRO D 521 9.31 -4.82 26.73
CA PRO D 521 10.33 -5.12 27.72
C PRO D 521 10.62 -6.62 27.73
N LEU D 522 11.88 -6.98 27.94
CA LEU D 522 12.28 -8.40 27.97
C LEU D 522 12.79 -8.85 29.31
N LYS E 5 -45.41 11.50 -37.78
CA LYS E 5 -44.23 10.74 -37.27
C LYS E 5 -43.81 11.12 -35.85
N PRO E 6 -44.45 12.13 -35.23
CA PRO E 6 -44.02 12.46 -33.88
C PRO E 6 -44.60 11.61 -32.72
N PRO E 7 -45.66 10.82 -32.96
CA PRO E 7 -46.18 10.01 -31.84
C PRO E 7 -45.27 8.84 -31.48
N VAL E 8 -45.14 8.58 -30.19
CA VAL E 8 -44.30 7.49 -29.69
C VAL E 8 -44.44 6.18 -30.47
N GLU E 9 -45.68 5.79 -30.75
CA GLU E 9 -45.94 4.56 -31.48
C GLU E 9 -45.14 4.52 -32.80
N LYS E 10 -45.19 5.62 -33.54
CA LYS E 10 -44.48 5.74 -34.82
C LYS E 10 -42.95 5.84 -34.64
N LEU E 11 -42.53 6.45 -33.53
CA LEU E 11 -41.11 6.60 -33.26
C LEU E 11 -40.43 5.23 -33.06
N ILE E 12 -41.07 4.36 -32.27
CA ILE E 12 -40.49 3.04 -32.04
C ILE E 12 -40.48 2.21 -33.33
N GLU E 13 -41.53 2.32 -34.13
CA GLU E 13 -41.58 1.59 -35.39
C GLU E 13 -40.39 2.07 -36.23
N GLU E 14 -40.11 3.37 -36.17
CA GLU E 14 -38.97 3.92 -36.91
C GLU E 14 -37.66 3.34 -36.36
N LEU E 15 -37.55 3.24 -35.04
CA LEU E 15 -36.34 2.71 -34.41
C LEU E 15 -36.08 1.28 -34.85
N ARG E 16 -37.14 0.51 -34.99
CA ARG E 16 -36.98 -0.88 -35.40
C ARG E 16 -36.53 -0.97 -36.86
N GLN E 17 -36.93 0.01 -37.67
CA GLN E 17 -36.55 0.05 -39.06
C GLN E 17 -35.07 0.43 -39.19
N LEU E 18 -34.61 1.35 -38.34
CA LEU E 18 -33.22 1.78 -38.37
C LEU E 18 -32.29 0.67 -37.92
N LYS E 19 -32.68 -0.06 -36.88
CA LYS E 19 -31.85 -1.14 -36.38
C LYS E 19 -31.74 -2.30 -37.36
N GLU E 20 -32.82 -2.61 -38.08
CA GLU E 20 -32.78 -3.68 -39.06
C GLU E 20 -31.79 -3.25 -40.14
N LYS E 21 -31.81 -1.96 -40.46
CA LYS E 21 -30.92 -1.40 -41.47
C LYS E 21 -29.47 -1.51 -40.99
N ALA E 22 -29.24 -1.15 -39.74
CA ALA E 22 -27.90 -1.20 -39.17
C ALA E 22 -27.37 -2.64 -39.16
N TYR E 23 -28.23 -3.59 -38.84
CA TYR E 23 -27.83 -5.00 -38.79
C TYR E 23 -27.37 -5.55 -40.14
N LYS E 24 -27.96 -5.05 -41.22
CA LYS E 24 -27.60 -5.51 -42.57
C LYS E 24 -26.16 -5.16 -42.94
N GLY E 25 -25.59 -4.18 -42.25
CA GLY E 25 -24.23 -3.79 -42.56
C GLY E 25 -24.08 -3.24 -43.96
N GLY E 26 -23.34 -3.95 -44.80
CA GLY E 26 -23.13 -3.51 -46.16
C GLY E 26 -24.20 -3.93 -47.15
N GLY E 27 -25.20 -4.69 -46.68
CA GLY E 27 -26.26 -5.12 -47.57
C GLY E 27 -26.30 -6.62 -47.82
N ASP E 28 -27.43 -7.08 -48.33
CA ASP E 28 -27.60 -8.50 -48.61
C ASP E 28 -26.68 -9.01 -49.71
N GLU E 29 -26.38 -8.17 -50.69
CA GLU E 29 -25.50 -8.59 -51.77
C GLU E 29 -24.07 -8.73 -51.24
N ARG E 30 -23.79 -8.07 -50.13
CA ARG E 30 -22.46 -8.18 -49.55
C ARG E 30 -22.34 -9.43 -48.69
N ILE E 31 -23.29 -9.65 -47.79
CA ILE E 31 -23.19 -10.83 -46.95
C ILE E 31 -23.17 -12.09 -47.82
N GLN E 32 -23.83 -12.03 -48.98
CA GLN E 32 -23.84 -13.17 -49.87
C GLN E 32 -22.43 -13.41 -50.42
N PHE E 33 -21.71 -12.33 -50.72
CA PHE E 33 -20.33 -12.47 -51.18
C PHE E 33 -19.56 -13.12 -50.03
N GLN E 34 -19.73 -12.56 -48.83
CA GLN E 34 -19.06 -13.08 -47.66
C GLN E 34 -19.35 -14.58 -47.55
N HIS E 35 -20.63 -14.92 -47.50
CA HIS E 35 -21.04 -16.33 -47.43
C HIS E 35 -20.47 -17.17 -48.57
N SER E 36 -20.35 -16.57 -49.76
CA SER E 36 -19.84 -17.30 -50.92
C SER E 36 -18.37 -17.70 -50.83
N LYS E 37 -17.64 -17.13 -49.87
CA LYS E 37 -16.23 -17.45 -49.68
C LYS E 37 -16.08 -18.48 -48.57
N GLY E 38 -17.19 -18.81 -47.94
CA GLY E 38 -17.16 -19.79 -46.86
C GLY E 38 -17.08 -19.11 -45.49
N LYS E 39 -17.29 -17.80 -45.45
CA LYS E 39 -17.23 -17.04 -44.20
C LYS E 39 -18.61 -16.68 -43.63
N LEU E 40 -18.64 -16.39 -42.34
CA LEU E 40 -19.88 -15.98 -41.67
C LEU E 40 -19.80 -14.46 -41.51
N THR E 41 -20.93 -13.83 -41.18
CA THR E 41 -20.95 -12.38 -40.99
C THR E 41 -20.53 -12.09 -39.55
N ALA E 42 -20.19 -10.83 -39.29
CA ALA E 42 -19.76 -10.41 -37.95
C ALA E 42 -20.79 -10.80 -36.89
N ARG E 43 -22.07 -10.53 -37.18
CA ARG E 43 -23.13 -10.85 -36.23
C ARG E 43 -23.41 -12.34 -36.09
N GLU E 44 -23.35 -13.09 -37.18
CA GLU E 44 -23.57 -14.53 -37.11
C GLU E 44 -22.49 -15.20 -36.26
N ARG E 45 -21.25 -14.72 -36.39
CA ARG E 45 -20.15 -15.27 -35.58
C ARG E 45 -20.43 -14.97 -34.12
N LEU E 46 -20.92 -13.77 -33.83
CA LEU E 46 -21.23 -13.39 -32.46
C LEU E 46 -22.37 -14.26 -31.88
N ALA E 47 -23.47 -14.41 -32.63
CA ALA E 47 -24.58 -15.22 -32.13
C ALA E 47 -24.07 -16.62 -31.76
N LEU E 48 -23.12 -17.11 -32.54
CA LEU E 48 -22.53 -18.43 -32.33
C LEU E 48 -21.72 -18.48 -31.02
N LEU E 49 -20.88 -17.47 -30.82
CA LEU E 49 -20.03 -17.39 -29.65
C LEU E 49 -20.73 -17.22 -28.31
N PHE E 50 -21.70 -16.32 -28.24
CA PHE E 50 -22.38 -16.06 -26.98
C PHE E 50 -23.62 -16.88 -26.73
N ASP E 51 -23.83 -17.27 -25.47
CA ASP E 51 -24.99 -18.08 -25.11
C ASP E 51 -26.18 -17.50 -25.87
N ASP E 52 -26.30 -17.99 -27.10
CA ASP E 52 -27.30 -17.62 -28.08
C ASP E 52 -28.48 -16.94 -27.44
N GLY E 53 -28.85 -15.80 -27.98
CA GLY E 53 -29.95 -15.05 -27.42
C GLY E 53 -29.42 -13.93 -26.55
N LYS E 54 -28.15 -13.56 -26.75
CA LYS E 54 -27.60 -12.47 -25.95
C LYS E 54 -26.28 -11.80 -26.34
N PHE E 55 -26.40 -10.57 -26.79
CA PHE E 55 -25.23 -9.73 -27.06
C PHE E 55 -25.67 -8.28 -26.86
N ASN E 56 -25.16 -7.68 -25.80
CA ASN E 56 -25.48 -6.30 -25.45
C ASN E 56 -24.52 -5.40 -26.20
N GLU E 57 -25.05 -4.78 -27.26
CA GLU E 57 -24.27 -3.92 -28.11
C GLU E 57 -24.18 -2.47 -27.66
N ILE E 58 -23.02 -1.87 -27.86
CA ILE E 58 -22.79 -0.48 -27.50
C ILE E 58 -22.33 0.29 -28.73
N MET E 59 -22.79 1.53 -28.86
CA MET E 59 -22.42 2.40 -29.98
C MET E 59 -22.80 1.78 -31.32
N THR E 60 -23.96 1.13 -31.35
CA THR E 60 -24.46 0.48 -32.55
C THR E 60 -24.73 1.40 -33.73
N PHE E 61 -25.05 2.65 -33.45
CA PHE E 61 -25.33 3.60 -34.52
C PHE E 61 -24.16 4.52 -34.81
N ALA E 62 -23.07 4.39 -34.05
CA ALA E 62 -21.90 5.22 -34.23
C ALA E 62 -21.41 5.16 -35.68
N THR E 63 -21.22 6.33 -36.29
CA THR E 63 -20.77 6.40 -37.67
C THR E 63 -19.47 7.17 -37.83
N THR E 64 -18.89 7.11 -39.02
CA THR E 64 -17.66 7.85 -39.27
C THR E 64 -18.01 9.34 -39.32
N ARG E 65 -17.08 10.17 -38.90
CA ARG E 65 -17.25 11.61 -38.92
C ARG E 65 -16.33 12.17 -39.99
N ALA E 66 -15.60 11.26 -40.65
CA ALA E 66 -14.67 11.66 -41.69
C ALA E 66 -15.45 12.25 -42.85
N THR E 67 -14.86 13.21 -43.55
CA THR E 67 -15.55 13.84 -44.66
C THR E 67 -14.80 13.73 -45.99
N GLU E 68 -13.54 13.29 -45.94
CA GLU E 68 -12.72 13.16 -47.14
C GLU E 68 -12.93 11.87 -47.93
N PHE E 69 -12.62 11.93 -49.22
CA PHE E 69 -12.75 10.80 -50.13
C PHE E 69 -14.13 10.16 -50.12
N GLY E 70 -15.15 11.00 -50.08
CA GLY E 70 -16.51 10.51 -50.07
C GLY E 70 -16.79 9.63 -48.88
N LEU E 71 -16.82 10.23 -47.70
CA LEU E 71 -17.12 9.51 -46.46
C LEU E 71 -18.28 10.27 -45.81
N ASP E 72 -18.53 11.47 -46.32
CA ASP E 72 -19.58 12.34 -45.82
C ASP E 72 -20.99 11.89 -46.20
N LYS E 73 -21.11 11.08 -47.25
CA LYS E 73 -22.41 10.61 -47.70
C LYS E 73 -22.71 9.14 -47.40
N GLN E 74 -21.71 8.27 -47.49
CA GLN E 74 -21.92 6.86 -47.20
C GLN E 74 -21.40 6.56 -45.81
N ARG E 75 -22.32 6.54 -44.85
CA ARG E 75 -21.96 6.25 -43.47
C ARG E 75 -22.79 5.09 -42.95
N PHE E 76 -22.12 3.96 -42.79
CA PHE E 76 -22.77 2.75 -42.31
C PHE E 76 -22.84 2.79 -40.79
N TYR E 77 -24.01 2.50 -40.22
CA TYR E 77 -24.15 2.51 -38.77
C TYR E 77 -23.17 1.49 -38.19
N GLY E 78 -22.49 1.87 -37.12
CA GLY E 78 -21.54 0.97 -36.48
C GLY E 78 -20.11 1.07 -37.01
N ASP E 79 -19.95 1.86 -38.06
CA ASP E 79 -18.66 2.10 -38.72
C ASP E 79 -17.79 0.88 -39.07
N GLY E 80 -18.38 -0.30 -39.16
CA GLY E 80 -17.61 -1.48 -39.53
C GLY E 80 -17.27 -2.49 -38.45
N VAL E 81 -17.65 -2.21 -37.21
CA VAL E 81 -17.35 -3.15 -36.13
C VAL E 81 -18.51 -3.27 -35.13
N VAL E 82 -18.75 -4.48 -34.65
CA VAL E 82 -19.81 -4.69 -33.66
C VAL E 82 -19.09 -4.88 -32.33
N THR E 83 -19.47 -4.07 -31.34
CA THR E 83 -18.84 -4.12 -30.03
C THR E 83 -19.84 -4.24 -28.87
N GLY E 84 -19.44 -4.99 -27.85
CA GLY E 84 -20.29 -5.18 -26.70
C GLY E 84 -19.85 -6.34 -25.84
N TRP E 85 -20.80 -6.89 -25.08
CA TRP E 85 -20.49 -8.01 -24.21
C TRP E 85 -21.68 -8.94 -24.12
N GLY E 86 -21.44 -10.13 -23.63
CA GLY E 86 -22.49 -11.12 -23.45
C GLY E 86 -21.93 -12.19 -22.53
N LYS E 87 -22.45 -13.39 -22.64
CA LYS E 87 -21.97 -14.48 -21.82
C LYS E 87 -21.58 -15.67 -22.66
N VAL E 88 -20.48 -16.31 -22.28
CA VAL E 88 -20.01 -17.50 -22.96
C VAL E 88 -19.99 -18.50 -21.81
N ASP E 89 -20.88 -19.47 -21.89
CA ASP E 89 -21.00 -20.48 -20.84
C ASP E 89 -21.34 -19.85 -19.48
N GLY E 90 -22.13 -18.78 -19.52
CA GLY E 90 -22.56 -18.12 -18.29
C GLY E 90 -21.59 -17.16 -17.65
N ARG E 91 -20.49 -16.88 -18.34
CA ARG E 91 -19.51 -15.95 -17.81
C ARG E 91 -19.44 -14.73 -18.70
N THR E 92 -19.29 -13.56 -18.10
CA THR E 92 -19.24 -12.33 -18.85
C THR E 92 -17.94 -12.13 -19.65
N VAL E 93 -18.08 -11.93 -20.96
CA VAL E 93 -16.92 -11.67 -21.79
C VAL E 93 -17.27 -10.62 -22.83
N PHE E 94 -16.29 -9.77 -23.12
CA PHE E 94 -16.46 -8.72 -24.11
C PHE E 94 -15.93 -9.22 -25.45
N ALA E 95 -16.32 -8.52 -26.51
CA ALA E 95 -15.88 -8.91 -27.83
C ALA E 95 -16.23 -7.84 -28.85
N TYR E 96 -15.56 -7.92 -29.99
CA TYR E 96 -15.86 -7.03 -31.09
C TYR E 96 -15.84 -7.96 -32.30
N ALA E 97 -16.53 -7.57 -33.35
CA ALA E 97 -16.61 -8.39 -34.55
C ALA E 97 -16.65 -7.43 -35.71
N GLN E 98 -15.57 -7.40 -36.47
CA GLN E 98 -15.49 -6.50 -37.60
C GLN E 98 -16.37 -7.01 -38.74
N ASP E 99 -17.02 -6.09 -39.44
CA ASP E 99 -17.90 -6.45 -40.53
C ASP E 99 -17.22 -6.11 -41.84
N PHE E 100 -16.68 -7.13 -42.50
CA PHE E 100 -15.96 -6.95 -43.76
C PHE E 100 -16.83 -6.31 -44.85
N THR E 101 -18.15 -6.40 -44.70
CA THR E 101 -19.04 -5.82 -45.71
C THR E 101 -19.11 -4.30 -45.59
N VAL E 102 -18.51 -3.75 -44.54
CA VAL E 102 -18.50 -2.30 -44.37
C VAL E 102 -17.11 -1.78 -44.67
N LEU E 103 -16.93 -1.30 -45.91
CA LEU E 103 -15.64 -0.78 -46.36
C LEU E 103 -14.51 -1.76 -46.03
N GLY E 104 -14.67 -3.00 -46.49
CA GLY E 104 -13.67 -4.03 -46.24
C GLY E 104 -13.30 -4.19 -44.77
N GLY E 105 -14.22 -3.84 -43.88
CA GLY E 105 -13.95 -3.96 -42.45
C GLY E 105 -12.76 -3.12 -42.03
N SER E 106 -12.40 -2.14 -42.83
CA SER E 106 -11.26 -1.28 -42.55
C SER E 106 -11.38 -0.60 -41.18
N LEU E 107 -10.26 -0.17 -40.61
CA LEU E 107 -10.27 0.45 -39.30
C LEU E 107 -10.45 1.97 -39.28
N GLY E 108 -11.70 2.43 -39.21
CA GLY E 108 -11.96 3.85 -39.16
C GLY E 108 -11.64 4.38 -37.78
N GLU E 109 -11.65 5.71 -37.62
CA GLU E 109 -11.39 6.32 -36.32
C GLU E 109 -12.50 5.94 -35.33
N THR E 110 -13.75 6.03 -35.76
CA THR E 110 -14.89 5.69 -34.91
C THR E 110 -14.86 4.18 -34.64
N HIS E 111 -14.52 3.43 -35.68
CA HIS E 111 -14.40 1.97 -35.62
C HIS E 111 -13.44 1.62 -34.48
N ALA E 112 -12.27 2.26 -34.51
CA ALA E 112 -11.24 2.05 -33.49
C ALA E 112 -11.75 2.41 -32.10
N ASN E 113 -12.33 3.60 -31.97
CA ASN E 113 -12.82 4.04 -30.67
C ASN E 113 -13.85 3.12 -30.05
N LYS E 114 -14.63 2.41 -30.87
CA LYS E 114 -15.63 1.47 -30.36
C LYS E 114 -14.95 0.26 -29.73
N ILE E 115 -13.89 -0.21 -30.38
CA ILE E 115 -13.14 -1.34 -29.87
C ILE E 115 -12.43 -0.91 -28.58
N VAL E 116 -11.92 0.32 -28.58
CA VAL E 116 -11.23 0.87 -27.41
C VAL E 116 -12.20 0.88 -26.23
N ARG E 117 -13.41 1.38 -26.49
CA ARG E 117 -14.44 1.46 -25.45
C ARG E 117 -14.75 0.08 -24.87
N ALA E 118 -14.76 -0.94 -25.73
CA ALA E 118 -15.04 -2.30 -25.30
C ALA E 118 -13.94 -2.76 -24.36
N TYR E 119 -12.68 -2.50 -24.73
CA TYR E 119 -11.56 -2.86 -23.89
C TYR E 119 -11.58 -2.10 -22.56
N GLU E 120 -11.98 -0.82 -22.59
CA GLU E 120 -12.02 -0.03 -21.36
C GLU E 120 -13.03 -0.61 -20.37
N LEU E 121 -14.15 -1.09 -20.90
CA LEU E 121 -15.18 -1.67 -20.04
C LEU E 121 -14.71 -3.03 -19.53
N ALA E 122 -14.19 -3.87 -20.41
CA ALA E 122 -13.75 -5.20 -20.00
C ALA E 122 -12.65 -5.07 -18.95
N LEU E 123 -11.86 -4.01 -19.05
CA LEU E 123 -10.76 -3.78 -18.12
C LEU E 123 -11.32 -3.29 -16.78
N LYS E 124 -12.34 -2.45 -16.84
CA LYS E 124 -12.95 -1.92 -15.63
C LYS E 124 -13.64 -3.03 -14.83
N VAL E 125 -14.26 -3.99 -15.52
CA VAL E 125 -14.98 -5.07 -14.82
C VAL E 125 -14.23 -6.40 -14.74
N GLY E 126 -13.07 -6.48 -15.39
CA GLY E 126 -12.29 -7.70 -15.34
C GLY E 126 -12.91 -8.83 -16.15
N ALA E 127 -13.20 -8.54 -17.42
CA ALA E 127 -13.77 -9.55 -18.30
C ALA E 127 -12.89 -9.78 -19.52
N PRO E 128 -12.81 -11.03 -20.00
CA PRO E 128 -11.98 -11.28 -21.18
C PRO E 128 -12.57 -10.53 -22.38
N VAL E 129 -11.77 -10.43 -23.44
CA VAL E 129 -12.21 -9.79 -24.67
C VAL E 129 -11.71 -10.60 -25.86
N VAL E 130 -12.64 -11.06 -26.71
CA VAL E 130 -12.21 -11.79 -27.88
C VAL E 130 -12.49 -10.93 -29.11
N GLY E 131 -11.42 -10.64 -29.84
CA GLY E 131 -11.56 -9.83 -31.04
C GLY E 131 -11.68 -10.70 -32.28
N ILE E 132 -12.89 -10.72 -32.86
CA ILE E 132 -13.15 -11.50 -34.06
C ILE E 132 -12.80 -10.60 -35.23
N ASN E 133 -11.55 -10.73 -35.69
CA ASN E 133 -11.03 -9.90 -36.77
C ASN E 133 -11.44 -10.29 -38.18
N ASP E 134 -11.68 -9.28 -39.00
CA ASP E 134 -12.09 -9.44 -40.40
C ASP E 134 -11.91 -8.07 -41.07
N SER E 135 -10.66 -7.62 -41.13
CA SER E 135 -10.36 -6.33 -41.70
C SER E 135 -9.20 -6.33 -42.69
N GLY E 136 -9.38 -5.60 -43.78
CA GLY E 136 -8.34 -5.49 -44.79
C GLY E 136 -7.23 -4.59 -44.29
N GLY E 137 -7.54 -3.76 -43.30
CA GLY E 137 -6.53 -2.87 -42.77
C GLY E 137 -7.02 -1.47 -42.48
N ALA E 138 -6.08 -0.53 -42.39
CA ALA E 138 -6.42 0.85 -42.13
C ALA E 138 -7.40 1.39 -43.15
N ARG E 139 -8.20 2.37 -42.77
CA ARG E 139 -9.11 2.95 -43.73
C ARG E 139 -8.28 4.07 -44.33
N ILE E 140 -7.77 3.83 -45.53
CA ILE E 140 -6.93 4.81 -46.19
C ILE E 140 -7.64 6.14 -46.36
N GLN E 141 -8.95 6.10 -46.55
CA GLN E 141 -9.73 7.33 -46.72
C GLN E 141 -9.64 8.27 -45.50
N GLU E 142 -9.25 7.73 -44.34
CA GLU E 142 -9.14 8.57 -43.15
C GLU E 142 -7.70 8.92 -42.77
N GLY E 143 -6.76 8.59 -43.65
CA GLY E 143 -5.36 8.90 -43.43
C GLY E 143 -4.73 8.61 -42.08
N ALA E 144 -4.07 9.61 -41.50
CA ALA E 144 -3.38 9.47 -40.23
C ALA E 144 -4.29 9.22 -39.04
N LEU E 145 -5.54 9.62 -39.15
CA LEU E 145 -6.52 9.42 -38.09
C LEU E 145 -6.74 7.92 -37.92
N SER E 146 -6.62 7.18 -39.02
CA SER E 146 -6.80 5.73 -38.97
C SER E 146 -5.65 5.09 -38.20
N LEU E 147 -4.43 5.58 -38.40
CA LEU E 147 -3.29 5.04 -37.68
C LEU E 147 -3.39 5.34 -36.17
N GLU E 148 -3.84 6.56 -35.86
CA GLU E 148 -4.00 6.99 -34.47
C GLU E 148 -5.00 6.03 -33.80
N GLY E 149 -6.00 5.59 -34.57
CA GLY E 149 -6.97 4.66 -34.04
C GLY E 149 -6.28 3.36 -33.70
N TYR E 150 -5.42 2.89 -34.60
CA TYR E 150 -4.68 1.67 -34.33
C TYR E 150 -3.90 1.88 -33.02
N GLY E 151 -3.21 3.01 -32.94
CA GLY E 151 -2.44 3.34 -31.76
C GLY E 151 -3.27 3.21 -30.50
N ALA E 152 -4.49 3.73 -30.54
CA ALA E 152 -5.38 3.66 -29.38
C ALA E 152 -5.71 2.24 -28.98
N VAL E 153 -5.98 1.37 -29.96
CA VAL E 153 -6.30 -0.02 -29.61
C VAL E 153 -5.09 -0.73 -29.04
N PHE E 154 -3.93 -0.52 -29.65
CA PHE E 154 -2.71 -1.15 -29.18
C PHE E 154 -2.45 -0.82 -27.72
N LYS E 155 -2.64 0.44 -27.34
CA LYS E 155 -2.40 0.80 -25.96
C LYS E 155 -3.31 0.03 -25.02
N MET E 156 -4.55 -0.25 -25.45
CA MET E 156 -5.47 -0.99 -24.60
C MET E 156 -4.98 -2.44 -24.47
N ASN E 157 -4.47 -3.00 -25.56
CA ASN E 157 -3.96 -4.36 -25.54
C ASN E 157 -2.84 -4.50 -24.50
N VAL E 158 -1.95 -3.51 -24.47
CA VAL E 158 -0.83 -3.52 -23.54
C VAL E 158 -1.29 -3.30 -22.10
N MET E 159 -2.17 -2.32 -21.90
CA MET E 159 -2.67 -2.06 -20.54
C MET E 159 -3.34 -3.29 -19.97
N ALA E 160 -4.10 -3.99 -20.81
CA ALA E 160 -4.83 -5.18 -20.39
C ALA E 160 -3.98 -6.45 -20.36
N SER E 161 -2.79 -6.37 -20.94
CA SER E 161 -1.90 -7.52 -21.01
C SER E 161 -1.60 -8.11 -19.61
N GLY E 162 -1.99 -9.36 -19.42
CA GLY E 162 -1.77 -10.01 -18.15
C GLY E 162 -2.77 -9.59 -17.09
N VAL E 163 -3.80 -8.84 -17.49
CA VAL E 163 -4.85 -8.39 -16.56
C VAL E 163 -6.12 -9.14 -16.90
N ILE E 164 -6.44 -9.18 -18.19
CA ILE E 164 -7.63 -9.88 -18.68
C ILE E 164 -7.26 -10.66 -19.94
N PRO E 165 -7.66 -11.94 -20.03
CA PRO E 165 -7.35 -12.76 -21.21
C PRO E 165 -7.80 -12.06 -22.48
N GLN E 166 -6.94 -12.09 -23.50
CA GLN E 166 -7.24 -11.49 -24.80
C GLN E 166 -7.04 -12.54 -25.87
N ILE E 167 -8.15 -12.95 -26.49
CA ILE E 167 -8.13 -13.96 -27.54
C ILE E 167 -8.51 -13.33 -28.89
N THR E 168 -7.71 -13.60 -29.91
CA THR E 168 -7.98 -13.07 -31.24
C THR E 168 -8.42 -14.19 -32.18
N ILE E 169 -9.49 -13.96 -32.93
CA ILE E 169 -9.92 -14.94 -33.90
C ILE E 169 -9.70 -14.18 -35.19
N MET E 170 -8.69 -14.61 -35.94
CA MET E 170 -8.38 -13.97 -37.21
C MET E 170 -9.23 -14.65 -38.27
N ALA E 171 -10.27 -13.97 -38.73
CA ALA E 171 -11.16 -14.53 -39.74
C ALA E 171 -11.30 -13.56 -40.92
N GLY E 172 -10.18 -12.98 -41.32
CA GLY E 172 -10.19 -12.05 -42.43
C GLY E 172 -8.84 -11.91 -43.10
N PRO E 173 -8.72 -11.00 -44.08
CA PRO E 173 -7.49 -10.74 -44.84
C PRO E 173 -6.74 -9.55 -44.27
N ALA E 174 -6.07 -9.76 -43.14
CA ALA E 174 -5.31 -8.69 -42.47
C ALA E 174 -3.98 -8.28 -43.09
N ALA E 175 -3.81 -6.97 -43.26
CA ALA E 175 -2.60 -6.38 -43.81
C ALA E 175 -2.24 -5.15 -42.97
N GLY E 176 -0.96 -4.83 -42.93
CA GLY E 176 -0.50 -3.67 -42.18
C GLY E 176 -0.89 -3.64 -40.71
N GLY E 177 -1.36 -2.49 -40.26
CA GLY E 177 -1.75 -2.32 -38.86
C GLY E 177 -2.76 -3.29 -38.30
N ALA E 178 -3.63 -3.83 -39.15
CA ALA E 178 -4.66 -4.78 -38.70
C ALA E 178 -4.01 -6.01 -38.11
N VAL E 179 -2.70 -6.09 -38.28
CA VAL E 179 -1.93 -7.23 -37.82
C VAL E 179 -1.41 -7.14 -36.38
N TYR E 180 -1.09 -5.93 -35.94
CA TYR E 180 -0.51 -5.74 -34.61
C TYR E 180 -1.36 -5.94 -33.35
N SER E 181 -2.62 -5.54 -33.35
CA SER E 181 -3.44 -5.75 -32.17
C SER E 181 -3.44 -7.26 -31.87
N PRO E 182 -3.72 -8.08 -32.89
CA PRO E 182 -3.74 -9.54 -32.65
C PRO E 182 -2.41 -10.02 -32.08
N ALA E 183 -1.31 -9.46 -32.55
CA ALA E 183 0.03 -9.83 -32.09
C ALA E 183 0.18 -9.57 -30.60
N LEU E 184 -0.44 -8.48 -30.15
CA LEU E 184 -0.37 -8.10 -28.75
C LEU E 184 -1.32 -8.89 -27.85
N THR E 185 -2.25 -9.64 -28.43
CA THR E 185 -3.16 -10.43 -27.61
C THR E 185 -2.44 -11.70 -27.18
N ASP E 186 -3.05 -12.48 -26.29
CA ASP E 186 -2.41 -13.70 -25.79
C ASP E 186 -2.46 -14.92 -26.71
N PHE E 187 -3.55 -15.09 -27.45
CA PHE E 187 -3.69 -16.22 -28.36
C PHE E 187 -4.35 -15.78 -29.66
N ILE E 188 -3.84 -16.28 -30.78
CA ILE E 188 -4.41 -15.96 -32.07
C ILE E 188 -4.91 -17.27 -32.69
N ILE E 189 -6.23 -17.39 -32.78
CA ILE E 189 -6.87 -18.56 -33.37
C ILE E 189 -7.21 -18.12 -34.80
N MET E 190 -6.64 -18.82 -35.77
CA MET E 190 -6.86 -18.49 -37.16
C MET E 190 -7.42 -19.64 -37.97
N ILE E 191 -8.27 -19.31 -38.93
CA ILE E 191 -8.89 -20.30 -39.81
C ILE E 191 -8.06 -20.39 -41.06
N LYS E 192 -7.89 -21.60 -41.59
CA LYS E 192 -7.12 -21.73 -42.82
C LYS E 192 -8.09 -21.77 -44.01
N GLY E 193 -7.71 -21.09 -45.08
CA GLY E 193 -8.50 -21.00 -46.28
C GLY E 193 -8.03 -19.80 -47.09
N ASP E 194 -8.47 -19.73 -48.35
CA ASP E 194 -8.11 -18.65 -49.24
C ASP E 194 -8.33 -17.25 -48.70
N ALA E 195 -9.47 -17.02 -48.07
CA ALA E 195 -9.77 -15.71 -47.51
C ALA E 195 -8.54 -15.35 -46.67
N TYR E 196 -7.57 -14.72 -47.34
CA TYR E 196 -6.24 -14.33 -46.81
C TYR E 196 -6.03 -14.42 -45.30
N TYR E 197 -4.90 -13.88 -44.85
CA TYR E 197 -4.66 -13.95 -43.44
C TYR E 197 -4.00 -12.74 -42.87
N MET E 198 -2.68 -12.82 -42.67
CA MET E 198 -1.98 -11.68 -42.11
C MET E 198 -0.52 -11.52 -42.49
N PHE E 199 -0.17 -10.28 -42.81
CA PHE E 199 1.19 -9.90 -43.16
C PHE E 199 1.31 -8.40 -42.96
N VAL E 200 2.49 -7.95 -42.53
CA VAL E 200 2.72 -6.53 -42.30
C VAL E 200 2.69 -5.74 -43.60
N THR E 201 3.37 -6.26 -44.62
CA THR E 201 3.43 -5.61 -45.91
C THR E 201 2.91 -6.56 -47.01
N GLY E 202 2.06 -6.03 -47.87
CA GLY E 202 1.48 -6.84 -48.93
C GLY E 202 2.45 -7.25 -50.04
N PRO E 203 2.04 -8.21 -50.89
CA PRO E 203 2.83 -8.74 -52.02
C PRO E 203 3.12 -7.67 -53.07
N GLU E 204 2.12 -6.83 -53.34
CA GLU E 204 2.26 -5.77 -54.34
C GLU E 204 3.56 -5.03 -54.05
N ILE E 205 3.70 -4.59 -52.80
CA ILE E 205 4.86 -3.85 -52.36
C ILE E 205 6.15 -4.68 -52.47
N THR E 206 6.20 -5.81 -51.77
CA THR E 206 7.38 -6.67 -51.78
C THR E 206 7.91 -6.91 -53.19
N LYS E 207 7.08 -6.69 -54.20
CA LYS E 207 7.48 -6.91 -55.59
C LYS E 207 8.32 -5.76 -56.16
N VAL E 208 7.89 -4.53 -55.94
CA VAL E 208 8.60 -3.38 -56.47
C VAL E 208 9.82 -3.01 -55.58
N VAL E 209 9.69 -3.25 -54.28
CA VAL E 209 10.77 -2.94 -53.33
C VAL E 209 11.65 -4.17 -53.13
N LEU E 210 11.40 -5.22 -53.90
CA LEU E 210 12.15 -6.47 -53.83
C LEU E 210 11.64 -7.44 -54.90
N GLY E 211 12.47 -8.38 -55.34
CA GLY E 211 12.06 -9.31 -56.38
C GLY E 211 10.81 -10.15 -56.11
N GLU E 212 10.82 -10.87 -54.99
CA GLU E 212 9.74 -11.76 -54.57
C GLU E 212 8.31 -11.50 -55.05
N GLU E 213 7.76 -12.44 -55.80
CA GLU E 213 6.37 -12.36 -56.26
C GLU E 213 5.67 -13.48 -55.51
N VAL E 214 4.88 -13.13 -54.50
CA VAL E 214 4.22 -14.15 -53.70
C VAL E 214 2.70 -14.02 -53.61
N SER E 215 2.08 -15.16 -53.32
CA SER E 215 0.65 -15.29 -53.16
C SER E 215 0.31 -14.79 -51.74
N PHE E 216 -0.97 -14.51 -51.49
CA PHE E 216 -1.39 -14.06 -50.16
C PHE E 216 -1.21 -15.17 -49.14
N GLN E 217 -1.55 -16.39 -49.53
CA GLN E 217 -1.43 -17.55 -48.64
C GLN E 217 0.04 -17.89 -48.37
N ASP E 218 0.86 -17.79 -49.41
CA ASP E 218 2.28 -18.11 -49.30
C ASP E 218 3.05 -17.04 -48.52
N LEU E 219 2.48 -15.84 -48.44
CA LEU E 219 3.14 -14.76 -47.70
C LEU E 219 2.72 -14.70 -46.24
N GLY E 220 1.43 -14.89 -45.99
CA GLY E 220 0.95 -14.82 -44.61
C GLY E 220 -0.22 -15.75 -44.36
N GLY E 221 -0.13 -16.95 -44.92
CA GLY E 221 -1.18 -17.93 -44.74
C GLY E 221 -1.27 -18.42 -43.31
N ALA E 222 -2.40 -18.98 -42.93
CA ALA E 222 -2.57 -19.49 -41.58
C ALA E 222 -1.47 -20.52 -41.36
N VAL E 223 -1.19 -21.29 -42.41
CA VAL E 223 -0.17 -22.31 -42.34
C VAL E 223 1.23 -21.72 -42.08
N VAL E 224 1.57 -20.61 -42.74
CA VAL E 224 2.88 -20.02 -42.50
C VAL E 224 3.01 -19.56 -41.05
N HIS E 225 1.96 -18.95 -40.51
CA HIS E 225 2.01 -18.45 -39.15
C HIS E 225 1.79 -19.46 -38.06
N ALA E 226 1.16 -20.57 -38.37
CA ALA E 226 0.95 -21.60 -37.37
C ALA E 226 2.10 -22.60 -37.36
N THR E 227 2.88 -22.64 -38.44
CA THR E 227 3.97 -23.62 -38.49
C THR E 227 5.36 -23.06 -38.78
N LYS E 228 5.47 -21.79 -39.13
CA LYS E 228 6.78 -21.20 -39.41
C LYS E 228 7.07 -20.00 -38.51
N SER E 229 6.28 -18.93 -38.69
CA SER E 229 6.44 -17.69 -37.94
C SER E 229 6.14 -17.78 -36.45
N GLY E 230 5.24 -18.69 -36.08
CA GLY E 230 4.88 -18.83 -34.68
C GLY E 230 3.91 -17.73 -34.23
N VAL E 231 3.47 -16.90 -35.18
CA VAL E 231 2.54 -15.82 -34.88
C VAL E 231 1.15 -16.34 -34.45
N VAL E 232 0.73 -17.46 -35.03
CA VAL E 232 -0.56 -18.06 -34.73
C VAL E 232 -0.40 -19.19 -33.73
N HIS E 233 -1.35 -19.29 -32.78
CA HIS E 233 -1.31 -20.33 -31.75
C HIS E 233 -2.22 -21.52 -32.03
N PHE E 234 -3.30 -21.30 -32.75
CA PHE E 234 -4.21 -22.39 -33.09
C PHE E 234 -4.67 -22.20 -34.52
N MET E 235 -4.63 -23.29 -35.28
CA MET E 235 -5.07 -23.27 -36.67
C MET E 235 -6.29 -24.19 -36.75
N VAL E 236 -7.35 -23.71 -37.40
CA VAL E 236 -8.58 -24.51 -37.54
C VAL E 236 -9.11 -24.43 -38.97
N ASP E 237 -9.95 -25.39 -39.32
CA ASP E 237 -10.52 -25.45 -40.66
C ASP E 237 -11.75 -24.57 -40.90
N SER E 238 -12.47 -24.23 -39.85
CA SER E 238 -13.66 -23.39 -40.02
C SER E 238 -13.88 -22.37 -38.90
N GLU E 239 -14.73 -21.41 -39.19
CA GLU E 239 -15.08 -20.38 -38.24
C GLU E 239 -15.84 -20.96 -37.05
N GLN E 240 -16.72 -21.92 -37.32
CA GLN E 240 -17.46 -22.56 -36.23
C GLN E 240 -16.46 -23.23 -35.29
N GLU E 241 -15.45 -23.88 -35.86
CA GLU E 241 -14.43 -24.55 -35.06
C GLU E 241 -13.63 -23.51 -34.28
N ALA E 242 -13.35 -22.36 -34.90
CA ALA E 242 -12.63 -21.31 -34.23
C ALA E 242 -13.40 -20.84 -32.99
N ILE E 243 -14.70 -20.61 -33.12
CA ILE E 243 -15.42 -20.14 -31.95
C ILE E 243 -15.62 -21.26 -30.92
N ASN E 244 -15.70 -22.51 -31.35
CA ASN E 244 -15.82 -23.60 -30.37
C ASN E 244 -14.50 -23.67 -29.59
N LEU E 245 -13.40 -23.47 -30.30
CA LEU E 245 -12.09 -23.50 -29.68
C LEU E 245 -12.02 -22.34 -28.68
N THR E 246 -12.50 -21.16 -29.11
CA THR E 246 -12.53 -19.98 -28.26
C THR E 246 -13.26 -20.30 -26.94
N LYS E 247 -14.39 -20.98 -27.03
CA LYS E 247 -15.14 -21.34 -25.82
C LYS E 247 -14.36 -22.31 -24.96
N ARG E 248 -13.66 -23.24 -25.61
CA ARG E 248 -12.88 -24.23 -24.87
C ARG E 248 -11.66 -23.58 -24.21
N LEU E 249 -11.06 -22.61 -24.90
CA LEU E 249 -9.90 -21.93 -24.33
C LEU E 249 -10.33 -21.12 -23.11
N LEU E 250 -11.38 -20.32 -23.25
CA LEU E 250 -11.86 -19.52 -22.13
C LEU E 250 -12.17 -20.41 -20.93
N SER E 251 -12.76 -21.58 -21.19
CA SER E 251 -13.10 -22.50 -20.11
C SER E 251 -11.88 -22.87 -19.23
N TYR E 252 -10.67 -22.65 -19.73
CA TYR E 252 -9.47 -22.97 -18.96
C TYR E 252 -8.87 -21.75 -18.24
N LEU E 253 -9.32 -20.56 -18.62
CA LEU E 253 -8.81 -19.33 -18.02
C LEU E 253 -9.78 -18.64 -17.05
N PRO E 254 -9.25 -17.83 -16.13
CA PRO E 254 -10.08 -17.09 -15.16
C PRO E 254 -10.50 -15.88 -15.98
N SER E 255 -11.38 -15.05 -15.42
CA SER E 255 -11.87 -13.87 -16.13
C SER E 255 -10.85 -12.74 -16.15
N ASN E 256 -10.00 -12.72 -15.13
CA ASN E 256 -8.99 -11.67 -14.97
C ASN E 256 -7.89 -12.19 -14.05
N ASN E 257 -6.82 -11.42 -13.89
CA ASN E 257 -5.72 -11.88 -13.05
C ASN E 257 -5.99 -11.91 -11.54
N MET E 258 -7.23 -11.67 -11.14
CA MET E 258 -7.55 -11.68 -9.72
C MET E 258 -8.37 -12.89 -9.35
N GLU E 259 -8.44 -13.87 -10.24
CA GLU E 259 -9.21 -15.06 -9.98
C GLU E 259 -8.51 -16.34 -10.39
N GLU E 260 -8.80 -17.40 -9.64
CA GLU E 260 -8.23 -18.71 -9.90
C GLU E 260 -8.88 -19.28 -11.14
N PRO E 261 -8.12 -20.04 -11.94
CA PRO E 261 -8.72 -20.62 -13.14
C PRO E 261 -9.88 -21.52 -12.70
N PRO E 262 -10.96 -21.56 -13.49
CA PRO E 262 -12.16 -22.35 -13.20
C PRO E 262 -11.98 -23.84 -12.93
N TYR E 263 -12.56 -24.30 -11.83
CA TYR E 263 -12.53 -25.72 -11.49
C TYR E 263 -13.82 -26.20 -12.16
N ILE E 264 -13.75 -27.29 -12.92
CA ILE E 264 -14.96 -27.75 -13.57
C ILE E 264 -14.93 -29.17 -14.12
N ASP E 265 -15.16 -30.14 -13.25
CA ASP E 265 -15.19 -31.54 -13.66
C ASP E 265 -15.97 -32.34 -12.65
N THR E 266 -15.96 -31.86 -11.40
CA THR E 266 -16.64 -32.53 -10.30
C THR E 266 -16.48 -34.04 -10.42
N GLY E 267 -15.31 -34.45 -10.89
CA GLY E 267 -15.01 -35.87 -11.07
C GLY E 267 -13.95 -36.34 -10.10
N ASP E 268 -13.92 -37.64 -9.80
CA ASP E 268 -12.95 -38.20 -8.84
C ASP E 268 -11.83 -39.08 -9.42
N PRO E 269 -11.29 -38.72 -10.59
CA PRO E 269 -10.23 -39.62 -11.05
C PRO E 269 -8.93 -39.35 -10.31
N ALA E 270 -9.01 -38.91 -9.06
CA ALA E 270 -7.83 -38.60 -8.25
C ALA E 270 -6.83 -39.76 -8.10
N ASP E 271 -7.32 -40.98 -7.89
CA ASP E 271 -6.49 -42.18 -7.75
C ASP E 271 -5.65 -42.45 -8.99
N ARG E 272 -4.38 -42.06 -8.90
CA ARG E 272 -3.40 -42.16 -9.97
C ARG E 272 -3.48 -43.28 -11.00
N ASP E 273 -2.90 -42.96 -12.17
CA ASP E 273 -2.80 -43.82 -13.35
C ASP E 273 -2.84 -45.32 -13.10
N ALA E 274 -3.43 -46.01 -14.08
CA ALA E 274 -3.51 -47.47 -14.08
C ALA E 274 -2.31 -47.84 -14.93
N THR E 275 -1.15 -47.81 -14.27
CA THR E 275 0.16 -48.10 -14.83
C THR E 275 0.25 -47.95 -16.36
N GLY E 276 1.23 -48.64 -16.93
CA GLY E 276 1.42 -48.59 -18.36
C GLY E 276 2.32 -47.43 -18.72
N VAL E 277 2.16 -46.30 -18.03
CA VAL E 277 2.96 -45.13 -18.32
C VAL E 277 4.46 -45.41 -18.26
N GLU E 278 4.87 -46.38 -17.45
CA GLU E 278 6.30 -46.71 -17.34
C GLU E 278 6.75 -47.57 -18.50
N GLN E 279 5.81 -48.00 -19.34
CA GLN E 279 6.12 -48.83 -20.49
C GLN E 279 6.41 -48.01 -21.74
N ILE E 280 6.20 -46.69 -21.65
CA ILE E 280 6.42 -45.79 -22.78
C ILE E 280 7.88 -45.45 -23.03
N VAL E 281 8.59 -45.07 -21.97
CA VAL E 281 9.98 -44.68 -22.09
C VAL E 281 10.88 -45.87 -22.43
N PRO E 282 11.61 -45.78 -23.55
CA PRO E 282 12.52 -46.82 -24.03
C PRO E 282 13.62 -47.13 -23.02
N ASN E 283 14.11 -48.37 -23.04
CA ASN E 283 15.19 -48.77 -22.14
C ASN E 283 16.50 -48.23 -22.71
N ASP E 284 16.37 -47.11 -23.41
CA ASP E 284 17.47 -46.42 -24.09
C ASP E 284 17.34 -44.94 -23.68
N ALA E 285 18.38 -44.15 -23.89
CA ALA E 285 18.33 -42.74 -23.52
C ALA E 285 18.11 -41.80 -24.71
N ALA E 286 18.38 -42.29 -25.91
CA ALA E 286 18.22 -41.46 -27.11
C ALA E 286 17.01 -41.81 -27.99
N LYS E 287 16.47 -43.01 -27.84
CA LYS E 287 15.32 -43.46 -28.63
C LYS E 287 14.02 -42.70 -28.32
N PRO E 288 13.41 -42.07 -29.34
CA PRO E 288 12.15 -41.31 -29.17
C PRO E 288 10.92 -42.15 -28.82
N TYR E 289 9.93 -41.48 -28.28
CA TYR E 289 8.67 -42.13 -27.88
C TYR E 289 7.63 -41.02 -27.88
N ASN E 290 6.38 -41.36 -27.55
CA ASN E 290 5.33 -40.35 -27.55
C ASN E 290 5.09 -39.73 -26.17
N MET E 291 5.64 -38.53 -25.96
CA MET E 291 5.50 -37.81 -24.68
C MET E 291 4.06 -37.38 -24.44
N ARG E 292 3.34 -37.18 -25.54
CA ARG E 292 1.95 -36.77 -25.45
C ARG E 292 1.15 -37.85 -24.72
N GLU E 293 1.49 -39.11 -24.98
CA GLU E 293 0.77 -40.21 -24.35
C GLU E 293 0.96 -40.18 -22.84
N ILE E 294 2.15 -39.78 -22.39
CA ILE E 294 2.42 -39.69 -20.98
C ILE E 294 1.52 -38.58 -20.43
N ILE E 295 1.36 -37.52 -21.21
CA ILE E 295 0.51 -36.42 -20.80
C ILE E 295 -0.96 -36.89 -20.67
N TYR E 296 -1.49 -37.55 -21.70
CA TYR E 296 -2.88 -38.01 -21.66
C TYR E 296 -3.14 -38.92 -20.47
N LYS E 297 -2.17 -39.75 -20.13
CA LYS E 297 -2.31 -40.67 -19.00
C LYS E 297 -2.29 -40.01 -17.64
N ILE E 298 -1.71 -38.82 -17.52
CA ILE E 298 -1.70 -38.19 -16.20
C ILE E 298 -2.82 -37.19 -15.98
N VAL E 299 -3.30 -36.57 -17.06
CA VAL E 299 -4.36 -35.56 -16.91
C VAL E 299 -5.78 -36.12 -16.98
N ASP E 300 -6.72 -35.34 -16.44
CA ASP E 300 -8.14 -35.71 -16.41
C ASP E 300 -8.68 -36.17 -17.77
N ASN E 301 -9.19 -37.40 -17.83
CA ASN E 301 -9.77 -37.94 -19.05
C ASN E 301 -8.91 -37.79 -20.30
N GLY E 302 -7.60 -37.69 -20.12
CA GLY E 302 -6.68 -37.55 -21.24
C GLY E 302 -6.83 -36.30 -22.08
N GLU E 303 -7.65 -35.33 -21.65
CA GLU E 303 -7.86 -34.09 -22.40
C GLU E 303 -6.72 -33.08 -22.34
N PHE E 304 -6.33 -32.57 -23.51
CA PHE E 304 -5.24 -31.63 -23.59
C PHE E 304 -5.47 -30.63 -24.71
N LEU E 305 -5.48 -29.34 -24.36
CA LEU E 305 -5.66 -28.28 -25.33
C LEU E 305 -4.26 -27.78 -25.58
N GLU E 306 -3.67 -28.21 -26.68
CA GLU E 306 -2.30 -27.84 -27.01
C GLU E 306 -2.18 -26.49 -27.72
N VAL E 307 -1.31 -25.64 -27.20
CA VAL E 307 -1.05 -24.33 -27.77
C VAL E 307 0.14 -24.48 -28.73
N HIS E 308 0.14 -23.72 -29.84
CA HIS E 308 1.23 -23.77 -30.83
C HIS E 308 1.53 -25.21 -31.27
N LYS E 309 0.50 -26.04 -31.34
CA LYS E 309 0.67 -27.43 -31.72
C LYS E 309 1.53 -27.70 -32.96
N HIS E 310 1.40 -26.87 -33.97
CA HIS E 310 2.14 -27.04 -35.22
C HIS E 310 3.42 -26.23 -35.38
N TRP E 311 3.85 -25.56 -34.34
CA TRP E 311 5.07 -24.75 -34.40
C TRP E 311 6.05 -25.24 -33.34
N ALA E 312 7.33 -25.32 -33.70
CA ALA E 312 8.36 -25.76 -32.74
C ALA E 312 7.86 -26.97 -31.95
N GLN E 313 7.65 -28.08 -32.64
CA GLN E 313 7.16 -29.27 -31.99
C GLN E 313 8.15 -29.94 -31.07
N ASN E 314 9.38 -29.44 -31.02
CA ASN E 314 10.36 -30.05 -30.14
C ASN E 314 10.02 -29.89 -28.66
N ILE E 315 9.07 -29.01 -28.34
CA ILE E 315 8.57 -28.89 -26.97
C ILE E 315 7.05 -28.78 -27.02
N ILE E 316 6.38 -29.49 -26.13
CA ILE E 316 4.92 -29.49 -26.09
C ILE E 316 4.43 -28.57 -24.98
N VAL E 317 3.48 -27.72 -25.31
CA VAL E 317 2.95 -26.76 -24.36
C VAL E 317 1.42 -26.66 -24.51
N GLY E 318 0.70 -26.73 -23.38
CA GLY E 318 -0.75 -26.64 -23.43
C GLY E 318 -1.48 -26.70 -22.10
N PHE E 319 -2.81 -26.63 -22.16
CA PHE E 319 -3.66 -26.66 -20.97
C PHE E 319 -4.34 -28.01 -20.73
N ALA E 320 -4.71 -28.23 -19.47
CA ALA E 320 -5.37 -29.47 -19.06
C ALA E 320 -5.86 -29.32 -17.63
N ARG E 321 -6.51 -30.37 -17.12
CA ARG E 321 -6.99 -30.35 -15.75
C ARG E 321 -6.48 -31.60 -15.05
N ILE E 322 -6.14 -31.42 -13.77
CA ILE E 322 -5.70 -32.53 -12.95
C ILE E 322 -6.54 -32.50 -11.68
N ALA E 323 -7.43 -33.48 -11.56
CA ALA E 323 -8.33 -33.55 -10.42
C ALA E 323 -9.21 -32.31 -10.44
N GLY E 324 -9.62 -31.92 -11.64
CA GLY E 324 -10.49 -30.76 -11.79
C GLY E 324 -9.87 -29.39 -11.95
N ASN E 325 -8.66 -29.19 -11.44
CA ASN E 325 -8.02 -27.87 -11.55
C ASN E 325 -7.13 -27.72 -12.77
N VAL E 326 -7.18 -26.56 -13.41
CA VAL E 326 -6.41 -26.33 -14.61
C VAL E 326 -4.91 -26.25 -14.34
N VAL E 327 -4.14 -26.77 -15.29
CA VAL E 327 -2.70 -26.75 -15.20
C VAL E 327 -2.16 -26.44 -16.59
N GLY E 328 -0.96 -25.90 -16.64
CA GLY E 328 -0.30 -25.59 -17.88
C GLY E 328 0.83 -26.61 -17.91
N ILE E 329 1.08 -27.22 -19.05
CA ILE E 329 2.13 -28.22 -19.14
C ILE E 329 3.19 -27.84 -20.16
N VAL E 330 4.46 -28.01 -19.75
CA VAL E 330 5.60 -27.74 -20.61
C VAL E 330 6.37 -29.05 -20.61
N ALA E 331 6.45 -29.69 -21.77
CA ALA E 331 7.13 -30.97 -21.90
C ALA E 331 7.99 -31.06 -23.16
N ASN E 332 9.19 -31.62 -23.03
CA ASN E 332 10.07 -31.76 -24.18
C ASN E 332 9.53 -32.91 -25.02
N ASN E 333 9.62 -32.77 -26.33
CA ASN E 333 9.11 -33.78 -27.24
C ASN E 333 10.23 -34.53 -27.94
N PRO E 334 10.45 -35.80 -27.55
CA PRO E 334 11.48 -36.68 -28.11
C PRO E 334 11.42 -36.82 -29.63
N GLU E 335 10.20 -36.79 -30.16
CA GLU E 335 9.96 -36.98 -31.59
C GLU E 335 10.43 -35.86 -32.55
N GLU E 336 10.84 -34.72 -32.02
CA GLU E 336 11.32 -33.63 -32.88
C GLU E 336 12.62 -33.12 -32.28
N PHE E 337 13.69 -33.10 -33.08
CA PHE E 337 14.99 -32.63 -32.61
C PHE E 337 15.44 -33.40 -31.35
N GLY E 338 14.93 -34.63 -31.18
CA GLY E 338 15.27 -35.45 -30.04
C GLY E 338 14.91 -34.83 -28.70
N GLY E 339 14.12 -33.75 -28.72
CA GLY E 339 13.74 -33.09 -27.49
C GLY E 339 14.65 -31.92 -27.17
N SER E 340 15.60 -31.66 -28.08
CA SER E 340 16.53 -30.56 -27.90
C SER E 340 15.74 -29.27 -28.01
N ILE E 341 15.98 -28.36 -27.09
CA ILE E 341 15.28 -27.10 -27.09
C ILE E 341 15.82 -26.27 -28.25
N ASP E 342 14.92 -25.49 -28.85
CA ASP E 342 15.22 -24.66 -30.00
C ASP E 342 14.94 -23.17 -29.75
N ILE E 343 15.34 -22.32 -30.70
CA ILE E 343 15.09 -20.89 -30.61
C ILE E 343 13.58 -20.70 -30.65
N ASP E 344 12.93 -21.40 -31.57
CA ASP E 344 11.48 -21.34 -31.72
C ASP E 344 10.81 -21.90 -30.49
N ALA E 345 11.30 -23.05 -30.04
CA ALA E 345 10.77 -23.73 -28.88
C ALA E 345 10.94 -22.89 -27.61
N ALA E 346 12.06 -22.19 -27.52
CA ALA E 346 12.31 -21.34 -26.36
C ALA E 346 11.26 -20.22 -26.33
N ASP E 347 10.96 -19.64 -27.50
CA ASP E 347 9.96 -18.58 -27.58
C ASP E 347 8.59 -19.11 -27.22
N LYS E 348 8.24 -20.23 -27.82
CA LYS E 348 6.96 -20.86 -27.56
C LYS E 348 6.76 -21.13 -26.06
N ALA E 349 7.66 -21.88 -25.45
CA ALA E 349 7.53 -22.20 -24.03
C ALA E 349 7.57 -20.97 -23.12
N ALA E 350 8.50 -20.05 -23.39
CA ALA E 350 8.65 -18.87 -22.55
C ALA E 350 7.37 -18.03 -22.43
N ARG E 351 6.74 -17.71 -23.55
CA ARG E 351 5.51 -16.90 -23.51
C ARG E 351 4.35 -17.64 -22.86
N PHE E 352 4.28 -18.95 -23.05
CA PHE E 352 3.25 -19.78 -22.45
C PHE E 352 3.42 -19.76 -20.93
N ILE E 353 4.67 -19.86 -20.48
CA ILE E 353 4.96 -19.85 -19.05
C ILE E 353 4.49 -18.54 -18.42
N ARG E 354 4.88 -17.42 -19.03
CA ARG E 354 4.52 -16.12 -18.52
C ARG E 354 3.00 -15.91 -18.51
N PHE E 355 2.33 -16.40 -19.55
CA PHE E 355 0.88 -16.24 -19.61
C PHE E 355 0.21 -16.96 -18.43
N CYS E 356 0.57 -18.22 -18.21
CA CYS E 356 0.00 -19.00 -17.13
C CYS E 356 0.25 -18.31 -15.79
N ASP E 357 1.47 -17.80 -15.60
CA ASP E 357 1.80 -17.15 -14.35
C ASP E 357 0.93 -15.92 -14.11
N ALA E 358 0.83 -15.06 -15.12
CA ALA E 358 0.03 -13.85 -15.00
C ALA E 358 -1.42 -14.17 -14.66
N PHE E 359 -1.90 -15.34 -15.08
CA PHE E 359 -3.29 -15.71 -14.81
C PHE E 359 -3.50 -16.86 -13.83
N ASN E 360 -2.55 -17.02 -12.92
CA ASN E 360 -2.62 -18.00 -11.84
C ASN E 360 -2.76 -19.46 -12.20
N ILE E 361 -2.22 -19.84 -13.35
CA ILE E 361 -2.28 -21.22 -13.78
C ILE E 361 -1.01 -21.99 -13.36
N PRO E 362 -1.15 -23.01 -12.51
CA PRO E 362 0.02 -23.77 -12.08
C PRO E 362 0.75 -24.42 -13.28
N LEU E 363 2.06 -24.61 -13.16
CA LEU E 363 2.82 -25.21 -14.25
C LEU E 363 3.44 -26.54 -13.90
N ILE E 364 3.35 -27.49 -14.84
CA ILE E 364 3.92 -28.81 -14.66
C ILE E 364 4.93 -29.07 -15.78
N SER E 365 6.18 -29.33 -15.39
CA SER E 365 7.23 -29.62 -16.36
C SER E 365 7.45 -31.13 -16.44
N LEU E 366 7.55 -31.65 -17.66
CA LEU E 366 7.83 -33.08 -17.89
C LEU E 366 9.12 -33.03 -18.69
N VAL E 367 10.21 -33.49 -18.08
CA VAL E 367 11.52 -33.39 -18.70
C VAL E 367 12.18 -34.57 -19.39
N ASP E 368 12.67 -34.30 -20.61
CA ASP E 368 13.42 -35.26 -21.40
C ASP E 368 14.12 -34.49 -22.51
N THR E 369 15.14 -33.74 -22.13
CA THR E 369 15.86 -32.94 -23.12
C THR E 369 17.36 -33.05 -22.95
N PRO E 370 18.08 -33.32 -24.05
CA PRO E 370 19.53 -33.45 -24.05
C PRO E 370 20.29 -32.13 -24.16
N GLY E 371 19.57 -31.05 -24.42
CA GLY E 371 20.21 -29.75 -24.58
C GLY E 371 19.59 -28.94 -25.69
N TYR E 372 20.38 -28.16 -26.40
CA TYR E 372 19.88 -27.34 -27.49
C TYR E 372 20.34 -27.85 -28.85
N VAL E 373 19.77 -27.26 -29.90
CA VAL E 373 20.09 -27.62 -31.28
C VAL E 373 21.31 -26.82 -31.66
N PRO E 374 22.42 -27.49 -31.99
CA PRO E 374 23.67 -26.83 -32.36
C PRO E 374 23.66 -26.25 -33.75
N GLY E 375 24.73 -25.55 -34.09
CA GLY E 375 24.84 -24.98 -35.43
C GLY E 375 24.93 -23.46 -35.48
N THR E 376 25.67 -22.97 -36.47
CA THR E 376 25.85 -21.54 -36.66
C THR E 376 24.51 -20.86 -36.89
N ASP E 377 23.59 -21.56 -37.53
CA ASP E 377 22.28 -20.97 -37.78
C ASP E 377 21.63 -20.59 -36.45
N GLN E 378 21.63 -21.51 -35.51
CA GLN E 378 21.07 -21.24 -34.20
C GLN E 378 21.85 -20.16 -33.44
N GLU E 379 23.18 -20.18 -33.53
CA GLU E 379 23.98 -19.18 -32.83
C GLU E 379 23.81 -17.82 -33.52
N TYR E 380 23.75 -17.83 -34.85
CA TYR E 380 23.59 -16.59 -35.61
C TYR E 380 22.21 -15.93 -35.39
N LYS E 381 21.18 -16.73 -35.12
CA LYS E 381 19.88 -16.15 -34.89
C LYS E 381 19.72 -15.86 -33.40
N GLY E 382 20.79 -16.11 -32.65
CA GLY E 382 20.79 -15.85 -31.22
C GLY E 382 20.08 -16.78 -30.24
N ILE E 383 20.39 -18.08 -30.27
CA ILE E 383 19.74 -18.97 -29.32
C ILE E 383 20.14 -18.54 -27.89
N ILE E 384 21.25 -17.80 -27.77
CA ILE E 384 21.68 -17.36 -26.45
C ILE E 384 20.60 -16.49 -25.79
N ARG E 385 20.13 -15.47 -26.50
CA ARG E 385 19.10 -14.60 -25.95
C ARG E 385 17.73 -15.26 -25.93
N HIS E 386 17.40 -16.02 -26.97
CA HIS E 386 16.10 -16.66 -26.99
C HIS E 386 15.98 -17.76 -25.94
N GLY E 387 16.98 -18.63 -25.85
CA GLY E 387 16.94 -19.68 -24.86
C GLY E 387 16.84 -19.13 -23.45
N ALA E 388 17.36 -17.93 -23.24
CA ALA E 388 17.32 -17.33 -21.90
C ALA E 388 15.90 -16.90 -21.50
N LYS E 389 15.00 -16.78 -22.47
CA LYS E 389 13.63 -16.36 -22.17
C LYS E 389 12.92 -17.37 -21.27
N MET E 390 13.26 -18.65 -21.42
CA MET E 390 12.64 -19.69 -20.59
C MET E 390 13.16 -19.60 -19.16
N LEU E 391 14.43 -19.22 -19.01
CA LEU E 391 15.04 -19.10 -17.69
C LEU E 391 14.37 -17.96 -16.93
N TYR E 392 14.18 -16.86 -17.65
CA TYR E 392 13.54 -15.69 -17.11
C TYR E 392 12.09 -16.02 -16.75
N ALA E 393 11.34 -16.51 -17.73
CA ALA E 393 9.93 -16.87 -17.54
C ALA E 393 9.69 -17.73 -16.30
N PHE E 394 10.46 -18.79 -16.13
CA PHE E 394 10.29 -19.66 -14.96
C PHE E 394 10.75 -18.97 -13.66
N ALA E 395 11.88 -18.27 -13.71
CA ALA E 395 12.39 -17.59 -12.51
C ALA E 395 11.41 -16.52 -12.07
N GLU E 396 10.79 -15.85 -13.04
CA GLU E 396 9.81 -14.79 -12.78
C GLU E 396 8.51 -15.31 -12.16
N ALA E 397 8.03 -16.44 -12.66
CA ALA E 397 6.77 -17.01 -12.21
C ALA E 397 6.62 -17.31 -10.71
N THR E 398 5.44 -16.95 -10.19
CA THR E 398 5.14 -17.19 -8.78
C THR E 398 4.05 -18.23 -8.58
N VAL E 399 3.44 -18.72 -9.65
CA VAL E 399 2.40 -19.75 -9.51
C VAL E 399 3.09 -21.03 -9.07
N PRO E 400 2.30 -22.02 -8.64
CA PRO E 400 2.90 -23.28 -8.23
C PRO E 400 3.68 -23.87 -9.42
N LYS E 401 4.83 -24.46 -9.13
CA LYS E 401 5.66 -25.05 -10.17
C LYS E 401 6.25 -26.37 -9.72
N ILE E 402 5.95 -27.43 -10.47
CA ILE E 402 6.45 -28.77 -10.16
C ILE E 402 7.11 -29.35 -11.40
N THR E 403 8.23 -30.04 -11.20
CA THR E 403 8.95 -30.65 -12.29
C THR E 403 9.09 -32.15 -12.10
N VAL E 404 8.74 -32.89 -13.16
CA VAL E 404 8.85 -34.33 -13.17
C VAL E 404 9.79 -34.70 -14.31
N ILE E 405 10.96 -35.21 -13.95
CA ILE E 405 11.95 -35.59 -14.93
C ILE E 405 11.65 -37.02 -15.36
N VAL E 406 11.23 -37.16 -16.61
CA VAL E 406 10.89 -38.44 -17.20
C VAL E 406 12.12 -39.23 -17.61
N ARG E 407 13.04 -38.58 -18.31
CA ARG E 407 14.25 -39.25 -18.74
C ARG E 407 15.45 -38.30 -18.73
N LYS E 408 15.89 -37.89 -19.91
CA LYS E 408 17.05 -37.00 -20.02
C LYS E 408 16.83 -35.57 -19.53
N SER E 409 17.82 -35.04 -18.81
CA SER E 409 17.77 -33.67 -18.34
C SER E 409 19.23 -33.20 -18.27
N TYR E 410 19.74 -32.67 -19.38
CA TYR E 410 21.13 -32.24 -19.49
C TYR E 410 21.45 -30.75 -19.57
N GLY E 411 22.57 -30.37 -18.97
CA GLY E 411 23.07 -29.00 -18.99
C GLY E 411 22.11 -27.83 -18.90
N GLY E 412 22.31 -26.87 -19.80
CA GLY E 412 21.47 -25.69 -19.81
C GLY E 412 20.00 -25.99 -19.94
N ALA E 413 19.66 -26.98 -20.76
CA ALA E 413 18.27 -27.34 -20.99
C ALA E 413 17.66 -27.89 -19.72
N HIS E 414 18.49 -28.55 -18.92
CA HIS E 414 18.02 -29.10 -17.65
C HIS E 414 17.50 -27.95 -16.80
N ILE E 415 18.29 -26.89 -16.71
CA ILE E 415 17.95 -25.72 -15.92
C ILE E 415 16.71 -24.99 -16.44
N ALA E 416 16.62 -24.83 -17.75
CA ALA E 416 15.50 -24.13 -18.37
C ALA E 416 14.16 -24.86 -18.27
N MET E 417 14.18 -26.10 -17.79
CA MET E 417 12.93 -26.84 -17.64
C MET E 417 12.38 -26.63 -16.22
N SER E 418 13.12 -25.83 -15.43
CA SER E 418 12.76 -25.48 -14.06
C SER E 418 13.34 -26.37 -12.98
N ILE E 419 14.34 -25.84 -12.26
CA ILE E 419 14.98 -26.57 -11.18
C ILE E 419 14.80 -25.77 -9.87
N LYS E 420 15.03 -26.41 -8.73
CA LYS E 420 14.84 -25.71 -7.46
C LYS E 420 15.48 -24.33 -7.37
N SER E 421 16.76 -24.23 -7.70
CA SER E 421 17.44 -22.94 -7.61
C SER E 421 16.80 -21.92 -8.53
N LEU E 422 15.96 -22.36 -9.46
CA LEU E 422 15.30 -21.44 -10.38
C LEU E 422 13.86 -21.12 -9.95
N GLY E 423 13.36 -21.77 -8.90
CA GLY E 423 12.01 -21.51 -8.44
C GLY E 423 11.06 -22.70 -8.41
N ALA E 424 11.51 -23.87 -8.90
CA ALA E 424 10.66 -25.04 -8.88
C ALA E 424 10.31 -25.35 -7.43
N ASP E 425 9.01 -25.47 -7.14
CA ASP E 425 8.55 -25.77 -5.78
C ASP E 425 8.86 -27.20 -5.39
N LEU E 426 8.55 -28.11 -6.29
CA LEU E 426 8.79 -29.53 -6.09
C LEU E 426 9.44 -30.10 -7.36
N VAL E 427 10.32 -31.09 -7.18
CA VAL E 427 11.00 -31.73 -8.28
C VAL E 427 10.97 -33.22 -8.05
N TYR E 428 10.39 -33.97 -8.98
CA TYR E 428 10.33 -35.41 -8.87
C TYR E 428 11.01 -36.02 -10.07
N ALA E 429 11.44 -37.26 -9.92
CA ALA E 429 12.11 -37.98 -11.00
C ALA E 429 11.72 -39.46 -11.06
N TRP E 430 11.57 -39.95 -12.29
CA TRP E 430 11.24 -41.35 -12.56
C TRP E 430 12.57 -42.10 -12.48
N PRO E 431 12.52 -43.43 -12.32
CA PRO E 431 13.76 -44.23 -12.24
C PRO E 431 14.56 -44.14 -13.53
N THR E 432 13.87 -43.83 -14.63
CA THR E 432 14.48 -43.71 -15.95
C THR E 432 15.11 -42.35 -16.20
N ALA E 433 15.03 -41.47 -15.22
CA ALA E 433 15.59 -40.13 -15.35
C ALA E 433 17.11 -40.12 -15.20
N GLU E 434 17.78 -39.31 -16.01
CA GLU E 434 19.22 -39.17 -15.92
C GLU E 434 19.59 -37.71 -16.08
N ILE E 435 20.07 -37.11 -14.99
CA ILE E 435 20.44 -35.69 -15.00
C ILE E 435 21.95 -35.59 -15.05
N ALA E 436 22.47 -34.80 -15.98
CA ALA E 436 23.90 -34.67 -16.12
C ALA E 436 24.32 -33.26 -16.46
N VAL E 437 25.47 -32.87 -15.91
CA VAL E 437 26.04 -31.56 -16.14
C VAL E 437 26.07 -31.33 -17.64
N THR E 438 26.17 -32.43 -18.38
CA THR E 438 26.18 -32.41 -19.85
C THR E 438 25.99 -33.85 -20.35
N GLY E 439 25.82 -34.02 -21.65
CA GLY E 439 25.66 -35.36 -22.19
C GLY E 439 26.79 -36.24 -21.71
N PRO E 440 26.50 -37.44 -21.19
CA PRO E 440 27.57 -38.32 -20.69
C PRO E 440 28.83 -38.43 -21.54
N GLU E 441 28.68 -38.63 -22.85
CA GLU E 441 29.85 -38.72 -23.72
C GLU E 441 30.71 -37.47 -23.65
N GLY E 442 30.07 -36.31 -23.80
CA GLY E 442 30.76 -35.04 -23.75
C GLY E 442 31.48 -34.82 -22.42
N ALA E 443 30.86 -35.25 -21.33
CA ALA E 443 31.46 -35.09 -20.00
C ALA E 443 32.72 -35.95 -19.98
N VAL E 444 32.58 -37.17 -20.46
CA VAL E 444 33.68 -38.11 -20.51
C VAL E 444 34.78 -37.65 -21.49
N ARG E 445 34.45 -36.69 -22.35
CA ARG E 445 35.42 -36.20 -23.34
C ARG E 445 36.31 -35.07 -22.83
N ILE E 446 35.77 -34.16 -22.03
CA ILE E 446 36.60 -33.08 -21.50
C ILE E 446 37.39 -33.70 -20.34
N LEU E 447 36.82 -34.78 -19.82
CA LEU E 447 37.40 -35.53 -18.73
C LEU E 447 38.08 -36.74 -19.37
N TYR E 448 39.10 -37.29 -18.72
CA TYR E 448 39.82 -38.43 -19.25
C TYR E 448 40.56 -38.11 -20.55
N ARG E 449 41.82 -37.68 -20.43
CA ARG E 449 42.67 -37.39 -21.58
C ARG E 449 44.11 -37.73 -21.25
N LYS E 450 44.67 -37.08 -20.22
CA LYS E 450 46.04 -37.35 -19.81
C LYS E 450 46.05 -38.71 -19.13
N GLU E 451 44.97 -39.47 -19.39
CA GLU E 451 44.78 -40.81 -18.88
C GLU E 451 43.83 -41.55 -19.82
N ILE E 452 44.20 -41.57 -21.10
CA ILE E 452 43.49 -42.27 -22.16
C ILE E 452 44.64 -42.86 -22.98
N GLN E 453 45.85 -42.69 -22.46
CA GLN E 453 47.09 -43.16 -23.08
C GLN E 453 47.89 -43.86 -21.99
N GLN E 454 48.74 -44.82 -22.38
CA GLN E 454 49.58 -45.57 -21.43
C GLN E 454 48.76 -46.31 -20.35
N ALA E 455 47.51 -46.61 -20.68
CA ALA E 455 46.60 -47.30 -19.77
C ALA E 455 46.45 -48.79 -20.07
N SER E 456 45.47 -49.14 -20.91
CA SER E 456 45.23 -50.54 -21.25
C SER E 456 44.58 -50.79 -22.62
N ASN E 457 43.89 -49.80 -23.17
CA ASN E 457 43.21 -49.97 -24.47
C ASN E 457 43.17 -48.68 -25.30
N PRO E 458 43.43 -48.77 -26.62
CA PRO E 458 43.39 -47.56 -27.45
C PRO E 458 42.00 -47.20 -27.99
N ASP E 459 41.44 -46.10 -27.49
CA ASP E 459 40.13 -45.60 -27.93
C ASP E 459 38.92 -46.46 -27.49
N ASP E 460 39.22 -47.62 -26.89
CA ASP E 460 38.16 -48.51 -26.40
C ASP E 460 37.74 -47.94 -25.04
N VAL E 461 38.56 -47.01 -24.54
CA VAL E 461 38.33 -46.36 -23.26
C VAL E 461 37.08 -45.48 -23.24
N LEU E 462 36.86 -44.72 -24.31
CA LEU E 462 35.69 -43.85 -24.39
C LEU E 462 34.42 -44.59 -23.98
N LYS E 463 34.04 -45.59 -24.77
CA LYS E 463 32.85 -46.37 -24.48
C LYS E 463 32.88 -46.92 -23.06
N GLN E 464 34.04 -47.38 -22.62
CA GLN E 464 34.15 -47.92 -21.27
C GLN E 464 33.94 -46.81 -20.24
N ARG E 465 34.19 -45.57 -20.62
CA ARG E 465 34.00 -44.45 -19.72
C ARG E 465 32.56 -43.97 -19.69
N ILE E 466 31.91 -43.95 -20.85
CA ILE E 466 30.51 -43.53 -20.90
C ILE E 466 29.73 -44.47 -19.99
N ALA E 467 30.04 -45.76 -20.09
CA ALA E 467 29.40 -46.81 -19.30
C ALA E 467 29.61 -46.56 -17.81
N GLU E 468 30.85 -46.27 -17.44
CA GLU E 468 31.21 -46.00 -16.05
C GLU E 468 30.45 -44.78 -15.55
N TYR E 469 30.64 -43.65 -16.23
CA TYR E 469 30.00 -42.40 -15.89
C TYR E 469 28.47 -42.53 -15.81
N ARG E 470 27.88 -43.16 -16.81
CA ARG E 470 26.43 -43.34 -16.83
C ARG E 470 25.96 -44.14 -15.63
N LYS E 471 26.79 -45.09 -15.18
CA LYS E 471 26.44 -45.91 -14.04
C LYS E 471 26.40 -45.08 -12.75
N LEU E 472 27.34 -44.15 -12.63
CA LEU E 472 27.41 -43.28 -11.46
C LEU E 472 26.49 -42.06 -11.51
N PHE E 473 26.30 -41.49 -12.70
CA PHE E 473 25.50 -40.27 -12.80
C PHE E 473 24.30 -40.23 -13.76
N ALA E 474 24.21 -41.16 -14.70
CA ALA E 474 23.09 -41.17 -15.63
C ALA E 474 21.87 -41.78 -14.94
N ASN E 475 21.60 -41.28 -13.74
CA ASN E 475 20.48 -41.75 -12.93
C ASN E 475 19.93 -40.56 -12.13
N PRO E 476 18.85 -40.77 -11.36
CA PRO E 476 18.28 -39.67 -10.57
C PRO E 476 18.70 -39.68 -9.11
N TYR E 477 19.31 -40.77 -8.67
CA TYR E 477 19.72 -40.89 -7.28
C TYR E 477 20.83 -39.97 -6.80
N TRP E 478 21.75 -39.61 -7.69
CA TRP E 478 22.83 -38.70 -7.29
C TRP E 478 22.22 -37.37 -6.92
N ALA E 479 21.42 -36.82 -7.83
CA ALA E 479 20.76 -35.55 -7.61
C ALA E 479 19.92 -35.60 -6.34
N ALA E 480 19.14 -36.67 -6.17
CA ALA E 480 18.31 -36.80 -4.98
C ALA E 480 19.17 -36.84 -3.70
N GLU E 481 20.38 -37.41 -3.79
CA GLU E 481 21.24 -37.46 -2.60
C GLU E 481 21.73 -36.07 -2.25
N LYS E 482 21.76 -35.19 -3.24
CA LYS E 482 22.20 -33.82 -3.05
C LYS E 482 21.01 -32.91 -2.80
N GLY E 483 19.83 -33.51 -2.61
CA GLY E 483 18.63 -32.74 -2.35
C GLY E 483 18.05 -31.97 -3.55
N LEU E 484 18.62 -32.17 -4.74
CA LEU E 484 18.12 -31.45 -5.91
C LEU E 484 16.74 -31.91 -6.40
N VAL E 485 16.39 -33.16 -6.13
CA VAL E 485 15.08 -33.66 -6.51
C VAL E 485 14.49 -34.17 -5.21
N ASP E 486 13.25 -33.80 -4.94
CA ASP E 486 12.63 -34.20 -3.69
C ASP E 486 12.41 -35.69 -3.55
N ASP E 487 12.14 -36.37 -4.67
CA ASP E 487 11.91 -37.81 -4.59
C ASP E 487 11.96 -38.48 -5.95
N VAL E 488 12.13 -39.78 -5.93
CA VAL E 488 12.12 -40.57 -7.15
C VAL E 488 10.87 -41.42 -6.99
N ILE E 489 10.06 -41.53 -8.03
CA ILE E 489 8.84 -42.30 -7.93
C ILE E 489 8.57 -43.23 -9.10
N GLU E 490 7.67 -44.18 -8.87
CA GLU E 490 7.27 -45.12 -9.90
C GLU E 490 6.46 -44.25 -10.83
N PRO E 491 6.72 -44.35 -12.15
CA PRO E 491 5.99 -43.55 -13.14
C PRO E 491 4.49 -43.57 -13.00
N LYS E 492 3.93 -44.70 -12.59
CA LYS E 492 2.48 -44.82 -12.44
C LYS E 492 1.88 -43.89 -11.40
N ASP E 493 2.70 -43.41 -10.46
CA ASP E 493 2.22 -42.52 -9.40
C ASP E 493 2.28 -41.03 -9.70
N THR E 494 2.74 -40.67 -10.90
CA THR E 494 2.88 -39.27 -11.30
C THR E 494 1.65 -38.39 -11.08
N ARG E 495 0.46 -38.94 -11.28
CA ARG E 495 -0.76 -38.18 -11.11
C ARG E 495 -0.99 -37.89 -9.62
N ARG E 496 -0.79 -38.91 -8.78
CA ARG E 496 -0.93 -38.81 -7.33
C ARG E 496 -0.11 -37.66 -6.79
N VAL E 497 1.20 -37.76 -6.97
CA VAL E 497 2.14 -36.78 -6.46
C VAL E 497 1.89 -35.38 -6.99
N ILE E 498 1.42 -35.30 -8.23
CA ILE E 498 1.17 -33.98 -8.79
C ILE E 498 -0.11 -33.40 -8.18
N VAL E 499 -1.13 -34.23 -7.95
CA VAL E 499 -2.36 -33.75 -7.33
C VAL E 499 -2.05 -33.28 -5.90
N ALA E 500 -1.35 -34.12 -5.14
CA ALA E 500 -1.01 -33.76 -3.77
C ALA E 500 -0.17 -32.48 -3.76
N GLY E 501 0.78 -32.36 -4.68
CA GLY E 501 1.62 -31.18 -4.72
C GLY E 501 0.83 -29.90 -5.00
N LEU E 502 -0.05 -29.96 -6.00
CA LEU E 502 -0.87 -28.83 -6.38
C LEU E 502 -1.86 -28.42 -5.29
N GLU E 503 -2.42 -29.39 -4.58
CA GLU E 503 -3.37 -29.04 -3.53
C GLU E 503 -2.65 -28.27 -2.44
N MET E 504 -1.47 -28.73 -2.05
CA MET E 504 -0.69 -28.06 -1.02
C MET E 504 -0.24 -26.69 -1.51
N LEU E 505 0.10 -26.59 -2.80
CA LEU E 505 0.58 -25.32 -3.38
C LEU E 505 -0.48 -24.29 -3.79
N LYS E 506 -1.74 -24.70 -3.82
CA LYS E 506 -2.84 -23.82 -4.22
C LYS E 506 -2.76 -22.41 -3.63
N THR E 507 -2.50 -22.34 -2.33
CA THR E 507 -2.42 -21.07 -1.62
C THR E 507 -1.03 -20.44 -1.58
N LYS E 508 -0.17 -20.85 -2.51
CA LYS E 508 1.19 -20.34 -2.60
C LYS E 508 1.24 -18.83 -2.82
N ARG E 509 2.16 -18.16 -2.13
CA ARG E 509 2.33 -16.73 -2.27
C ARG E 509 3.81 -16.36 -2.08
N GLU E 510 4.44 -15.89 -3.15
CA GLU E 510 5.85 -15.48 -3.13
C GLU E 510 5.94 -14.00 -3.47
N TYR E 511 7.12 -13.42 -3.32
CA TYR E 511 7.28 -12.00 -3.61
C TYR E 511 8.52 -11.62 -4.41
N ARG E 512 8.39 -10.54 -5.16
CA ARG E 512 9.47 -10.04 -5.99
C ARG E 512 9.82 -8.64 -5.51
N TYR E 513 10.77 -8.00 -6.18
CA TYR E 513 11.19 -6.65 -5.81
C TYR E 513 10.38 -5.63 -6.60
N PRO E 514 10.08 -4.48 -5.98
CA PRO E 514 9.31 -3.47 -6.71
C PRO E 514 10.08 -3.02 -7.95
N LYS E 515 9.37 -2.89 -9.06
CA LYS E 515 9.97 -2.48 -10.31
C LYS E 515 8.84 -2.15 -11.27
N LYS E 516 9.06 -1.22 -12.19
CA LYS E 516 8.04 -0.90 -13.15
C LYS E 516 7.80 -2.15 -13.99
N HIS E 517 8.86 -2.95 -14.12
CA HIS E 517 8.83 -4.20 -14.87
C HIS E 517 10.27 -4.68 -15.05
N GLY E 518 10.44 -5.91 -15.53
CA GLY E 518 11.77 -6.43 -15.77
C GLY E 518 12.29 -6.06 -17.16
N ASN E 519 13.38 -6.69 -17.57
CA ASN E 519 13.95 -6.42 -18.88
C ASN E 519 14.32 -7.72 -19.58
N ILE E 520 13.36 -8.62 -19.67
CA ILE E 520 13.59 -9.92 -20.29
C ILE E 520 14.26 -9.81 -21.66
N PRO E 521 15.10 -10.78 -22.02
CA PRO E 521 15.77 -10.76 -23.33
C PRO E 521 14.71 -10.81 -24.43
N LEU E 522 14.85 -10.00 -25.47
CA LEU E 522 13.89 -10.01 -26.58
C LEU E 522 14.58 -10.40 -27.89
N LYS F 5 -20.97 -6.37 54.03
CA LYS F 5 -22.07 -7.00 53.26
C LYS F 5 -21.54 -8.28 52.60
N PRO F 6 -21.90 -9.45 53.16
CA PRO F 6 -21.44 -10.74 52.61
C PRO F 6 -22.34 -11.54 51.64
N PRO F 7 -23.65 -11.26 51.59
CA PRO F 7 -24.46 -12.06 50.66
C PRO F 7 -24.45 -11.61 49.20
N VAL F 8 -23.84 -12.42 48.33
CA VAL F 8 -23.78 -12.10 46.92
C VAL F 8 -25.20 -12.15 46.37
N GLU F 9 -26.01 -13.02 46.94
CA GLU F 9 -27.40 -13.19 46.54
C GLU F 9 -28.18 -11.90 46.81
N LYS F 10 -27.67 -11.08 47.72
CA LYS F 10 -28.30 -9.82 48.08
C LYS F 10 -27.76 -8.72 47.14
N LEU F 11 -26.54 -8.93 46.66
CA LEU F 11 -25.94 -7.97 45.74
C LEU F 11 -26.66 -8.03 44.40
N ILE F 12 -27.05 -9.23 43.96
CA ILE F 12 -27.76 -9.36 42.69
C ILE F 12 -29.10 -8.65 42.86
N GLU F 13 -29.59 -8.64 44.10
CA GLU F 13 -30.86 -7.99 44.42
C GLU F 13 -30.73 -6.48 44.27
N GLU F 14 -29.67 -5.92 44.84
CA GLU F 14 -29.44 -4.49 44.75
C GLU F 14 -29.29 -4.07 43.29
N LEU F 15 -28.48 -4.81 42.55
CA LEU F 15 -28.25 -4.52 41.14
C LEU F 15 -29.58 -4.30 40.44
N ARG F 16 -30.47 -5.28 40.56
CA ARG F 16 -31.78 -5.20 39.93
C ARG F 16 -32.57 -3.98 40.36
N GLN F 17 -32.39 -3.53 41.60
CA GLN F 17 -33.11 -2.35 42.08
C GLN F 17 -32.48 -1.10 41.45
N LEU F 18 -31.15 -1.04 41.48
CA LEU F 18 -30.44 0.10 40.92
C LEU F 18 -30.75 0.27 39.44
N LYS F 19 -30.77 -0.83 38.70
CA LYS F 19 -31.08 -0.76 37.27
C LYS F 19 -32.53 -0.36 37.07
N GLU F 20 -33.41 -0.92 37.90
CA GLU F 20 -34.83 -0.60 37.83
C GLU F 20 -34.96 0.92 37.94
N LYS F 21 -34.13 1.51 38.79
CA LYS F 21 -34.12 2.94 39.01
C LYS F 21 -33.50 3.71 37.84
N ALA F 22 -32.48 3.12 37.24
CA ALA F 22 -31.80 3.75 36.11
C ALA F 22 -32.70 3.78 34.87
N TYR F 23 -33.51 2.75 34.68
CA TYR F 23 -34.40 2.70 33.53
C TYR F 23 -35.46 3.79 33.60
N LYS F 24 -35.69 4.30 34.80
CA LYS F 24 -36.69 5.33 35.03
C LYS F 24 -36.31 6.71 34.51
N GLY F 25 -35.01 6.95 34.38
CA GLY F 25 -34.57 8.25 33.90
C GLY F 25 -35.07 9.34 34.81
N GLY F 26 -35.73 10.34 34.24
CA GLY F 26 -36.26 11.44 35.04
C GLY F 26 -37.35 11.11 36.02
N GLY F 27 -37.91 9.91 35.97
CA GLY F 27 -38.97 9.54 36.89
C GLY F 27 -40.34 9.46 36.23
N ASP F 28 -41.27 8.75 36.87
CA ASP F 28 -42.62 8.59 36.33
C ASP F 28 -43.31 9.93 36.05
N GLU F 29 -43.01 10.93 36.86
CA GLU F 29 -43.64 12.23 36.67
C GLU F 29 -43.15 12.81 35.35
N ARG F 30 -41.85 12.69 35.08
CA ARG F 30 -41.29 13.20 33.84
C ARG F 30 -41.71 12.38 32.63
N ILE F 31 -41.75 11.05 32.78
CA ILE F 31 -42.14 10.20 31.66
C ILE F 31 -43.57 10.48 31.22
N GLN F 32 -44.44 10.81 32.18
CA GLN F 32 -45.83 11.11 31.85
C GLN F 32 -45.88 12.45 31.13
N PHE F 33 -44.97 13.37 31.49
CA PHE F 33 -44.94 14.66 30.82
C PHE F 33 -44.52 14.44 29.36
N GLN F 34 -43.48 13.62 29.17
CA GLN F 34 -42.99 13.30 27.81
C GLN F 34 -44.15 12.73 27.01
N HIS F 35 -44.85 11.78 27.61
CA HIS F 35 -46.01 11.13 27.00
C HIS F 35 -47.17 12.08 26.71
N SER F 36 -47.38 13.05 27.60
CA SER F 36 -48.47 13.99 27.41
C SER F 36 -48.27 14.80 26.14
N LYS F 37 -47.02 14.89 25.69
CA LYS F 37 -46.70 15.64 24.46
C LYS F 37 -46.86 14.77 23.23
N GLY F 38 -47.21 13.50 23.45
CA GLY F 38 -47.40 12.58 22.35
C GLY F 38 -46.13 11.89 21.89
N LYS F 39 -45.09 11.88 22.72
CA LYS F 39 -43.85 11.23 22.34
C LYS F 39 -43.53 10.03 23.24
N LEU F 40 -42.68 9.13 22.75
CA LEU F 40 -42.28 7.96 23.52
C LEU F 40 -41.01 8.31 24.28
N THR F 41 -40.58 7.45 25.20
CA THR F 41 -39.37 7.69 25.95
C THR F 41 -38.22 7.10 25.13
N ALA F 42 -36.99 7.37 25.56
CA ALA F 42 -35.83 6.88 24.86
C ALA F 42 -35.84 5.35 24.74
N ARG F 43 -36.11 4.68 25.84
CA ARG F 43 -36.11 3.22 25.83
C ARG F 43 -37.25 2.59 25.04
N GLU F 44 -38.41 3.24 25.02
CA GLU F 44 -39.54 2.75 24.26
C GLU F 44 -39.20 2.82 22.76
N ARG F 45 -38.56 3.91 22.34
CA ARG F 45 -38.18 4.07 20.94
C ARG F 45 -37.19 2.97 20.53
N LEU F 46 -36.24 2.67 21.42
CA LEU F 46 -35.23 1.63 21.17
C LEU F 46 -35.85 0.24 21.12
N ALA F 47 -36.83 -0.03 21.97
CA ALA F 47 -37.48 -1.34 21.98
C ALA F 47 -38.24 -1.54 20.65
N LEU F 48 -38.74 -0.46 20.09
CA LEU F 48 -39.46 -0.52 18.82
C LEU F 48 -38.47 -0.72 17.68
N LEU F 49 -37.35 -0.02 17.75
CA LEU F 49 -36.33 -0.10 16.70
C LEU F 49 -35.60 -1.45 16.60
N PHE F 50 -35.25 -2.04 17.74
CA PHE F 50 -34.51 -3.30 17.72
C PHE F 50 -35.31 -4.58 17.83
N ASP F 51 -34.82 -5.62 17.17
CA ASP F 51 -35.48 -6.92 17.17
C ASP F 51 -35.70 -7.41 18.60
N ASP F 52 -36.95 -7.75 18.91
CA ASP F 52 -37.30 -8.24 20.23
C ASP F 52 -36.98 -7.22 21.31
N GLY F 53 -36.92 -5.95 20.91
CA GLY F 53 -36.62 -4.88 21.84
C GLY F 53 -35.34 -5.08 22.63
N LYS F 54 -34.49 -6.01 22.18
CA LYS F 54 -33.24 -6.28 22.86
C LYS F 54 -32.20 -5.24 22.48
N PHE F 55 -31.42 -4.81 23.45
CA PHE F 55 -30.39 -3.79 23.24
C PHE F 55 -29.26 -4.07 24.23
N ASN F 56 -28.02 -4.05 23.75
CA ASN F 56 -26.88 -4.27 24.62
C ASN F 56 -26.38 -2.87 24.92
N GLU F 57 -26.57 -2.43 26.15
CA GLU F 57 -26.21 -1.08 26.55
C GLU F 57 -24.82 -0.93 27.16
N ILE F 58 -24.17 0.19 26.84
CA ILE F 58 -22.85 0.46 27.37
C ILE F 58 -22.89 1.72 28.26
N MET F 59 -22.15 1.69 29.36
CA MET F 59 -22.08 2.82 30.29
C MET F 59 -23.45 3.20 30.87
N THR F 60 -24.23 2.17 31.20
CA THR F 60 -25.57 2.33 31.76
C THR F 60 -25.66 3.25 32.98
N PHE F 61 -24.70 3.14 33.88
CA PHE F 61 -24.70 3.95 35.11
C PHE F 61 -23.87 5.22 35.05
N ALA F 62 -23.13 5.44 33.97
CA ALA F 62 -22.29 6.63 33.86
C ALA F 62 -23.06 7.89 34.22
N THR F 63 -22.48 8.70 35.11
CA THR F 63 -23.12 9.93 35.56
C THR F 63 -22.22 11.14 35.36
N THR F 64 -22.82 12.34 35.37
CA THR F 64 -22.05 13.56 35.18
C THR F 64 -20.95 13.69 36.24
N ARG F 65 -19.89 14.41 35.88
CA ARG F 65 -18.78 14.62 36.78
C ARG F 65 -18.88 16.04 37.35
N ALA F 66 -19.72 16.86 36.71
CA ALA F 66 -19.94 18.25 37.11
C ALA F 66 -20.44 18.38 38.53
N THR F 67 -20.16 19.53 39.14
CA THR F 67 -20.55 19.82 40.51
C THR F 67 -21.31 21.15 40.62
N GLU F 68 -20.93 22.10 39.76
CA GLU F 68 -21.55 23.43 39.74
C GLU F 68 -23.03 23.41 39.38
N PHE F 69 -23.75 24.45 39.83
CA PHE F 69 -25.19 24.62 39.57
C PHE F 69 -26.07 23.44 39.96
N GLY F 70 -25.83 22.89 41.14
CA GLY F 70 -26.63 21.78 41.64
C GLY F 70 -26.46 20.45 40.92
N LEU F 71 -25.60 20.41 39.91
CA LEU F 71 -25.39 19.17 39.18
C LEU F 71 -24.86 18.08 40.09
N ASP F 72 -24.35 18.45 41.26
CA ASP F 72 -23.84 17.46 42.20
C ASP F 72 -25.02 16.81 42.89
N LYS F 73 -26.21 17.33 42.59
CA LYS F 73 -27.46 16.80 43.13
C LYS F 73 -28.15 15.97 42.05
N GLN F 74 -28.34 16.60 40.89
CA GLN F 74 -28.99 15.95 39.75
C GLN F 74 -28.06 15.01 39.00
N ARG F 75 -27.75 13.87 39.61
CA ARG F 75 -26.88 12.90 38.96
C ARG F 75 -27.65 11.63 38.62
N PHE F 76 -28.28 11.64 37.46
CA PHE F 76 -29.07 10.50 37.02
C PHE F 76 -28.16 9.48 36.34
N TYR F 77 -28.53 8.20 36.45
CA TYR F 77 -27.76 7.14 35.83
C TYR F 77 -27.90 7.23 34.31
N GLY F 78 -26.77 7.19 33.61
CA GLY F 78 -26.79 7.26 32.16
C GLY F 78 -26.60 8.67 31.62
N ASP F 79 -26.69 9.65 32.51
CA ASP F 79 -26.55 11.07 32.20
C ASP F 79 -27.38 11.60 31.03
N GLY F 80 -28.57 11.05 30.83
CA GLY F 80 -29.45 11.54 29.78
C GLY F 80 -29.45 10.91 28.40
N VAL F 81 -28.68 9.84 28.21
CA VAL F 81 -28.64 9.18 26.91
C VAL F 81 -28.40 7.67 27.01
N VAL F 82 -29.15 6.88 26.24
CA VAL F 82 -28.97 5.44 26.23
C VAL F 82 -28.17 5.11 24.98
N THR F 83 -27.03 4.45 25.16
CA THR F 83 -26.15 4.10 24.06
C THR F 83 -25.82 2.62 24.07
N GLY F 84 -25.71 2.04 22.88
CA GLY F 84 -25.40 0.62 22.77
C GLY F 84 -25.64 0.13 21.37
N TRP F 85 -25.81 -1.17 21.22
CA TRP F 85 -26.04 -1.76 19.91
C TRP F 85 -27.05 -2.89 19.98
N GLY F 86 -27.50 -3.31 18.81
CA GLY F 86 -28.44 -4.41 18.73
C GLY F 86 -28.61 -4.77 17.28
N LYS F 87 -29.61 -5.59 16.97
CA LYS F 87 -29.84 -5.94 15.60
C LYS F 87 -31.22 -5.48 15.14
N VAL F 88 -31.29 -5.04 13.89
CA VAL F 88 -32.56 -4.63 13.34
C VAL F 88 -32.64 -5.44 12.05
N ASP F 89 -33.63 -6.32 11.99
CA ASP F 89 -33.82 -7.18 10.83
C ASP F 89 -32.60 -8.09 10.71
N GLY F 90 -32.08 -8.51 11.87
CA GLY F 90 -30.94 -9.41 11.92
C GLY F 90 -29.55 -8.86 11.70
N ARG F 91 -29.42 -7.55 11.50
CA ARG F 91 -28.11 -6.94 11.26
C ARG F 91 -27.66 -6.09 12.44
N THR F 92 -26.36 -6.03 12.71
CA THR F 92 -25.86 -5.22 13.84
C THR F 92 -25.96 -3.73 13.53
N VAL F 93 -26.57 -3.00 14.46
CA VAL F 93 -26.76 -1.56 14.33
C VAL F 93 -26.50 -0.90 15.68
N PHE F 94 -25.80 0.22 15.67
CA PHE F 94 -25.52 0.95 16.90
C PHE F 94 -26.49 2.10 17.01
N ALA F 95 -26.74 2.56 18.22
CA ALA F 95 -27.66 3.67 18.39
C ALA F 95 -27.58 4.33 19.76
N TYR F 96 -28.02 5.58 19.80
CA TYR F 96 -28.12 6.30 21.04
C TYR F 96 -29.53 6.90 21.00
N ALA F 97 -30.12 7.08 22.17
CA ALA F 97 -31.45 7.64 22.29
C ALA F 97 -31.37 8.57 23.49
N GLN F 98 -31.55 9.86 23.24
CA GLN F 98 -31.48 10.85 24.29
C GLN F 98 -32.77 10.85 25.11
N ASP F 99 -32.63 11.01 26.43
CA ASP F 99 -33.77 11.00 27.34
C ASP F 99 -34.12 12.39 27.82
N PHE F 100 -35.16 12.96 27.24
CA PHE F 100 -35.60 14.30 27.59
C PHE F 100 -35.96 14.45 29.07
N THR F 101 -36.32 13.34 29.74
CA THR F 101 -36.71 13.39 31.14
C THR F 101 -35.51 13.63 32.07
N VAL F 102 -34.32 13.61 31.50
CA VAL F 102 -33.10 13.85 32.26
C VAL F 102 -32.49 15.16 31.76
N LEU F 103 -32.73 16.23 32.51
CA LEU F 103 -32.20 17.55 32.19
C LEU F 103 -32.48 18.01 30.76
N GLY F 104 -33.73 17.85 30.32
CA GLY F 104 -34.12 18.25 28.97
C GLY F 104 -33.28 17.58 27.89
N GLY F 105 -32.76 16.39 28.21
CA GLY F 105 -31.92 15.68 27.26
C GLY F 105 -30.70 16.50 26.87
N SER F 106 -30.38 17.53 27.64
CA SER F 106 -29.23 18.38 27.32
C SER F 106 -27.94 17.57 27.18
N LEU F 107 -26.99 18.11 26.44
CA LEU F 107 -25.73 17.41 26.20
C LEU F 107 -24.66 17.66 27.28
N GLY F 108 -24.59 16.75 28.25
CA GLY F 108 -23.58 16.86 29.28
C GLY F 108 -22.30 16.24 28.72
N GLU F 109 -21.19 16.42 29.43
CA GLU F 109 -19.92 15.86 29.00
C GLU F 109 -19.99 14.33 28.93
N THR F 110 -20.42 13.70 30.02
CA THR F 110 -20.54 12.24 30.07
C THR F 110 -21.49 11.74 28.98
N HIS F 111 -22.58 12.47 28.83
CA HIS F 111 -23.60 12.16 27.83
C HIS F 111 -22.94 12.18 26.46
N ALA F 112 -22.10 13.18 26.20
CA ALA F 112 -21.43 13.27 24.92
C ALA F 112 -20.44 12.12 24.76
N ASN F 113 -19.74 11.79 25.84
CA ASN F 113 -18.76 10.71 25.75
C ASN F 113 -19.37 9.32 25.59
N LYS F 114 -20.65 9.17 25.89
CA LYS F 114 -21.30 7.86 25.71
C LYS F 114 -21.64 7.72 24.23
N ILE F 115 -22.04 8.83 23.62
CA ILE F 115 -22.36 8.86 22.19
C ILE F 115 -21.08 8.67 21.37
N VAL F 116 -19.99 9.29 21.80
CA VAL F 116 -18.71 9.17 21.10
C VAL F 116 -18.25 7.71 21.18
N ARG F 117 -18.35 7.13 22.37
CA ARG F 117 -17.93 5.75 22.58
C ARG F 117 -18.71 4.81 21.68
N ALA F 118 -19.99 5.11 21.49
CA ALA F 118 -20.84 4.30 20.62
C ALA F 118 -20.34 4.39 19.18
N TYR F 119 -20.03 5.60 18.75
CA TYR F 119 -19.55 5.82 17.39
C TYR F 119 -18.20 5.16 17.14
N GLU F 120 -17.34 5.16 18.15
CA GLU F 120 -16.02 4.55 18.03
C GLU F 120 -16.18 3.04 17.84
N LEU F 121 -17.09 2.45 18.62
CA LEU F 121 -17.33 1.03 18.53
C LEU F 121 -17.93 0.66 17.18
N ALA F 122 -18.87 1.47 16.71
CA ALA F 122 -19.55 1.22 15.43
C ALA F 122 -18.60 1.35 14.24
N LEU F 123 -17.74 2.37 14.31
CA LEU F 123 -16.80 2.63 13.26
C LEU F 123 -15.69 1.57 13.23
N LYS F 124 -15.27 1.10 14.40
CA LYS F 124 -14.23 0.07 14.48
C LYS F 124 -14.76 -1.26 13.95
N VAL F 125 -16.08 -1.45 14.07
CA VAL F 125 -16.71 -2.69 13.67
C VAL F 125 -17.54 -2.67 12.38
N GLY F 126 -17.66 -1.51 11.76
CA GLY F 126 -18.43 -1.42 10.52
C GLY F 126 -19.94 -1.55 10.63
N ALA F 127 -20.53 -0.99 11.68
CA ALA F 127 -21.98 -1.04 11.89
C ALA F 127 -22.61 0.35 11.75
N PRO F 128 -23.83 0.43 11.21
CA PRO F 128 -24.48 1.74 11.06
C PRO F 128 -24.80 2.31 12.44
N VAL F 129 -25.06 3.62 12.47
CA VAL F 129 -25.41 4.30 13.71
C VAL F 129 -26.71 5.07 13.52
N VAL F 130 -27.65 4.84 14.43
CA VAL F 130 -28.92 5.55 14.37
C VAL F 130 -29.00 6.45 15.59
N GLY F 131 -29.22 7.74 15.34
CA GLY F 131 -29.32 8.69 16.44
C GLY F 131 -30.73 9.20 16.66
N ILE F 132 -31.38 8.73 17.72
CA ILE F 132 -32.73 9.16 18.07
C ILE F 132 -32.54 10.40 18.94
N ASN F 133 -32.51 11.56 18.28
CA ASN F 133 -32.30 12.82 18.99
C ASN F 133 -33.55 13.34 19.70
N ASP F 134 -33.31 13.90 20.89
CA ASP F 134 -34.39 14.46 21.70
C ASP F 134 -33.75 15.23 22.85
N SER F 135 -33.22 16.40 22.52
CA SER F 135 -32.55 17.26 23.48
C SER F 135 -32.69 18.73 23.12
N GLY F 136 -32.79 19.58 24.12
CA GLY F 136 -32.95 21.00 23.87
C GLY F 136 -31.65 21.69 23.49
N GLY F 137 -30.54 21.01 23.74
CA GLY F 137 -29.24 21.57 23.41
C GLY F 137 -28.15 21.34 24.44
N ALA F 138 -27.21 22.28 24.52
CA ALA F 138 -26.10 22.20 25.45
C ALA F 138 -26.62 22.22 26.89
N ARG F 139 -25.91 21.54 27.79
CA ARG F 139 -26.32 21.56 29.19
C ARG F 139 -25.63 22.77 29.78
N ILE F 140 -26.33 23.89 29.78
CA ILE F 140 -25.81 25.16 30.28
C ILE F 140 -25.00 25.07 31.56
N GLN F 141 -25.40 24.17 32.45
CA GLN F 141 -24.73 24.01 33.73
C GLN F 141 -23.30 23.47 33.62
N GLU F 142 -22.98 22.83 32.50
CA GLU F 142 -21.63 22.29 32.30
C GLU F 142 -20.76 23.18 31.43
N GLY F 143 -21.26 24.37 31.15
CA GLY F 143 -20.52 25.34 30.37
C GLY F 143 -19.77 24.85 29.14
N ALA F 144 -18.57 25.39 28.94
CA ALA F 144 -17.74 25.04 27.80
C ALA F 144 -17.42 23.55 27.67
N LEU F 145 -17.55 22.82 28.77
CA LEU F 145 -17.30 21.39 28.74
C LEU F 145 -18.36 20.70 27.87
N SER F 146 -19.54 21.32 27.80
CA SER F 146 -20.64 20.77 27.00
C SER F 146 -20.34 21.02 25.53
N LEU F 147 -19.78 22.18 25.23
CA LEU F 147 -19.44 22.51 23.86
C LEU F 147 -18.35 21.53 23.43
N GLU F 148 -17.34 21.37 24.28
CA GLU F 148 -16.24 20.44 24.00
C GLU F 148 -16.85 19.08 23.64
N GLY F 149 -17.87 18.69 24.40
CA GLY F 149 -18.55 17.43 24.16
C GLY F 149 -19.17 17.34 22.78
N TYR F 150 -19.77 18.44 22.32
CA TYR F 150 -20.39 18.48 20.99
C TYR F 150 -19.33 18.26 19.90
N GLY F 151 -18.22 18.99 20.02
CA GLY F 151 -17.13 18.87 19.08
C GLY F 151 -16.68 17.43 18.95
N ALA F 152 -16.61 16.72 20.08
CA ALA F 152 -16.18 15.32 20.04
C ALA F 152 -17.17 14.48 19.24
N VAL F 153 -18.47 14.76 19.36
CA VAL F 153 -19.44 14.00 18.59
C VAL F 153 -19.29 14.36 17.11
N PHE F 154 -19.23 15.67 16.83
CA PHE F 154 -19.08 16.13 15.45
C PHE F 154 -17.87 15.51 14.78
N LYS F 155 -16.78 15.36 15.54
CA LYS F 155 -15.58 14.77 14.95
C LYS F 155 -15.87 13.34 14.53
N MET F 156 -16.56 12.60 15.39
CA MET F 156 -16.90 11.23 15.07
C MET F 156 -17.79 11.19 13.82
N ASN F 157 -18.78 12.09 13.73
CA ASN F 157 -19.66 12.12 12.56
C ASN F 157 -18.82 12.26 11.29
N VAL F 158 -17.82 13.15 11.33
CA VAL F 158 -16.97 13.40 10.16
C VAL F 158 -16.12 12.18 9.81
N MET F 159 -15.49 11.57 10.81
CA MET F 159 -14.66 10.39 10.54
C MET F 159 -15.53 9.26 9.97
N ALA F 160 -16.74 9.12 10.51
CA ALA F 160 -17.66 8.08 10.06
C ALA F 160 -18.32 8.39 8.72
N SER F 161 -18.27 9.65 8.30
CA SER F 161 -18.90 10.07 7.05
C SER F 161 -18.38 9.30 5.84
N GLY F 162 -19.26 8.54 5.21
CA GLY F 162 -18.86 7.76 4.05
C GLY F 162 -18.22 6.44 4.44
N VAL F 163 -18.15 6.15 5.73
CA VAL F 163 -17.55 4.90 6.19
C VAL F 163 -18.68 4.02 6.68
N ILE F 164 -19.58 4.62 7.44
CA ILE F 164 -20.73 3.94 7.98
C ILE F 164 -21.98 4.80 7.83
N PRO F 165 -23.11 4.17 7.48
CA PRO F 165 -24.33 4.96 7.32
C PRO F 165 -24.73 5.62 8.65
N GLN F 166 -25.09 6.89 8.59
CA GLN F 166 -25.51 7.60 9.80
C GLN F 166 -26.92 8.14 9.62
N ILE F 167 -27.85 7.59 10.38
CA ILE F 167 -29.24 8.01 10.30
C ILE F 167 -29.66 8.64 11.63
N THR F 168 -30.28 9.81 11.56
CA THR F 168 -30.74 10.46 12.77
C THR F 168 -32.27 10.60 12.78
N ILE F 169 -32.86 10.30 13.92
CA ILE F 169 -34.29 10.46 14.07
C ILE F 169 -34.46 11.70 14.96
N MET F 170 -34.93 12.80 14.38
CA MET F 170 -35.15 14.01 15.14
C MET F 170 -36.51 13.87 15.85
N ALA F 171 -36.48 13.51 17.12
CA ALA F 171 -37.70 13.32 17.91
C ALA F 171 -37.76 14.25 19.13
N GLY F 172 -37.43 15.52 18.93
CA GLY F 172 -37.44 16.46 20.03
C GLY F 172 -37.21 17.91 19.65
N PRO F 173 -37.08 18.80 20.65
CA PRO F 173 -36.86 20.24 20.53
C PRO F 173 -35.40 20.70 20.38
N ALA F 174 -34.77 20.32 19.28
CA ALA F 174 -33.37 20.66 19.02
C ALA F 174 -33.06 22.15 18.79
N ALA F 175 -32.15 22.69 19.60
CA ALA F 175 -31.73 24.08 19.48
C ALA F 175 -30.23 24.22 19.69
N GLY F 176 -29.62 25.17 19.00
CA GLY F 176 -28.19 25.39 19.15
C GLY F 176 -27.36 24.21 18.71
N GLY F 177 -26.40 23.80 19.56
CA GLY F 177 -25.53 22.69 19.23
C GLY F 177 -26.19 21.36 18.88
N ALA F 178 -27.41 21.14 19.35
CA ALA F 178 -28.13 19.89 19.09
C ALA F 178 -28.47 19.64 17.61
N VAL F 179 -28.45 20.67 16.78
CA VAL F 179 -28.80 20.51 15.38
C VAL F 179 -27.64 20.13 14.46
N TYR F 180 -26.41 20.41 14.89
CA TYR F 180 -25.27 20.13 14.02
C TYR F 180 -24.82 18.69 13.80
N SER F 181 -24.85 17.87 14.84
CA SER F 181 -24.49 16.47 14.65
C SER F 181 -25.44 15.88 13.62
N PRO F 182 -26.76 16.11 13.77
CA PRO F 182 -27.72 15.57 12.80
C PRO F 182 -27.46 16.05 11.37
N ALA F 183 -27.08 17.32 11.23
CA ALA F 183 -26.78 17.88 9.92
C ALA F 183 -25.57 17.15 9.32
N LEU F 184 -24.75 16.58 10.19
CA LEU F 184 -23.57 15.86 9.77
C LEU F 184 -23.86 14.41 9.37
N THR F 185 -25.03 13.89 9.73
CA THR F 185 -25.40 12.53 9.37
C THR F 185 -25.87 12.49 7.92
N ASP F 186 -26.16 11.29 7.42
CA ASP F 186 -26.58 11.11 6.02
C ASP F 186 -28.05 11.38 5.77
N PHE F 187 -28.88 11.08 6.77
CA PHE F 187 -30.32 11.29 6.62
C PHE F 187 -30.97 11.75 7.93
N ILE F 188 -31.87 12.71 7.82
CA ILE F 188 -32.58 13.17 8.99
C ILE F 188 -34.07 12.85 8.77
N ILE F 189 -34.61 12.01 9.66
CA ILE F 189 -36.02 11.62 9.65
C ILE F 189 -36.66 12.35 10.82
N MET F 190 -37.61 13.24 10.53
CA MET F 190 -38.26 14.02 11.57
C MET F 190 -39.78 13.88 11.64
N ILE F 191 -40.32 13.87 12.85
CA ILE F 191 -41.76 13.76 13.04
C ILE F 191 -42.38 15.17 13.00
N LYS F 192 -43.55 15.29 12.38
CA LYS F 192 -44.25 16.58 12.30
C LYS F 192 -45.08 16.78 13.55
N GLY F 193 -44.93 17.95 14.18
CA GLY F 193 -45.67 18.24 15.40
C GLY F 193 -44.97 19.34 16.19
N ASP F 194 -45.69 19.94 17.14
CA ASP F 194 -45.14 21.02 17.95
C ASP F 194 -43.96 20.63 18.84
N ALA F 195 -43.91 19.38 19.28
CA ALA F 195 -42.84 18.94 20.16
C ALA F 195 -41.53 18.75 19.38
N TYR F 196 -41.60 18.83 18.05
CA TYR F 196 -40.42 18.61 17.24
C TYR F 196 -39.98 19.78 16.35
N TYR F 197 -38.78 20.30 16.61
CA TYR F 197 -38.25 21.40 15.81
C TYR F 197 -36.73 21.43 15.80
N MET F 198 -36.17 22.21 14.88
CA MET F 198 -34.72 22.35 14.74
C MET F 198 -34.32 23.77 14.33
N PHE F 199 -33.42 24.38 15.09
CA PHE F 199 -32.90 25.70 14.77
C PHE F 199 -31.66 25.99 15.59
N VAL F 200 -30.66 26.62 14.98
CA VAL F 200 -29.42 26.91 15.68
C VAL F 200 -29.62 28.01 16.71
N THR F 201 -30.39 29.02 16.35
CA THR F 201 -30.66 30.13 17.23
C THR F 201 -32.14 30.24 17.54
N GLY F 202 -32.47 30.30 18.83
CA GLY F 202 -33.86 30.38 19.23
C GLY F 202 -34.54 31.69 18.90
N PRO F 203 -35.88 31.73 19.01
CA PRO F 203 -36.70 32.93 18.74
C PRO F 203 -36.50 34.04 19.78
N GLU F 204 -36.11 33.68 20.99
CA GLU F 204 -35.90 34.67 22.04
C GLU F 204 -35.06 35.85 21.59
N ILE F 205 -33.90 35.58 21.00
CA ILE F 205 -33.04 36.66 20.56
C ILE F 205 -33.62 37.31 19.30
N THR F 206 -34.19 36.49 18.42
CA THR F 206 -34.76 36.99 17.18
C THR F 206 -35.95 37.90 17.52
N LYS F 207 -36.53 37.70 18.70
CA LYS F 207 -37.68 38.49 19.15
C LYS F 207 -37.34 39.57 20.17
N VAL F 208 -36.12 40.06 20.14
CA VAL F 208 -35.72 41.11 21.07
C VAL F 208 -34.90 42.21 20.42
N VAL F 209 -34.45 41.97 19.18
CA VAL F 209 -33.64 42.97 18.48
C VAL F 209 -34.03 43.24 17.02
N LEU F 210 -34.63 42.26 16.34
CA LEU F 210 -34.99 42.45 14.94
C LEU F 210 -36.40 42.04 14.49
N GLY F 211 -37.43 42.61 15.13
CA GLY F 211 -38.81 42.31 14.77
C GLY F 211 -39.14 40.92 14.24
N GLU F 212 -39.42 40.00 15.16
CA GLU F 212 -39.79 38.61 14.84
C GLU F 212 -40.13 37.92 16.16
N GLU F 213 -41.33 37.36 16.27
CA GLU F 213 -41.72 36.66 17.49
C GLU F 213 -42.02 35.21 17.12
N VAL F 214 -41.82 34.92 15.84
CA VAL F 214 -42.04 33.61 15.25
C VAL F 214 -42.16 32.44 16.23
N SER F 215 -43.08 31.52 15.93
CA SER F 215 -43.29 30.36 16.79
C SER F 215 -42.21 29.32 16.48
N PHE F 216 -42.04 28.36 17.38
CA PHE F 216 -41.05 27.33 17.17
C PHE F 216 -41.22 26.60 15.84
N GLN F 217 -42.47 26.38 15.44
CA GLN F 217 -42.72 25.69 14.18
C GLN F 217 -42.40 26.55 12.96
N ASP F 218 -42.65 27.85 13.06
CA ASP F 218 -42.37 28.76 11.96
C ASP F 218 -40.87 29.05 11.81
N LEU F 219 -40.10 28.92 12.89
CA LEU F 219 -38.67 29.17 12.79
C LEU F 219 -37.98 27.88 12.36
N GLY F 220 -38.46 26.74 12.84
CA GLY F 220 -37.81 25.49 12.46
C GLY F 220 -38.59 24.21 12.61
N GLY F 221 -39.88 24.24 12.32
CA GLY F 221 -40.69 23.04 12.43
C GLY F 221 -40.36 22.11 11.27
N ALA F 222 -40.71 20.85 11.41
CA ALA F 222 -40.44 19.85 10.38
C ALA F 222 -40.84 20.27 8.96
N VAL F 223 -42.02 20.85 8.77
CA VAL F 223 -42.41 21.23 7.42
C VAL F 223 -41.47 22.27 6.84
N VAL F 224 -40.90 23.10 7.72
CA VAL F 224 -39.96 24.13 7.25
C VAL F 224 -38.69 23.48 6.73
N HIS F 225 -38.20 22.47 7.44
CA HIS F 225 -36.97 21.82 7.03
C HIS F 225 -37.13 20.81 5.90
N ALA F 226 -38.29 20.15 5.82
CA ALA F 226 -38.53 19.18 4.75
C ALA F 226 -38.99 19.84 3.44
N THR F 227 -39.55 21.04 3.52
CA THR F 227 -40.03 21.68 2.29
C THR F 227 -39.26 22.93 1.86
N LYS F 228 -38.52 23.54 2.77
CA LYS F 228 -37.80 24.74 2.39
C LYS F 228 -36.29 24.73 2.60
N SER F 229 -35.84 24.31 3.78
CA SER F 229 -34.41 24.32 4.08
C SER F 229 -33.62 23.13 3.50
N GLY F 230 -34.30 22.00 3.34
CA GLY F 230 -33.66 20.82 2.82
C GLY F 230 -32.92 20.05 3.90
N VAL F 231 -32.94 20.58 5.12
CA VAL F 231 -32.25 19.93 6.22
C VAL F 231 -32.81 18.56 6.52
N VAL F 232 -34.13 18.40 6.37
CA VAL F 232 -34.76 17.11 6.64
C VAL F 232 -35.02 16.35 5.35
N HIS F 233 -34.66 15.06 5.35
CA HIS F 233 -34.84 14.22 4.16
C HIS F 233 -36.15 13.44 4.15
N PHE F 234 -36.68 13.15 5.33
CA PHE F 234 -37.95 12.43 5.44
C PHE F 234 -38.80 13.04 6.56
N MET F 235 -40.07 13.28 6.27
CA MET F 235 -40.97 13.83 7.26
C MET F 235 -42.11 12.84 7.49
N VAL F 236 -42.25 12.37 8.73
CA VAL F 236 -43.30 11.42 9.07
C VAL F 236 -44.30 12.00 10.09
N ASP F 237 -45.46 11.40 10.18
CA ASP F 237 -46.51 11.88 11.08
C ASP F 237 -46.47 11.34 12.51
N SER F 238 -45.76 10.24 12.74
CA SER F 238 -45.66 9.69 14.09
C SER F 238 -44.25 9.16 14.38
N GLU F 239 -44.00 8.86 15.65
CA GLU F 239 -42.70 8.33 16.03
C GLU F 239 -42.59 6.88 15.62
N GLN F 240 -43.72 6.21 15.52
CA GLN F 240 -43.74 4.82 15.11
C GLN F 240 -43.38 4.75 13.62
N GLU F 241 -43.86 5.73 12.86
CA GLU F 241 -43.55 5.79 11.43
C GLU F 241 -42.08 6.15 11.23
N ALA F 242 -41.52 6.88 12.20
CA ALA F 242 -40.12 7.28 12.15
C ALA F 242 -39.24 6.04 12.28
N ILE F 243 -39.54 5.19 13.26
CA ILE F 243 -38.78 3.96 13.48
C ILE F 243 -38.93 2.98 12.30
N ASN F 244 -40.15 2.80 11.81
CA ASN F 244 -40.41 1.89 10.69
C ASN F 244 -39.65 2.32 9.43
N LEU F 245 -39.55 3.62 9.22
CA LEU F 245 -38.86 4.17 8.07
C LEU F 245 -37.35 3.88 8.21
N THR F 246 -36.82 4.12 9.41
CA THR F 246 -35.41 3.88 9.70
C THR F 246 -35.03 2.49 9.22
N LYS F 247 -35.72 1.48 9.74
CA LYS F 247 -35.46 0.09 9.34
C LYS F 247 -35.54 -0.10 7.83
N ARG F 248 -36.54 0.51 7.20
CA ARG F 248 -36.68 0.39 5.76
C ARG F 248 -35.49 1.04 5.08
N LEU F 249 -35.04 2.18 5.60
CA LEU F 249 -33.89 2.89 5.02
C LEU F 249 -32.66 2.01 5.17
N LEU F 250 -32.50 1.46 6.37
CA LEU F 250 -31.38 0.59 6.69
C LEU F 250 -31.36 -0.64 5.77
N SER F 251 -32.53 -1.13 5.38
CA SER F 251 -32.59 -2.32 4.52
C SER F 251 -32.09 -2.09 3.09
N TYR F 252 -31.91 -0.84 2.70
CA TYR F 252 -31.40 -0.53 1.35
C TYR F 252 -29.90 -0.24 1.40
N LEU F 253 -29.37 -0.08 2.60
CA LEU F 253 -27.97 0.26 2.75
C LEU F 253 -27.08 -0.85 3.29
N PRO F 254 -25.78 -0.82 2.96
CA PRO F 254 -24.88 -1.86 3.48
C PRO F 254 -24.60 -1.43 4.90
N SER F 255 -23.89 -2.25 5.67
CA SER F 255 -23.57 -1.89 7.05
C SER F 255 -22.41 -0.91 7.11
N ASN F 256 -21.58 -0.92 6.06
CA ASN F 256 -20.41 -0.06 5.95
C ASN F 256 -19.95 0.05 4.50
N ASN F 257 -18.95 0.89 4.24
CA ASN F 257 -18.46 1.10 2.88
C ASN F 257 -17.60 0.00 2.29
N MET F 258 -17.40 -1.07 3.04
CA MET F 258 -16.59 -2.19 2.58
C MET F 258 -17.48 -3.30 2.07
N GLU F 259 -18.78 -3.09 2.12
CA GLU F 259 -19.70 -4.11 1.68
C GLU F 259 -20.66 -3.55 0.64
N GLU F 260 -21.24 -4.44 -0.16
CA GLU F 260 -22.18 -4.00 -1.17
C GLU F 260 -23.58 -3.94 -0.56
N PRO F 261 -24.45 -3.08 -1.09
CA PRO F 261 -25.79 -3.01 -0.51
C PRO F 261 -26.42 -4.40 -0.45
N PRO F 262 -27.24 -4.67 0.58
CA PRO F 262 -27.88 -5.97 0.74
C PRO F 262 -28.78 -6.35 -0.43
N TYR F 263 -28.69 -7.60 -0.84
CA TYR F 263 -29.52 -8.12 -1.92
C TYR F 263 -30.78 -8.73 -1.33
N ILE F 264 -31.88 -8.66 -2.05
CA ILE F 264 -33.14 -9.24 -1.59
C ILE F 264 -33.95 -9.80 -2.76
N ASP F 265 -34.18 -11.11 -2.73
CA ASP F 265 -34.96 -11.75 -3.77
C ASP F 265 -36.40 -11.25 -3.66
N THR F 266 -36.82 -10.48 -4.65
CA THR F 266 -38.15 -9.89 -4.64
C THR F 266 -39.13 -10.45 -5.67
N GLY F 267 -38.73 -11.52 -6.37
CA GLY F 267 -39.60 -12.08 -7.40
C GLY F 267 -39.68 -11.06 -8.51
N ASP F 268 -38.73 -11.08 -9.45
CA ASP F 268 -38.74 -10.06 -10.50
C ASP F 268 -38.12 -10.30 -11.89
N PRO F 269 -36.81 -10.62 -11.94
CA PRO F 269 -36.08 -10.84 -13.20
C PRO F 269 -36.53 -10.05 -14.44
N ALA F 270 -35.80 -10.23 -15.54
CA ALA F 270 -36.05 -9.52 -16.80
C ALA F 270 -37.38 -9.75 -17.54
N ASP F 271 -38.14 -8.67 -17.66
CA ASP F 271 -39.45 -8.65 -18.34
C ASP F 271 -39.62 -7.23 -18.91
N ARG F 272 -40.63 -6.99 -19.73
CA ARG F 272 -40.83 -5.66 -20.29
C ARG F 272 -41.93 -4.84 -19.59
N ASP F 273 -42.57 -3.93 -20.34
CA ASP F 273 -43.63 -3.05 -19.79
C ASP F 273 -44.80 -2.84 -20.78
N ALA F 274 -44.77 -3.63 -21.87
CA ALA F 274 -45.76 -3.63 -22.96
C ALA F 274 -46.93 -2.65 -22.88
N THR F 275 -47.15 -1.90 -23.96
CA THR F 275 -48.21 -0.88 -24.05
C THR F 275 -48.29 -0.16 -22.71
N GLY F 276 -47.16 -0.16 -22.01
CA GLY F 276 -47.08 0.48 -20.71
C GLY F 276 -46.14 1.67 -20.72
N VAL F 277 -44.99 1.52 -20.09
CA VAL F 277 -44.02 2.60 -19.96
C VAL F 277 -43.96 3.65 -21.06
N GLU F 278 -44.01 3.25 -22.33
CA GLU F 278 -43.95 4.24 -23.40
C GLU F 278 -45.21 5.11 -23.45
N GLN F 279 -46.31 4.57 -22.93
CA GLN F 279 -47.59 5.29 -22.92
C GLN F 279 -47.53 6.48 -21.97
N ILE F 280 -46.76 6.36 -20.90
CA ILE F 280 -46.63 7.41 -19.89
C ILE F 280 -46.24 8.77 -20.47
N VAL F 281 -45.32 8.77 -21.42
CA VAL F 281 -44.87 10.02 -22.04
C VAL F 281 -45.84 10.58 -23.08
N PRO F 282 -46.37 11.80 -22.85
CA PRO F 282 -47.31 12.48 -23.73
C PRO F 282 -46.81 12.61 -25.18
N ASN F 283 -47.72 12.52 -26.15
CA ASN F 283 -47.35 12.67 -27.56
C ASN F 283 -47.01 14.12 -27.80
N ASP F 284 -47.52 14.99 -26.93
CA ASP F 284 -47.28 16.42 -27.02
C ASP F 284 -46.06 16.75 -26.16
N ALA F 285 -44.99 17.21 -26.81
CA ALA F 285 -43.75 17.56 -26.13
C ALA F 285 -43.96 18.51 -24.95
N ALA F 286 -44.89 19.45 -25.12
CA ALA F 286 -45.18 20.45 -24.09
C ALA F 286 -45.99 19.91 -22.90
N LYS F 287 -46.34 18.64 -22.94
CA LYS F 287 -47.13 18.06 -21.86
C LYS F 287 -46.39 17.26 -20.81
N PRO F 288 -46.62 17.59 -19.53
CA PRO F 288 -45.97 16.89 -18.41
C PRO F 288 -46.54 15.50 -18.19
N TYR F 289 -45.90 14.76 -17.29
CA TYR F 289 -46.29 13.42 -16.90
C TYR F 289 -45.58 13.12 -15.59
N ASN F 290 -46.03 12.10 -14.87
CA ASN F 290 -45.42 11.73 -13.59
C ASN F 290 -44.23 10.80 -13.85
N MET F 291 -43.02 11.33 -13.67
CA MET F 291 -41.79 10.55 -13.88
C MET F 291 -41.69 9.35 -12.92
N ARG F 292 -42.35 9.45 -11.77
CA ARG F 292 -42.35 8.36 -10.79
C ARG F 292 -43.00 7.13 -11.40
N GLU F 293 -43.97 7.35 -12.29
CA GLU F 293 -44.67 6.26 -12.95
C GLU F 293 -43.71 5.47 -13.85
N ILE F 294 -42.72 6.14 -14.42
CA ILE F 294 -41.76 5.44 -15.26
C ILE F 294 -40.84 4.61 -14.37
N ILE F 295 -40.44 5.17 -13.23
CA ILE F 295 -39.57 4.38 -12.37
C ILE F 295 -40.35 3.19 -11.80
N TYR F 296 -41.65 3.36 -11.56
CA TYR F 296 -42.46 2.26 -11.00
C TYR F 296 -42.44 1.04 -11.91
N LYS F 297 -42.53 1.25 -13.22
CA LYS F 297 -42.53 0.12 -14.14
C LYS F 297 -41.15 -0.45 -14.39
N ILE F 298 -40.12 0.31 -14.05
CA ILE F 298 -38.74 -0.15 -14.24
C ILE F 298 -38.26 -1.01 -13.06
N VAL F 299 -38.55 -0.54 -11.85
CA VAL F 299 -38.08 -1.24 -10.66
C VAL F 299 -38.90 -2.41 -10.15
N ASP F 300 -38.26 -3.26 -9.34
CA ASP F 300 -38.90 -4.43 -8.75
C ASP F 300 -40.18 -4.04 -8.00
N ASN F 301 -41.27 -4.73 -8.33
CA ASN F 301 -42.56 -4.50 -7.69
C ASN F 301 -43.02 -3.05 -7.62
N GLY F 302 -42.32 -2.16 -8.33
CA GLY F 302 -42.70 -0.76 -8.30
C GLY F 302 -42.23 -0.01 -7.06
N GLU F 303 -41.61 -0.71 -6.12
CA GLU F 303 -41.10 -0.12 -4.88
C GLU F 303 -40.12 1.04 -5.07
N PHE F 304 -40.23 2.05 -4.22
CA PHE F 304 -39.35 3.20 -4.30
C PHE F 304 -39.39 4.03 -3.03
N LEU F 305 -38.24 4.23 -2.40
CA LEU F 305 -38.16 5.04 -1.19
C LEU F 305 -37.57 6.39 -1.62
N GLU F 306 -38.43 7.41 -1.70
CA GLU F 306 -37.98 8.71 -2.14
C GLU F 306 -37.36 9.50 -1.00
N VAL F 307 -36.25 10.17 -1.29
CA VAL F 307 -35.54 10.97 -0.31
C VAL F 307 -35.84 12.42 -0.68
N HIS F 308 -35.93 13.30 0.30
CA HIS F 308 -36.23 14.70 0.01
C HIS F 308 -37.51 14.82 -0.83
N LYS F 309 -38.46 13.92 -0.58
CA LYS F 309 -39.73 13.91 -1.33
C LYS F 309 -40.41 15.28 -1.45
N HIS F 310 -40.49 16.02 -0.35
CA HIS F 310 -41.18 17.30 -0.39
C HIS F 310 -40.30 18.54 -0.54
N TRP F 311 -39.02 18.33 -0.86
CA TRP F 311 -38.10 19.44 -1.05
C TRP F 311 -37.53 19.40 -2.47
N ALA F 312 -37.38 20.57 -3.09
CA ALA F 312 -36.81 20.66 -4.44
C ALA F 312 -37.40 19.55 -5.31
N GLN F 313 -38.72 19.55 -5.42
CA GLN F 313 -39.47 18.55 -6.17
C GLN F 313 -39.19 18.50 -7.68
N ASN F 314 -38.44 19.47 -8.19
CA ASN F 314 -38.13 19.49 -9.61
C ASN F 314 -37.22 18.31 -10.04
N ILE F 315 -36.65 17.61 -9.06
CA ILE F 315 -35.84 16.43 -9.35
C ILE F 315 -36.19 15.35 -8.33
N ILE F 316 -36.19 14.11 -8.79
CA ILE F 316 -36.54 12.98 -7.94
C ILE F 316 -35.30 12.15 -7.60
N VAL F 317 -35.19 11.83 -6.32
CA VAL F 317 -34.06 11.08 -5.81
C VAL F 317 -34.54 10.01 -4.84
N GLY F 318 -34.05 8.79 -4.98
CA GLY F 318 -34.47 7.75 -4.08
C GLY F 318 -33.88 6.36 -4.29
N PHE F 319 -34.27 5.44 -3.43
CA PHE F 319 -33.79 4.06 -3.47
C PHE F 319 -34.84 3.06 -3.99
N ALA F 320 -34.36 2.08 -4.76
CA ALA F 320 -35.20 1.03 -5.32
C ALA F 320 -34.34 -0.22 -5.52
N ARG F 321 -34.91 -1.21 -6.18
CA ARG F 321 -34.19 -2.45 -6.46
C ARG F 321 -34.45 -2.90 -7.88
N ILE F 322 -33.39 -3.41 -8.52
CA ILE F 322 -33.50 -3.93 -9.87
C ILE F 322 -32.85 -5.31 -9.84
N ALA F 323 -33.66 -6.33 -10.11
CA ALA F 323 -33.19 -7.71 -10.10
C ALA F 323 -32.77 -8.10 -8.68
N GLY F 324 -33.32 -7.41 -7.70
CA GLY F 324 -33.00 -7.71 -6.31
C GLY F 324 -31.88 -6.89 -5.72
N ASN F 325 -31.16 -6.15 -6.57
CA ASN F 325 -30.04 -5.32 -6.14
C ASN F 325 -30.44 -3.85 -6.02
N VAL F 326 -30.05 -3.19 -4.93
CA VAL F 326 -30.43 -1.80 -4.79
C VAL F 326 -29.73 -0.84 -5.75
N VAL F 327 -30.46 0.21 -6.15
CA VAL F 327 -29.94 1.23 -7.05
C VAL F 327 -30.38 2.58 -6.50
N GLY F 328 -29.71 3.63 -6.97
CA GLY F 328 -30.03 4.97 -6.56
C GLY F 328 -30.55 5.60 -7.83
N ILE F 329 -31.58 6.42 -7.73
CA ILE F 329 -32.15 7.05 -8.92
C ILE F 329 -32.17 8.57 -8.84
N VAL F 330 -31.82 9.20 -9.96
CA VAL F 330 -31.84 10.64 -10.08
C VAL F 330 -32.63 10.83 -11.36
N ALA F 331 -33.79 11.48 -11.25
CA ALA F 331 -34.67 11.69 -12.39
C ALA F 331 -35.33 13.06 -12.36
N ASN F 332 -35.31 13.79 -13.47
CA ASN F 332 -35.95 15.09 -13.49
C ASN F 332 -37.47 14.93 -13.34
N ASN F 333 -38.11 15.90 -12.72
CA ASN F 333 -39.54 15.86 -12.48
C ASN F 333 -40.27 16.87 -13.37
N PRO F 334 -40.96 16.40 -14.43
CA PRO F 334 -41.71 17.21 -15.38
C PRO F 334 -42.85 18.01 -14.78
N GLU F 335 -43.30 17.59 -13.60
CA GLU F 335 -44.39 18.25 -12.90
C GLU F 335 -44.01 19.47 -12.07
N GLU F 336 -42.72 19.70 -11.87
CA GLU F 336 -42.27 20.84 -11.08
C GLU F 336 -41.18 21.64 -11.79
N PHE F 337 -41.46 22.91 -12.06
CA PHE F 337 -40.53 23.77 -12.77
C PHE F 337 -40.13 23.14 -14.10
N GLY F 338 -41.08 22.45 -14.73
CA GLY F 338 -40.82 21.80 -16.00
C GLY F 338 -39.55 20.96 -16.07
N GLY F 339 -39.20 20.31 -14.96
CA GLY F 339 -38.00 19.49 -14.94
C GLY F 339 -36.69 20.24 -14.83
N SER F 340 -36.73 21.57 -14.96
CA SER F 340 -35.53 22.38 -14.84
C SER F 340 -34.85 22.07 -13.52
N ILE F 341 -33.53 22.06 -13.54
CA ILE F 341 -32.73 21.80 -12.34
C ILE F 341 -32.65 23.11 -11.55
N ASP F 342 -32.43 22.99 -10.25
CA ASP F 342 -32.40 24.14 -9.36
C ASP F 342 -31.19 24.17 -8.42
N ILE F 343 -31.12 25.21 -7.59
CA ILE F 343 -30.03 25.31 -6.60
C ILE F 343 -30.35 24.24 -5.57
N ASP F 344 -31.61 24.21 -5.13
CA ASP F 344 -32.04 23.23 -4.14
C ASP F 344 -31.95 21.83 -4.73
N ALA F 345 -32.37 21.71 -5.99
CA ALA F 345 -32.36 20.42 -6.69
C ALA F 345 -30.93 19.91 -6.84
N ALA F 346 -30.04 20.77 -7.34
CA ALA F 346 -28.65 20.40 -7.50
C ALA F 346 -28.08 19.89 -6.19
N ASP F 347 -28.40 20.59 -5.10
CA ASP F 347 -27.93 20.23 -3.76
C ASP F 347 -28.51 18.89 -3.37
N LYS F 348 -29.78 18.72 -3.71
CA LYS F 348 -30.55 17.52 -3.41
C LYS F 348 -29.97 16.31 -4.13
N ALA F 349 -29.65 16.50 -5.40
CA ALA F 349 -29.11 15.39 -6.16
C ALA F 349 -27.62 15.18 -5.89
N ALA F 350 -26.87 16.26 -5.74
CA ALA F 350 -25.44 16.14 -5.49
C ALA F 350 -25.14 15.28 -4.27
N ARG F 351 -25.77 15.59 -3.13
CA ARG F 351 -25.53 14.83 -1.91
C ARG F 351 -26.02 13.39 -2.02
N PHE F 352 -27.09 13.16 -2.78
CA PHE F 352 -27.62 11.81 -2.93
C PHE F 352 -26.57 11.01 -3.71
N ILE F 353 -26.06 11.64 -4.78
CA ILE F 353 -25.04 11.01 -5.62
C ILE F 353 -23.81 10.63 -4.81
N ARG F 354 -23.25 11.58 -4.08
CA ARG F 354 -22.08 11.29 -3.28
C ARG F 354 -22.37 10.22 -2.21
N PHE F 355 -23.53 10.25 -1.59
CA PHE F 355 -23.84 9.22 -0.60
C PHE F 355 -23.89 7.83 -1.23
N CYS F 356 -24.58 7.69 -2.36
CA CYS F 356 -24.69 6.38 -3.00
C CYS F 356 -23.31 5.85 -3.41
N ASP F 357 -22.51 6.70 -4.02
CA ASP F 357 -21.19 6.29 -4.45
C ASP F 357 -20.35 5.83 -3.26
N ALA F 358 -20.43 6.56 -2.16
CA ALA F 358 -19.65 6.22 -0.98
C ALA F 358 -20.01 4.85 -0.42
N PHE F 359 -21.27 4.47 -0.56
CA PHE F 359 -21.69 3.19 -0.05
C PHE F 359 -21.98 2.13 -1.11
N ASN F 360 -21.29 2.26 -2.25
CA ASN F 360 -21.37 1.32 -3.37
C ASN F 360 -22.76 1.07 -3.95
N ILE F 361 -23.57 2.10 -4.07
CA ILE F 361 -24.91 1.93 -4.62
C ILE F 361 -24.94 2.44 -6.07
N PRO F 362 -25.27 1.56 -7.03
CA PRO F 362 -25.33 1.93 -8.44
C PRO F 362 -26.23 3.14 -8.66
N LEU F 363 -25.89 3.96 -9.65
CA LEU F 363 -26.66 5.15 -9.98
C LEU F 363 -27.34 5.12 -11.36
N ILE F 364 -28.65 5.28 -11.35
CA ILE F 364 -29.42 5.30 -12.57
C ILE F 364 -30.04 6.68 -12.79
N SER F 365 -29.68 7.33 -13.89
CA SER F 365 -30.22 8.64 -14.23
C SER F 365 -31.36 8.52 -15.25
N LEU F 366 -32.49 9.17 -14.98
CA LEU F 366 -33.64 9.15 -15.89
C LEU F 366 -33.82 10.61 -16.28
N VAL F 367 -33.52 10.93 -17.54
CA VAL F 367 -33.52 12.31 -18.01
C VAL F 367 -34.66 12.89 -18.86
N ASP F 368 -35.04 14.10 -18.49
CA ASP F 368 -36.04 14.90 -19.19
C ASP F 368 -35.94 16.28 -18.54
N THR F 369 -35.01 17.10 -19.04
CA THR F 369 -34.79 18.42 -18.48
C THR F 369 -34.38 19.45 -19.55
N PRO F 370 -35.03 20.63 -19.54
CA PRO F 370 -34.75 21.71 -20.49
C PRO F 370 -33.57 22.62 -20.13
N GLY F 371 -33.13 22.54 -18.87
CA GLY F 371 -32.03 23.36 -18.40
C GLY F 371 -32.20 23.79 -16.96
N TYR F 372 -31.79 25.03 -16.67
CA TYR F 372 -31.87 25.56 -15.32
C TYR F 372 -32.92 26.65 -15.14
N VAL F 373 -33.41 26.79 -13.92
CA VAL F 373 -34.39 27.82 -13.58
C VAL F 373 -33.65 29.15 -13.71
N PRO F 374 -34.16 30.06 -14.55
CA PRO F 374 -33.52 31.36 -14.75
C PRO F 374 -33.88 32.40 -13.69
N GLY F 375 -33.30 33.59 -13.83
CA GLY F 375 -33.60 34.66 -12.90
C GLY F 375 -32.50 35.05 -11.93
N THR F 376 -32.54 36.31 -11.53
CA THR F 376 -31.58 36.89 -10.60
C THR F 376 -31.58 36.19 -9.25
N ASP F 377 -32.74 35.72 -8.81
CA ASP F 377 -32.81 35.04 -7.52
C ASP F 377 -31.87 33.83 -7.51
N GLN F 378 -31.88 33.06 -8.58
CA GLN F 378 -31.02 31.89 -8.69
C GLN F 378 -29.56 32.29 -8.81
N GLU F 379 -29.26 33.20 -9.75
CA GLU F 379 -27.89 33.65 -9.93
C GLU F 379 -27.34 34.30 -8.66
N TYR F 380 -28.17 35.12 -8.00
CA TYR F 380 -27.75 35.81 -6.77
C TYR F 380 -27.48 34.84 -5.64
N LYS F 381 -28.17 33.70 -5.64
CA LYS F 381 -27.96 32.70 -4.61
C LYS F 381 -26.93 31.67 -5.08
N GLY F 382 -26.23 32.03 -6.16
CA GLY F 382 -25.19 31.18 -6.70
C GLY F 382 -25.52 29.87 -7.38
N ILE F 383 -26.40 29.89 -8.38
CA ILE F 383 -26.71 28.65 -9.09
C ILE F 383 -25.44 28.10 -9.72
N ILE F 384 -24.52 28.99 -10.09
CA ILE F 384 -23.27 28.58 -10.72
C ILE F 384 -22.47 27.61 -9.86
N ARG F 385 -22.32 27.92 -8.58
CA ARG F 385 -21.56 27.01 -7.72
C ARG F 385 -22.40 25.82 -7.25
N HIS F 386 -23.70 26.02 -7.04
CA HIS F 386 -24.55 24.92 -6.58
C HIS F 386 -24.75 23.94 -7.74
N GLY F 387 -25.04 24.46 -8.92
CA GLY F 387 -25.22 23.60 -10.07
C GLY F 387 -24.00 22.72 -10.30
N ALA F 388 -22.81 23.28 -10.12
CA ALA F 388 -21.57 22.53 -10.32
C ALA F 388 -21.42 21.31 -9.42
N LYS F 389 -22.12 21.30 -8.29
CA LYS F 389 -22.03 20.18 -7.35
C LYS F 389 -22.44 18.84 -7.96
N MET F 390 -23.42 18.85 -8.86
CA MET F 390 -23.88 17.61 -9.51
C MET F 390 -22.82 17.11 -10.48
N LEU F 391 -22.19 18.03 -11.19
CA LEU F 391 -21.14 17.70 -12.14
C LEU F 391 -20.01 17.02 -11.37
N TYR F 392 -19.67 17.60 -10.23
CA TYR F 392 -18.62 17.08 -9.39
C TYR F 392 -19.03 15.72 -8.83
N ALA F 393 -20.21 15.66 -8.22
CA ALA F 393 -20.69 14.41 -7.63
C ALA F 393 -20.66 13.23 -8.62
N PHE F 394 -21.16 13.44 -9.83
CA PHE F 394 -21.16 12.37 -10.83
C PHE F 394 -19.73 12.03 -11.28
N ALA F 395 -18.94 13.04 -11.67
CA ALA F 395 -17.57 12.79 -12.11
C ALA F 395 -16.77 12.06 -11.03
N GLU F 396 -16.92 12.50 -9.79
CA GLU F 396 -16.25 11.90 -8.65
C GLU F 396 -16.54 10.40 -8.47
N ALA F 397 -17.83 10.06 -8.55
CA ALA F 397 -18.33 8.71 -8.34
C ALA F 397 -17.72 7.60 -9.20
N THR F 398 -17.49 6.47 -8.55
CA THR F 398 -16.92 5.30 -9.20
C THR F 398 -17.89 4.11 -9.23
N VAL F 399 -19.06 4.24 -8.61
CA VAL F 399 -20.02 3.14 -8.66
C VAL F 399 -20.53 3.08 -10.09
N PRO F 400 -21.18 1.98 -10.46
CA PRO F 400 -21.74 1.83 -11.80
C PRO F 400 -22.73 2.96 -12.08
N LYS F 401 -22.61 3.60 -13.24
CA LYS F 401 -23.52 4.69 -13.58
C LYS F 401 -24.11 4.52 -14.99
N ILE F 402 -25.44 4.53 -15.07
CA ILE F 402 -26.12 4.37 -16.35
C ILE F 402 -27.17 5.45 -16.55
N THR F 403 -27.17 6.06 -17.74
CA THR F 403 -28.13 7.11 -18.04
C THR F 403 -29.15 6.64 -19.07
N VAL F 404 -30.41 6.99 -18.84
CA VAL F 404 -31.49 6.68 -19.76
C VAL F 404 -32.22 7.98 -20.01
N ILE F 405 -32.11 8.50 -21.23
CA ILE F 405 -32.77 9.73 -21.58
C ILE F 405 -34.18 9.37 -22.06
N VAL F 406 -35.20 9.80 -21.31
CA VAL F 406 -36.56 9.48 -21.69
C VAL F 406 -37.09 10.56 -22.64
N ARG F 407 -36.74 11.82 -22.36
CA ARG F 407 -37.17 12.89 -23.24
C ARG F 407 -36.06 13.91 -23.45
N LYS F 408 -36.23 15.15 -23.02
CA LYS F 408 -35.16 16.11 -23.25
C LYS F 408 -34.00 16.13 -22.25
N SER F 409 -32.90 16.69 -22.72
CA SER F 409 -31.69 16.87 -21.93
C SER F 409 -30.93 17.90 -22.77
N TYR F 410 -31.06 19.16 -22.36
CA TYR F 410 -30.44 20.27 -23.07
C TYR F 410 -29.33 20.92 -22.28
N GLY F 411 -28.42 21.57 -23.00
CA GLY F 411 -27.30 22.30 -22.42
C GLY F 411 -26.63 21.74 -21.18
N GLY F 412 -26.41 22.61 -20.21
CA GLY F 412 -25.74 22.22 -18.98
C GLY F 412 -26.42 21.14 -18.16
N ALA F 413 -27.75 21.14 -18.13
CA ALA F 413 -28.49 20.14 -17.37
C ALA F 413 -28.31 18.76 -17.99
N HIS F 414 -28.08 18.73 -19.30
CA HIS F 414 -27.86 17.47 -20.00
C HIS F 414 -26.59 16.85 -19.42
N ILE F 415 -25.55 17.65 -19.28
CA ILE F 415 -24.28 17.16 -18.74
C ILE F 415 -24.40 16.74 -17.28
N ALA F 416 -25.11 17.56 -16.49
CA ALA F 416 -25.27 17.31 -15.06
C ALA F 416 -26.02 16.04 -14.69
N MET F 417 -26.75 15.47 -15.64
CA MET F 417 -27.49 14.24 -15.36
C MET F 417 -26.60 13.02 -15.58
N SER F 418 -25.37 13.30 -16.03
CA SER F 418 -24.36 12.29 -16.30
C SER F 418 -24.26 11.78 -17.75
N ILE F 419 -23.21 12.20 -18.43
CA ILE F 419 -22.93 11.80 -19.81
C ILE F 419 -21.60 11.06 -19.82
N LYS F 420 -21.27 10.39 -20.93
CA LYS F 420 -20.04 9.62 -21.00
C LYS F 420 -18.75 10.40 -20.69
N SER F 421 -18.59 11.59 -21.26
CA SER F 421 -17.38 12.36 -21.00
C SER F 421 -17.26 12.70 -19.51
N LEU F 422 -18.40 12.72 -18.81
CA LEU F 422 -18.39 13.03 -17.38
C LEU F 422 -18.19 11.76 -16.57
N GLY F 423 -18.25 10.61 -17.25
CA GLY F 423 -18.06 9.36 -16.55
C GLY F 423 -19.18 8.33 -16.57
N ALA F 424 -20.26 8.58 -17.29
CA ALA F 424 -21.34 7.60 -17.36
C ALA F 424 -20.76 6.37 -18.06
N ASP F 425 -21.04 5.18 -17.54
CA ASP F 425 -20.54 3.93 -18.16
C ASP F 425 -21.36 3.56 -19.39
N LEU F 426 -22.67 3.75 -19.28
CA LEU F 426 -23.60 3.42 -20.34
C LEU F 426 -24.66 4.51 -20.48
N VAL F 427 -24.99 4.87 -21.71
CA VAL F 427 -26.01 5.87 -21.97
C VAL F 427 -26.95 5.30 -23.02
N TYR F 428 -28.24 5.31 -22.70
CA TYR F 428 -29.27 4.81 -23.60
C TYR F 428 -30.27 5.93 -23.83
N ALA F 429 -31.00 5.87 -24.93
CA ALA F 429 -31.99 6.91 -25.23
C ALA F 429 -33.27 6.36 -25.83
N TRP F 430 -34.41 6.81 -25.30
CA TRP F 430 -35.69 6.39 -25.82
C TRP F 430 -35.86 7.10 -27.15
N PRO F 431 -36.70 6.56 -28.04
CA PRO F 431 -36.94 7.16 -29.36
C PRO F 431 -37.46 8.60 -29.20
N THR F 432 -37.94 8.90 -28.01
CA THR F 432 -38.48 10.21 -27.68
C THR F 432 -37.42 11.15 -27.12
N ALA F 433 -36.24 10.62 -26.84
CA ALA F 433 -35.16 11.43 -26.29
C ALA F 433 -34.89 12.61 -27.20
N GLU F 434 -34.56 13.75 -26.61
CA GLU F 434 -34.29 14.95 -27.38
C GLU F 434 -33.11 15.69 -26.75
N ILE F 435 -31.92 15.39 -27.24
CA ILE F 435 -30.72 16.02 -26.71
C ILE F 435 -30.32 17.19 -27.60
N ALA F 436 -30.08 18.34 -26.98
CA ALA F 436 -29.72 19.54 -27.70
C ALA F 436 -28.74 20.41 -26.94
N VAL F 437 -27.87 21.09 -27.70
CA VAL F 437 -26.85 21.96 -27.14
C VAL F 437 -27.52 22.99 -26.23
N THR F 438 -28.76 23.31 -26.57
CA THR F 438 -29.57 24.25 -25.81
C THR F 438 -31.00 24.12 -26.33
N GLY F 439 -31.92 24.88 -25.75
CA GLY F 439 -33.29 24.81 -26.20
C GLY F 439 -33.32 25.07 -27.69
N PRO F 440 -34.01 24.23 -28.48
CA PRO F 440 -34.06 24.44 -29.93
C PRO F 440 -34.34 25.87 -30.35
N GLU F 441 -35.24 26.54 -29.64
CA GLU F 441 -35.56 27.93 -29.98
C GLU F 441 -34.33 28.81 -29.80
N GLY F 442 -33.72 28.74 -28.62
CA GLY F 442 -32.54 29.52 -28.34
C GLY F 442 -31.46 29.20 -29.35
N ALA F 443 -31.43 27.94 -29.78
CA ALA F 443 -30.45 27.49 -30.76
C ALA F 443 -30.78 28.11 -32.11
N VAL F 444 -32.00 27.87 -32.57
CA VAL F 444 -32.46 28.40 -33.86
C VAL F 444 -32.29 29.90 -33.90
N ARG F 445 -32.61 30.55 -32.79
CA ARG F 445 -32.49 32.00 -32.69
C ARG F 445 -31.12 32.41 -33.22
N ILE F 446 -30.07 31.82 -32.64
CA ILE F 446 -28.70 32.12 -33.03
C ILE F 446 -28.36 31.57 -34.43
N LEU F 447 -28.47 30.26 -34.59
CA LEU F 447 -28.14 29.61 -35.87
C LEU F 447 -28.91 30.13 -37.07
N TYR F 448 -29.89 30.99 -36.87
CA TYR F 448 -30.63 31.51 -38.01
C TYR F 448 -30.81 33.01 -38.05
N ARG F 449 -29.90 33.72 -37.40
CA ARG F 449 -29.95 35.17 -37.43
C ARG F 449 -29.28 35.44 -38.78
N LYS F 450 -29.07 36.71 -39.12
CA LYS F 450 -28.45 37.04 -40.40
C LYS F 450 -29.38 36.60 -41.55
N GLU F 451 -30.42 35.87 -41.18
CA GLU F 451 -31.41 35.37 -42.13
C GLU F 451 -32.81 35.43 -41.53
N ILE F 452 -32.91 35.98 -40.33
CA ILE F 452 -34.21 36.08 -39.65
C ILE F 452 -34.81 37.47 -39.83
N GLN F 453 -33.95 38.45 -40.11
CA GLN F 453 -34.40 39.83 -40.32
C GLN F 453 -33.93 40.33 -41.67
N GLN F 454 -33.14 39.53 -42.37
CA GLN F 454 -32.62 39.91 -43.68
C GLN F 454 -33.37 39.18 -44.80
N ALA F 455 -33.89 38.01 -44.48
CA ALA F 455 -34.66 37.25 -45.46
C ALA F 455 -35.94 38.03 -45.73
N SER F 456 -36.44 37.96 -46.97
CA SER F 456 -37.65 38.68 -47.36
C SER F 456 -38.90 38.04 -46.74
N ASN F 457 -38.68 37.24 -45.70
CA ASN F 457 -39.76 36.54 -45.01
C ASN F 457 -39.95 37.16 -43.62
N PRO F 458 -41.12 37.75 -43.36
CA PRO F 458 -41.46 38.39 -42.08
C PRO F 458 -40.92 37.72 -40.82
N ASP F 459 -41.74 36.89 -40.15
CA ASP F 459 -41.28 36.24 -38.93
C ASP F 459 -41.88 34.87 -38.64
N ASP F 460 -42.31 34.15 -39.68
CA ASP F 460 -42.87 32.82 -39.50
C ASP F 460 -41.76 31.78 -39.59
N VAL F 461 -40.57 32.25 -39.99
CA VAL F 461 -39.39 31.42 -40.15
C VAL F 461 -38.87 30.80 -38.85
N LEU F 462 -38.94 31.58 -37.75
CA LEU F 462 -38.48 31.10 -36.45
C LEU F 462 -39.16 29.79 -36.05
N LYS F 463 -40.43 29.63 -36.45
CA LYS F 463 -41.17 28.42 -36.11
C LYS F 463 -40.87 27.27 -37.07
N GLN F 464 -40.50 27.62 -38.30
CA GLN F 464 -40.18 26.60 -39.29
C GLN F 464 -38.78 26.04 -39.02
N ARG F 465 -37.79 26.92 -38.92
CA ARG F 465 -36.42 26.50 -38.65
C ARG F 465 -36.30 25.92 -37.25
N ILE F 466 -37.27 26.21 -36.40
CA ILE F 466 -37.26 25.68 -35.04
C ILE F 466 -37.71 24.21 -35.13
N ALA F 467 -38.61 23.95 -36.07
CA ALA F 467 -39.14 22.60 -36.30
C ALA F 467 -38.15 21.74 -37.08
N GLU F 468 -37.48 22.35 -38.05
CA GLU F 468 -36.50 21.63 -38.86
C GLU F 468 -35.34 21.20 -37.97
N TYR F 469 -34.86 22.12 -37.15
CA TYR F 469 -33.75 21.86 -36.25
C TYR F 469 -34.09 20.70 -35.32
N ARG F 470 -35.30 20.69 -34.79
CA ARG F 470 -35.75 19.63 -33.89
C ARG F 470 -35.82 18.29 -34.62
N LYS F 471 -36.18 18.33 -35.90
CA LYS F 471 -36.28 17.12 -36.70
C LYS F 471 -34.89 16.69 -37.12
N LEU F 472 -34.02 17.68 -37.29
CA LEU F 472 -32.64 17.45 -37.70
C LEU F 472 -31.70 17.15 -36.52
N PHE F 473 -32.00 17.69 -35.35
CA PHE F 473 -31.16 17.48 -34.16
C PHE F 473 -31.88 16.90 -32.94
N ALA F 474 -33.08 17.39 -32.64
CA ALA F 474 -33.85 16.92 -31.49
C ALA F 474 -34.29 15.48 -31.67
N ASN F 475 -33.31 14.60 -31.83
CA ASN F 475 -33.54 13.18 -32.05
C ASN F 475 -32.33 12.40 -31.52
N PRO F 476 -32.58 11.30 -30.80
CA PRO F 476 -31.50 10.48 -30.23
C PRO F 476 -30.46 10.02 -31.24
N TYR F 477 -30.87 9.90 -32.50
CA TYR F 477 -29.98 9.41 -33.55
C TYR F 477 -28.77 10.26 -33.95
N TRP F 478 -28.80 11.56 -33.69
CA TRP F 478 -27.64 12.36 -34.03
C TRP F 478 -26.55 12.02 -33.01
N ALA F 479 -26.90 12.11 -31.74
CA ALA F 479 -25.98 11.82 -30.65
C ALA F 479 -25.47 10.39 -30.76
N ALA F 480 -26.35 9.48 -31.17
CA ALA F 480 -25.98 8.07 -31.32
C ALA F 480 -24.98 7.88 -32.46
N GLU F 481 -25.10 8.66 -33.52
CA GLU F 481 -24.17 8.56 -34.65
C GLU F 481 -22.80 9.12 -34.28
N LYS F 482 -22.74 9.91 -33.21
CA LYS F 482 -21.47 10.49 -32.78
C LYS F 482 -20.82 9.69 -31.66
N GLY F 483 -21.46 8.60 -31.26
CA GLY F 483 -20.93 7.77 -30.19
C GLY F 483 -21.25 8.28 -28.81
N LEU F 484 -22.02 9.36 -28.74
CA LEU F 484 -22.42 9.95 -27.48
C LEU F 484 -23.36 9.04 -26.68
N VAL F 485 -24.23 8.29 -27.37
CA VAL F 485 -25.12 7.38 -26.67
C VAL F 485 -24.82 6.00 -27.21
N ASP F 486 -24.84 5.00 -26.34
CA ASP F 486 -24.53 3.63 -26.75
C ASP F 486 -25.61 3.03 -27.61
N ASP F 487 -26.85 3.45 -27.40
CA ASP F 487 -27.94 2.90 -28.18
C ASP F 487 -29.26 3.60 -27.90
N VAL F 488 -30.18 3.49 -28.86
CA VAL F 488 -31.50 4.04 -28.74
C VAL F 488 -32.31 2.80 -28.45
N ILE F 489 -33.24 2.88 -27.52
CA ILE F 489 -33.98 1.68 -27.13
C ILE F 489 -35.48 1.81 -26.99
N GLU F 490 -36.15 0.67 -27.06
CA GLU F 490 -37.60 0.61 -26.91
C GLU F 490 -37.94 0.74 -25.44
N PRO F 491 -38.69 1.80 -25.08
CA PRO F 491 -39.07 2.02 -23.68
C PRO F 491 -39.27 0.77 -22.82
N LYS F 492 -40.06 -0.18 -23.31
CA LYS F 492 -40.32 -1.40 -22.55
C LYS F 492 -39.09 -2.23 -22.22
N ASP F 493 -37.96 -1.92 -22.87
CA ASP F 493 -36.72 -2.68 -22.62
C ASP F 493 -35.85 -2.06 -21.52
N THR F 494 -36.22 -0.84 -21.10
CA THR F 494 -35.48 -0.12 -20.09
C THR F 494 -35.01 -1.00 -18.94
N ARG F 495 -35.91 -1.81 -18.41
CA ARG F 495 -35.57 -2.68 -17.28
C ARG F 495 -34.52 -3.71 -17.67
N ARG F 496 -34.77 -4.44 -18.76
CA ARG F 496 -33.84 -5.45 -19.25
C ARG F 496 -32.46 -4.89 -19.45
N VAL F 497 -32.41 -3.70 -20.02
CA VAL F 497 -31.17 -3.03 -20.30
C VAL F 497 -30.44 -2.61 -19.02
N ILE F 498 -31.17 -2.11 -18.04
CA ILE F 498 -30.52 -1.69 -16.80
C ILE F 498 -30.02 -2.93 -16.09
N VAL F 499 -30.81 -4.01 -16.15
CA VAL F 499 -30.41 -5.27 -15.52
C VAL F 499 -29.09 -5.77 -16.11
N ALA F 500 -29.03 -5.91 -17.43
CA ALA F 500 -27.81 -6.40 -18.10
C ALA F 500 -26.66 -5.47 -17.76
N GLY F 501 -26.87 -4.17 -17.94
CA GLY F 501 -25.84 -3.20 -17.65
C GLY F 501 -25.26 -3.27 -16.25
N LEU F 502 -26.14 -3.39 -15.25
CA LEU F 502 -25.69 -3.47 -13.86
C LEU F 502 -25.00 -4.79 -13.57
N GLU F 503 -25.51 -5.86 -14.16
CA GLU F 503 -24.92 -7.19 -13.98
C GLU F 503 -23.45 -7.14 -14.44
N MET F 504 -23.24 -6.53 -15.59
CA MET F 504 -21.89 -6.40 -16.15
C MET F 504 -21.00 -5.43 -15.37
N LEU F 505 -21.58 -4.33 -14.89
CA LEU F 505 -20.81 -3.33 -14.15
C LEU F 505 -20.55 -3.64 -12.68
N LYS F 506 -21.27 -4.60 -12.13
CA LYS F 506 -21.13 -4.99 -10.73
C LYS F 506 -19.71 -5.11 -10.19
N THR F 507 -18.78 -5.56 -11.02
CA THR F 507 -17.39 -5.70 -10.57
C THR F 507 -16.52 -4.52 -11.03
N LYS F 508 -17.17 -3.39 -11.35
CA LYS F 508 -16.46 -2.21 -11.84
C LYS F 508 -15.43 -1.63 -10.87
N ARG F 509 -14.28 -1.27 -11.44
CA ARG F 509 -13.18 -0.65 -10.71
C ARG F 509 -12.65 0.47 -11.60
N GLU F 510 -12.53 1.68 -11.04
CA GLU F 510 -12.03 2.82 -11.79
C GLU F 510 -10.65 3.12 -11.21
N TYR F 511 -10.20 4.37 -11.36
CA TYR F 511 -8.90 4.81 -10.84
C TYR F 511 -8.95 6.27 -10.45
N ARG F 512 -8.57 6.58 -9.21
CA ARG F 512 -8.59 7.97 -8.74
C ARG F 512 -7.22 8.48 -8.28
N TYR F 513 -6.95 9.76 -8.59
CA TYR F 513 -5.70 10.42 -8.23
C TYR F 513 -5.63 10.63 -6.71
N PRO F 514 -4.53 10.18 -6.07
CA PRO F 514 -4.35 10.32 -4.62
C PRO F 514 -4.48 11.77 -4.12
N LYS F 515 -5.24 11.94 -3.04
CA LYS F 515 -5.43 13.27 -2.47
C LYS F 515 -6.06 13.07 -1.10
N LYS F 516 -5.90 14.06 -0.22
CA LYS F 516 -6.49 13.98 1.10
C LYS F 516 -7.99 13.95 0.87
N HIS F 517 -8.42 14.75 -0.10
CA HIS F 517 -9.81 14.88 -0.50
C HIS F 517 -9.83 15.95 -1.59
N GLY F 518 -11.03 16.24 -2.10
CA GLY F 518 -11.13 17.26 -3.13
C GLY F 518 -11.63 18.56 -2.57
N ASN F 519 -12.05 19.45 -3.47
CA ASN F 519 -12.56 20.76 -3.07
C ASN F 519 -13.84 21.09 -3.82
N ILE F 520 -14.84 20.23 -3.71
CA ILE F 520 -16.12 20.42 -4.37
C ILE F 520 -16.67 21.79 -3.98
N PRO F 521 -17.37 22.47 -4.90
CA PRO F 521 -17.93 23.78 -4.54
C PRO F 521 -18.92 23.63 -3.38
N LEU F 522 -18.98 24.61 -2.49
CA LEU F 522 -19.89 24.55 -1.35
C LEU F 522 -20.98 25.60 -1.45
#